data_6IVU
#
_entry.id   6IVU
#
loop_
_entity.id
_entity.type
_entity.pdbx_description
1 polymer 'Anti-sigma-I factor RsgI1'
2 polymer 'RNA polymerase sigma factor SigI1'
#
loop_
_entity_poly.entity_id
_entity_poly.type
_entity_poly.pdbx_seq_one_letter_code
_entity_poly.pdbx_strand_id
1 'polypeptide(L)' SMNRLGIIYEIQGMKAVVLTSEGEFLIIRRRKDMKVGQQVSFENEDIYNVRGK A
2 'polypeptide(L)'
;MEDIEAREDIEELKKKLQEFGITFLDLVLNVPKHRDSRQLCIRLAKMLAEDEQMYNALMKNKNIPRNELKKKAKVHGRTI
GNNRKYIIALCLIFRSNLNLSKRYLEYYTMLEHHHHHH
;
B
#
# COMPACT_ATOMS: atom_id res chain seq x y z
N SER A 1 18.46 14.52 3.61
CA SER A 1 19.44 14.27 2.59
C SER A 1 19.08 13.04 1.69
N MET A 2 17.85 12.58 1.77
CA MET A 2 17.36 11.47 0.95
C MET A 2 15.89 11.65 0.79
N ASN A 3 15.46 11.90 -0.40
CA ASN A 3 14.08 12.21 -0.62
C ASN A 3 13.23 11.01 -0.94
N ARG A 4 12.03 11.07 -0.46
CA ARG A 4 11.04 10.07 -0.73
C ARG A 4 9.83 10.84 -1.22
N LEU A 5 9.25 10.41 -2.29
CA LEU A 5 8.06 11.06 -2.80
C LEU A 5 6.91 10.17 -2.54
N GLY A 6 5.83 10.73 -2.12
CA GLY A 6 4.71 9.92 -1.82
C GLY A 6 3.41 10.64 -1.85
N ILE A 7 2.39 9.96 -1.36
CA ILE A 7 1.01 10.44 -1.40
C ILE A 7 0.43 10.37 0.00
N ILE A 8 -0.23 11.43 0.42
CA ILE A 8 -0.75 11.56 1.78
C ILE A 8 -2.08 10.84 1.92
N TYR A 9 -2.14 9.89 2.83
CA TYR A 9 -3.32 9.11 3.02
C TYR A 9 -4.12 9.45 4.27
N GLU A 10 -3.47 9.98 5.29
CA GLU A 10 -4.20 10.39 6.48
C GLU A 10 -3.37 11.32 7.33
N ILE A 11 -4.01 12.33 7.86
CA ILE A 11 -3.40 13.26 8.77
C ILE A 11 -3.78 12.82 10.18
N GLN A 12 -2.80 12.58 11.01
CA GLN A 12 -3.03 12.12 12.35
C GLN A 12 -2.37 13.04 13.35
N GLY A 13 -3.00 14.15 13.64
CA GLY A 13 -2.48 15.10 14.59
C GLY A 13 -1.27 15.86 14.06
N MET A 14 -0.10 15.56 14.57
CA MET A 14 1.14 16.25 14.19
C MET A 14 1.95 15.40 13.20
N LYS A 15 1.37 14.34 12.76
CA LYS A 15 2.04 13.40 11.88
C LYS A 15 1.10 12.99 10.77
N ALA A 16 1.62 12.37 9.74
CA ALA A 16 0.81 11.96 8.61
C ALA A 16 1.25 10.62 8.09
N VAL A 17 0.30 9.82 7.66
CA VAL A 17 0.57 8.55 7.04
C VAL A 17 0.60 8.77 5.54
N VAL A 18 1.73 8.53 4.96
CA VAL A 18 1.92 8.74 3.56
C VAL A 18 2.43 7.48 2.89
N LEU A 19 2.30 7.41 1.61
CA LEU A 19 2.92 6.39 0.81
C LEU A 19 4.28 6.90 0.45
N THR A 20 5.21 6.02 0.27
CA THR A 20 6.49 6.42 -0.23
C THR A 20 6.55 6.03 -1.69
N SER A 21 7.65 6.34 -2.32
CA SER A 21 7.92 5.96 -3.68
C SER A 21 8.23 4.45 -3.81
N GLU A 22 8.22 3.76 -2.68
CA GLU A 22 8.35 2.33 -2.65
C GLU A 22 7.05 1.67 -2.17
N GLY A 23 5.99 2.47 -2.06
CA GLY A 23 4.67 1.95 -1.71
C GLY A 23 4.50 1.62 -0.25
N GLU A 24 5.38 2.15 0.58
CA GLU A 24 5.32 1.94 2.01
C GLU A 24 4.36 2.94 2.63
N PHE A 25 3.51 2.52 3.50
CA PHE A 25 2.72 3.46 4.26
C PHE A 25 3.54 3.80 5.48
N LEU A 26 3.99 5.00 5.58
CA LEU A 26 4.83 5.39 6.69
C LEU A 26 4.38 6.69 7.28
N ILE A 27 4.64 6.85 8.54
CA ILE A 27 4.27 8.03 9.25
C ILE A 27 5.42 9.03 9.17
N ILE A 28 5.14 10.21 8.73
CA ILE A 28 6.15 11.24 8.65
C ILE A 28 5.71 12.49 9.41
N ARG A 29 6.58 13.46 9.43
CA ARG A 29 6.32 14.76 10.04
C ARG A 29 5.33 15.55 9.19
N ARG A 30 4.24 16.00 9.81
CA ARG A 30 3.19 16.77 9.14
C ARG A 30 3.73 18.11 8.63
N ARG A 31 3.26 18.53 7.46
CA ARG A 31 3.71 19.73 6.81
C ARG A 31 2.55 20.60 6.34
N LYS A 32 2.92 21.79 5.91
CA LYS A 32 2.06 22.81 5.32
C LYS A 32 1.36 22.32 4.06
N ASP A 33 2.09 21.55 3.30
CA ASP A 33 1.69 21.11 1.96
C ASP A 33 0.84 19.85 2.04
N MET A 34 0.31 19.56 3.21
CA MET A 34 -0.39 18.35 3.41
C MET A 34 -1.88 18.47 3.37
N LYS A 35 -2.43 17.60 2.58
CA LYS A 35 -3.81 17.39 2.40
C LYS A 35 -3.95 15.94 2.01
N VAL A 36 -4.90 15.26 2.59
CA VAL A 36 -5.15 13.86 2.26
C VAL A 36 -5.52 13.75 0.77
N GLY A 37 -4.68 13.05 0.02
CA GLY A 37 -4.87 12.89 -1.40
C GLY A 37 -3.75 13.53 -2.23
N GLN A 38 -3.03 14.46 -1.64
CA GLN A 38 -1.96 15.15 -2.38
C GLN A 38 -0.65 14.44 -2.28
N GLN A 39 0.26 14.77 -3.17
CA GLN A 39 1.59 14.23 -3.12
C GLN A 39 2.48 15.13 -2.29
N VAL A 40 3.52 14.56 -1.76
CA VAL A 40 4.46 15.27 -0.95
C VAL A 40 5.85 14.69 -1.18
N SER A 41 6.82 15.55 -1.28
CA SER A 41 8.19 15.12 -1.41
C SER A 41 8.89 15.48 -0.13
N PHE A 42 9.28 14.50 0.60
CA PHE A 42 9.80 14.65 1.93
C PHE A 42 11.15 13.99 2.05
N GLU A 43 11.72 14.05 3.21
CA GLU A 43 12.98 13.44 3.48
C GLU A 43 12.71 12.11 4.15
N ASN A 44 13.62 11.18 3.99
CA ASN A 44 13.55 9.87 4.64
C ASN A 44 13.72 10.03 6.16
N GLU A 45 14.25 11.17 6.52
CA GLU A 45 14.49 11.56 7.89
C GLU A 45 13.22 12.17 8.53
N ASP A 46 12.17 12.38 7.73
CA ASP A 46 10.87 12.82 8.27
C ASP A 46 10.11 11.64 8.80
N ILE A 47 10.51 10.48 8.35
CA ILE A 47 9.87 9.22 8.69
C ILE A 47 10.09 8.86 10.16
N TYR A 48 8.98 8.62 10.82
CA TYR A 48 8.90 8.19 12.21
C TYR A 48 9.18 6.69 12.28
N ASN A 49 9.07 6.17 13.45
CA ASN A 49 9.17 4.76 13.67
C ASN A 49 7.95 4.32 14.41
N VAL A 50 7.42 3.21 14.01
CA VAL A 50 6.35 2.60 14.74
C VAL A 50 6.95 1.81 15.89
N ARG A 51 8.21 1.37 15.66
CA ARG A 51 8.99 0.57 16.57
C ARG A 51 8.40 -0.82 16.73
N GLY A 52 9.11 -1.77 16.22
CA GLY A 52 8.59 -3.10 16.11
C GLY A 52 9.37 -4.11 16.86
N LYS A 53 8.67 -4.91 17.63
CA LYS A 53 9.18 -5.99 18.37
C LYS A 53 8.00 -6.82 18.78
N MET B 1 -5.64 16.26 -15.27
CA MET B 1 -4.23 16.47 -15.64
C MET B 1 -3.35 16.39 -14.42
N GLU B 2 -3.81 17.01 -13.36
CA GLU B 2 -3.14 17.05 -12.11
C GLU B 2 -3.07 15.68 -11.46
N ASP B 3 -2.00 15.47 -10.77
CA ASP B 3 -1.72 14.23 -10.12
C ASP B 3 -2.03 14.34 -8.66
N ILE B 4 -3.29 14.34 -8.37
CA ILE B 4 -3.78 14.39 -7.02
C ILE B 4 -4.89 13.37 -6.89
N GLU B 5 -5.05 12.83 -5.73
CA GLU B 5 -6.13 11.94 -5.45
C GLU B 5 -7.10 12.69 -4.55
N ALA B 6 -8.32 12.28 -4.53
CA ALA B 6 -9.30 12.99 -3.75
C ALA B 6 -9.41 12.38 -2.37
N ARG B 7 -9.49 13.23 -1.33
CA ARG B 7 -9.63 12.78 0.07
C ARG B 7 -10.84 11.89 0.25
N GLU B 8 -11.90 12.21 -0.43
CA GLU B 8 -13.10 11.43 -0.43
C GLU B 8 -12.90 10.02 -1.01
N ASP B 9 -11.98 9.90 -1.98
CA ASP B 9 -11.63 8.59 -2.55
C ASP B 9 -10.69 7.86 -1.62
N ILE B 10 -9.76 8.61 -1.00
CA ILE B 10 -8.80 8.05 -0.03
C ILE B 10 -9.56 7.46 1.14
N GLU B 11 -10.49 8.24 1.66
CA GLU B 11 -11.26 7.80 2.75
C GLU B 11 -12.32 6.78 2.38
N GLU B 12 -12.75 6.75 1.11
CA GLU B 12 -13.66 5.69 0.61
C GLU B 12 -12.93 4.35 0.65
N LEU B 13 -11.65 4.39 0.31
CA LEU B 13 -10.75 3.24 0.42
C LEU B 13 -10.68 2.82 1.88
N LYS B 14 -10.51 3.80 2.75
CA LYS B 14 -10.47 3.63 4.19
C LYS B 14 -11.76 2.96 4.70
N LYS B 15 -12.92 3.33 4.14
CA LYS B 15 -14.23 2.76 4.54
C LYS B 15 -14.28 1.27 4.21
N LYS B 16 -13.61 0.90 3.13
CA LYS B 16 -13.46 -0.50 2.75
C LYS B 16 -12.52 -1.19 3.69
N LEU B 17 -11.40 -0.55 4.01
CA LEU B 17 -10.44 -1.07 5.01
C LEU B 17 -11.10 -1.26 6.37
N GLN B 18 -12.02 -0.37 6.71
CA GLN B 18 -12.77 -0.46 7.97
C GLN B 18 -13.62 -1.73 8.02
N GLU B 19 -14.13 -2.16 6.86
CA GLU B 19 -14.86 -3.42 6.73
C GLU B 19 -13.99 -4.64 6.98
N PHE B 20 -12.72 -4.52 6.65
CA PHE B 20 -11.75 -5.60 6.86
C PHE B 20 -11.15 -5.53 8.28
N GLY B 21 -11.24 -4.37 8.89
CA GLY B 21 -10.68 -4.15 10.21
C GLY B 21 -9.25 -3.67 10.10
N ILE B 22 -9.02 -2.79 9.15
CA ILE B 22 -7.71 -2.29 8.84
C ILE B 22 -7.72 -0.77 8.86
N THR B 23 -6.75 -0.18 9.49
CA THR B 23 -6.59 1.24 9.43
C THR B 23 -5.31 1.54 8.64
N PHE B 24 -5.08 2.80 8.33
CA PHE B 24 -3.83 3.21 7.68
C PHE B 24 -2.63 2.99 8.60
N LEU B 25 -2.89 2.96 9.91
CA LEU B 25 -1.86 2.75 10.91
C LEU B 25 -1.45 1.25 10.88
N ASP B 26 -2.45 0.37 10.68
CA ASP B 26 -2.22 -1.10 10.55
C ASP B 26 -1.30 -1.40 9.40
N LEU B 27 -1.42 -0.59 8.38
CA LEU B 27 -0.64 -0.73 7.17
C LEU B 27 0.81 -0.40 7.43
N VAL B 28 1.05 0.64 8.23
CA VAL B 28 2.41 1.06 8.58
C VAL B 28 3.14 -0.05 9.36
N LEU B 29 2.39 -0.70 10.24
CA LEU B 29 2.89 -1.82 11.05
C LEU B 29 3.25 -3.01 10.15
N ASN B 30 2.51 -3.15 9.06
CA ASN B 30 2.69 -4.26 8.13
C ASN B 30 3.64 -3.91 6.99
N VAL B 31 4.26 -2.74 7.04
CA VAL B 31 5.19 -2.33 6.00
C VAL B 31 6.46 -3.19 6.01
N PRO B 32 6.76 -3.86 4.87
CA PRO B 32 7.97 -4.64 4.70
C PRO B 32 9.21 -3.76 4.84
N LYS B 33 10.22 -4.32 5.46
CA LYS B 33 11.42 -3.58 5.85
C LYS B 33 12.26 -3.17 4.66
N HIS B 34 12.41 -4.06 3.71
CA HIS B 34 13.28 -3.79 2.56
C HIS B 34 12.58 -4.00 1.22
N ARG B 35 13.27 -3.62 0.13
CA ARG B 35 12.72 -3.59 -1.25
C ARG B 35 12.17 -4.93 -1.71
N ASP B 36 12.96 -5.99 -1.51
CA ASP B 36 12.61 -7.37 -1.95
C ASP B 36 11.29 -7.80 -1.40
N SER B 37 11.09 -7.46 -0.16
CA SER B 37 9.95 -7.80 0.59
C SER B 37 8.73 -7.02 0.09
N ARG B 38 8.87 -5.72 -0.09
CA ARG B 38 7.73 -4.90 -0.48
C ARG B 38 7.33 -5.05 -1.92
N GLN B 39 8.28 -5.33 -2.81
CA GLN B 39 7.94 -5.61 -4.20
C GLN B 39 7.11 -6.88 -4.25
N LEU B 40 7.54 -7.84 -3.45
CA LEU B 40 6.88 -9.14 -3.33
C LEU B 40 5.44 -8.95 -2.77
N CYS B 41 5.30 -8.28 -1.63
CA CYS B 41 4.01 -8.08 -0.98
C CYS B 41 3.01 -7.27 -1.85
N ILE B 42 3.49 -6.21 -2.52
CA ILE B 42 2.63 -5.41 -3.39
C ILE B 42 2.27 -6.21 -4.66
N ARG B 43 3.18 -7.07 -5.09
CA ARG B 43 2.97 -7.95 -6.25
C ARG B 43 1.87 -8.99 -5.92
N LEU B 44 1.81 -9.42 -4.66
CA LEU B 44 0.78 -10.35 -4.21
C LEU B 44 -0.56 -9.67 -4.28
N ALA B 45 -0.58 -8.42 -3.84
CA ALA B 45 -1.76 -7.58 -3.87
C ALA B 45 -2.19 -7.29 -5.30
N LYS B 46 -1.19 -7.14 -6.17
CA LYS B 46 -1.39 -6.86 -7.56
C LYS B 46 -2.13 -8.01 -8.21
N MET B 47 -1.62 -9.24 -8.04
CA MET B 47 -2.24 -10.43 -8.67
C MET B 47 -3.60 -10.77 -8.03
N LEU B 48 -3.79 -10.32 -6.80
CA LEU B 48 -5.05 -10.50 -6.06
C LEU B 48 -6.12 -9.55 -6.63
N ALA B 49 -5.69 -8.41 -7.13
CA ALA B 49 -6.59 -7.46 -7.77
C ALA B 49 -6.76 -7.79 -9.25
N GLU B 50 -5.70 -8.33 -9.86
CA GLU B 50 -5.70 -8.72 -11.29
C GLU B 50 -6.66 -9.86 -11.57
N ASP B 51 -7.00 -10.60 -10.56
CA ASP B 51 -7.92 -11.67 -10.71
C ASP B 51 -9.21 -11.33 -10.01
N GLU B 52 -10.29 -11.33 -10.74
CA GLU B 52 -11.60 -10.97 -10.23
C GLU B 52 -12.09 -11.96 -9.20
N GLN B 53 -11.86 -13.25 -9.44
CA GLN B 53 -12.31 -14.29 -8.54
C GLN B 53 -11.61 -14.20 -7.18
N MET B 54 -10.33 -13.85 -7.22
CA MET B 54 -9.54 -13.67 -5.99
C MET B 54 -10.02 -12.43 -5.24
N TYR B 55 -10.20 -11.33 -5.98
CA TYR B 55 -10.66 -10.04 -5.44
C TYR B 55 -12.04 -10.17 -4.79
N ASN B 56 -12.93 -10.90 -5.43
CA ASN B 56 -14.28 -11.12 -4.94
C ASN B 56 -14.28 -11.98 -3.68
N ALA B 57 -13.37 -12.95 -3.63
CA ALA B 57 -13.20 -13.83 -2.46
C ALA B 57 -12.67 -13.01 -1.30
N LEU B 58 -11.74 -12.13 -1.61
CA LEU B 58 -11.13 -11.20 -0.70
C LEU B 58 -12.20 -10.30 -0.02
N MET B 59 -13.07 -9.73 -0.85
CA MET B 59 -14.15 -8.86 -0.36
C MET B 59 -15.16 -9.57 0.51
N LYS B 60 -15.61 -10.74 0.08
CA LYS B 60 -16.64 -11.45 0.80
C LYS B 60 -16.12 -12.11 2.08
N ASN B 61 -14.89 -12.57 2.06
CA ASN B 61 -14.34 -13.26 3.23
C ASN B 61 -13.71 -12.29 4.20
N LYS B 62 -13.41 -11.07 3.71
CA LYS B 62 -12.73 -9.98 4.48
C LYS B 62 -11.32 -10.36 4.85
N ASN B 63 -10.84 -11.33 4.16
CA ASN B 63 -9.53 -11.92 4.27
C ASN B 63 -9.12 -12.33 2.90
N ILE B 64 -7.85 -12.52 2.74
CA ILE B 64 -7.28 -12.92 1.47
C ILE B 64 -7.58 -14.41 1.25
N PRO B 65 -7.95 -14.82 0.00
CA PRO B 65 -8.00 -16.23 -0.36
C PRO B 65 -6.55 -16.77 -0.39
N ARG B 66 -6.06 -17.09 0.80
CA ARG B 66 -4.67 -17.46 1.07
C ARG B 66 -4.18 -18.62 0.23
N ASN B 67 -4.99 -19.65 0.11
CA ASN B 67 -4.62 -20.84 -0.66
C ASN B 67 -4.52 -20.55 -2.14
N GLU B 68 -5.38 -19.66 -2.62
CA GLU B 68 -5.40 -19.30 -4.01
C GLU B 68 -4.26 -18.33 -4.35
N LEU B 69 -3.94 -17.46 -3.41
CA LEU B 69 -2.81 -16.56 -3.55
C LEU B 69 -1.51 -17.36 -3.54
N LYS B 70 -1.42 -18.30 -2.62
CA LYS B 70 -0.24 -19.15 -2.44
C LYS B 70 0.07 -20.00 -3.70
N LYS B 71 -0.96 -20.45 -4.41
CA LYS B 71 -0.74 -21.28 -5.62
C LYS B 71 -0.31 -20.42 -6.82
N LYS B 72 -0.71 -19.17 -6.85
CA LYS B 72 -0.36 -18.28 -7.94
C LYS B 72 0.93 -17.52 -7.70
N ALA B 73 1.14 -17.10 -6.47
CA ALA B 73 2.30 -16.33 -6.13
C ALA B 73 3.49 -17.22 -5.82
N LYS B 74 3.21 -18.43 -5.32
CA LYS B 74 4.23 -19.40 -4.86
C LYS B 74 5.01 -18.83 -3.66
N VAL B 75 4.26 -18.38 -2.69
CA VAL B 75 4.80 -17.81 -1.48
C VAL B 75 4.41 -18.65 -0.29
N HIS B 76 4.84 -18.26 0.88
CA HIS B 76 4.54 -18.98 2.09
C HIS B 76 3.29 -18.41 2.70
N GLY B 77 2.52 -19.24 3.38
CA GLY B 77 1.32 -18.77 4.09
C GLY B 77 1.68 -17.81 5.21
N ARG B 78 2.89 -17.99 5.73
CA ARG B 78 3.46 -17.14 6.76
C ARG B 78 3.69 -15.71 6.21
N THR B 79 4.09 -15.64 4.93
CA THR B 79 4.31 -14.37 4.25
C THR B 79 2.96 -13.65 4.12
N ILE B 80 1.96 -14.41 3.68
CA ILE B 80 0.61 -13.92 3.48
C ILE B 80 0.02 -13.39 4.80
N GLY B 81 0.12 -14.19 5.87
CA GLY B 81 -0.46 -13.81 7.15
C GLY B 81 0.21 -12.60 7.80
N ASN B 82 1.51 -12.47 7.65
CA ASN B 82 2.24 -11.34 8.25
C ASN B 82 1.96 -10.03 7.57
N ASN B 83 1.66 -10.09 6.29
CA ASN B 83 1.44 -8.86 5.52
C ASN B 83 0.01 -8.75 5.06
N ARG B 84 -0.87 -9.54 5.69
CA ARG B 84 -2.27 -9.65 5.24
C ARG B 84 -3.01 -8.33 5.10
N LYS B 85 -2.97 -7.46 6.12
CA LYS B 85 -3.67 -6.17 6.06
C LYS B 85 -3.07 -5.26 5.00
N TYR B 86 -1.77 -5.36 4.83
CA TYR B 86 -1.02 -4.57 3.87
C TYR B 86 -1.40 -4.98 2.46
N ILE B 87 -1.37 -6.29 2.19
CA ILE B 87 -1.70 -6.87 0.88
C ILE B 87 -3.13 -6.49 0.47
N ILE B 88 -4.05 -6.52 1.43
CA ILE B 88 -5.44 -6.14 1.18
C ILE B 88 -5.54 -4.68 0.72
N ALA B 89 -4.80 -3.80 1.40
CA ALA B 89 -4.81 -2.37 1.10
C ALA B 89 -4.40 -2.08 -0.34
N LEU B 90 -3.27 -2.66 -0.80
CA LEU B 90 -2.81 -2.37 -2.17
C LEU B 90 -3.76 -2.95 -3.21
N CYS B 91 -4.29 -4.15 -2.93
CA CYS B 91 -5.26 -4.83 -3.81
C CYS B 91 -6.47 -3.93 -4.05
N LEU B 92 -6.96 -3.36 -2.96
CA LEU B 92 -8.05 -2.44 -3.00
C LEU B 92 -7.68 -1.21 -3.80
N ILE B 93 -6.49 -0.66 -3.59
CA ILE B 93 -6.00 0.53 -4.34
C ILE B 93 -6.04 0.31 -5.87
N PHE B 94 -5.62 -0.88 -6.33
CA PHE B 94 -5.60 -1.20 -7.77
C PHE B 94 -7.01 -1.21 -8.36
N ARG B 95 -8.02 -1.49 -7.55
CA ARG B 95 -9.40 -1.50 -8.04
C ARG B 95 -10.25 -0.35 -7.53
N SER B 96 -9.65 0.50 -6.77
CA SER B 96 -10.31 1.68 -6.28
C SER B 96 -9.89 2.89 -7.08
N ASN B 97 -10.57 4.02 -6.87
CA ASN B 97 -10.34 5.30 -7.61
C ASN B 97 -8.99 5.96 -7.30
N LEU B 98 -8.13 5.25 -6.63
CA LEU B 98 -6.83 5.74 -6.31
C LEU B 98 -5.88 5.30 -7.40
N ASN B 99 -5.93 6.06 -8.47
CA ASN B 99 -5.22 5.78 -9.69
C ASN B 99 -3.78 6.26 -9.64
N LEU B 100 -3.49 7.19 -8.75
CA LEU B 100 -2.17 7.74 -8.65
C LEU B 100 -1.32 6.85 -7.77
N SER B 101 -1.93 6.37 -6.72
CA SER B 101 -1.31 5.44 -5.82
C SER B 101 -1.12 4.11 -6.54
N LYS B 102 -2.14 3.74 -7.37
CA LYS B 102 -2.08 2.55 -8.25
C LYS B 102 -0.81 2.63 -9.11
N ARG B 103 -0.63 3.77 -9.75
CA ARG B 103 0.52 4.09 -10.61
C ARG B 103 1.85 3.96 -9.85
N TYR B 104 1.89 4.45 -8.61
CA TYR B 104 3.07 4.32 -7.75
C TYR B 104 3.41 2.86 -7.46
N LEU B 105 2.40 2.10 -7.12
CA LEU B 105 2.53 0.69 -6.79
C LEU B 105 2.91 -0.14 -8.01
N GLU B 106 2.27 0.15 -9.15
CA GLU B 106 2.50 -0.58 -10.40
C GLU B 106 3.90 -0.35 -10.94
N TYR B 107 4.40 0.90 -10.87
CA TYR B 107 5.72 1.16 -11.40
C TYR B 107 6.78 0.55 -10.48
N TYR B 108 6.50 0.50 -9.19
CA TYR B 108 7.43 -0.05 -8.23
C TYR B 108 7.57 -1.58 -8.36
N THR B 109 6.47 -2.24 -8.63
CA THR B 109 6.50 -3.68 -8.74
C THR B 109 7.07 -4.18 -10.08
N MET B 110 7.06 -3.33 -11.11
CA MET B 110 7.63 -3.73 -12.41
C MET B 110 9.16 -3.60 -12.40
N LEU B 111 9.70 -3.10 -11.29
CA LEU B 111 11.15 -2.89 -11.11
C LEU B 111 11.89 -4.20 -10.75
N GLU B 112 11.26 -5.34 -11.02
CA GLU B 112 11.87 -6.64 -10.79
C GLU B 112 12.55 -7.16 -12.06
N HIS B 113 12.82 -6.26 -13.00
CA HIS B 113 13.47 -6.60 -14.29
C HIS B 113 14.90 -7.16 -14.05
N HIS B 114 15.46 -6.78 -12.94
CA HIS B 114 16.70 -7.32 -12.43
C HIS B 114 16.44 -7.55 -10.96
N HIS B 115 16.15 -8.77 -10.57
CA HIS B 115 15.85 -9.00 -9.17
C HIS B 115 16.46 -10.28 -8.64
N HIS B 116 17.69 -10.19 -8.22
CA HIS B 116 18.37 -11.27 -7.53
C HIS B 116 19.03 -10.70 -6.33
N HIS B 117 18.57 -11.07 -5.18
CA HIS B 117 19.10 -10.50 -3.96
C HIS B 117 20.30 -11.30 -3.48
N HIS B 118 21.47 -10.87 -3.88
CA HIS B 118 22.71 -11.47 -3.47
C HIS B 118 23.74 -10.34 -3.32
N SER A 1 18.14 16.75 1.66
CA SER A 1 18.13 16.49 0.25
C SER A 1 18.08 14.97 -0.02
N MET A 2 17.69 14.19 0.99
CA MET A 2 17.56 12.76 0.84
C MET A 2 16.06 12.48 0.78
N ASN A 3 15.50 12.74 -0.37
CA ASN A 3 14.06 12.73 -0.57
C ASN A 3 13.48 11.44 -1.00
N ARG A 4 12.38 11.14 -0.40
CA ARG A 4 11.49 10.09 -0.78
C ARG A 4 10.19 10.78 -1.03
N LEU A 5 9.52 10.43 -2.07
CA LEU A 5 8.25 11.06 -2.39
C LEU A 5 7.14 10.20 -1.92
N GLY A 6 5.97 10.76 -1.85
CA GLY A 6 4.86 9.99 -1.47
C GLY A 6 3.56 10.70 -1.58
N ILE A 7 2.51 10.01 -1.19
CA ILE A 7 1.15 10.51 -1.30
C ILE A 7 0.51 10.46 0.07
N ILE A 8 -0.13 11.54 0.45
CA ILE A 8 -0.72 11.70 1.76
C ILE A 8 -2.06 11.00 1.84
N TYR A 9 -2.16 10.03 2.71
CA TYR A 9 -3.37 9.27 2.90
C TYR A 9 -4.17 9.69 4.12
N GLU A 10 -3.52 10.18 5.16
CA GLU A 10 -4.24 10.62 6.34
C GLU A 10 -3.37 11.53 7.20
N ILE A 11 -3.98 12.55 7.76
CA ILE A 11 -3.30 13.45 8.67
C ILE A 11 -3.73 13.09 10.09
N GLN A 12 -2.76 12.83 10.94
CA GLN A 12 -3.03 12.44 12.29
C GLN A 12 -2.30 13.36 13.25
N GLY A 13 -2.86 14.53 13.47
CA GLY A 13 -2.27 15.51 14.34
C GLY A 13 -0.93 16.03 13.82
N MET A 14 0.12 15.74 14.55
CA MET A 14 1.49 16.18 14.25
C MET A 14 2.17 15.30 13.20
N LYS A 15 1.51 14.26 12.77
CA LYS A 15 2.11 13.31 11.87
C LYS A 15 1.15 12.98 10.73
N ALA A 16 1.65 12.38 9.69
CA ALA A 16 0.85 12.03 8.54
C ALA A 16 1.24 10.66 8.03
N VAL A 17 0.24 9.92 7.58
CA VAL A 17 0.47 8.61 6.99
C VAL A 17 0.56 8.80 5.49
N VAL A 18 1.68 8.49 4.94
CA VAL A 18 1.92 8.67 3.54
C VAL A 18 2.40 7.38 2.89
N LEU A 19 2.20 7.30 1.61
CA LEU A 19 2.80 6.26 0.78
C LEU A 19 4.16 6.73 0.43
N THR A 20 5.04 5.85 0.19
CA THR A 20 6.33 6.22 -0.29
C THR A 20 6.40 5.98 -1.78
N SER A 21 7.53 6.29 -2.38
CA SER A 21 7.77 6.03 -3.78
C SER A 21 8.09 4.53 -4.00
N GLU A 22 8.10 3.81 -2.88
CA GLU A 22 8.34 2.40 -2.81
C GLU A 22 7.03 1.67 -2.49
N GLY A 23 5.95 2.45 -2.36
CA GLY A 23 4.62 1.88 -2.14
C GLY A 23 4.33 1.43 -0.72
N GLU A 24 5.11 1.92 0.23
CA GLU A 24 4.93 1.56 1.63
C GLU A 24 4.10 2.61 2.31
N PHE A 25 3.52 2.29 3.44
CA PHE A 25 2.79 3.27 4.22
C PHE A 25 3.65 3.63 5.41
N LEU A 26 4.09 4.85 5.47
CA LEU A 26 4.94 5.29 6.54
C LEU A 26 4.41 6.55 7.14
N ILE A 27 4.67 6.73 8.40
CA ILE A 27 4.25 7.91 9.08
C ILE A 27 5.41 8.89 9.08
N ILE A 28 5.13 10.10 8.70
CA ILE A 28 6.12 11.15 8.70
C ILE A 28 5.59 12.33 9.50
N ARG A 29 6.40 13.35 9.64
CA ARG A 29 6.01 14.59 10.30
C ARG A 29 4.99 15.33 9.44
N ARG A 30 4.02 15.99 10.04
CA ARG A 30 3.05 16.76 9.27
C ARG A 30 3.68 18.09 8.84
N ARG A 31 3.39 18.48 7.64
CA ARG A 31 3.85 19.73 7.09
C ARG A 31 2.67 20.62 6.75
N LYS A 32 2.97 21.87 6.56
CA LYS A 32 2.03 22.92 6.22
C LYS A 32 1.34 22.68 4.87
N ASP A 33 2.08 22.11 3.94
CA ASP A 33 1.61 21.89 2.57
C ASP A 33 0.94 20.54 2.41
N MET A 34 0.54 19.95 3.51
CA MET A 34 -0.09 18.66 3.49
C MET A 34 -1.60 18.74 3.47
N LYS A 35 -2.17 17.89 2.67
CA LYS A 35 -3.57 17.68 2.55
C LYS A 35 -3.77 16.28 2.04
N VAL A 36 -4.74 15.57 2.59
CA VAL A 36 -5.04 14.20 2.19
C VAL A 36 -5.37 14.15 0.69
N GLY A 37 -4.61 13.34 -0.04
CA GLY A 37 -4.78 13.21 -1.46
C GLY A 37 -3.61 13.82 -2.23
N GLN A 38 -2.96 14.79 -1.64
CA GLN A 38 -1.84 15.46 -2.28
C GLN A 38 -0.53 14.71 -2.08
N GLN A 39 0.43 15.04 -2.89
CA GLN A 39 1.73 14.45 -2.82
C GLN A 39 2.68 15.31 -2.03
N VAL A 40 3.69 14.68 -1.50
CA VAL A 40 4.69 15.32 -0.69
C VAL A 40 6.06 14.71 -0.97
N SER A 41 7.08 15.53 -0.98
CA SER A 41 8.44 15.09 -1.12
C SER A 41 9.13 15.40 0.20
N PHE A 42 9.53 14.36 0.90
CA PHE A 42 10.01 14.49 2.25
C PHE A 42 11.39 13.89 2.43
N GLU A 43 11.96 14.10 3.58
CA GLU A 43 13.29 13.62 3.90
C GLU A 43 13.21 12.32 4.65
N ASN A 44 14.35 11.64 4.68
CA ASN A 44 14.57 10.39 5.45
C ASN A 44 14.29 10.64 6.95
N GLU A 45 14.61 11.85 7.39
CA GLU A 45 14.51 12.28 8.77
C GLU A 45 13.05 12.54 9.20
N ASP A 46 12.16 12.75 8.24
CA ASP A 46 10.76 13.03 8.56
C ASP A 46 10.03 11.77 8.92
N ILE A 47 10.58 10.65 8.47
CA ILE A 47 10.02 9.33 8.66
C ILE A 47 10.12 8.86 10.11
N TYR A 48 9.01 8.39 10.61
CA TYR A 48 8.90 7.76 11.91
C TYR A 48 9.20 6.29 11.69
N ASN A 49 10.14 5.74 12.41
CA ASN A 49 10.45 4.35 12.24
C ASN A 49 9.47 3.51 13.01
N VAL A 50 8.51 2.96 12.30
CA VAL A 50 7.53 2.05 12.89
C VAL A 50 8.23 0.74 13.25
N ARG A 51 9.32 0.45 12.48
CA ARG A 51 10.22 -0.68 12.64
C ARG A 51 9.57 -1.98 12.18
N GLY A 52 8.41 -2.28 12.71
CA GLY A 52 7.66 -3.42 12.28
C GLY A 52 7.75 -4.56 13.24
N LYS A 53 7.40 -5.71 12.78
CA LYS A 53 7.42 -6.90 13.58
C LYS A 53 7.93 -8.06 12.73
N MET B 1 -1.79 21.56 -10.35
CA MET B 1 -0.50 20.88 -10.25
C MET B 1 -0.53 19.56 -11.04
N GLU B 2 -1.73 18.97 -11.16
CA GLU B 2 -1.99 17.66 -11.83
C GLU B 2 -1.44 16.49 -11.02
N ASP B 3 -2.01 15.32 -11.26
CA ASP B 3 -1.66 14.06 -10.57
C ASP B 3 -1.85 14.18 -9.07
N ILE B 4 -3.09 14.36 -8.67
CA ILE B 4 -3.46 14.46 -7.27
C ILE B 4 -4.62 13.51 -7.03
N GLU B 5 -4.72 13.00 -5.84
CA GLU B 5 -5.80 12.10 -5.45
C GLU B 5 -6.85 12.90 -4.72
N ALA B 6 -8.07 12.44 -4.78
CA ALA B 6 -9.13 13.11 -4.06
C ALA B 6 -9.29 12.46 -2.70
N ARG B 7 -9.37 13.28 -1.65
CA ARG B 7 -9.55 12.80 -0.26
C ARG B 7 -10.79 11.95 -0.10
N GLU B 8 -11.84 12.33 -0.80
CA GLU B 8 -13.12 11.63 -0.78
C GLU B 8 -12.90 10.19 -1.23
N ASP B 9 -12.12 10.05 -2.28
CA ASP B 9 -11.77 8.75 -2.84
C ASP B 9 -10.81 7.99 -1.93
N ILE B 10 -9.89 8.73 -1.28
CA ILE B 10 -8.96 8.15 -0.28
C ILE B 10 -9.79 7.52 0.85
N GLU B 11 -10.81 8.24 1.28
CA GLU B 11 -11.63 7.82 2.36
C GLU B 11 -12.69 6.79 1.96
N GLU B 12 -12.98 6.71 0.66
CA GLU B 12 -13.78 5.61 0.15
C GLU B 12 -13.00 4.31 0.26
N LEU B 13 -11.71 4.42 0.05
CA LEU B 13 -10.80 3.31 0.23
C LEU B 13 -10.71 2.97 1.73
N LYS B 14 -10.58 4.01 2.54
CA LYS B 14 -10.49 3.90 4.00
C LYS B 14 -11.72 3.18 4.59
N LYS B 15 -12.92 3.55 4.11
CA LYS B 15 -14.16 2.98 4.63
C LYS B 15 -14.29 1.50 4.24
N LYS B 16 -13.68 1.15 3.12
CA LYS B 16 -13.66 -0.21 2.66
C LYS B 16 -12.73 -1.01 3.56
N LEU B 17 -11.58 -0.41 3.90
CA LEU B 17 -10.63 -0.97 4.87
C LEU B 17 -11.29 -1.16 6.23
N GLN B 18 -12.23 -0.28 6.59
CA GLN B 18 -12.96 -0.37 7.86
C GLN B 18 -13.81 -1.65 7.92
N GLU B 19 -14.33 -2.08 6.74
CA GLU B 19 -15.07 -3.35 6.64
C GLU B 19 -14.16 -4.52 6.95
N PHE B 20 -12.92 -4.42 6.52
CA PHE B 20 -11.92 -5.46 6.75
C PHE B 20 -11.36 -5.39 8.18
N GLY B 21 -11.45 -4.23 8.78
CA GLY B 21 -10.92 -4.01 10.11
C GLY B 21 -9.50 -3.53 10.03
N ILE B 22 -9.25 -2.69 9.06
CA ILE B 22 -7.94 -2.20 8.77
C ILE B 22 -7.96 -0.68 8.74
N THR B 23 -7.00 -0.08 9.37
CA THR B 23 -6.81 1.34 9.29
C THR B 23 -5.53 1.58 8.50
N PHE B 24 -5.21 2.83 8.21
CA PHE B 24 -3.96 3.14 7.55
C PHE B 24 -2.76 2.88 8.49
N LEU B 25 -3.01 2.93 9.80
CA LEU B 25 -1.99 2.61 10.81
C LEU B 25 -1.65 1.14 10.78
N ASP B 26 -2.66 0.30 10.55
CA ASP B 26 -2.49 -1.17 10.43
C ASP B 26 -1.56 -1.52 9.30
N LEU B 27 -1.60 -0.69 8.27
CA LEU B 27 -0.81 -0.87 7.09
C LEU B 27 0.62 -0.55 7.36
N VAL B 28 0.84 0.51 8.14
CA VAL B 28 2.18 0.96 8.55
C VAL B 28 2.87 -0.16 9.37
N LEU B 29 2.06 -0.86 10.15
CA LEU B 29 2.53 -1.96 10.98
C LEU B 29 2.94 -3.17 10.12
N ASN B 30 2.27 -3.34 8.99
CA ASN B 30 2.50 -4.49 8.09
C ASN B 30 3.50 -4.18 6.97
N VAL B 31 4.15 -3.01 7.05
CA VAL B 31 5.12 -2.58 6.03
C VAL B 31 6.35 -3.52 5.97
N PRO B 32 6.67 -4.04 4.76
CA PRO B 32 7.85 -4.88 4.51
C PRO B 32 9.15 -4.19 4.90
N LYS B 33 10.08 -4.95 5.38
CA LYS B 33 11.32 -4.44 5.91
C LYS B 33 12.30 -4.07 4.82
N HIS B 34 12.36 -4.87 3.78
CA HIS B 34 13.34 -4.64 2.72
C HIS B 34 12.71 -4.66 1.34
N ARG B 35 13.44 -4.13 0.35
CA ARG B 35 12.99 -3.90 -1.04
C ARG B 35 12.37 -5.13 -1.72
N ASP B 36 12.99 -6.29 -1.54
CA ASP B 36 12.49 -7.54 -2.15
C ASP B 36 11.11 -7.85 -1.67
N SER B 37 10.90 -7.68 -0.39
CA SER B 37 9.65 -7.97 0.24
C SER B 37 8.58 -6.94 -0.17
N ARG B 38 8.98 -5.68 -0.37
CA ARG B 38 8.05 -4.60 -0.80
C ARG B 38 7.41 -4.97 -2.12
N GLN B 39 8.27 -5.23 -3.09
CA GLN B 39 7.86 -5.54 -4.45
C GLN B 39 7.03 -6.82 -4.49
N LEU B 40 7.43 -7.78 -3.69
CA LEU B 40 6.76 -9.05 -3.55
C LEU B 40 5.31 -8.85 -3.00
N CYS B 41 5.18 -8.21 -1.86
CA CYS B 41 3.87 -8.03 -1.22
C CYS B 41 2.90 -7.18 -2.07
N ILE B 42 3.43 -6.17 -2.73
CA ILE B 42 2.60 -5.30 -3.56
C ILE B 42 2.17 -6.05 -4.85
N ARG B 43 3.03 -6.93 -5.37
CA ARG B 43 2.68 -7.67 -6.58
C ARG B 43 1.68 -8.78 -6.26
N LEU B 44 1.69 -9.26 -5.00
CA LEU B 44 0.71 -10.25 -4.54
C LEU B 44 -0.65 -9.61 -4.55
N ALA B 45 -0.68 -8.38 -4.08
CA ALA B 45 -1.87 -7.56 -4.03
C ALA B 45 -2.36 -7.25 -5.43
N LYS B 46 -1.42 -7.08 -6.36
CA LYS B 46 -1.73 -6.78 -7.75
C LYS B 46 -2.48 -7.94 -8.38
N MET B 47 -1.92 -9.15 -8.26
CA MET B 47 -2.54 -10.32 -8.87
C MET B 47 -3.82 -10.74 -8.13
N LEU B 48 -3.92 -10.33 -6.86
CA LEU B 48 -5.10 -10.57 -6.03
C LEU B 48 -6.24 -9.65 -6.49
N ALA B 49 -5.88 -8.44 -6.89
CA ALA B 49 -6.83 -7.45 -7.35
C ALA B 49 -7.30 -7.71 -8.75
N GLU B 50 -6.36 -7.99 -9.65
CA GLU B 50 -6.67 -8.20 -11.07
C GLU B 50 -7.51 -9.45 -11.27
N ASP B 51 -7.31 -10.43 -10.42
CA ASP B 51 -8.07 -11.66 -10.53
C ASP B 51 -9.39 -11.44 -9.84
N GLU B 52 -10.44 -11.47 -10.63
CA GLU B 52 -11.81 -11.19 -10.16
C GLU B 52 -12.22 -12.17 -9.09
N GLN B 53 -11.91 -13.42 -9.31
CA GLN B 53 -12.28 -14.50 -8.40
C GLN B 53 -11.60 -14.33 -7.05
N MET B 54 -10.30 -14.05 -7.08
CA MET B 54 -9.52 -13.85 -5.87
C MET B 54 -9.97 -12.60 -5.13
N TYR B 55 -10.21 -11.53 -5.88
CA TYR B 55 -10.68 -10.26 -5.34
C TYR B 55 -12.04 -10.42 -4.65
N ASN B 56 -12.92 -11.20 -5.25
CA ASN B 56 -14.23 -11.46 -4.65
C ASN B 56 -14.11 -12.29 -3.39
N ALA B 57 -13.18 -13.25 -3.38
CA ALA B 57 -12.94 -14.11 -2.20
C ALA B 57 -12.35 -13.27 -1.06
N LEU B 58 -11.53 -12.31 -1.45
CA LEU B 58 -10.93 -11.31 -0.57
C LEU B 58 -12.05 -10.50 0.13
N MET B 59 -13.04 -10.09 -0.64
CA MET B 59 -14.20 -9.34 -0.11
C MET B 59 -15.12 -10.21 0.76
N LYS B 60 -15.29 -11.47 0.36
CA LYS B 60 -16.13 -12.45 1.06
C LYS B 60 -15.60 -12.76 2.46
N ASN B 61 -14.31 -12.97 2.56
CA ASN B 61 -13.70 -13.41 3.82
C ASN B 61 -13.19 -12.26 4.66
N LYS B 62 -13.04 -11.08 4.03
CA LYS B 62 -12.46 -9.88 4.67
C LYS B 62 -11.00 -10.12 5.03
N ASN B 63 -10.44 -11.04 4.32
CA ASN B 63 -9.11 -11.51 4.46
C ASN B 63 -8.69 -12.01 3.14
N ILE B 64 -7.42 -12.24 3.01
CA ILE B 64 -6.86 -12.72 1.78
C ILE B 64 -7.19 -14.21 1.65
N PRO B 65 -7.65 -14.67 0.46
CA PRO B 65 -7.79 -16.08 0.19
C PRO B 65 -6.38 -16.70 0.12
N ARG B 66 -5.89 -17.16 1.29
CA ARG B 66 -4.53 -17.62 1.45
C ARG B 66 -4.18 -18.72 0.49
N ASN B 67 -5.03 -19.72 0.40
CA ASN B 67 -4.80 -20.87 -0.47
C ASN B 67 -4.73 -20.49 -1.94
N GLU B 68 -5.55 -19.54 -2.36
CA GLU B 68 -5.60 -19.15 -3.75
C GLU B 68 -4.40 -18.26 -4.11
N LEU B 69 -4.01 -17.37 -3.20
CA LEU B 69 -2.85 -16.51 -3.43
C LEU B 69 -1.56 -17.34 -3.39
N LYS B 70 -1.53 -18.29 -2.48
CA LYS B 70 -0.39 -19.18 -2.28
C LYS B 70 -0.09 -19.99 -3.53
N LYS B 71 -1.12 -20.52 -4.18
CA LYS B 71 -0.94 -21.35 -5.37
C LYS B 71 -0.60 -20.52 -6.63
N LYS B 72 -1.20 -19.35 -6.76
CA LYS B 72 -1.00 -18.52 -7.94
C LYS B 72 0.29 -17.72 -7.87
N ALA B 73 0.60 -17.16 -6.72
CA ALA B 73 1.80 -16.33 -6.57
C ALA B 73 3.03 -17.17 -6.24
N LYS B 74 2.80 -18.42 -5.82
CA LYS B 74 3.88 -19.37 -5.41
C LYS B 74 4.60 -18.86 -4.16
N VAL B 75 3.86 -18.28 -3.26
CA VAL B 75 4.39 -17.75 -2.03
C VAL B 75 3.95 -18.61 -0.87
N HIS B 76 4.47 -18.32 0.29
CA HIS B 76 4.20 -19.08 1.47
C HIS B 76 3.04 -18.49 2.26
N GLY B 77 2.38 -19.34 3.04
CA GLY B 77 1.28 -18.88 3.89
C GLY B 77 1.78 -17.92 4.96
N ARG B 78 3.03 -18.13 5.38
CA ARG B 78 3.74 -17.27 6.31
C ARG B 78 3.85 -15.85 5.76
N THR B 79 4.17 -15.73 4.48
CA THR B 79 4.32 -14.46 3.80
C THR B 79 2.98 -13.72 3.79
N ILE B 80 1.93 -14.45 3.47
CA ILE B 80 0.58 -13.92 3.37
C ILE B 80 0.07 -13.45 4.74
N GLY B 81 0.35 -14.23 5.78
CA GLY B 81 -0.12 -13.91 7.12
C GLY B 81 0.61 -12.74 7.78
N ASN B 82 1.86 -12.54 7.42
CA ASN B 82 2.65 -11.45 8.02
C ASN B 82 2.36 -10.10 7.41
N ASN B 83 1.97 -10.08 6.16
CA ASN B 83 1.76 -8.81 5.45
C ASN B 83 0.32 -8.66 5.05
N ARG B 84 -0.54 -9.44 5.70
CA ARG B 84 -1.98 -9.55 5.39
C ARG B 84 -2.72 -8.23 5.14
N LYS B 85 -2.73 -7.33 6.12
CA LYS B 85 -3.48 -6.08 5.97
C LYS B 85 -2.88 -5.17 4.92
N TYR B 86 -1.57 -5.23 4.77
CA TYR B 86 -0.84 -4.44 3.79
C TYR B 86 -1.24 -4.88 2.38
N ILE B 87 -1.18 -6.20 2.14
CA ILE B 87 -1.54 -6.78 0.84
C ILE B 87 -3.01 -6.47 0.48
N ILE B 88 -3.89 -6.51 1.47
CA ILE B 88 -5.31 -6.18 1.27
C ILE B 88 -5.46 -4.73 0.79
N ALA B 89 -4.70 -3.83 1.40
CA ALA B 89 -4.75 -2.41 1.08
C ALA B 89 -4.38 -2.12 -0.35
N LEU B 90 -3.25 -2.68 -0.82
CA LEU B 90 -2.81 -2.42 -2.20
C LEU B 90 -3.80 -3.01 -3.19
N CYS B 91 -4.33 -4.20 -2.87
CA CYS B 91 -5.32 -4.89 -3.70
C CYS B 91 -6.53 -3.98 -3.94
N LEU B 92 -7.00 -3.39 -2.86
CA LEU B 92 -8.08 -2.46 -2.92
C LEU B 92 -7.72 -1.23 -3.72
N ILE B 93 -6.49 -0.72 -3.57
CA ILE B 93 -6.00 0.45 -4.33
C ILE B 93 -6.04 0.20 -5.85
N PHE B 94 -5.66 -1.03 -6.28
CA PHE B 94 -5.65 -1.39 -7.71
C PHE B 94 -7.06 -1.45 -8.27
N ARG B 95 -8.03 -1.62 -7.40
CA ARG B 95 -9.43 -1.64 -7.79
C ARG B 95 -10.15 -0.33 -7.46
N SER B 96 -9.44 0.61 -6.91
CA SER B 96 -10.02 1.85 -6.50
C SER B 96 -9.68 2.99 -7.45
N ASN B 97 -10.35 4.13 -7.24
CA ASN B 97 -10.21 5.33 -8.07
C ASN B 97 -8.92 6.10 -7.76
N LEU B 98 -8.08 5.52 -6.93
CA LEU B 98 -6.83 6.11 -6.57
C LEU B 98 -5.80 5.68 -7.58
N ASN B 99 -5.82 6.34 -8.73
CA ASN B 99 -5.01 5.98 -9.86
C ASN B 99 -3.58 6.45 -9.71
N LEU B 100 -3.35 7.44 -8.88
CA LEU B 100 -2.02 7.96 -8.66
C LEU B 100 -1.25 7.04 -7.74
N SER B 101 -1.91 6.59 -6.70
CA SER B 101 -1.35 5.65 -5.76
C SER B 101 -1.19 4.29 -6.43
N LYS B 102 -2.14 3.97 -7.32
CA LYS B 102 -2.11 2.75 -8.13
C LYS B 102 -0.86 2.77 -9.02
N ARG B 103 -0.62 3.95 -9.62
CA ARG B 103 0.55 4.21 -10.46
C ARG B 103 1.86 3.91 -9.72
N TYR B 104 1.94 4.36 -8.47
CA TYR B 104 3.11 4.14 -7.61
C TYR B 104 3.38 2.67 -7.36
N LEU B 105 2.34 1.93 -7.16
CA LEU B 105 2.45 0.52 -6.87
C LEU B 105 2.78 -0.28 -8.14
N GLU B 106 2.12 0.05 -9.24
CA GLU B 106 2.32 -0.64 -10.52
C GLU B 106 3.72 -0.44 -11.09
N TYR B 107 4.28 0.76 -10.95
CA TYR B 107 5.59 1.03 -11.51
C TYR B 107 6.68 0.42 -10.64
N TYR B 108 6.43 0.30 -9.35
CA TYR B 108 7.45 -0.21 -8.46
C TYR B 108 7.52 -1.73 -8.53
N THR B 109 6.40 -2.37 -8.83
CA THR B 109 6.38 -3.80 -8.94
C THR B 109 6.85 -4.27 -10.31
N MET B 110 6.78 -3.38 -11.32
CA MET B 110 7.28 -3.73 -12.65
C MET B 110 8.81 -3.67 -12.64
N LEU B 111 9.38 -3.05 -11.59
CA LEU B 111 10.82 -2.95 -11.43
C LEU B 111 11.40 -4.23 -10.83
N GLU B 112 10.54 -5.19 -10.60
CA GLU B 112 10.96 -6.47 -10.13
C GLU B 112 11.14 -7.33 -11.37
N HIS B 113 12.36 -7.50 -11.76
CA HIS B 113 12.70 -8.25 -12.93
C HIS B 113 13.64 -9.35 -12.56
N HIS B 114 13.21 -10.58 -12.73
CA HIS B 114 14.13 -11.68 -12.58
C HIS B 114 14.87 -11.81 -13.86
N HIS B 115 16.14 -12.03 -13.76
CA HIS B 115 16.98 -12.15 -14.92
C HIS B 115 16.79 -13.50 -15.53
N HIS B 116 17.09 -13.63 -16.82
CA HIS B 116 16.89 -14.90 -17.54
C HIS B 116 17.61 -16.05 -16.85
N HIS B 117 16.84 -16.98 -16.34
CA HIS B 117 17.38 -18.11 -15.62
C HIS B 117 18.05 -19.08 -16.57
N HIS B 118 19.34 -19.06 -16.52
CA HIS B 118 20.19 -19.81 -17.36
C HIS B 118 21.51 -19.82 -16.65
N SER A 1 18.55 15.40 3.25
CA SER A 1 19.17 15.34 1.94
C SER A 1 18.78 14.06 1.21
N MET A 2 17.66 13.44 1.59
CA MET A 2 17.21 12.24 0.96
C MET A 2 15.73 12.35 0.72
N ASN A 3 15.37 12.91 -0.42
CA ASN A 3 13.98 13.13 -0.72
C ASN A 3 13.33 11.95 -1.34
N ARG A 4 12.27 11.58 -0.75
CA ARG A 4 11.44 10.50 -1.16
C ARG A 4 10.10 11.10 -1.42
N LEU A 5 9.46 10.65 -2.45
CA LEU A 5 8.15 11.18 -2.78
C LEU A 5 7.11 10.28 -2.24
N GLY A 6 5.95 10.81 -2.06
CA GLY A 6 4.88 10.00 -1.60
C GLY A 6 3.56 10.68 -1.71
N ILE A 7 2.54 9.96 -1.31
CA ILE A 7 1.15 10.42 -1.39
C ILE A 7 0.54 10.34 0.00
N ILE A 8 0.00 11.44 0.45
CA ILE A 8 -0.57 11.54 1.80
C ILE A 8 -1.91 10.81 1.88
N TYR A 9 -2.00 9.88 2.81
CA TYR A 9 -3.21 9.11 2.99
C TYR A 9 -4.00 9.51 4.22
N GLU A 10 -3.35 9.95 5.27
CA GLU A 10 -4.08 10.40 6.43
C GLU A 10 -3.28 11.36 7.25
N ILE A 11 -3.91 12.44 7.63
CA ILE A 11 -3.31 13.40 8.51
C ILE A 11 -3.75 13.04 9.91
N GLN A 12 -2.81 12.67 10.73
CA GLN A 12 -3.10 12.31 12.08
C GLN A 12 -2.52 13.37 12.99
N GLY A 13 -3.24 14.47 13.13
CA GLY A 13 -2.82 15.56 13.97
C GLY A 13 -1.58 16.26 13.44
N MET A 14 -0.46 15.95 14.04
CA MET A 14 0.81 16.56 13.69
C MET A 14 1.74 15.61 12.93
N LYS A 15 1.21 14.50 12.50
CA LYS A 15 1.94 13.55 11.71
C LYS A 15 1.06 13.08 10.56
N ALA A 16 1.63 12.45 9.57
CA ALA A 16 0.84 12.00 8.43
C ALA A 16 1.28 10.64 7.95
N VAL A 17 0.33 9.82 7.59
CA VAL A 17 0.60 8.52 7.01
C VAL A 17 0.65 8.72 5.52
N VAL A 18 1.78 8.45 4.95
CA VAL A 18 1.98 8.65 3.54
C VAL A 18 2.47 7.37 2.88
N LEU A 19 2.28 7.29 1.61
CA LEU A 19 2.90 6.27 0.80
C LEU A 19 4.24 6.79 0.43
N THR A 20 5.16 5.92 0.22
CA THR A 20 6.43 6.34 -0.27
C THR A 20 6.48 6.03 -1.75
N SER A 21 7.60 6.32 -2.35
CA SER A 21 7.87 6.03 -3.73
C SER A 21 8.07 4.52 -3.94
N GLU A 22 8.17 3.80 -2.83
CA GLU A 22 8.35 2.38 -2.84
C GLU A 22 7.08 1.67 -2.37
N GLY A 23 5.99 2.44 -2.24
CA GLY A 23 4.67 1.89 -1.92
C GLY A 23 4.48 1.48 -0.48
N GLU A 24 5.28 2.02 0.41
CA GLU A 24 5.19 1.72 1.83
C GLU A 24 4.27 2.72 2.48
N PHE A 25 3.58 2.33 3.52
CA PHE A 25 2.81 3.28 4.30
C PHE A 25 3.66 3.64 5.50
N LEU A 26 4.08 4.85 5.57
CA LEU A 26 4.94 5.28 6.65
C LEU A 26 4.45 6.59 7.20
N ILE A 27 4.69 6.80 8.45
CA ILE A 27 4.24 8.00 9.10
C ILE A 27 5.39 9.00 9.06
N ILE A 28 5.10 10.20 8.69
CA ILE A 28 6.09 11.24 8.65
C ILE A 28 5.61 12.44 9.43
N ARG A 29 6.47 13.42 9.57
CA ARG A 29 6.17 14.66 10.25
C ARG A 29 5.27 15.51 9.37
N ARG A 30 4.26 16.13 9.96
CA ARG A 30 3.35 16.96 9.18
C ARG A 30 4.03 18.25 8.73
N ARG A 31 3.79 18.60 7.50
CA ARG A 31 4.29 19.81 6.92
C ARG A 31 3.16 20.76 6.68
N LYS A 32 3.52 21.99 6.42
CA LYS A 32 2.61 23.11 6.17
C LYS A 32 1.70 22.86 4.96
N ASP A 33 2.27 22.26 3.95
CA ASP A 33 1.66 22.04 2.64
C ASP A 33 0.90 20.70 2.54
N MET A 34 0.56 20.10 3.66
CA MET A 34 -0.04 18.77 3.63
C MET A 34 -1.56 18.73 3.56
N LYS A 35 -2.04 17.79 2.76
CA LYS A 35 -3.45 17.46 2.60
C LYS A 35 -3.55 16.02 2.14
N VAL A 36 -4.53 15.30 2.65
CA VAL A 36 -4.80 13.92 2.27
C VAL A 36 -5.12 13.85 0.76
N GLY A 37 -4.27 13.13 0.04
CA GLY A 37 -4.42 12.97 -1.37
C GLY A 37 -3.28 13.58 -2.16
N GLN A 38 -2.60 14.53 -1.57
CA GLN A 38 -1.54 15.24 -2.27
C GLN A 38 -0.20 14.52 -2.25
N GLN A 39 0.58 14.75 -3.29
CA GLN A 39 1.93 14.28 -3.40
C GLN A 39 2.87 15.25 -2.74
N VAL A 40 3.86 14.70 -2.09
CA VAL A 40 4.81 15.48 -1.35
C VAL A 40 6.20 14.81 -1.41
N SER A 41 7.23 15.61 -1.52
CA SER A 41 8.59 15.13 -1.45
C SER A 41 9.14 15.48 -0.08
N PHE A 42 9.49 14.48 0.67
CA PHE A 42 9.91 14.64 2.04
C PHE A 42 11.25 13.99 2.26
N GLU A 43 11.80 14.20 3.42
CA GLU A 43 13.08 13.67 3.76
C GLU A 43 12.90 12.32 4.43
N ASN A 44 13.97 11.57 4.52
CA ASN A 44 13.96 10.28 5.20
C ASN A 44 13.91 10.51 6.72
N GLU A 45 14.41 11.67 7.16
CA GLU A 45 14.38 12.05 8.57
C GLU A 45 12.96 12.36 9.06
N ASP A 46 12.07 12.68 8.13
CA ASP A 46 10.68 12.94 8.44
C ASP A 46 9.97 11.65 8.80
N ILE A 47 10.49 10.55 8.29
CA ILE A 47 9.93 9.23 8.46
C ILE A 47 10.08 8.72 9.90
N TYR A 48 8.97 8.33 10.47
CA TYR A 48 8.92 7.71 11.77
C TYR A 48 9.14 6.23 11.56
N ASN A 49 9.90 5.64 12.43
CA ASN A 49 10.10 4.21 12.39
C ASN A 49 8.85 3.56 12.94
N VAL A 50 8.50 2.43 12.41
CA VAL A 50 7.31 1.79 12.79
C VAL A 50 7.46 0.96 14.06
N ARG A 51 7.35 1.69 15.10
CA ARG A 51 7.34 1.24 16.47
C ARG A 51 6.17 1.94 17.15
N GLY A 52 5.10 2.09 16.39
CA GLY A 52 3.92 2.82 16.79
C GLY A 52 2.90 1.98 17.53
N LYS A 53 3.36 1.25 18.51
CA LYS A 53 2.51 0.47 19.36
C LYS A 53 2.88 0.79 20.79
N MET B 1 -2.39 21.87 -10.36
CA MET B 1 -1.75 20.60 -10.67
C MET B 1 -2.77 19.52 -10.81
N GLU B 2 -2.42 18.55 -11.57
CA GLU B 2 -3.18 17.37 -11.76
C GLU B 2 -2.44 16.24 -11.09
N ASP B 3 -2.99 15.04 -11.18
CA ASP B 3 -2.43 13.85 -10.55
C ASP B 3 -2.32 14.01 -9.07
N ILE B 4 -3.47 14.19 -8.49
CA ILE B 4 -3.64 14.29 -7.07
C ILE B 4 -4.77 13.36 -6.75
N GLU B 5 -4.77 12.82 -5.59
CA GLU B 5 -5.82 11.93 -5.18
C GLU B 5 -6.80 12.76 -4.36
N ALA B 6 -8.04 12.40 -4.40
CA ALA B 6 -9.02 13.12 -3.64
C ALA B 6 -9.19 12.47 -2.29
N ARG B 7 -9.28 13.27 -1.24
CA ARG B 7 -9.45 12.78 0.12
C ARG B 7 -10.70 11.91 0.26
N GLU B 8 -11.76 12.32 -0.39
CA GLU B 8 -13.01 11.59 -0.42
C GLU B 8 -12.86 10.17 -1.01
N ASP B 9 -11.90 10.02 -1.92
CA ASP B 9 -11.58 8.74 -2.52
C ASP B 9 -10.60 7.96 -1.65
N ILE B 10 -9.74 8.68 -0.92
CA ILE B 10 -8.81 8.04 0.04
C ILE B 10 -9.64 7.44 1.18
N GLU B 11 -10.63 8.20 1.61
CA GLU B 11 -11.51 7.77 2.67
C GLU B 11 -12.52 6.73 2.19
N GLU B 12 -12.71 6.63 0.87
CA GLU B 12 -13.54 5.58 0.27
C GLU B 12 -12.79 4.25 0.46
N LEU B 13 -11.49 4.33 0.33
CA LEU B 13 -10.62 3.20 0.57
C LEU B 13 -10.65 2.87 2.07
N LYS B 14 -10.51 3.91 2.90
CA LYS B 14 -10.49 3.79 4.37
C LYS B 14 -11.74 3.08 4.91
N LYS B 15 -12.93 3.49 4.43
CA LYS B 15 -14.19 2.88 4.89
C LYS B 15 -14.25 1.40 4.54
N LYS B 16 -13.66 1.04 3.38
CA LYS B 16 -13.60 -0.33 2.96
C LYS B 16 -12.65 -1.11 3.88
N LEU B 17 -11.52 -0.48 4.22
CA LEU B 17 -10.56 -1.05 5.19
C LEU B 17 -11.19 -1.26 6.56
N GLN B 18 -12.13 -0.39 6.92
CA GLN B 18 -12.83 -0.48 8.20
C GLN B 18 -13.70 -1.74 8.26
N GLU B 19 -14.19 -2.16 7.11
CA GLU B 19 -14.99 -3.38 6.99
C GLU B 19 -14.10 -4.62 7.12
N PHE B 20 -12.85 -4.49 6.70
CA PHE B 20 -11.86 -5.56 6.85
C PHE B 20 -11.22 -5.53 8.25
N GLY B 21 -11.33 -4.39 8.91
CA GLY B 21 -10.79 -4.22 10.25
C GLY B 21 -9.36 -3.73 10.20
N ILE B 22 -9.09 -2.84 9.27
CA ILE B 22 -7.76 -2.35 9.04
C ILE B 22 -7.76 -0.81 9.00
N THR B 23 -6.79 -0.19 9.63
CA THR B 23 -6.60 1.24 9.54
C THR B 23 -5.36 1.52 8.69
N PHE B 24 -5.07 2.79 8.44
CA PHE B 24 -3.85 3.14 7.71
C PHE B 24 -2.63 2.93 8.60
N LEU B 25 -2.86 2.96 9.91
CA LEU B 25 -1.82 2.75 10.89
C LEU B 25 -1.44 1.26 10.88
N ASP B 26 -2.47 0.39 10.71
CA ASP B 26 -2.27 -1.08 10.60
C ASP B 26 -1.38 -1.42 9.44
N LEU B 27 -1.46 -0.61 8.40
CA LEU B 27 -0.70 -0.81 7.19
C LEU B 27 0.77 -0.51 7.42
N VAL B 28 1.03 0.54 8.22
CA VAL B 28 2.38 0.95 8.59
C VAL B 28 3.06 -0.19 9.39
N LEU B 29 2.26 -0.84 10.23
CA LEU B 29 2.70 -1.94 11.07
C LEU B 29 3.08 -3.19 10.23
N ASN B 30 2.64 -3.24 8.98
CA ASN B 30 2.87 -4.40 8.12
C ASN B 30 3.77 -4.07 6.93
N VAL B 31 4.46 -2.95 7.01
CA VAL B 31 5.37 -2.50 5.96
C VAL B 31 6.66 -3.36 5.90
N PRO B 32 6.97 -3.92 4.70
CA PRO B 32 8.20 -4.69 4.44
C PRO B 32 9.46 -3.88 4.71
N LYS B 33 10.46 -4.55 5.21
CA LYS B 33 11.67 -3.90 5.68
C LYS B 33 12.63 -3.63 4.54
N HIS B 34 12.64 -4.51 3.56
CA HIS B 34 13.57 -4.40 2.45
C HIS B 34 12.87 -4.41 1.12
N ARG B 35 13.54 -3.87 0.12
CA ARG B 35 12.99 -3.62 -1.22
C ARG B 35 12.43 -4.84 -1.94
N ASP B 36 13.03 -6.02 -1.71
CA ASP B 36 12.56 -7.27 -2.33
C ASP B 36 11.16 -7.57 -1.90
N SER B 37 10.98 -7.53 -0.59
CA SER B 37 9.75 -7.82 0.06
C SER B 37 8.69 -6.75 -0.21
N ARG B 38 9.12 -5.51 -0.47
CA ARG B 38 8.19 -4.43 -0.82
C ARG B 38 7.51 -4.77 -2.13
N GLN B 39 8.34 -5.07 -3.13
CA GLN B 39 7.87 -5.40 -4.47
C GLN B 39 7.06 -6.69 -4.46
N LEU B 40 7.53 -7.64 -3.67
CA LEU B 40 6.88 -8.94 -3.49
C LEU B 40 5.46 -8.77 -2.93
N CYS B 41 5.31 -8.09 -1.79
CA CYS B 41 4.01 -7.93 -1.14
C CYS B 41 3.03 -7.11 -1.97
N ILE B 42 3.53 -6.10 -2.67
CA ILE B 42 2.68 -5.29 -3.53
C ILE B 42 2.25 -6.11 -4.76
N ARG B 43 3.13 -7.00 -5.23
CA ARG B 43 2.82 -7.89 -6.36
C ARG B 43 1.77 -8.94 -5.96
N LEU B 44 1.81 -9.38 -4.70
CA LEU B 44 0.82 -10.31 -4.17
C LEU B 44 -0.56 -9.67 -4.25
N ALA B 45 -0.61 -8.43 -3.82
CA ALA B 45 -1.81 -7.62 -3.82
C ALA B 45 -2.25 -7.28 -5.24
N LYS B 46 -1.26 -7.10 -6.11
CA LYS B 46 -1.47 -6.74 -7.49
C LYS B 46 -2.21 -7.87 -8.20
N MET B 47 -1.70 -9.09 -8.06
CA MET B 47 -2.33 -10.25 -8.73
C MET B 47 -3.66 -10.62 -8.08
N LEU B 48 -3.80 -10.26 -6.80
CA LEU B 48 -5.02 -10.47 -6.03
C LEU B 48 -6.11 -9.54 -6.57
N ALA B 49 -5.71 -8.36 -7.02
CA ALA B 49 -6.61 -7.43 -7.62
C ALA B 49 -6.85 -7.75 -9.10
N GLU B 50 -5.81 -8.20 -9.81
CA GLU B 50 -5.91 -8.52 -11.25
C GLU B 50 -6.83 -9.71 -11.50
N ASP B 51 -6.88 -10.63 -10.57
CA ASP B 51 -7.72 -11.79 -10.73
C ASP B 51 -9.03 -11.54 -10.07
N GLU B 52 -10.08 -11.51 -10.87
CA GLU B 52 -11.44 -11.21 -10.43
C GLU B 52 -11.94 -12.17 -9.37
N GLN B 53 -11.61 -13.45 -9.50
CA GLN B 53 -12.09 -14.46 -8.57
C GLN B 53 -11.44 -14.26 -7.23
N MET B 54 -10.13 -14.00 -7.27
CA MET B 54 -9.34 -13.76 -6.05
C MET B 54 -9.83 -12.50 -5.35
N TYR B 55 -10.06 -11.44 -6.11
CA TYR B 55 -10.53 -10.16 -5.58
C TYR B 55 -11.92 -10.31 -4.96
N ASN B 56 -12.78 -11.06 -5.61
CA ASN B 56 -14.10 -11.30 -5.08
C ASN B 56 -14.04 -12.16 -3.82
N ALA B 57 -13.13 -13.12 -3.77
CA ALA B 57 -12.96 -13.98 -2.59
C ALA B 57 -12.43 -13.16 -1.42
N LEU B 58 -11.58 -12.21 -1.75
CA LEU B 58 -11.02 -11.25 -0.80
C LEU B 58 -12.16 -10.45 -0.14
N MET B 59 -13.09 -9.96 -0.96
CA MET B 59 -14.24 -9.19 -0.48
C MET B 59 -15.24 -10.06 0.30
N LYS B 60 -15.45 -11.28 -0.17
CA LYS B 60 -16.38 -12.23 0.44
C LYS B 60 -15.93 -12.70 1.82
N ASN B 61 -14.65 -13.00 1.94
CA ASN B 61 -14.12 -13.55 3.19
C ASN B 61 -13.64 -12.50 4.15
N LYS B 62 -13.41 -11.26 3.64
CA LYS B 62 -12.82 -10.12 4.41
C LYS B 62 -11.42 -10.46 4.88
N ASN B 63 -10.82 -11.33 4.13
CA ASN B 63 -9.52 -11.87 4.33
C ASN B 63 -9.03 -12.23 2.98
N ILE B 64 -7.77 -12.46 2.86
CA ILE B 64 -7.18 -12.84 1.62
C ILE B 64 -7.48 -14.32 1.40
N PRO B 65 -7.87 -14.73 0.18
CA PRO B 65 -7.94 -16.14 -0.15
C PRO B 65 -6.50 -16.69 -0.13
N ARG B 66 -6.13 -17.27 1.00
CA ARG B 66 -4.75 -17.62 1.32
C ARG B 66 -4.24 -18.77 0.49
N ASN B 67 -5.02 -19.82 0.38
CA ASN B 67 -4.63 -21.02 -0.39
C ASN B 67 -4.54 -20.66 -1.87
N GLU B 68 -5.36 -19.70 -2.25
CA GLU B 68 -5.46 -19.18 -3.58
C GLU B 68 -4.19 -18.37 -3.94
N LEU B 69 -3.85 -17.40 -3.10
CA LEU B 69 -2.67 -16.55 -3.30
C LEU B 69 -1.38 -17.39 -3.24
N LYS B 70 -1.42 -18.42 -2.43
CA LYS B 70 -0.31 -19.34 -2.26
C LYS B 70 0.00 -20.09 -3.58
N LYS B 71 -1.03 -20.46 -4.34
CA LYS B 71 -0.81 -21.18 -5.63
C LYS B 71 -0.59 -20.19 -6.79
N LYS B 72 -1.12 -19.00 -6.66
CA LYS B 72 -0.97 -17.95 -7.67
C LYS B 72 0.41 -17.33 -7.63
N ALA B 73 0.80 -16.89 -6.46
CA ALA B 73 2.07 -16.22 -6.29
C ALA B 73 3.18 -17.20 -5.98
N LYS B 74 2.80 -18.43 -5.57
CA LYS B 74 3.74 -19.51 -5.21
C LYS B 74 4.58 -19.10 -4.00
N VAL B 75 3.90 -18.46 -3.07
CA VAL B 75 4.49 -17.95 -1.86
C VAL B 75 4.06 -18.76 -0.67
N HIS B 76 4.59 -18.42 0.46
CA HIS B 76 4.33 -19.13 1.68
C HIS B 76 3.17 -18.53 2.44
N GLY B 77 2.43 -19.41 3.11
CA GLY B 77 1.24 -19.04 3.84
C GLY B 77 1.51 -18.10 5.00
N ARG B 78 2.73 -18.17 5.53
CA ARG B 78 3.14 -17.30 6.62
C ARG B 78 3.20 -15.85 6.13
N THR B 79 3.81 -15.64 4.97
CA THR B 79 3.96 -14.32 4.37
C THR B 79 2.58 -13.71 4.08
N ILE B 80 1.66 -14.54 3.60
CA ILE B 80 0.29 -14.15 3.31
C ILE B 80 -0.42 -13.70 4.61
N GLY B 81 -0.31 -14.52 5.64
CA GLY B 81 -1.02 -14.24 6.89
C GLY B 81 -0.37 -13.13 7.71
N ASN B 82 0.93 -12.96 7.57
CA ASN B 82 1.66 -11.92 8.30
C ASN B 82 1.39 -10.55 7.77
N ASN B 83 1.44 -10.40 6.47
CA ASN B 83 1.38 -9.08 5.86
C ASN B 83 0.00 -8.83 5.28
N ARG B 84 -0.96 -9.61 5.75
CA ARG B 84 -2.33 -9.61 5.22
C ARG B 84 -2.99 -8.23 5.12
N LYS B 85 -2.86 -7.41 6.16
CA LYS B 85 -3.49 -6.09 6.20
C LYS B 85 -2.93 -5.18 5.10
N TYR B 86 -1.64 -5.29 4.89
CA TYR B 86 -0.92 -4.50 3.91
C TYR B 86 -1.31 -4.95 2.51
N ILE B 87 -1.31 -6.26 2.29
CA ILE B 87 -1.65 -6.86 0.99
C ILE B 87 -3.10 -6.51 0.57
N ILE B 88 -4.03 -6.54 1.55
CA ILE B 88 -5.42 -6.18 1.30
C ILE B 88 -5.52 -4.72 0.83
N ALA B 89 -4.75 -3.85 1.48
CA ALA B 89 -4.75 -2.42 1.19
C ALA B 89 -4.38 -2.13 -0.26
N LEU B 90 -3.26 -2.70 -0.76
CA LEU B 90 -2.83 -2.41 -2.14
C LEU B 90 -3.83 -2.95 -3.14
N CYS B 91 -4.36 -4.15 -2.87
CA CYS B 91 -5.35 -4.83 -3.73
C CYS B 91 -6.56 -3.92 -3.95
N LEU B 92 -7.05 -3.36 -2.86
CA LEU B 92 -8.15 -2.44 -2.88
C LEU B 92 -7.83 -1.20 -3.69
N ILE B 93 -6.60 -0.66 -3.53
CA ILE B 93 -6.13 0.54 -4.27
C ILE B 93 -6.20 0.35 -5.80
N PHE B 94 -5.84 -0.86 -6.28
CA PHE B 94 -5.87 -1.15 -7.72
C PHE B 94 -7.28 -1.16 -8.27
N ARG B 95 -8.24 -1.54 -7.44
CA ARG B 95 -9.64 -1.58 -7.84
C ARG B 95 -10.40 -0.35 -7.37
N SER B 96 -9.72 0.58 -6.80
CA SER B 96 -10.32 1.81 -6.34
C SER B 96 -9.91 2.98 -7.22
N ASN B 97 -10.55 4.13 -7.01
CA ASN B 97 -10.34 5.37 -7.81
C ASN B 97 -8.98 6.04 -7.54
N LEU B 98 -8.08 5.33 -6.91
CA LEU B 98 -6.81 5.88 -6.55
C LEU B 98 -5.77 5.47 -7.57
N ASN B 99 -5.94 6.00 -8.78
CA ASN B 99 -5.10 5.70 -9.92
C ASN B 99 -3.69 6.25 -9.81
N LEU B 100 -3.48 7.22 -8.95
CA LEU B 100 -2.16 7.79 -8.77
C LEU B 100 -1.36 6.92 -7.81
N SER B 101 -2.00 6.49 -6.73
CA SER B 101 -1.38 5.60 -5.76
C SER B 101 -1.15 4.23 -6.40
N LYS B 102 -2.10 3.88 -7.26
CA LYS B 102 -2.08 2.68 -8.09
C LYS B 102 -0.82 2.68 -8.92
N ARG B 103 -0.53 3.83 -9.55
CA ARG B 103 0.66 4.02 -10.38
C ARG B 103 1.94 3.78 -9.57
N TYR B 104 1.99 4.30 -8.34
CA TYR B 104 3.12 4.10 -7.45
C TYR B 104 3.37 2.62 -7.16
N LEU B 105 2.32 1.90 -6.99
CA LEU B 105 2.38 0.49 -6.71
C LEU B 105 2.69 -0.32 -7.96
N GLU B 106 2.05 0.04 -9.09
CA GLU B 106 2.22 -0.66 -10.35
C GLU B 106 3.63 -0.47 -10.90
N TYR B 107 4.17 0.76 -10.84
CA TYR B 107 5.49 1.00 -11.43
C TYR B 107 6.59 0.34 -10.60
N TYR B 108 6.42 0.34 -9.29
CA TYR B 108 7.42 -0.18 -8.39
C TYR B 108 7.58 -1.70 -8.52
N THR B 109 6.49 -2.37 -8.81
CA THR B 109 6.52 -3.79 -8.99
C THR B 109 6.96 -4.19 -10.41
N MET B 110 6.60 -3.35 -11.39
CA MET B 110 6.90 -3.63 -12.80
C MET B 110 8.40 -3.46 -13.10
N LEU B 111 9.10 -2.69 -12.23
CA LEU B 111 10.55 -2.41 -12.35
C LEU B 111 11.35 -3.65 -12.72
N GLU B 112 11.16 -4.71 -12.00
CA GLU B 112 11.85 -5.93 -12.33
C GLU B 112 10.89 -6.97 -12.87
N HIS B 113 9.68 -6.97 -12.34
CA HIS B 113 8.76 -8.07 -12.55
C HIS B 113 7.71 -7.85 -13.65
N HIS B 114 7.95 -6.88 -14.55
CA HIS B 114 7.05 -6.71 -15.70
C HIS B 114 7.47 -7.74 -16.75
N HIS B 115 8.66 -7.54 -17.33
CA HIS B 115 9.18 -8.49 -18.30
C HIS B 115 10.71 -8.41 -18.32
N HIS B 116 11.30 -7.82 -17.27
CA HIS B 116 12.77 -7.70 -17.18
C HIS B 116 13.41 -9.02 -16.83
N HIS B 117 12.66 -9.87 -16.18
CA HIS B 117 13.11 -11.20 -15.91
C HIS B 117 12.28 -12.15 -16.76
N HIS B 118 12.93 -13.10 -17.36
CA HIS B 118 12.26 -14.06 -18.19
C HIS B 118 12.11 -15.36 -17.42
N SER A 1 18.80 14.14 5.35
CA SER A 1 19.09 12.72 5.23
C SER A 1 19.09 12.31 3.74
N MET A 2 17.90 12.26 3.15
CA MET A 2 17.68 11.87 1.76
C MET A 2 16.20 12.04 1.47
N ASN A 3 15.87 12.78 0.45
CA ASN A 3 14.48 13.06 0.15
C ASN A 3 13.79 11.93 -0.58
N ARG A 4 12.61 11.63 -0.13
CA ARG A 4 11.76 10.59 -0.69
C ARG A 4 10.42 11.22 -0.96
N LEU A 5 9.71 10.73 -1.93
CA LEU A 5 8.40 11.29 -2.25
C LEU A 5 7.31 10.37 -1.78
N GLY A 6 6.14 10.91 -1.62
CA GLY A 6 5.04 10.13 -1.18
C GLY A 6 3.71 10.79 -1.42
N ILE A 7 2.68 9.99 -1.27
CA ILE A 7 1.30 10.42 -1.42
C ILE A 7 0.62 10.30 -0.07
N ILE A 8 -0.05 11.34 0.33
CA ILE A 8 -0.63 11.44 1.66
C ILE A 8 -1.98 10.73 1.72
N TYR A 9 -2.08 9.79 2.62
CA TYR A 9 -3.31 9.05 2.82
C TYR A 9 -4.09 9.51 4.03
N GLU A 10 -3.43 9.91 5.10
CA GLU A 10 -4.16 10.36 6.27
C GLU A 10 -3.28 11.24 7.14
N ILE A 11 -3.87 12.29 7.70
CA ILE A 11 -3.17 13.21 8.58
C ILE A 11 -3.49 12.80 10.00
N GLN A 12 -2.49 12.42 10.74
CA GLN A 12 -2.65 11.97 12.10
C GLN A 12 -2.07 13.05 13.01
N GLY A 13 -2.84 14.09 13.23
CA GLY A 13 -2.41 15.20 14.06
C GLY A 13 -1.20 15.95 13.48
N MET A 14 -0.04 15.69 14.04
CA MET A 14 1.20 16.39 13.67
C MET A 14 2.04 15.51 12.74
N LYS A 15 1.49 14.40 12.33
CA LYS A 15 2.18 13.46 11.48
C LYS A 15 1.23 12.97 10.38
N ALA A 16 1.74 12.31 9.38
CA ALA A 16 0.92 11.85 8.26
C ALA A 16 1.36 10.49 7.77
N VAL A 17 0.40 9.71 7.30
CA VAL A 17 0.66 8.40 6.72
C VAL A 17 0.75 8.58 5.21
N VAL A 18 1.89 8.26 4.64
CA VAL A 18 2.12 8.44 3.22
C VAL A 18 2.54 7.14 2.54
N LEU A 19 2.28 7.06 1.25
CA LEU A 19 2.76 5.99 0.37
C LEU A 19 4.00 6.48 -0.27
N THR A 20 5.10 5.87 0.03
CA THR A 20 6.36 6.32 -0.49
C THR A 20 6.52 5.99 -1.97
N SER A 21 7.60 6.47 -2.54
CA SER A 21 8.02 6.19 -3.91
C SER A 21 8.38 4.69 -4.09
N GLU A 22 8.46 3.99 -2.96
CA GLU A 22 8.81 2.61 -2.88
C GLU A 22 7.60 1.76 -2.41
N GLY A 23 6.43 2.40 -2.31
CA GLY A 23 5.19 1.70 -1.97
C GLY A 23 5.05 1.31 -0.50
N GLU A 24 5.66 2.06 0.38
CA GLU A 24 5.56 1.77 1.80
C GLU A 24 4.62 2.75 2.44
N PHE A 25 3.82 2.29 3.37
CA PHE A 25 3.01 3.20 4.16
C PHE A 25 3.86 3.59 5.34
N LEU A 26 4.24 4.81 5.42
CA LEU A 26 5.08 5.26 6.49
C LEU A 26 4.51 6.49 7.10
N ILE A 27 4.68 6.63 8.38
CA ILE A 27 4.21 7.79 9.07
C ILE A 27 5.37 8.75 9.15
N ILE A 28 5.17 9.91 8.66
CA ILE A 28 6.17 10.93 8.68
C ILE A 28 5.63 12.15 9.38
N ARG A 29 6.49 13.11 9.64
CA ARG A 29 6.12 14.36 10.29
C ARG A 29 5.37 15.23 9.31
N ARG A 30 4.32 15.89 9.77
CA ARG A 30 3.49 16.69 8.89
C ARG A 30 4.23 17.94 8.43
N ARG A 31 4.27 18.10 7.13
CA ARG A 31 4.92 19.21 6.50
C ARG A 31 3.88 20.12 5.84
N LYS A 32 4.37 21.22 5.26
CA LYS A 32 3.57 22.29 4.64
C LYS A 32 2.48 21.84 3.67
N ASP A 33 2.83 20.97 2.77
CA ASP A 33 1.95 20.60 1.66
C ASP A 33 1.05 19.43 1.99
N MET A 34 0.91 19.14 3.26
CA MET A 34 0.18 17.98 3.66
C MET A 34 -1.31 18.16 3.78
N LYS A 35 -1.97 17.48 2.87
CA LYS A 35 -3.39 17.43 2.73
C LYS A 35 -3.65 16.03 2.15
N VAL A 36 -4.66 15.35 2.64
CA VAL A 36 -5.01 13.99 2.20
C VAL A 36 -5.28 13.92 0.69
N GLY A 37 -4.47 13.15 0.01
CA GLY A 37 -4.58 12.98 -1.40
C GLY A 37 -3.46 13.67 -2.16
N GLN A 38 -2.88 14.66 -1.55
CA GLN A 38 -1.82 15.41 -2.21
C GLN A 38 -0.47 14.70 -2.13
N GLN A 39 0.44 15.11 -2.99
CA GLN A 39 1.79 14.55 -3.02
C GLN A 39 2.69 15.41 -2.15
N VAL A 40 3.76 14.84 -1.67
CA VAL A 40 4.72 15.56 -0.85
C VAL A 40 6.12 14.99 -1.05
N SER A 41 7.10 15.85 -1.13
CA SER A 41 8.48 15.44 -1.16
C SER A 41 9.04 15.73 0.23
N PHE A 42 9.44 14.71 0.92
CA PHE A 42 9.83 14.83 2.31
C PHE A 42 11.19 14.23 2.53
N GLU A 43 11.62 14.27 3.75
CA GLU A 43 12.88 13.75 4.14
C GLU A 43 12.74 12.38 4.78
N ASN A 44 13.82 11.64 4.75
CA ASN A 44 13.88 10.31 5.34
C ASN A 44 13.96 10.43 6.87
N GLU A 45 14.38 11.61 7.30
CA GLU A 45 14.45 11.94 8.72
C GLU A 45 13.10 12.38 9.28
N ASP A 46 12.15 12.61 8.39
CA ASP A 46 10.77 12.91 8.77
C ASP A 46 10.02 11.65 9.17
N ILE A 47 10.56 10.51 8.80
CA ILE A 47 9.90 9.21 9.01
C ILE A 47 9.98 8.76 10.48
N TYR A 48 8.84 8.37 11.01
CA TYR A 48 8.70 7.82 12.34
C TYR A 48 9.18 6.38 12.38
N ASN A 49 9.29 5.87 13.58
CA ASN A 49 9.82 4.55 13.79
C ASN A 49 8.71 3.57 14.06
N VAL A 50 8.41 2.72 13.09
CA VAL A 50 7.35 1.73 13.26
C VAL A 50 7.97 0.34 13.54
N ARG A 51 9.30 0.30 13.60
CA ARG A 51 10.02 -0.93 13.92
C ARG A 51 9.94 -1.15 15.42
N GLY A 52 8.79 -1.64 15.84
CA GLY A 52 8.45 -1.71 17.22
C GLY A 52 8.13 -0.32 17.70
N LYS A 53 9.06 0.26 18.40
CA LYS A 53 9.02 1.61 18.85
C LYS A 53 10.45 2.06 19.06
N MET B 1 -8.47 15.50 -14.33
CA MET B 1 -7.22 15.03 -14.91
C MET B 1 -6.07 15.60 -14.14
N GLU B 2 -5.55 14.83 -13.21
CA GLU B 2 -4.46 15.28 -12.36
C GLU B 2 -3.75 14.14 -11.73
N ASP B 3 -2.55 14.40 -11.29
CA ASP B 3 -1.77 13.43 -10.56
C ASP B 3 -1.79 13.78 -9.10
N ILE B 4 -2.98 13.88 -8.60
CA ILE B 4 -3.25 14.13 -7.21
C ILE B 4 -4.42 13.23 -6.90
N GLU B 5 -4.47 12.73 -5.73
CA GLU B 5 -5.50 11.82 -5.32
C GLU B 5 -6.59 12.60 -4.63
N ALA B 6 -7.79 12.10 -4.71
CA ALA B 6 -8.91 12.78 -4.09
C ALA B 6 -9.13 12.25 -2.70
N ARG B 7 -9.28 13.17 -1.74
CA ARG B 7 -9.49 12.82 -0.32
C ARG B 7 -10.73 11.96 -0.14
N GLU B 8 -11.79 12.33 -0.86
CA GLU B 8 -13.05 11.61 -0.84
C GLU B 8 -12.86 10.14 -1.20
N ASP B 9 -11.98 9.89 -2.17
CA ASP B 9 -11.69 8.55 -2.63
C ASP B 9 -10.75 7.83 -1.67
N ILE B 10 -9.80 8.57 -1.09
CA ILE B 10 -8.85 8.01 -0.09
C ILE B 10 -9.66 7.47 1.09
N GLU B 11 -10.59 8.27 1.57
CA GLU B 11 -11.38 7.91 2.70
C GLU B 11 -12.48 6.90 2.37
N GLU B 12 -12.83 6.76 1.11
CA GLU B 12 -13.75 5.71 0.72
C GLU B 12 -13.02 4.38 0.57
N LEU B 13 -11.74 4.46 0.33
CA LEU B 13 -10.87 3.32 0.40
C LEU B 13 -10.78 2.91 1.90
N LYS B 14 -10.61 3.93 2.75
CA LYS B 14 -10.58 3.80 4.21
C LYS B 14 -11.84 3.12 4.74
N LYS B 15 -13.03 3.51 4.23
CA LYS B 15 -14.30 2.95 4.72
C LYS B 15 -14.40 1.47 4.34
N LYS B 16 -13.77 1.10 3.24
CA LYS B 16 -13.75 -0.27 2.81
C LYS B 16 -12.83 -1.07 3.74
N LEU B 17 -11.68 -0.47 4.07
CA LEU B 17 -10.74 -1.02 5.05
C LEU B 17 -11.41 -1.17 6.43
N GLN B 18 -12.38 -0.31 6.72
CA GLN B 18 -13.10 -0.36 7.99
C GLN B 18 -13.97 -1.61 8.08
N GLU B 19 -14.48 -2.07 6.94
CA GLU B 19 -15.24 -3.32 6.89
C GLU B 19 -14.34 -4.53 7.14
N PHE B 20 -13.08 -4.41 6.74
CA PHE B 20 -12.09 -5.47 6.96
C PHE B 20 -11.49 -5.41 8.37
N GLY B 21 -11.52 -4.22 8.96
CA GLY B 21 -10.94 -4.01 10.29
C GLY B 21 -9.49 -3.57 10.16
N ILE B 22 -9.24 -2.70 9.21
CA ILE B 22 -7.91 -2.25 8.89
C ILE B 22 -7.85 -0.72 8.89
N THR B 23 -6.86 -0.17 9.54
CA THR B 23 -6.61 1.25 9.49
C THR B 23 -5.38 1.49 8.63
N PHE B 24 -5.08 2.74 8.37
CA PHE B 24 -3.87 3.09 7.63
C PHE B 24 -2.64 2.87 8.53
N LEU B 25 -2.87 2.90 9.85
CA LEU B 25 -1.82 2.65 10.83
C LEU B 25 -1.45 1.17 10.83
N ASP B 26 -2.48 0.31 10.64
CA ASP B 26 -2.31 -1.15 10.50
C ASP B 26 -1.40 -1.48 9.35
N LEU B 27 -1.53 -0.70 8.31
CA LEU B 27 -0.78 -0.88 7.09
C LEU B 27 0.68 -0.60 7.31
N VAL B 28 0.98 0.43 8.10
CA VAL B 28 2.35 0.82 8.43
C VAL B 28 3.03 -0.31 9.24
N LEU B 29 2.24 -0.97 10.09
CA LEU B 29 2.69 -2.09 10.90
C LEU B 29 2.96 -3.33 10.02
N ASN B 30 2.31 -3.40 8.87
CA ASN B 30 2.44 -4.56 7.95
C ASN B 30 3.39 -4.25 6.79
N VAL B 31 4.11 -3.16 6.88
CA VAL B 31 5.03 -2.75 5.81
C VAL B 31 6.29 -3.64 5.75
N PRO B 32 6.58 -4.20 4.54
CA PRO B 32 7.81 -4.98 4.26
C PRO B 32 9.09 -4.19 4.60
N LYS B 33 10.15 -4.91 4.90
CA LYS B 33 11.34 -4.27 5.47
C LYS B 33 12.33 -3.76 4.43
N HIS B 34 12.37 -4.40 3.28
CA HIS B 34 13.33 -4.04 2.24
C HIS B 34 12.70 -4.12 0.86
N ARG B 35 13.43 -3.63 -0.15
CA ARG B 35 12.94 -3.50 -1.55
C ARG B 35 12.26 -4.75 -2.11
N ASP B 36 12.91 -5.90 -1.96
CA ASP B 36 12.44 -7.19 -2.47
C ASP B 36 11.09 -7.51 -1.89
N SER B 37 11.00 -7.40 -0.58
CA SER B 37 9.82 -7.70 0.18
C SER B 37 8.65 -6.79 -0.23
N ARG B 38 8.94 -5.50 -0.49
CA ARG B 38 7.92 -4.52 -0.90
C ARG B 38 7.31 -4.96 -2.21
N GLN B 39 8.19 -5.13 -3.21
CA GLN B 39 7.81 -5.51 -4.56
C GLN B 39 7.05 -6.81 -4.58
N LEU B 40 7.50 -7.75 -3.79
CA LEU B 40 6.88 -9.07 -3.67
C LEU B 40 5.44 -8.95 -3.10
N CYS B 41 5.26 -8.24 -2.00
CA CYS B 41 3.96 -8.14 -1.35
C CYS B 41 2.94 -7.29 -2.12
N ILE B 42 3.41 -6.22 -2.77
CA ILE B 42 2.54 -5.40 -3.61
C ILE B 42 2.11 -6.20 -4.85
N ARG B 43 3.02 -7.06 -5.30
CA ARG B 43 2.81 -7.95 -6.45
C ARG B 43 1.72 -8.99 -6.12
N LEU B 44 1.69 -9.44 -4.86
CA LEU B 44 0.69 -10.40 -4.39
C LEU B 44 -0.67 -9.75 -4.43
N ALA B 45 -0.72 -8.51 -3.96
CA ALA B 45 -1.92 -7.71 -3.94
C ALA B 45 -2.36 -7.33 -5.34
N LYS B 46 -1.38 -7.17 -6.23
CA LYS B 46 -1.61 -6.81 -7.61
C LYS B 46 -2.35 -7.93 -8.29
N MET B 47 -1.85 -9.16 -8.17
CA MET B 47 -2.49 -10.33 -8.82
C MET B 47 -3.83 -10.67 -8.13
N LEU B 48 -3.95 -10.30 -6.86
CA LEU B 48 -5.19 -10.48 -6.08
C LEU B 48 -6.28 -9.54 -6.63
N ALA B 49 -5.88 -8.37 -7.11
CA ALA B 49 -6.78 -7.42 -7.72
C ALA B 49 -7.00 -7.72 -9.20
N GLU B 50 -6.00 -8.34 -9.83
CA GLU B 50 -6.09 -8.69 -11.26
C GLU B 50 -7.05 -9.82 -11.52
N ASP B 51 -7.24 -10.65 -10.54
CA ASP B 51 -8.09 -11.81 -10.67
C ASP B 51 -9.40 -11.56 -9.95
N GLU B 52 -10.50 -11.55 -10.72
CA GLU B 52 -11.86 -11.35 -10.19
C GLU B 52 -12.26 -12.38 -9.15
N GLN B 53 -11.84 -13.61 -9.33
CA GLN B 53 -12.21 -14.69 -8.44
C GLN B 53 -11.53 -14.50 -7.08
N MET B 54 -10.26 -14.15 -7.12
CA MET B 54 -9.49 -13.90 -5.90
C MET B 54 -9.99 -12.65 -5.19
N TYR B 55 -10.26 -11.59 -5.97
CA TYR B 55 -10.78 -10.33 -5.46
C TYR B 55 -12.12 -10.52 -4.75
N ASN B 56 -12.99 -11.34 -5.33
CA ASN B 56 -14.29 -11.58 -4.72
C ASN B 56 -14.20 -12.44 -3.49
N ALA B 57 -13.24 -13.36 -3.46
CA ALA B 57 -13.02 -14.18 -2.27
C ALA B 57 -12.52 -13.31 -1.14
N LEU B 58 -11.68 -12.35 -1.50
CA LEU B 58 -11.14 -11.36 -0.59
C LEU B 58 -12.29 -10.53 0.03
N MET B 59 -13.19 -10.04 -0.81
CA MET B 59 -14.33 -9.23 -0.38
C MET B 59 -15.35 -9.99 0.45
N LYS B 60 -15.70 -11.20 0.01
CA LYS B 60 -16.71 -12.01 0.68
C LYS B 60 -16.26 -12.54 2.04
N ASN B 61 -15.00 -12.87 2.17
CA ASN B 61 -14.52 -13.45 3.43
C ASN B 61 -13.96 -12.40 4.36
N LYS B 62 -13.52 -11.25 3.80
CA LYS B 62 -12.83 -10.14 4.54
C LYS B 62 -11.44 -10.57 4.95
N ASN B 63 -10.99 -11.61 4.31
CA ASN B 63 -9.73 -12.22 4.53
C ASN B 63 -9.17 -12.53 3.19
N ILE B 64 -7.88 -12.72 3.12
CA ILE B 64 -7.22 -13.02 1.87
C ILE B 64 -7.48 -14.49 1.56
N PRO B 65 -7.80 -14.85 0.31
CA PRO B 65 -7.82 -16.25 -0.10
C PRO B 65 -6.37 -16.76 -0.13
N ARG B 66 -5.90 -17.21 1.01
CA ARG B 66 -4.52 -17.58 1.24
C ARG B 66 -4.11 -18.77 0.42
N ASN B 67 -5.00 -19.76 0.35
CA ASN B 67 -4.75 -20.99 -0.43
C ASN B 67 -4.57 -20.68 -1.90
N GLU B 68 -5.41 -19.79 -2.40
CA GLU B 68 -5.40 -19.38 -3.79
C GLU B 68 -4.19 -18.49 -4.09
N LEU B 69 -3.85 -17.61 -3.14
CA LEU B 69 -2.74 -16.68 -3.32
C LEU B 69 -1.39 -17.39 -3.29
N LYS B 70 -1.16 -18.28 -2.33
CA LYS B 70 0.11 -18.98 -2.22
C LYS B 70 0.32 -19.92 -3.40
N LYS B 71 -0.79 -20.35 -3.98
CA LYS B 71 -0.82 -21.17 -5.16
C LYS B 71 -0.31 -20.38 -6.38
N LYS B 72 -0.99 -19.28 -6.65
CA LYS B 72 -0.81 -18.49 -7.85
C LYS B 72 0.45 -17.63 -7.80
N ALA B 73 0.79 -17.14 -6.62
CA ALA B 73 1.96 -16.31 -6.46
C ALA B 73 3.21 -17.14 -6.18
N LYS B 74 2.98 -18.38 -5.69
CA LYS B 74 4.03 -19.34 -5.30
C LYS B 74 4.79 -18.81 -4.07
N VAL B 75 4.04 -18.42 -3.07
CA VAL B 75 4.60 -17.82 -1.87
C VAL B 75 4.35 -18.63 -0.60
N HIS B 76 4.82 -18.10 0.51
CA HIS B 76 4.74 -18.69 1.82
C HIS B 76 3.49 -18.21 2.53
N GLY B 77 2.98 -19.05 3.41
CA GLY B 77 1.80 -18.72 4.17
C GLY B 77 2.07 -17.63 5.18
N ARG B 78 3.30 -17.59 5.72
CA ARG B 78 3.69 -16.55 6.67
C ARG B 78 3.77 -15.20 6.04
N THR B 79 4.11 -15.16 4.78
CA THR B 79 4.23 -13.93 4.07
C THR B 79 2.85 -13.27 3.94
N ILE B 80 1.87 -14.10 3.59
CA ILE B 80 0.51 -13.68 3.44
C ILE B 80 -0.08 -13.30 4.80
N GLY B 81 0.18 -14.12 5.81
CA GLY B 81 -0.40 -13.90 7.13
C GLY B 81 0.24 -12.79 7.94
N ASN B 82 1.45 -12.40 7.61
CA ASN B 82 2.10 -11.30 8.35
C ASN B 82 1.77 -9.96 7.76
N ASN B 83 1.81 -9.88 6.46
CA ASN B 83 1.57 -8.63 5.74
C ASN B 83 0.16 -8.61 5.21
N ARG B 84 -0.73 -9.34 5.89
CA ARG B 84 -2.12 -9.55 5.50
C ARG B 84 -2.91 -8.29 5.22
N LYS B 85 -2.88 -7.33 6.13
CA LYS B 85 -3.64 -6.12 5.97
C LYS B 85 -3.06 -5.23 4.87
N TYR B 86 -1.75 -5.33 4.71
CA TYR B 86 -1.02 -4.59 3.69
C TYR B 86 -1.44 -5.09 2.31
N ILE B 87 -1.44 -6.42 2.13
CA ILE B 87 -1.84 -7.07 0.87
C ILE B 87 -3.28 -6.69 0.49
N ILE B 88 -4.16 -6.63 1.48
CA ILE B 88 -5.55 -6.24 1.27
C ILE B 88 -5.62 -4.78 0.77
N ALA B 89 -4.84 -3.91 1.40
CA ALA B 89 -4.81 -2.49 1.08
C ALA B 89 -4.44 -2.21 -0.36
N LEU B 90 -3.32 -2.79 -0.86
CA LEU B 90 -2.90 -2.50 -2.24
C LEU B 90 -3.90 -3.03 -3.23
N CYS B 91 -4.45 -4.23 -2.95
CA CYS B 91 -5.47 -4.86 -3.80
C CYS B 91 -6.66 -3.92 -4.00
N LEU B 92 -7.10 -3.34 -2.90
CA LEU B 92 -8.17 -2.39 -2.92
C LEU B 92 -7.78 -1.13 -3.68
N ILE B 93 -6.54 -0.64 -3.51
CA ILE B 93 -6.02 0.56 -4.23
C ILE B 93 -6.08 0.36 -5.76
N PHE B 94 -5.73 -0.85 -6.24
CA PHE B 94 -5.75 -1.15 -7.68
C PHE B 94 -7.19 -1.15 -8.22
N ARG B 95 -8.13 -1.43 -7.34
CA ARG B 95 -9.55 -1.44 -7.70
C ARG B 95 -10.26 -0.15 -7.30
N SER B 96 -9.50 0.78 -6.79
CA SER B 96 -10.03 2.05 -6.38
C SER B 96 -9.76 3.13 -7.43
N ASN B 97 -10.38 4.28 -7.22
CA ASN B 97 -10.27 5.43 -8.13
C ASN B 97 -8.96 6.19 -7.89
N LEU B 98 -8.13 5.67 -7.01
CA LEU B 98 -6.86 6.25 -6.69
C LEU B 98 -5.83 5.77 -7.69
N ASN B 99 -5.71 6.51 -8.76
CA ASN B 99 -4.86 6.14 -9.86
C ASN B 99 -3.42 6.56 -9.68
N LEU B 100 -3.17 7.53 -8.85
CA LEU B 100 -1.82 7.99 -8.64
C LEU B 100 -1.07 7.01 -7.74
N SER B 101 -1.72 6.57 -6.69
CA SER B 101 -1.16 5.61 -5.77
C SER B 101 -1.07 4.25 -6.45
N LYS B 102 -2.07 3.96 -7.30
CA LYS B 102 -2.09 2.76 -8.15
C LYS B 102 -0.84 2.77 -9.03
N ARG B 103 -0.55 3.94 -9.64
CA ARG B 103 0.60 4.14 -10.52
C ARG B 103 1.91 3.81 -9.77
N TYR B 104 2.02 4.35 -8.55
CA TYR B 104 3.19 4.15 -7.69
C TYR B 104 3.43 2.67 -7.37
N LEU B 105 2.37 1.97 -7.11
CA LEU B 105 2.45 0.57 -6.79
C LEU B 105 2.72 -0.29 -8.03
N GLU B 106 2.06 0.05 -9.16
CA GLU B 106 2.22 -0.70 -10.40
C GLU B 106 3.61 -0.55 -10.99
N TYR B 107 4.16 0.66 -11.00
CA TYR B 107 5.47 0.85 -11.62
C TYR B 107 6.56 0.19 -10.77
N TYR B 108 6.40 0.26 -9.45
CA TYR B 108 7.40 -0.25 -8.54
C TYR B 108 7.48 -1.79 -8.58
N THR B 109 6.36 -2.42 -8.86
CA THR B 109 6.35 -3.86 -8.95
C THR B 109 6.78 -4.38 -10.32
N MET B 110 6.54 -3.59 -11.37
CA MET B 110 6.89 -4.04 -12.72
C MET B 110 8.39 -3.97 -12.94
N LEU B 111 9.11 -3.26 -12.05
CA LEU B 111 10.57 -3.07 -12.11
C LEU B 111 11.37 -4.39 -12.00
N GLU B 112 10.71 -5.47 -11.64
CA GLU B 112 11.34 -6.76 -11.55
C GLU B 112 11.23 -7.47 -12.88
N HIS B 113 12.38 -7.76 -13.54
CA HIS B 113 12.41 -8.56 -14.81
C HIS B 113 11.61 -7.83 -15.95
N HIS B 114 11.66 -6.51 -15.93
CA HIS B 114 10.94 -5.72 -16.89
C HIS B 114 11.77 -5.55 -18.15
N HIS B 115 12.91 -4.90 -18.01
CA HIS B 115 13.75 -4.63 -19.13
C HIS B 115 15.19 -4.70 -18.69
N HIS B 116 15.88 -5.65 -19.21
CA HIS B 116 17.29 -5.83 -18.99
C HIS B 116 17.76 -6.51 -20.23
N HIS B 117 18.89 -6.13 -20.78
CA HIS B 117 19.40 -6.79 -21.96
C HIS B 117 19.79 -8.21 -21.57
N HIS B 118 19.14 -9.16 -22.18
CA HIS B 118 19.41 -10.54 -21.93
C HIS B 118 20.22 -11.07 -23.08
N SER A 1 18.98 16.15 3.36
CA SER A 1 19.00 15.94 1.93
C SER A 1 18.97 14.43 1.59
N MET A 2 17.78 13.89 1.59
CA MET A 2 17.49 12.51 1.23
C MET A 2 15.99 12.44 1.05
N ASN A 3 15.56 12.82 -0.14
CA ASN A 3 14.16 12.97 -0.41
C ASN A 3 13.51 11.74 -0.91
N ARG A 4 12.43 11.44 -0.28
CA ARG A 4 11.55 10.37 -0.62
C ARG A 4 10.23 11.00 -0.89
N LEU A 5 9.57 10.55 -1.90
CA LEU A 5 8.32 11.15 -2.30
C LEU A 5 7.21 10.28 -1.86
N GLY A 6 6.00 10.80 -1.92
CA GLY A 6 4.89 9.99 -1.60
C GLY A 6 3.59 10.71 -1.67
N ILE A 7 2.53 10.02 -1.33
CA ILE A 7 1.17 10.52 -1.40
C ILE A 7 0.56 10.44 0.00
N ILE A 8 -0.04 11.51 0.44
CA ILE A 8 -0.61 11.60 1.78
C ILE A 8 -1.95 10.89 1.86
N TYR A 9 -2.03 9.93 2.74
CA TYR A 9 -3.23 9.14 2.89
C TYR A 9 -4.07 9.52 4.10
N GLU A 10 -3.46 9.98 5.18
CA GLU A 10 -4.25 10.38 6.32
C GLU A 10 -3.47 11.27 7.25
N ILE A 11 -4.09 12.34 7.69
CA ILE A 11 -3.50 13.24 8.64
C ILE A 11 -4.00 12.83 10.02
N GLN A 12 -3.12 12.31 10.82
CA GLN A 12 -3.47 11.85 12.14
C GLN A 12 -2.89 12.79 13.16
N GLY A 13 -3.53 13.91 13.35
CA GLY A 13 -3.06 14.89 14.29
C GLY A 13 -1.84 15.66 13.78
N MET A 14 -0.67 15.32 14.32
CA MET A 14 0.57 16.02 13.99
C MET A 14 1.49 15.09 13.16
N LYS A 15 0.95 14.02 12.71
CA LYS A 15 1.68 13.07 11.91
C LYS A 15 0.79 12.67 10.76
N ALA A 16 1.35 12.09 9.75
CA ALA A 16 0.58 11.70 8.59
C ALA A 16 1.04 10.39 8.05
N VAL A 17 0.10 9.57 7.65
CA VAL A 17 0.41 8.31 7.02
C VAL A 17 0.48 8.58 5.55
N VAL A 18 1.61 8.35 5.00
CA VAL A 18 1.85 8.61 3.61
C VAL A 18 2.36 7.35 2.94
N LEU A 19 2.24 7.31 1.65
CA LEU A 19 2.88 6.31 0.84
C LEU A 19 4.23 6.83 0.51
N THR A 20 5.16 5.99 0.32
CA THR A 20 6.42 6.41 -0.17
C THR A 20 6.48 6.12 -1.65
N SER A 21 7.56 6.48 -2.25
CA SER A 21 7.84 6.22 -3.63
C SER A 21 8.13 4.72 -3.86
N GLU A 22 8.27 4.00 -2.76
CA GLU A 22 8.51 2.59 -2.76
C GLU A 22 7.29 1.81 -2.25
N GLY A 23 6.14 2.50 -2.17
CA GLY A 23 4.87 1.86 -1.83
C GLY A 23 4.73 1.45 -0.37
N GLU A 24 5.41 2.13 0.50
CA GLU A 24 5.30 1.83 1.93
C GLU A 24 4.33 2.78 2.55
N PHE A 25 3.51 2.31 3.44
CA PHE A 25 2.69 3.20 4.23
C PHE A 25 3.50 3.50 5.45
N LEU A 26 3.91 4.72 5.59
CA LEU A 26 4.73 5.11 6.70
C LEU A 26 4.21 6.38 7.28
N ILE A 27 4.46 6.58 8.53
CA ILE A 27 4.01 7.75 9.21
C ILE A 27 5.13 8.76 9.19
N ILE A 28 4.88 9.95 8.76
CA ILE A 28 5.88 10.98 8.80
C ILE A 28 5.38 12.17 9.60
N ARG A 29 6.27 13.12 9.82
CA ARG A 29 5.96 14.37 10.50
C ARG A 29 5.03 15.20 9.63
N ARG A 30 4.00 15.80 10.23
CA ARG A 30 3.06 16.63 9.48
C ARG A 30 3.74 17.91 9.02
N ARG A 31 3.49 18.27 7.80
CA ARG A 31 4.00 19.47 7.20
C ARG A 31 2.87 20.46 6.94
N LYS A 32 3.25 21.68 6.68
CA LYS A 32 2.36 22.81 6.41
C LYS A 32 1.55 22.59 5.12
N ASP A 33 2.18 21.96 4.16
CA ASP A 33 1.62 21.70 2.82
C ASP A 33 0.87 20.37 2.76
N MET A 34 0.48 19.84 3.91
CA MET A 34 -0.20 18.57 3.94
C MET A 34 -1.70 18.63 3.83
N LYS A 35 -2.19 17.76 2.99
CA LYS A 35 -3.58 17.54 2.72
C LYS A 35 -3.70 16.11 2.23
N VAL A 36 -4.73 15.43 2.67
CA VAL A 36 -4.98 14.06 2.27
C VAL A 36 -5.30 14.01 0.77
N GLY A 37 -4.51 13.26 0.04
CA GLY A 37 -4.65 13.17 -1.38
C GLY A 37 -3.52 13.84 -2.13
N GLN A 38 -2.81 14.73 -1.46
CA GLN A 38 -1.72 15.44 -2.10
C GLN A 38 -0.42 14.68 -2.00
N GLN A 39 0.49 15.03 -2.86
CA GLN A 39 1.80 14.47 -2.84
C GLN A 39 2.76 15.32 -2.07
N VAL A 40 3.79 14.71 -1.58
CA VAL A 40 4.77 15.38 -0.77
C VAL A 40 6.15 14.77 -1.02
N SER A 41 7.16 15.61 -1.04
CA SER A 41 8.53 15.15 -1.12
C SER A 41 9.20 15.51 0.18
N PHE A 42 9.56 14.52 0.94
CA PHE A 42 10.01 14.70 2.30
C PHE A 42 11.36 14.06 2.53
N GLU A 43 11.84 14.17 3.73
CA GLU A 43 13.11 13.62 4.11
C GLU A 43 12.93 12.26 4.73
N ASN A 44 14.02 11.54 4.79
CA ASN A 44 14.05 10.22 5.42
C ASN A 44 13.98 10.39 6.94
N GLU A 45 14.36 11.58 7.37
CA GLU A 45 14.41 11.98 8.76
C GLU A 45 12.98 12.24 9.33
N ASP A 46 12.02 12.39 8.44
CA ASP A 46 10.63 12.64 8.85
C ASP A 46 9.88 11.34 9.09
N ILE A 47 10.45 10.26 8.58
CA ILE A 47 9.85 8.94 8.65
C ILE A 47 9.92 8.35 10.06
N TYR A 48 8.76 7.99 10.57
CA TYR A 48 8.64 7.26 11.81
C TYR A 48 8.78 5.80 11.43
N ASN A 49 9.51 5.08 12.21
CA ASN A 49 9.76 3.68 11.94
C ASN A 49 8.59 2.84 12.42
N VAL A 50 8.63 1.57 12.14
CA VAL A 50 7.52 0.74 12.49
C VAL A 50 7.86 -0.23 13.65
N ARG A 51 9.08 -0.15 14.15
CA ARG A 51 9.48 -0.96 15.29
C ARG A 51 8.88 -0.35 16.55
N GLY A 52 8.94 0.97 16.61
CA GLY A 52 8.36 1.72 17.67
C GLY A 52 8.40 3.18 17.35
N LYS A 53 8.46 4.02 18.33
CA LYS A 53 8.48 5.44 18.10
C LYS A 53 9.53 6.01 19.02
N MET B 1 -5.40 20.09 -14.00
CA MET B 1 -5.50 18.83 -13.31
C MET B 1 -4.11 18.27 -13.19
N GLU B 2 -3.67 18.08 -11.99
CA GLU B 2 -2.33 17.63 -11.73
C GLU B 2 -2.36 16.28 -11.05
N ASP B 3 -1.22 15.81 -10.60
CA ASP B 3 -1.12 14.51 -9.95
C ASP B 3 -1.41 14.66 -8.49
N ILE B 4 -2.66 14.84 -8.22
CA ILE B 4 -3.19 14.95 -6.89
C ILE B 4 -4.45 14.08 -6.84
N GLU B 5 -4.75 13.57 -5.69
CA GLU B 5 -5.95 12.79 -5.47
C GLU B 5 -6.85 13.53 -4.50
N ALA B 6 -8.09 13.15 -4.44
CA ALA B 6 -9.03 13.77 -3.53
C ALA B 6 -9.10 13.02 -2.23
N ARG B 7 -9.25 13.76 -1.14
CA ARG B 7 -9.37 13.20 0.22
C ARG B 7 -10.54 12.23 0.32
N GLU B 8 -11.64 12.58 -0.30
CA GLU B 8 -12.82 11.75 -0.35
C GLU B 8 -12.56 10.41 -1.02
N ASP B 9 -11.71 10.40 -2.06
CA ASP B 9 -11.35 9.16 -2.75
C ASP B 9 -10.50 8.30 -1.84
N ILE B 10 -9.57 8.95 -1.11
CA ILE B 10 -8.66 8.28 -0.18
C ILE B 10 -9.46 7.66 0.98
N GLU B 11 -10.37 8.44 1.53
CA GLU B 11 -11.13 8.00 2.67
C GLU B 11 -12.24 7.00 2.32
N GLU B 12 -12.62 6.92 1.05
CA GLU B 12 -13.52 5.84 0.64
C GLU B 12 -12.77 4.53 0.49
N LEU B 13 -11.48 4.62 0.28
CA LEU B 13 -10.65 3.44 0.31
C LEU B 13 -10.60 2.96 1.76
N LYS B 14 -10.51 3.92 2.66
CA LYS B 14 -10.46 3.67 4.10
C LYS B 14 -11.73 2.97 4.59
N LYS B 15 -12.91 3.36 4.06
CA LYS B 15 -14.20 2.76 4.50
C LYS B 15 -14.29 1.29 4.09
N LYS B 16 -13.65 0.95 2.96
CA LYS B 16 -13.50 -0.45 2.56
C LYS B 16 -12.61 -1.16 3.57
N LEU B 17 -11.47 -0.55 3.89
CA LEU B 17 -10.53 -1.07 4.88
C LEU B 17 -11.20 -1.26 6.25
N GLN B 18 -12.16 -0.41 6.59
CA GLN B 18 -12.91 -0.50 7.85
C GLN B 18 -13.71 -1.80 7.91
N GLU B 19 -14.27 -2.21 6.76
CA GLU B 19 -14.97 -3.48 6.63
C GLU B 19 -14.06 -4.66 6.89
N PHE B 20 -12.81 -4.52 6.51
CA PHE B 20 -11.81 -5.55 6.72
C PHE B 20 -11.20 -5.47 8.12
N GLY B 21 -11.38 -4.31 8.77
CA GLY B 21 -10.85 -4.09 10.10
C GLY B 21 -9.42 -3.59 10.04
N ILE B 22 -9.17 -2.70 9.10
CA ILE B 22 -7.85 -2.19 8.84
C ILE B 22 -7.88 -0.66 8.80
N THR B 23 -6.92 -0.04 9.42
CA THR B 23 -6.75 1.40 9.31
C THR B 23 -5.48 1.64 8.51
N PHE B 24 -5.15 2.90 8.26
CA PHE B 24 -3.90 3.23 7.58
C PHE B 24 -2.70 2.98 8.52
N LEU B 25 -2.98 2.95 9.82
CA LEU B 25 -1.98 2.72 10.86
C LEU B 25 -1.60 1.23 10.83
N ASP B 26 -2.61 0.38 10.62
CA ASP B 26 -2.44 -1.09 10.52
C ASP B 26 -1.56 -1.45 9.35
N LEU B 27 -1.65 -0.64 8.31
CA LEU B 27 -0.91 -0.83 7.09
C LEU B 27 0.55 -0.64 7.31
N VAL B 28 0.90 0.40 8.10
CA VAL B 28 2.28 0.73 8.44
C VAL B 28 2.96 -0.48 9.11
N LEU B 29 2.23 -1.09 10.03
CA LEU B 29 2.70 -2.24 10.80
C LEU B 29 2.87 -3.52 9.94
N ASN B 30 2.36 -3.51 8.74
CA ASN B 30 2.49 -4.67 7.85
C ASN B 30 3.39 -4.37 6.65
N VAL B 31 4.11 -3.25 6.71
CA VAL B 31 5.00 -2.82 5.64
C VAL B 31 6.33 -3.62 5.61
N PRO B 32 6.68 -4.21 4.43
CA PRO B 32 7.97 -4.89 4.19
C PRO B 32 9.18 -3.97 4.39
N LYS B 33 10.27 -4.56 4.81
CA LYS B 33 11.50 -3.85 5.18
C LYS B 33 12.29 -3.41 3.96
N HIS B 34 12.39 -4.26 2.97
CA HIS B 34 13.22 -3.96 1.81
C HIS B 34 12.49 -4.22 0.51
N ARG B 35 13.02 -3.68 -0.60
CA ARG B 35 12.36 -3.69 -1.92
C ARG B 35 11.95 -5.02 -2.46
N ASP B 36 12.80 -6.04 -2.31
CA ASP B 36 12.47 -7.42 -2.79
C ASP B 36 11.16 -7.88 -2.21
N SER B 37 11.02 -7.65 -0.93
CA SER B 37 9.87 -8.06 -0.20
C SER B 37 8.66 -7.13 -0.49
N ARG B 38 8.92 -5.82 -0.67
CA ARG B 38 7.85 -4.85 -0.97
C ARG B 38 7.22 -5.17 -2.29
N GLN B 39 8.06 -5.25 -3.32
CA GLN B 39 7.65 -5.48 -4.69
C GLN B 39 6.93 -6.79 -4.82
N LEU B 40 7.42 -7.80 -4.13
CA LEU B 40 6.80 -9.11 -4.09
C LEU B 40 5.39 -9.03 -3.46
N CYS B 41 5.27 -8.37 -2.31
CA CYS B 41 3.96 -8.25 -1.61
C CYS B 41 2.96 -7.38 -2.39
N ILE B 42 3.44 -6.33 -3.05
CA ILE B 42 2.59 -5.48 -3.88
C ILE B 42 2.16 -6.26 -5.13
N ARG B 43 3.05 -7.13 -5.61
CA ARG B 43 2.79 -8.01 -6.74
C ARG B 43 1.73 -9.06 -6.37
N LEU B 44 1.76 -9.51 -5.10
CA LEU B 44 0.75 -10.42 -4.57
C LEU B 44 -0.59 -9.75 -4.53
N ALA B 45 -0.57 -8.49 -4.10
CA ALA B 45 -1.76 -7.65 -4.04
C ALA B 45 -2.29 -7.35 -5.44
N LYS B 46 -1.37 -7.23 -6.38
CA LYS B 46 -1.68 -6.96 -7.77
C LYS B 46 -2.45 -8.11 -8.36
N MET B 47 -1.95 -9.33 -8.18
CA MET B 47 -2.66 -10.50 -8.72
C MET B 47 -3.95 -10.77 -7.96
N LEU B 48 -3.96 -10.42 -6.67
CA LEU B 48 -5.15 -10.52 -5.82
C LEU B 48 -6.25 -9.57 -6.33
N ALA B 49 -5.85 -8.45 -6.88
CA ALA B 49 -6.78 -7.46 -7.42
C ALA B 49 -7.17 -7.77 -8.85
N GLU B 50 -6.19 -8.11 -9.69
CA GLU B 50 -6.44 -8.34 -11.11
C GLU B 50 -7.21 -9.61 -11.34
N ASP B 51 -6.99 -10.60 -10.50
CA ASP B 51 -7.73 -11.83 -10.60
C ASP B 51 -9.04 -11.63 -9.90
N GLU B 52 -10.10 -11.68 -10.65
CA GLU B 52 -11.43 -11.39 -10.18
C GLU B 52 -11.96 -12.43 -9.20
N GLN B 53 -11.43 -13.65 -9.29
CA GLN B 53 -11.87 -14.70 -8.39
C GLN B 53 -11.28 -14.43 -7.02
N MET B 54 -10.01 -14.04 -7.02
CA MET B 54 -9.28 -13.72 -5.79
C MET B 54 -9.83 -12.46 -5.15
N TYR B 55 -10.08 -11.42 -5.95
CA TYR B 55 -10.59 -10.13 -5.47
C TYR B 55 -11.97 -10.28 -4.83
N ASN B 56 -12.82 -11.09 -5.44
CA ASN B 56 -14.13 -11.34 -4.87
C ASN B 56 -14.05 -12.18 -3.61
N ALA B 57 -13.12 -13.16 -3.59
CA ALA B 57 -12.90 -14.01 -2.41
C ALA B 57 -12.36 -13.17 -1.26
N LEU B 58 -11.55 -12.19 -1.59
CA LEU B 58 -10.99 -11.22 -0.67
C LEU B 58 -12.13 -10.45 0.03
N MET B 59 -13.12 -10.04 -0.75
CA MET B 59 -14.29 -9.34 -0.22
C MET B 59 -15.18 -10.27 0.62
N LYS B 60 -15.36 -11.51 0.16
CA LYS B 60 -16.17 -12.51 0.86
C LYS B 60 -15.56 -12.88 2.23
N ASN B 61 -14.27 -13.09 2.25
CA ASN B 61 -13.57 -13.55 3.45
C ASN B 61 -13.27 -12.42 4.42
N LYS B 62 -13.19 -11.17 3.90
CA LYS B 62 -12.78 -9.98 4.69
C LYS B 62 -11.33 -10.12 5.13
N ASN B 63 -10.62 -10.93 4.40
CA ASN B 63 -9.24 -11.29 4.61
C ASN B 63 -8.78 -11.80 3.28
N ILE B 64 -7.50 -12.06 3.16
CA ILE B 64 -6.95 -12.59 1.92
C ILE B 64 -7.33 -14.07 1.82
N PRO B 65 -7.76 -14.55 0.62
CA PRO B 65 -7.93 -15.97 0.38
C PRO B 65 -6.53 -16.62 0.36
N ARG B 66 -6.08 -17.01 1.54
CA ARG B 66 -4.72 -17.46 1.82
C ARG B 66 -4.33 -18.66 0.97
N ASN B 67 -5.22 -19.62 0.90
CA ASN B 67 -4.97 -20.86 0.16
C ASN B 67 -4.89 -20.60 -1.33
N GLU B 68 -5.67 -19.63 -1.79
CA GLU B 68 -5.72 -19.27 -3.19
C GLU B 68 -4.43 -18.53 -3.59
N LEU B 69 -4.05 -17.52 -2.79
CA LEU B 69 -2.83 -16.74 -3.04
C LEU B 69 -1.59 -17.63 -2.96
N LYS B 70 -1.62 -18.57 -2.04
CA LYS B 70 -0.54 -19.52 -1.85
C LYS B 70 -0.37 -20.45 -3.08
N LYS B 71 -1.46 -20.80 -3.77
CA LYS B 71 -1.35 -21.62 -4.97
C LYS B 71 -1.17 -20.84 -6.28
N LYS B 72 -1.67 -19.61 -6.33
CA LYS B 72 -1.48 -18.78 -7.53
C LYS B 72 -0.14 -18.05 -7.55
N ALA B 73 0.28 -17.54 -6.40
CA ALA B 73 1.54 -16.82 -6.31
C ALA B 73 2.68 -17.75 -5.91
N LYS B 74 2.32 -18.91 -5.35
CA LYS B 74 3.27 -19.92 -4.84
C LYS B 74 4.17 -19.36 -3.73
N VAL B 75 3.54 -18.69 -2.79
CA VAL B 75 4.24 -18.07 -1.68
C VAL B 75 3.97 -18.79 -0.37
N HIS B 76 4.62 -18.32 0.68
CA HIS B 76 4.49 -18.90 2.01
C HIS B 76 3.36 -18.22 2.74
N GLY B 77 2.69 -18.96 3.60
CA GLY B 77 1.58 -18.45 4.37
C GLY B 77 2.00 -17.40 5.38
N ARG B 78 3.27 -17.48 5.79
CA ARG B 78 3.86 -16.50 6.71
C ARG B 78 3.87 -15.12 6.07
N THR B 79 4.20 -15.08 4.78
CA THR B 79 4.26 -13.84 4.01
C THR B 79 2.87 -13.25 3.89
N ILE B 80 1.91 -14.13 3.60
CA ILE B 80 0.51 -13.79 3.46
C ILE B 80 -0.02 -13.22 4.78
N GLY B 81 0.33 -13.87 5.88
CA GLY B 81 -0.16 -13.46 7.17
C GLY B 81 0.51 -12.21 7.74
N ASN B 82 1.82 -12.09 7.57
CA ASN B 82 2.59 -10.96 8.14
C ASN B 82 2.36 -9.65 7.43
N ASN B 83 2.00 -9.71 6.18
CA ASN B 83 1.81 -8.51 5.40
C ASN B 83 0.36 -8.43 4.95
N ARG B 84 -0.52 -9.15 5.66
CA ARG B 84 -1.92 -9.32 5.21
C ARG B 84 -2.71 -8.04 5.05
N LYS B 85 -2.63 -7.16 6.03
CA LYS B 85 -3.43 -5.94 6.01
C LYS B 85 -2.89 -4.99 4.94
N TYR B 86 -1.59 -5.08 4.71
CA TYR B 86 -0.89 -4.31 3.71
C TYR B 86 -1.30 -4.76 2.30
N ILE B 87 -1.22 -6.07 2.07
CA ILE B 87 -1.57 -6.67 0.77
C ILE B 87 -3.05 -6.37 0.39
N ILE B 88 -3.94 -6.40 1.39
CA ILE B 88 -5.36 -6.07 1.16
C ILE B 88 -5.49 -4.61 0.68
N ALA B 89 -4.71 -3.71 1.30
CA ALA B 89 -4.74 -2.30 0.96
C ALA B 89 -4.34 -2.04 -0.48
N LEU B 90 -3.21 -2.62 -0.93
CA LEU B 90 -2.75 -2.38 -2.32
C LEU B 90 -3.75 -2.96 -3.30
N CYS B 91 -4.28 -4.15 -2.98
CA CYS B 91 -5.29 -4.85 -3.79
C CYS B 91 -6.48 -3.93 -4.06
N LEU B 92 -6.97 -3.33 -2.99
CA LEU B 92 -8.06 -2.41 -3.06
C LEU B 92 -7.69 -1.18 -3.86
N ILE B 93 -6.46 -0.67 -3.68
CA ILE B 93 -5.97 0.50 -4.45
C ILE B 93 -6.01 0.23 -5.97
N PHE B 94 -5.63 -0.98 -6.39
CA PHE B 94 -5.64 -1.35 -7.81
C PHE B 94 -7.05 -1.37 -8.39
N ARG B 95 -8.03 -1.57 -7.54
CA ARG B 95 -9.41 -1.56 -7.96
C ARG B 95 -10.16 -0.31 -7.50
N SER B 96 -9.43 0.64 -6.99
CA SER B 96 -10.01 1.88 -6.54
C SER B 96 -9.66 3.05 -7.44
N ASN B 97 -10.35 4.15 -7.16
CA ASN B 97 -10.25 5.46 -7.82
C ASN B 97 -8.84 6.03 -7.84
N LEU B 98 -8.03 5.60 -6.87
CA LEU B 98 -6.69 6.13 -6.69
C LEU B 98 -5.76 5.58 -7.74
N ASN B 99 -5.71 6.29 -8.83
CA ASN B 99 -4.95 5.96 -9.99
C ASN B 99 -3.54 6.42 -9.83
N LEU B 100 -3.34 7.46 -9.03
CA LEU B 100 -2.01 7.99 -8.78
C LEU B 100 -1.27 7.04 -7.85
N SER B 101 -1.97 6.55 -6.85
CA SER B 101 -1.43 5.59 -5.91
C SER B 101 -1.20 4.25 -6.60
N LYS B 102 -2.15 3.89 -7.49
CA LYS B 102 -2.09 2.68 -8.31
C LYS B 102 -0.81 2.71 -9.13
N ARG B 103 -0.57 3.85 -9.76
CA ARG B 103 0.61 4.16 -10.57
C ARG B 103 1.92 3.96 -9.80
N TYR B 104 1.96 4.43 -8.55
CA TYR B 104 3.12 4.24 -7.69
C TYR B 104 3.42 2.78 -7.41
N LEU B 105 2.38 2.03 -7.17
CA LEU B 105 2.50 0.62 -6.86
C LEU B 105 2.83 -0.19 -8.13
N GLU B 106 2.19 0.17 -9.24
CA GLU B 106 2.39 -0.50 -10.51
C GLU B 106 3.77 -0.27 -11.10
N TYR B 107 4.31 0.97 -11.02
CA TYR B 107 5.61 1.22 -11.61
C TYR B 107 6.69 0.50 -10.80
N TYR B 108 6.47 0.43 -9.50
CA TYR B 108 7.42 -0.16 -8.59
C TYR B 108 7.46 -1.69 -8.78
N THR B 109 6.35 -2.27 -9.16
CA THR B 109 6.30 -3.70 -9.40
C THR B 109 6.82 -4.08 -10.80
N MET B 110 6.73 -3.16 -11.77
CA MET B 110 7.29 -3.45 -13.10
C MET B 110 8.82 -3.35 -13.08
N LEU B 111 9.35 -2.67 -12.05
CA LEU B 111 10.80 -2.58 -11.81
C LEU B 111 11.34 -3.92 -11.30
N GLU B 112 10.44 -4.77 -10.85
CA GLU B 112 10.76 -6.08 -10.35
C GLU B 112 10.78 -7.07 -11.53
N HIS B 113 10.22 -6.65 -12.66
CA HIS B 113 10.15 -7.48 -13.85
C HIS B 113 11.49 -7.46 -14.60
N HIS B 114 12.39 -8.31 -14.15
CA HIS B 114 13.68 -8.55 -14.78
C HIS B 114 13.88 -10.04 -14.92
N HIS B 115 13.82 -10.72 -13.81
CA HIS B 115 13.93 -12.17 -13.79
C HIS B 115 12.69 -12.79 -13.18
N HIS B 116 11.75 -13.11 -14.04
CA HIS B 116 10.56 -13.85 -13.63
C HIS B 116 10.61 -15.18 -14.32
N HIS B 117 11.14 -16.16 -13.63
CA HIS B 117 11.26 -17.47 -14.21
C HIS B 117 10.05 -18.28 -13.84
N HIS B 118 9.38 -18.79 -14.83
CA HIS B 118 8.20 -19.62 -14.64
C HIS B 118 8.65 -21.05 -14.48
N SER A 1 18.41 13.49 5.02
CA SER A 1 19.67 13.17 4.41
C SER A 1 19.41 12.17 3.25
N MET A 2 18.12 12.00 2.88
CA MET A 2 17.68 11.09 1.82
C MET A 2 16.22 11.36 1.57
N ASN A 3 15.91 11.98 0.45
CA ASN A 3 14.54 12.33 0.15
C ASN A 3 13.73 11.15 -0.33
N ARG A 4 12.56 11.05 0.20
CA ARG A 4 11.63 10.00 -0.06
C ARG A 4 10.36 10.70 -0.56
N LEU A 5 9.86 10.31 -1.69
CA LEU A 5 8.65 10.93 -2.23
C LEU A 5 7.47 10.03 -1.99
N GLY A 6 6.29 10.61 -1.95
CA GLY A 6 5.10 9.83 -1.76
C GLY A 6 3.81 10.59 -1.91
N ILE A 7 2.72 10.00 -1.40
CA ILE A 7 1.35 10.54 -1.50
C ILE A 7 0.69 10.46 -0.11
N ILE A 8 0.00 11.51 0.29
CA ILE A 8 -0.60 11.60 1.63
C ILE A 8 -1.97 10.94 1.68
N TYR A 9 -2.14 10.07 2.65
CA TYR A 9 -3.40 9.39 2.86
C TYR A 9 -4.15 9.92 4.07
N GLU A 10 -3.46 10.37 5.11
CA GLU A 10 -4.18 10.86 6.29
C GLU A 10 -3.31 11.76 7.15
N ILE A 11 -3.88 12.85 7.64
CA ILE A 11 -3.20 13.74 8.56
C ILE A 11 -3.65 13.34 9.97
N GLN A 12 -2.73 12.97 10.80
CA GLN A 12 -3.02 12.53 12.15
C GLN A 12 -2.28 13.43 13.13
N GLY A 13 -2.85 14.58 13.38
CA GLY A 13 -2.24 15.52 14.29
C GLY A 13 -1.00 16.15 13.72
N MET A 14 0.14 15.88 14.34
CA MET A 14 1.43 16.45 13.90
C MET A 14 2.14 15.52 12.92
N LYS A 15 1.46 14.50 12.49
CA LYS A 15 2.05 13.53 11.62
C LYS A 15 1.08 13.16 10.50
N ALA A 16 1.57 12.50 9.50
CA ALA A 16 0.76 12.12 8.37
C ALA A 16 1.16 10.75 7.87
N VAL A 17 0.18 9.98 7.46
CA VAL A 17 0.42 8.68 6.88
C VAL A 17 0.50 8.85 5.39
N VAL A 18 1.61 8.50 4.83
CA VAL A 18 1.84 8.65 3.43
C VAL A 18 2.24 7.31 2.82
N LEU A 19 2.12 7.25 1.53
CA LEU A 19 2.66 6.19 0.72
C LEU A 19 3.97 6.67 0.25
N THR A 20 4.88 5.81 0.02
CA THR A 20 6.14 6.21 -0.51
C THR A 20 6.21 5.87 -1.99
N SER A 21 7.38 6.05 -2.58
CA SER A 21 7.64 5.68 -3.94
C SER A 21 7.78 4.15 -4.10
N GLU A 22 7.84 3.45 -2.97
CA GLU A 22 7.93 2.01 -2.93
C GLU A 22 6.63 1.40 -2.38
N GLY A 23 5.61 2.23 -2.22
CA GLY A 23 4.30 1.76 -1.80
C GLY A 23 4.19 1.43 -0.31
N GLU A 24 5.09 1.97 0.47
CA GLU A 24 5.12 1.77 1.90
C GLU A 24 4.19 2.75 2.55
N PHE A 25 3.38 2.30 3.46
CA PHE A 25 2.60 3.21 4.24
C PHE A 25 3.46 3.60 5.41
N LEU A 26 3.85 4.82 5.46
CA LEU A 26 4.73 5.27 6.53
C LEU A 26 4.22 6.54 7.10
N ILE A 27 4.39 6.69 8.38
CA ILE A 27 3.97 7.88 9.05
C ILE A 27 5.15 8.83 9.07
N ILE A 28 4.93 10.03 8.63
CA ILE A 28 5.95 11.04 8.61
C ILE A 28 5.47 12.26 9.37
N ARG A 29 6.36 13.17 9.64
CA ARG A 29 6.07 14.40 10.35
C ARG A 29 5.40 15.41 9.41
N ARG A 30 4.31 15.99 9.87
CA ARG A 30 3.48 16.91 9.09
C ARG A 30 4.23 18.20 8.71
N ARG A 31 3.96 18.66 7.51
CA ARG A 31 4.54 19.87 6.98
C ARG A 31 3.47 20.82 6.51
N LYS A 32 3.90 22.02 6.20
CA LYS A 32 3.11 23.11 5.64
C LYS A 32 2.34 22.71 4.38
N ASP A 33 3.05 22.05 3.48
CA ASP A 33 2.57 21.73 2.13
C ASP A 33 1.70 20.48 2.06
N MET A 34 1.17 20.04 3.19
CA MET A 34 0.45 18.77 3.25
C MET A 34 -1.05 18.90 3.13
N LYS A 35 -1.63 17.97 2.39
CA LYS A 35 -3.05 17.83 2.19
C LYS A 35 -3.34 16.37 1.82
N VAL A 36 -4.40 15.79 2.38
CA VAL A 36 -4.79 14.40 2.07
C VAL A 36 -5.16 14.27 0.59
N GLY A 37 -4.45 13.43 -0.12
CA GLY A 37 -4.67 13.22 -1.52
C GLY A 37 -3.54 13.79 -2.34
N GLN A 38 -2.81 14.74 -1.79
CA GLN A 38 -1.71 15.35 -2.49
C GLN A 38 -0.43 14.58 -2.32
N GLN A 39 0.51 14.88 -3.20
CA GLN A 39 1.82 14.27 -3.15
C GLN A 39 2.74 15.11 -2.30
N VAL A 40 3.75 14.50 -1.76
CA VAL A 40 4.69 15.17 -0.92
C VAL A 40 6.08 14.59 -1.12
N SER A 41 7.05 15.44 -1.17
CA SER A 41 8.41 15.03 -1.25
C SER A 41 9.03 15.36 0.10
N PHE A 42 9.42 14.35 0.82
CA PHE A 42 9.85 14.51 2.17
C PHE A 42 11.23 13.91 2.40
N GLU A 43 11.67 13.95 3.62
CA GLU A 43 12.92 13.38 4.02
C GLU A 43 12.69 12.08 4.72
N ASN A 44 13.70 11.23 4.72
CA ASN A 44 13.63 9.95 5.43
C ASN A 44 13.63 10.23 6.93
N GLU A 45 14.16 11.40 7.30
CA GLU A 45 14.20 11.89 8.67
C GLU A 45 12.80 12.19 9.20
N ASP A 46 11.86 12.44 8.29
CA ASP A 46 10.49 12.76 8.67
C ASP A 46 9.74 11.52 9.13
N ILE A 47 10.18 10.36 8.70
CA ILE A 47 9.53 9.06 8.99
C ILE A 47 9.60 8.68 10.50
N TYR A 48 8.51 8.13 11.01
CA TYR A 48 8.38 7.62 12.39
C TYR A 48 8.74 6.14 12.47
N ASN A 49 8.69 5.60 13.66
CA ASN A 49 8.99 4.20 13.89
C ASN A 49 7.81 3.50 14.56
N VAL A 50 7.25 2.52 13.88
CA VAL A 50 6.12 1.79 14.39
C VAL A 50 6.53 0.57 15.19
N ARG A 51 7.79 0.17 15.09
CA ARG A 51 8.25 -1.04 15.73
C ARG A 51 8.20 -0.94 17.22
N GLY A 52 7.73 -2.00 17.82
CA GLY A 52 7.49 -2.04 19.22
C GLY A 52 6.02 -1.95 19.49
N LYS A 53 5.25 -2.64 18.70
CA LYS A 53 3.83 -2.67 18.84
C LYS A 53 3.50 -4.06 19.34
N MET B 1 -7.63 15.42 -16.10
CA MET B 1 -7.21 14.65 -14.93
C MET B 1 -6.09 15.37 -14.22
N GLU B 2 -6.09 15.29 -12.92
CA GLU B 2 -5.04 15.85 -12.13
C GLU B 2 -4.18 14.71 -11.62
N ASP B 3 -2.98 15.01 -11.26
CA ASP B 3 -2.03 14.03 -10.73
C ASP B 3 -2.05 14.14 -9.22
N ILE B 4 -3.25 14.23 -8.71
CA ILE B 4 -3.54 14.37 -7.32
C ILE B 4 -4.76 13.50 -7.06
N GLU B 5 -4.89 13.01 -5.88
CA GLU B 5 -5.99 12.17 -5.48
C GLU B 5 -6.94 13.02 -4.65
N ALA B 6 -8.17 12.67 -4.62
CA ALA B 6 -9.12 13.42 -3.81
C ALA B 6 -9.23 12.78 -2.45
N ARG B 7 -9.36 13.60 -1.42
CA ARG B 7 -9.47 13.16 -0.03
C ARG B 7 -10.70 12.25 0.16
N GLU B 8 -11.76 12.59 -0.54
CA GLU B 8 -13.00 11.81 -0.56
C GLU B 8 -12.74 10.39 -1.02
N ASP B 9 -11.93 10.29 -2.05
CA ASP B 9 -11.56 9.00 -2.64
C ASP B 9 -10.60 8.24 -1.72
N ILE B 10 -9.70 8.97 -1.07
CA ILE B 10 -8.74 8.38 -0.10
C ILE B 10 -9.54 7.75 1.06
N GLU B 11 -10.47 8.50 1.60
CA GLU B 11 -11.26 8.06 2.70
C GLU B 11 -12.32 7.04 2.30
N GLU B 12 -12.65 6.97 0.99
CA GLU B 12 -13.53 5.93 0.47
C GLU B 12 -12.77 4.59 0.52
N LEU B 13 -11.47 4.68 0.33
CA LEU B 13 -10.60 3.54 0.49
C LEU B 13 -10.46 3.20 1.97
N LYS B 14 -10.36 4.23 2.82
CA LYS B 14 -10.28 4.01 4.26
C LYS B 14 -11.53 3.32 4.80
N LYS B 15 -12.72 3.78 4.40
CA LYS B 15 -13.97 3.15 4.83
C LYS B 15 -14.14 1.74 4.26
N LYS B 16 -13.48 1.48 3.14
CA LYS B 16 -13.44 0.15 2.54
C LYS B 16 -12.61 -0.76 3.48
N LEU B 17 -11.44 -0.23 3.91
CA LEU B 17 -10.57 -0.87 4.89
C LEU B 17 -11.28 -1.07 6.22
N GLN B 18 -12.18 -0.15 6.56
CA GLN B 18 -12.97 -0.21 7.80
C GLN B 18 -13.89 -1.43 7.80
N GLU B 19 -14.34 -1.82 6.61
CA GLU B 19 -15.19 -3.00 6.45
C GLU B 19 -14.37 -4.26 6.73
N PHE B 20 -13.09 -4.18 6.39
CA PHE B 20 -12.13 -5.26 6.67
C PHE B 20 -11.65 -5.21 8.13
N GLY B 21 -11.76 -4.03 8.72
CA GLY B 21 -11.34 -3.80 10.10
C GLY B 21 -9.91 -3.32 10.18
N ILE B 22 -9.47 -2.66 9.13
CA ILE B 22 -8.10 -2.21 8.99
C ILE B 22 -8.05 -0.67 8.90
N THR B 23 -7.07 -0.07 9.55
CA THR B 23 -6.84 1.36 9.46
C THR B 23 -5.54 1.59 8.70
N PHE B 24 -5.17 2.85 8.50
CA PHE B 24 -3.91 3.16 7.86
C PHE B 24 -2.72 2.85 8.77
N LEU B 25 -2.94 2.91 10.10
CA LEU B 25 -1.89 2.58 11.09
C LEU B 25 -1.56 1.10 11.04
N ASP B 26 -2.60 0.30 10.82
CA ASP B 26 -2.49 -1.16 10.68
C ASP B 26 -1.56 -1.55 9.55
N LEU B 27 -1.58 -0.73 8.52
CA LEU B 27 -0.81 -0.95 7.31
C LEU B 27 0.64 -0.66 7.53
N VAL B 28 0.92 0.42 8.27
CA VAL B 28 2.29 0.82 8.56
C VAL B 28 2.99 -0.26 9.39
N LEU B 29 2.23 -0.89 10.28
CA LEU B 29 2.70 -2.00 11.11
C LEU B 29 3.09 -3.24 10.25
N ASN B 30 2.56 -3.32 9.05
CA ASN B 30 2.79 -4.47 8.17
C ASN B 30 3.74 -4.13 7.03
N VAL B 31 4.39 -2.96 7.09
CA VAL B 31 5.29 -2.53 6.02
C VAL B 31 6.58 -3.38 5.95
N PRO B 32 6.85 -4.02 4.78
CA PRO B 32 8.06 -4.80 4.53
C PRO B 32 9.36 -4.00 4.71
N LYS B 33 10.30 -4.64 5.37
CA LYS B 33 11.59 -4.07 5.77
C LYS B 33 12.45 -3.75 4.55
N HIS B 34 12.45 -4.63 3.59
CA HIS B 34 13.30 -4.48 2.43
C HIS B 34 12.52 -4.53 1.12
N ARG B 35 13.10 -3.92 0.08
CA ARG B 35 12.47 -3.72 -1.26
C ARG B 35 11.97 -5.02 -1.90
N ASP B 36 12.73 -6.10 -1.70
CA ASP B 36 12.41 -7.43 -2.27
C ASP B 36 11.09 -7.93 -1.76
N SER B 37 10.81 -7.61 -0.52
CA SER B 37 9.61 -8.00 0.12
C SER B 37 8.48 -7.06 -0.26
N ARG B 38 8.81 -5.78 -0.45
CA ARG B 38 7.81 -4.78 -0.81
C ARG B 38 7.21 -5.06 -2.13
N GLN B 39 8.06 -5.29 -3.12
CA GLN B 39 7.61 -5.59 -4.47
C GLN B 39 6.81 -6.86 -4.49
N LEU B 40 7.31 -7.86 -3.77
CA LEU B 40 6.69 -9.16 -3.67
C LEU B 40 5.25 -9.04 -3.07
N CYS B 41 5.12 -8.34 -1.95
CA CYS B 41 3.84 -8.21 -1.25
C CYS B 41 2.84 -7.33 -2.03
N ILE B 42 3.35 -6.31 -2.71
CA ILE B 42 2.48 -5.46 -3.52
C ILE B 42 2.06 -6.23 -4.78
N ARG B 43 2.94 -7.11 -5.25
CA ARG B 43 2.64 -7.97 -6.41
C ARG B 43 1.58 -9.00 -6.04
N LEU B 44 1.62 -9.45 -4.79
CA LEU B 44 0.62 -10.37 -4.27
C LEU B 44 -0.72 -9.69 -4.30
N ALA B 45 -0.73 -8.46 -3.84
CA ALA B 45 -1.91 -7.61 -3.82
C ALA B 45 -2.38 -7.28 -5.22
N LYS B 46 -1.42 -7.11 -6.12
CA LYS B 46 -1.67 -6.78 -7.50
C LYS B 46 -2.42 -7.91 -8.17
N MET B 47 -1.91 -9.13 -8.06
CA MET B 47 -2.57 -10.27 -8.69
C MET B 47 -3.85 -10.66 -7.94
N LEU B 48 -3.90 -10.31 -6.66
CA LEU B 48 -5.10 -10.50 -5.83
C LEU B 48 -6.23 -9.60 -6.35
N ALA B 49 -5.85 -8.45 -6.88
CA ALA B 49 -6.80 -7.53 -7.45
C ALA B 49 -7.13 -7.90 -8.91
N GLU B 50 -6.10 -8.27 -9.69
CA GLU B 50 -6.28 -8.60 -11.12
C GLU B 50 -7.11 -9.86 -11.33
N ASP B 51 -7.01 -10.78 -10.40
CA ASP B 51 -7.72 -12.02 -10.51
C ASP B 51 -9.10 -11.88 -9.92
N GLU B 52 -10.09 -12.18 -10.71
CA GLU B 52 -11.50 -12.05 -10.34
C GLU B 52 -11.87 -12.97 -9.19
N GLN B 53 -11.36 -14.18 -9.24
CA GLN B 53 -11.68 -15.19 -8.25
C GLN B 53 -11.09 -14.80 -6.91
N MET B 54 -9.85 -14.36 -6.96
CA MET B 54 -9.12 -13.95 -5.77
C MET B 54 -9.70 -12.71 -5.12
N TYR B 55 -9.98 -11.68 -5.93
CA TYR B 55 -10.52 -10.42 -5.41
C TYR B 55 -11.91 -10.59 -4.81
N ASN B 56 -12.72 -11.41 -5.44
CA ASN B 56 -14.07 -11.66 -4.96
C ASN B 56 -14.07 -12.49 -3.68
N ALA B 57 -13.08 -13.38 -3.54
CA ALA B 57 -12.90 -14.16 -2.32
C ALA B 57 -12.38 -13.25 -1.20
N LEU B 58 -11.51 -12.32 -1.58
CA LEU B 58 -10.96 -11.29 -0.71
C LEU B 58 -12.09 -10.45 -0.10
N MET B 59 -13.02 -10.00 -0.94
CA MET B 59 -14.18 -9.22 -0.50
C MET B 59 -15.13 -10.01 0.37
N LYS B 60 -15.47 -11.24 -0.04
CA LYS B 60 -16.42 -12.08 0.69
C LYS B 60 -15.91 -12.46 2.08
N ASN B 61 -14.66 -12.78 2.18
CA ASN B 61 -14.09 -13.26 3.44
C ASN B 61 -13.54 -12.15 4.30
N LYS B 62 -13.29 -10.98 3.66
CA LYS B 62 -12.65 -9.81 4.31
C LYS B 62 -11.25 -10.15 4.78
N ASN B 63 -10.69 -11.13 4.11
CA ASN B 63 -9.41 -11.68 4.38
C ASN B 63 -8.89 -12.21 3.08
N ILE B 64 -7.61 -12.49 3.03
CA ILE B 64 -6.96 -12.94 1.81
C ILE B 64 -7.26 -14.43 1.59
N PRO B 65 -7.64 -14.84 0.34
CA PRO B 65 -7.69 -16.25 -0.02
C PRO B 65 -6.23 -16.79 -0.05
N ARG B 66 -5.83 -17.42 1.05
CA ARG B 66 -4.44 -17.78 1.29
C ARG B 66 -3.96 -18.85 0.34
N ASN B 67 -4.74 -19.89 0.19
CA ASN B 67 -4.38 -21.06 -0.62
C ASN B 67 -4.34 -20.70 -2.10
N GLU B 68 -5.21 -19.78 -2.47
CA GLU B 68 -5.35 -19.30 -3.82
C GLU B 68 -4.11 -18.45 -4.18
N LEU B 69 -3.75 -17.54 -3.27
CA LEU B 69 -2.59 -16.67 -3.45
C LEU B 69 -1.30 -17.47 -3.40
N LYS B 70 -1.24 -18.43 -2.52
CA LYS B 70 -0.09 -19.29 -2.33
C LYS B 70 0.22 -20.12 -3.60
N LYS B 71 -0.82 -20.50 -4.34
CA LYS B 71 -0.59 -21.26 -5.57
C LYS B 71 -0.36 -20.34 -6.78
N LYS B 72 -1.08 -19.22 -6.86
CA LYS B 72 -0.95 -18.33 -8.00
C LYS B 72 0.29 -17.45 -7.95
N ALA B 73 0.66 -17.01 -6.77
CA ALA B 73 1.86 -16.19 -6.61
C ALA B 73 3.07 -17.05 -6.29
N LYS B 74 2.80 -18.32 -5.90
CA LYS B 74 3.84 -19.31 -5.54
C LYS B 74 4.65 -18.85 -4.33
N VAL B 75 3.97 -18.28 -3.35
CA VAL B 75 4.65 -17.73 -2.17
C VAL B 75 4.41 -18.54 -0.91
N HIS B 76 4.93 -18.05 0.21
CA HIS B 76 4.82 -18.76 1.48
C HIS B 76 3.56 -18.30 2.17
N GLY B 77 2.94 -19.20 2.93
CA GLY B 77 1.73 -18.88 3.67
C GLY B 77 1.99 -17.86 4.77
N ARG B 78 3.21 -17.89 5.30
CA ARG B 78 3.62 -16.97 6.34
C ARG B 78 3.79 -15.54 5.79
N THR B 79 4.19 -15.43 4.52
CA THR B 79 4.36 -14.13 3.85
C THR B 79 3.00 -13.44 3.78
N ILE B 80 1.99 -14.24 3.45
CA ILE B 80 0.60 -13.84 3.33
C ILE B 80 0.09 -13.34 4.70
N GLY B 81 0.39 -14.10 5.75
CA GLY B 81 -0.07 -13.78 7.08
C GLY B 81 0.63 -12.58 7.72
N ASN B 82 1.93 -12.46 7.54
CA ASN B 82 2.71 -11.37 8.15
C ASN B 82 2.40 -10.02 7.54
N ASN B 83 2.06 -10.00 6.27
CA ASN B 83 1.80 -8.74 5.57
C ASN B 83 0.35 -8.64 5.17
N ARG B 84 -0.51 -9.42 5.84
CA ARG B 84 -1.95 -9.56 5.50
C ARG B 84 -2.71 -8.25 5.28
N LYS B 85 -2.56 -7.30 6.18
CA LYS B 85 -3.33 -6.05 6.11
C LYS B 85 -2.79 -5.15 5.02
N TYR B 86 -1.49 -5.23 4.83
CA TYR B 86 -0.77 -4.46 3.82
C TYR B 86 -1.21 -4.95 2.44
N ILE B 87 -1.17 -6.27 2.23
CA ILE B 87 -1.57 -6.90 0.96
C ILE B 87 -3.04 -6.55 0.61
N ILE B 88 -3.90 -6.56 1.62
CA ILE B 88 -5.31 -6.19 1.42
C ILE B 88 -5.43 -4.74 0.95
N ALA B 89 -4.70 -3.85 1.60
CA ALA B 89 -4.71 -2.42 1.27
C ALA B 89 -4.34 -2.14 -0.18
N LEU B 90 -3.22 -2.70 -0.68
CA LEU B 90 -2.81 -2.42 -2.06
C LEU B 90 -3.81 -3.00 -3.05
N CYS B 91 -4.32 -4.19 -2.75
CA CYS B 91 -5.32 -4.87 -3.59
C CYS B 91 -6.54 -3.97 -3.79
N LEU B 92 -6.96 -3.35 -2.71
CA LEU B 92 -8.04 -2.43 -2.74
C LEU B 92 -7.70 -1.19 -3.55
N ILE B 93 -6.47 -0.68 -3.41
CA ILE B 93 -6.00 0.50 -4.18
C ILE B 93 -6.08 0.24 -5.70
N PHE B 94 -5.71 -0.98 -6.12
CA PHE B 94 -5.75 -1.35 -7.55
C PHE B 94 -7.18 -1.41 -8.08
N ARG B 95 -8.12 -1.62 -7.19
CA ARG B 95 -9.52 -1.67 -7.56
C ARG B 95 -10.26 -0.41 -7.14
N SER B 96 -9.55 0.56 -6.65
CA SER B 96 -10.14 1.79 -6.22
C SER B 96 -9.84 2.96 -7.15
N ASN B 97 -10.53 4.06 -6.88
CA ASN B 97 -10.47 5.35 -7.59
C ASN B 97 -9.11 6.02 -7.49
N LEU B 98 -8.25 5.48 -6.66
CA LEU B 98 -6.93 6.01 -6.44
C LEU B 98 -6.01 5.52 -7.54
N ASN B 99 -6.02 6.25 -8.62
CA ASN B 99 -5.30 5.92 -9.82
C ASN B 99 -3.85 6.39 -9.76
N LEU B 100 -3.59 7.44 -9.00
CA LEU B 100 -2.25 7.97 -8.87
C LEU B 100 -1.46 7.09 -7.92
N SER B 101 -2.10 6.67 -6.86
CA SER B 101 -1.50 5.76 -5.91
C SER B 101 -1.34 4.38 -6.55
N LYS B 102 -2.31 4.01 -7.40
CA LYS B 102 -2.27 2.79 -8.19
C LYS B 102 -1.04 2.81 -9.09
N ARG B 103 -0.81 3.96 -9.74
CA ARG B 103 0.33 4.21 -10.63
C ARG B 103 1.65 3.94 -9.91
N TYR B 104 1.78 4.49 -8.72
CA TYR B 104 2.96 4.33 -7.87
C TYR B 104 3.25 2.86 -7.56
N LEU B 105 2.22 2.14 -7.24
CA LEU B 105 2.34 0.73 -6.91
C LEU B 105 2.66 -0.10 -8.15
N GLU B 106 1.99 0.20 -9.27
CA GLU B 106 2.17 -0.52 -10.51
C GLU B 106 3.54 -0.31 -11.13
N TYR B 107 4.09 0.90 -11.00
CA TYR B 107 5.38 1.18 -11.59
C TYR B 107 6.47 0.43 -10.82
N TYR B 108 6.29 0.34 -9.52
CA TYR B 108 7.23 -0.31 -8.64
C TYR B 108 7.21 -1.84 -8.87
N THR B 109 6.02 -2.37 -9.14
CA THR B 109 5.87 -3.80 -9.35
C THR B 109 6.07 -4.24 -10.83
N MET B 110 6.21 -3.29 -11.75
CA MET B 110 6.53 -3.66 -13.14
C MET B 110 8.05 -3.74 -13.30
N LEU B 111 8.74 -3.28 -12.26
CA LEU B 111 10.19 -3.35 -12.15
C LEU B 111 10.62 -4.76 -11.75
N GLU B 112 9.65 -5.59 -11.43
CA GLU B 112 9.88 -6.94 -11.03
C GLU B 112 9.93 -7.85 -12.22
N HIS B 113 10.57 -8.96 -12.03
CA HIS B 113 10.55 -10.05 -12.99
C HIS B 113 10.25 -11.32 -12.23
N HIS B 114 9.54 -11.14 -11.12
CA HIS B 114 9.18 -12.22 -10.22
C HIS B 114 8.09 -13.08 -10.80
N HIS B 115 8.42 -14.31 -11.10
CA HIS B 115 7.46 -15.31 -11.57
C HIS B 115 8.09 -16.69 -11.48
N HIS B 116 7.37 -17.60 -10.88
CA HIS B 116 7.87 -18.95 -10.68
C HIS B 116 6.93 -19.96 -11.30
N HIS B 117 7.49 -20.90 -11.98
CA HIS B 117 6.73 -21.88 -12.72
C HIS B 117 6.87 -23.26 -12.06
N HIS B 118 5.82 -24.04 -12.11
CA HIS B 118 5.88 -25.42 -11.65
C HIS B 118 6.07 -26.27 -12.88
N SER A 1 18.55 13.32 5.35
CA SER A 1 19.14 12.36 4.45
C SER A 1 18.05 11.48 3.81
N MET A 2 18.34 11.03 2.56
CA MET A 2 17.49 10.11 1.76
C MET A 2 16.09 10.66 1.50
N ASN A 3 15.91 11.32 0.38
CA ASN A 3 14.59 11.85 0.06
C ASN A 3 13.74 10.84 -0.61
N ARG A 4 12.56 10.71 -0.09
CA ARG A 4 11.59 9.79 -0.58
C ARG A 4 10.35 10.58 -0.90
N LEU A 5 9.71 10.24 -1.97
CA LEU A 5 8.49 10.92 -2.37
C LEU A 5 7.33 10.02 -2.09
N GLY A 6 6.16 10.57 -2.03
CA GLY A 6 5.01 9.76 -1.82
C GLY A 6 3.72 10.52 -1.86
N ILE A 7 2.64 9.82 -1.53
CA ILE A 7 1.27 10.34 -1.62
C ILE A 7 0.65 10.34 -0.22
N ILE A 8 0.04 11.42 0.14
CA ILE A 8 -0.54 11.57 1.48
C ILE A 8 -1.91 10.92 1.56
N TYR A 9 -2.06 10.02 2.49
CA TYR A 9 -3.30 9.33 2.71
C TYR A 9 -4.08 9.86 3.90
N GLU A 10 -3.40 10.23 4.96
CA GLU A 10 -4.14 10.72 6.10
C GLU A 10 -3.29 11.64 6.94
N ILE A 11 -3.88 12.73 7.37
CA ILE A 11 -3.25 13.64 8.26
C ILE A 11 -3.74 13.34 9.66
N GLN A 12 -2.85 12.93 10.50
CA GLN A 12 -3.17 12.60 11.85
C GLN A 12 -2.49 13.63 12.74
N GLY A 13 -3.11 14.78 12.83
CA GLY A 13 -2.56 15.87 13.61
C GLY A 13 -1.29 16.44 12.99
N MET A 14 -0.17 16.20 13.65
CA MET A 14 1.13 16.73 13.20
C MET A 14 1.91 15.68 12.41
N LYS A 15 1.30 14.53 12.19
CA LYS A 15 1.96 13.47 11.46
C LYS A 15 1.06 13.05 10.30
N ALA A 16 1.60 12.41 9.31
CA ALA A 16 0.83 12.00 8.16
C ALA A 16 1.20 10.63 7.70
N VAL A 17 0.22 9.86 7.30
CA VAL A 17 0.44 8.55 6.73
C VAL A 17 0.57 8.75 5.24
N VAL A 18 1.71 8.45 4.72
CA VAL A 18 1.97 8.63 3.32
C VAL A 18 2.40 7.33 2.68
N LEU A 19 2.23 7.27 1.41
CA LEU A 19 2.78 6.23 0.58
C LEU A 19 4.18 6.66 0.24
N THR A 20 5.04 5.75 0.01
CA THR A 20 6.34 6.10 -0.46
C THR A 20 6.42 5.84 -1.95
N SER A 21 7.59 6.05 -2.52
CA SER A 21 7.87 5.77 -3.89
C SER A 21 8.02 4.25 -4.10
N GLU A 22 8.04 3.53 -3.00
CA GLU A 22 8.13 2.11 -2.98
C GLU A 22 6.79 1.49 -2.52
N GLY A 23 5.76 2.34 -2.42
CA GLY A 23 4.39 1.89 -2.15
C GLY A 23 4.10 1.48 -0.72
N GLU A 24 4.93 1.92 0.20
CA GLU A 24 4.76 1.59 1.62
C GLU A 24 3.86 2.60 2.26
N PHE A 25 3.19 2.23 3.32
CA PHE A 25 2.44 3.20 4.10
C PHE A 25 3.28 3.52 5.30
N LEU A 26 3.77 4.71 5.39
CA LEU A 26 4.61 5.10 6.49
C LEU A 26 4.17 6.42 7.04
N ILE A 27 4.26 6.57 8.32
CA ILE A 27 3.86 7.79 8.97
C ILE A 27 5.08 8.69 8.99
N ILE A 28 4.92 9.94 8.69
CA ILE A 28 6.00 10.89 8.73
C ILE A 28 5.52 12.15 9.43
N ARG A 29 6.41 13.11 9.59
CA ARG A 29 6.07 14.40 10.18
C ARG A 29 5.32 15.22 9.11
N ARG A 30 4.28 15.94 9.50
CA ARG A 30 3.52 16.74 8.56
C ARG A 30 4.31 18.01 8.12
N ARG A 31 4.14 18.35 6.85
CA ARG A 31 4.69 19.56 6.27
C ARG A 31 3.55 20.53 5.98
N LYS A 32 3.91 21.79 5.76
CA LYS A 32 2.95 22.88 5.45
C LYS A 32 2.20 22.55 4.17
N ASP A 33 2.93 22.03 3.22
CA ASP A 33 2.46 21.73 1.89
C ASP A 33 1.69 20.40 1.81
N MET A 34 1.39 19.80 2.96
CA MET A 34 0.65 18.54 2.98
C MET A 34 -0.83 18.72 2.99
N LYS A 35 -1.49 17.88 2.22
CA LYS A 35 -2.93 17.87 2.09
C LYS A 35 -3.27 16.43 1.67
N VAL A 36 -4.31 15.84 2.25
CA VAL A 36 -4.70 14.45 1.95
C VAL A 36 -5.02 14.27 0.44
N GLY A 37 -4.20 13.48 -0.22
CA GLY A 37 -4.34 13.23 -1.62
C GLY A 37 -3.17 13.74 -2.43
N GLN A 38 -2.51 14.77 -1.93
CA GLN A 38 -1.37 15.37 -2.63
C GLN A 38 -0.09 14.59 -2.45
N GLN A 39 0.88 14.86 -3.31
CA GLN A 39 2.17 14.22 -3.20
C GLN A 39 3.12 15.11 -2.43
N VAL A 40 4.05 14.49 -1.76
CA VAL A 40 4.99 15.17 -0.92
C VAL A 40 6.40 14.53 -1.03
N SER A 41 7.42 15.33 -0.84
CA SER A 41 8.78 14.89 -0.76
C SER A 41 9.26 15.06 0.66
N PHE A 42 9.86 14.05 1.20
CA PHE A 42 10.29 14.05 2.59
C PHE A 42 11.62 13.37 2.75
N GLU A 43 12.16 13.43 3.92
CA GLU A 43 13.41 12.77 4.25
C GLU A 43 13.07 11.40 4.81
N ASN A 44 14.04 10.52 4.87
CA ASN A 44 13.84 9.20 5.51
C ASN A 44 13.79 9.42 7.02
N GLU A 45 14.34 10.55 7.43
CA GLU A 45 14.40 10.96 8.81
C GLU A 45 13.03 11.42 9.30
N ASP A 46 12.13 11.76 8.39
CA ASP A 46 10.76 12.17 8.76
C ASP A 46 9.92 10.98 9.17
N ILE A 47 10.33 9.81 8.70
CA ILE A 47 9.61 8.55 8.90
C ILE A 47 9.54 8.13 10.37
N TYR A 48 8.33 7.91 10.79
CA TYR A 48 8.00 7.36 12.06
C TYR A 48 8.03 5.87 11.90
N ASN A 49 8.92 5.26 12.58
CA ASN A 49 9.04 3.83 12.52
C ASN A 49 8.12 3.21 13.54
N VAL A 50 7.49 2.14 13.15
CA VAL A 50 6.55 1.44 14.00
C VAL A 50 7.27 0.41 14.86
N ARG A 51 8.59 0.49 14.82
CA ARG A 51 9.46 -0.25 15.71
C ARG A 51 9.15 0.19 17.13
N GLY A 52 8.62 -0.70 17.92
CA GLY A 52 8.29 -0.39 19.27
C GLY A 52 9.50 -0.53 20.16
N LYS A 53 9.58 -1.65 20.84
CA LYS A 53 10.71 -1.95 21.67
C LYS A 53 11.05 -3.42 21.48
N MET B 1 -0.35 16.10 -16.47
CA MET B 1 -1.59 15.62 -15.86
C MET B 1 -1.50 15.90 -14.39
N GLU B 2 -2.63 16.06 -13.75
CA GLU B 2 -2.63 16.18 -12.33
C GLU B 2 -2.41 14.86 -11.69
N ASP B 3 -1.49 14.85 -10.82
CA ASP B 3 -1.09 13.66 -10.13
C ASP B 3 -1.41 13.82 -8.67
N ILE B 4 -2.68 13.80 -8.38
CA ILE B 4 -3.19 14.01 -7.04
C ILE B 4 -4.37 13.03 -6.84
N GLU B 5 -4.61 12.66 -5.64
CA GLU B 5 -5.71 11.80 -5.27
C GLU B 5 -6.73 12.63 -4.54
N ALA B 6 -7.96 12.23 -4.56
CA ALA B 6 -8.98 12.96 -3.85
C ALA B 6 -9.16 12.40 -2.46
N ARG B 7 -9.25 13.28 -1.47
CA ARG B 7 -9.45 12.92 -0.05
C ARG B 7 -10.68 12.04 0.15
N GLU B 8 -11.73 12.36 -0.55
CA GLU B 8 -12.98 11.62 -0.51
C GLU B 8 -12.81 10.18 -1.01
N ASP B 9 -11.88 9.98 -1.92
CA ASP B 9 -11.60 8.66 -2.47
C ASP B 9 -10.67 7.92 -1.56
N ILE B 10 -9.80 8.65 -0.87
CA ILE B 10 -8.89 8.08 0.13
C ILE B 10 -9.75 7.51 1.28
N GLU B 11 -10.73 8.30 1.67
CA GLU B 11 -11.61 7.93 2.74
C GLU B 11 -12.69 6.92 2.30
N GLU B 12 -12.92 6.82 1.00
CA GLU B 12 -13.81 5.81 0.48
C GLU B 12 -13.07 4.46 0.59
N LEU B 13 -11.76 4.51 0.37
CA LEU B 13 -10.89 3.37 0.54
C LEU B 13 -10.86 3.00 2.03
N LYS B 14 -10.79 4.03 2.89
CA LYS B 14 -10.79 3.89 4.35
C LYS B 14 -11.97 3.07 4.84
N LYS B 15 -13.19 3.42 4.41
CA LYS B 15 -14.40 2.71 4.87
C LYS B 15 -14.43 1.25 4.43
N LYS B 16 -13.82 0.98 3.29
CA LYS B 16 -13.66 -0.40 2.84
C LYS B 16 -12.70 -1.14 3.76
N LEU B 17 -11.59 -0.51 4.12
CA LEU B 17 -10.63 -1.06 5.09
C LEU B 17 -11.30 -1.28 6.45
N GLN B 18 -12.22 -0.38 6.82
CA GLN B 18 -12.96 -0.49 8.08
C GLN B 18 -13.81 -1.75 8.13
N GLU B 19 -14.29 -2.20 6.96
CA GLU B 19 -15.06 -3.44 6.85
C GLU B 19 -14.16 -4.64 7.15
N PHE B 20 -12.93 -4.57 6.69
CA PHE B 20 -11.92 -5.62 6.90
C PHE B 20 -11.33 -5.52 8.32
N GLY B 21 -11.49 -4.37 8.95
CA GLY B 21 -10.98 -4.13 10.29
C GLY B 21 -9.57 -3.61 10.24
N ILE B 22 -9.30 -2.76 9.29
CA ILE B 22 -7.98 -2.23 9.02
C ILE B 22 -8.03 -0.70 8.99
N THR B 23 -7.07 -0.04 9.60
CA THR B 23 -6.92 1.39 9.45
C THR B 23 -5.67 1.65 8.64
N PHE B 24 -5.33 2.91 8.41
CA PHE B 24 -4.10 3.24 7.71
C PHE B 24 -2.88 2.95 8.61
N LEU B 25 -3.12 2.91 9.92
CA LEU B 25 -2.08 2.60 10.90
C LEU B 25 -1.74 1.13 10.87
N ASP B 26 -2.76 0.28 10.66
CA ASP B 26 -2.61 -1.19 10.54
C ASP B 26 -1.72 -1.54 9.36
N LEU B 27 -1.78 -0.68 8.36
CA LEU B 27 -1.01 -0.85 7.15
C LEU B 27 0.44 -0.61 7.41
N VAL B 28 0.73 0.44 8.18
CA VAL B 28 2.09 0.82 8.53
C VAL B 28 2.74 -0.29 9.37
N LEU B 29 1.93 -0.94 10.20
CA LEU B 29 2.35 -2.05 11.02
C LEU B 29 2.62 -3.33 10.19
N ASN B 30 2.21 -3.35 8.93
CA ASN B 30 2.40 -4.51 8.06
C ASN B 30 3.29 -4.20 6.87
N VAL B 31 4.05 -3.12 6.95
CA VAL B 31 4.93 -2.70 5.87
C VAL B 31 6.22 -3.55 5.76
N PRO B 32 6.54 -4.06 4.53
CA PRO B 32 7.79 -4.78 4.23
C PRO B 32 9.00 -3.86 4.47
N LYS B 33 10.07 -4.45 4.92
CA LYS B 33 11.25 -3.73 5.37
C LYS B 33 12.19 -3.35 4.23
N HIS B 34 12.40 -4.27 3.32
CA HIS B 34 13.36 -4.03 2.25
C HIS B 34 12.72 -4.19 0.87
N ARG B 35 13.35 -3.56 -0.15
CA ARG B 35 12.85 -3.47 -1.55
C ARG B 35 12.30 -4.77 -2.12
N ASP B 36 13.04 -5.85 -1.93
CA ASP B 36 12.70 -7.15 -2.50
C ASP B 36 11.35 -7.64 -2.02
N SER B 37 11.09 -7.42 -0.76
CA SER B 37 9.88 -7.83 -0.14
C SER B 37 8.76 -6.82 -0.39
N ARG B 38 9.12 -5.55 -0.57
CA ARG B 38 8.12 -4.49 -0.86
C ARG B 38 7.42 -4.78 -2.16
N GLN B 39 8.21 -5.08 -3.19
CA GLN B 39 7.67 -5.41 -4.52
C GLN B 39 6.84 -6.66 -4.45
N LEU B 40 7.36 -7.63 -3.72
CA LEU B 40 6.75 -8.93 -3.56
C LEU B 40 5.33 -8.79 -2.96
N CYS B 41 5.21 -8.12 -1.82
CA CYS B 41 3.93 -7.96 -1.13
C CYS B 41 2.90 -7.12 -1.92
N ILE B 42 3.36 -6.10 -2.64
CA ILE B 42 2.46 -5.30 -3.46
C ILE B 42 2.03 -6.10 -4.71
N ARG B 43 2.92 -6.96 -5.19
CA ARG B 43 2.63 -7.80 -6.35
C ARG B 43 1.60 -8.86 -6.01
N LEU B 44 1.61 -9.30 -4.76
CA LEU B 44 0.63 -10.25 -4.23
C LEU B 44 -0.74 -9.61 -4.32
N ALA B 45 -0.81 -8.37 -3.89
CA ALA B 45 -2.02 -7.59 -3.91
C ALA B 45 -2.45 -7.27 -5.35
N LYS B 46 -1.48 -7.15 -6.24
CA LYS B 46 -1.73 -6.87 -7.64
C LYS B 46 -2.48 -8.02 -8.28
N MET B 47 -1.94 -9.23 -8.14
CA MET B 47 -2.56 -10.41 -8.76
C MET B 47 -3.85 -10.80 -8.04
N LEU B 48 -3.96 -10.36 -6.79
CA LEU B 48 -5.16 -10.55 -5.99
C LEU B 48 -6.28 -9.67 -6.52
N ALA B 49 -5.93 -8.46 -6.94
CA ALA B 49 -6.88 -7.51 -7.47
C ALA B 49 -7.23 -7.80 -8.92
N GLU B 50 -6.22 -8.17 -9.71
CA GLU B 50 -6.42 -8.42 -11.14
C GLU B 50 -7.26 -9.66 -11.39
N ASP B 51 -7.15 -10.62 -10.51
CA ASP B 51 -7.97 -11.79 -10.60
C ASP B 51 -9.25 -11.49 -9.87
N GLU B 52 -10.32 -11.33 -10.62
CA GLU B 52 -11.63 -10.96 -10.10
C GLU B 52 -12.14 -11.96 -9.08
N GLN B 53 -11.90 -13.23 -9.35
CA GLN B 53 -12.36 -14.29 -8.51
C GLN B 53 -11.62 -14.29 -7.15
N MET B 54 -10.34 -13.95 -7.17
CA MET B 54 -9.55 -13.82 -5.95
C MET B 54 -9.95 -12.57 -5.18
N TYR B 55 -10.12 -11.46 -5.90
CA TYR B 55 -10.52 -10.18 -5.33
C TYR B 55 -11.90 -10.27 -4.68
N ASN B 56 -12.78 -11.03 -5.28
CA ASN B 56 -14.10 -11.21 -4.75
C ASN B 56 -14.11 -12.20 -3.58
N ALA B 57 -13.16 -13.13 -3.54
CA ALA B 57 -12.99 -14.04 -2.39
C ALA B 57 -12.48 -13.24 -1.20
N LEU B 58 -11.62 -12.28 -1.51
CA LEU B 58 -11.08 -11.32 -0.58
C LEU B 58 -12.22 -10.48 0.04
N MET B 59 -13.11 -9.99 -0.80
CA MET B 59 -14.26 -9.20 -0.37
C MET B 59 -15.28 -9.99 0.44
N LYS B 60 -15.64 -11.17 -0.04
CA LYS B 60 -16.65 -12.01 0.58
C LYS B 60 -16.26 -12.51 1.96
N ASN B 61 -15.00 -12.86 2.14
CA ASN B 61 -14.59 -13.42 3.43
C ASN B 61 -13.96 -12.38 4.30
N LYS B 62 -13.64 -11.21 3.72
CA LYS B 62 -12.94 -10.10 4.41
C LYS B 62 -11.55 -10.52 4.84
N ASN B 63 -11.05 -11.54 4.19
CA ASN B 63 -9.76 -12.15 4.41
C ASN B 63 -9.19 -12.46 3.07
N ILE B 64 -7.90 -12.61 3.03
CA ILE B 64 -7.22 -12.92 1.79
C ILE B 64 -7.41 -14.42 1.49
N PRO B 65 -7.76 -14.78 0.22
CA PRO B 65 -7.75 -16.18 -0.23
C PRO B 65 -6.28 -16.65 -0.35
N ARG B 66 -5.66 -16.91 0.80
CA ARG B 66 -4.23 -17.15 0.92
C ARG B 66 -3.76 -18.40 0.22
N ASN B 67 -4.60 -19.43 0.17
CA ASN B 67 -4.26 -20.69 -0.52
C ASN B 67 -4.04 -20.45 -2.00
N GLU B 68 -4.93 -19.68 -2.58
CA GLU B 68 -4.91 -19.36 -3.99
C GLU B 68 -3.73 -18.42 -4.29
N LEU B 69 -3.53 -17.46 -3.39
CA LEU B 69 -2.48 -16.47 -3.53
C LEU B 69 -1.09 -17.09 -3.44
N LYS B 70 -0.88 -17.98 -2.47
CA LYS B 70 0.42 -18.55 -2.24
C LYS B 70 0.87 -19.44 -3.40
N LYS B 71 -0.09 -20.09 -4.08
CA LYS B 71 0.30 -20.95 -5.18
C LYS B 71 0.48 -20.15 -6.48
N LYS B 72 -0.34 -19.11 -6.68
CA LYS B 72 -0.21 -18.25 -7.86
C LYS B 72 1.06 -17.39 -7.79
N ALA B 73 1.31 -16.81 -6.63
CA ALA B 73 2.46 -15.94 -6.44
C ALA B 73 3.74 -16.71 -6.17
N LYS B 74 3.59 -17.93 -5.65
CA LYS B 74 4.71 -18.79 -5.21
C LYS B 74 5.42 -18.15 -4.04
N VAL B 75 4.67 -17.96 -2.96
CA VAL B 75 5.16 -17.33 -1.75
C VAL B 75 4.81 -18.16 -0.54
N HIS B 76 5.27 -17.71 0.60
CA HIS B 76 5.08 -18.42 1.83
C HIS B 76 3.84 -17.92 2.53
N GLY B 77 3.26 -18.75 3.37
CA GLY B 77 2.05 -18.39 4.08
C GLY B 77 2.28 -17.36 5.15
N ARG B 78 3.49 -17.39 5.68
CA ARG B 78 3.91 -16.45 6.70
C ARG B 78 4.10 -15.07 6.09
N THR B 79 4.50 -15.02 4.82
CA THR B 79 4.69 -13.78 4.10
C THR B 79 3.34 -13.05 4.00
N ILE B 80 2.33 -13.80 3.63
CA ILE B 80 1.00 -13.29 3.46
C ILE B 80 0.38 -12.91 4.82
N GLY B 81 0.66 -13.72 5.85
CA GLY B 81 0.13 -13.46 7.18
C GLY B 81 0.75 -12.25 7.86
N ASN B 82 2.02 -12.01 7.61
CA ASN B 82 2.73 -10.87 8.22
C ASN B 82 2.37 -9.55 7.58
N ASN B 83 2.02 -9.60 6.31
CA ASN B 83 1.75 -8.39 5.55
C ASN B 83 0.27 -8.33 5.16
N ARG B 84 -0.55 -9.12 5.85
CA ARG B 84 -1.99 -9.28 5.53
C ARG B 84 -2.80 -7.97 5.44
N LYS B 85 -2.59 -7.02 6.37
CA LYS B 85 -3.33 -5.75 6.39
C LYS B 85 -2.94 -4.93 5.16
N TYR B 86 -1.66 -4.95 4.88
CA TYR B 86 -1.02 -4.22 3.82
C TYR B 86 -1.48 -4.72 2.45
N ILE B 87 -1.44 -6.05 2.25
CA ILE B 87 -1.85 -6.69 0.98
C ILE B 87 -3.31 -6.34 0.63
N ILE B 88 -4.18 -6.34 1.63
CA ILE B 88 -5.59 -6.01 1.44
C ILE B 88 -5.74 -4.55 0.95
N ALA B 89 -4.95 -3.65 1.51
CA ALA B 89 -5.00 -2.25 1.14
C ALA B 89 -4.66 -2.02 -0.32
N LEU B 90 -3.57 -2.66 -0.81
CA LEU B 90 -3.14 -2.42 -2.19
C LEU B 90 -4.12 -2.99 -3.20
N CYS B 91 -4.70 -4.18 -2.92
CA CYS B 91 -5.64 -4.78 -3.88
C CYS B 91 -6.90 -3.93 -4.07
N LEU B 92 -7.31 -3.29 -2.98
CA LEU B 92 -8.42 -2.38 -3.00
C LEU B 92 -8.08 -1.15 -3.83
N ILE B 93 -6.84 -0.67 -3.72
CA ILE B 93 -6.35 0.50 -4.48
C ILE B 93 -6.39 0.23 -6.00
N PHE B 94 -6.03 -0.99 -6.41
CA PHE B 94 -5.98 -1.34 -7.84
C PHE B 94 -7.36 -1.40 -8.46
N ARG B 95 -8.35 -1.63 -7.64
CA ARG B 95 -9.73 -1.64 -8.13
C ARG B 95 -10.50 -0.36 -7.77
N SER B 96 -9.91 0.48 -6.98
CA SER B 96 -10.55 1.69 -6.54
C SER B 96 -10.03 2.87 -7.36
N ASN B 97 -10.66 4.01 -7.16
CA ASN B 97 -10.46 5.24 -7.93
C ASN B 97 -9.13 5.94 -7.58
N LEU B 98 -8.27 5.25 -6.88
CA LEU B 98 -7.00 5.79 -6.49
C LEU B 98 -5.95 5.44 -7.54
N ASN B 99 -6.10 6.04 -8.72
CA ASN B 99 -5.27 5.79 -9.89
C ASN B 99 -3.83 6.28 -9.71
N LEU B 100 -3.60 7.23 -8.83
CA LEU B 100 -2.25 7.74 -8.64
C LEU B 100 -1.46 6.81 -7.74
N SER B 101 -2.09 6.35 -6.68
CA SER B 101 -1.49 5.41 -5.77
C SER B 101 -1.28 4.10 -6.49
N LYS B 102 -2.25 3.78 -7.34
CA LYS B 102 -2.23 2.65 -8.23
C LYS B 102 -0.99 2.74 -9.11
N ARG B 103 -0.79 3.92 -9.72
CA ARG B 103 0.38 4.20 -10.59
C ARG B 103 1.70 3.93 -9.86
N TYR B 104 1.79 4.39 -8.60
CA TYR B 104 2.97 4.18 -7.75
C TYR B 104 3.21 2.70 -7.44
N LEU B 105 2.16 2.01 -7.13
CA LEU B 105 2.24 0.60 -6.80
C LEU B 105 2.57 -0.25 -8.04
N GLU B 106 1.91 0.06 -9.16
CA GLU B 106 2.07 -0.67 -10.40
C GLU B 106 3.46 -0.51 -10.99
N TYR B 107 4.01 0.71 -10.98
CA TYR B 107 5.33 0.90 -11.58
C TYR B 107 6.41 0.25 -10.71
N TYR B 108 6.20 0.27 -9.40
CA TYR B 108 7.18 -0.26 -8.48
C TYR B 108 7.27 -1.77 -8.59
N THR B 109 6.15 -2.41 -8.84
CA THR B 109 6.12 -3.83 -8.96
C THR B 109 6.60 -4.32 -10.34
N MET B 110 6.67 -3.41 -11.32
CA MET B 110 7.22 -3.75 -12.61
C MET B 110 8.72 -3.48 -12.68
N LEU B 111 9.27 -2.95 -11.57
CA LEU B 111 10.70 -2.74 -11.42
C LEU B 111 11.33 -4.04 -10.94
N GLU B 112 11.24 -5.05 -11.77
CA GLU B 112 11.68 -6.39 -11.46
C GLU B 112 13.09 -6.53 -10.99
N HIS B 113 13.30 -7.59 -10.24
CA HIS B 113 14.60 -7.95 -9.71
C HIS B 113 15.34 -8.50 -10.90
N HIS B 114 16.16 -7.70 -11.54
CA HIS B 114 16.72 -8.09 -12.80
C HIS B 114 18.17 -7.70 -12.93
N HIS B 115 18.83 -8.35 -13.84
CA HIS B 115 20.17 -8.03 -14.23
C HIS B 115 20.33 -8.45 -15.67
N HIS B 116 20.88 -7.60 -16.47
CA HIS B 116 21.13 -7.88 -17.87
C HIS B 116 22.47 -7.28 -18.16
N HIS B 117 22.98 -7.44 -19.36
CA HIS B 117 24.15 -6.69 -19.66
C HIS B 117 23.67 -5.42 -20.33
N HIS B 118 23.41 -4.45 -19.47
CA HIS B 118 22.89 -3.11 -19.74
C HIS B 118 22.27 -2.67 -18.42
N SER A 1 18.70 16.04 2.32
CA SER A 1 19.63 14.98 2.65
C SER A 1 19.29 13.72 1.84
N MET A 2 18.06 13.24 1.98
CA MET A 2 17.55 12.09 1.28
C MET A 2 16.08 12.27 1.08
N ASN A 3 15.69 12.60 -0.12
CA ASN A 3 14.30 12.82 -0.40
C ASN A 3 13.57 11.56 -0.74
N ARG A 4 12.46 11.43 -0.10
CA ARG A 4 11.54 10.36 -0.24
C ARG A 4 10.26 10.99 -0.74
N LEU A 5 9.66 10.39 -1.71
CA LEU A 5 8.40 10.89 -2.20
C LEU A 5 7.30 10.09 -1.62
N GLY A 6 6.18 10.71 -1.43
CA GLY A 6 5.06 10.03 -0.88
C GLY A 6 3.75 10.68 -1.18
N ILE A 7 2.72 9.88 -1.15
CA ILE A 7 1.36 10.32 -1.34
C ILE A 7 0.67 10.30 0.00
N ILE A 8 0.15 11.41 0.40
CA ILE A 8 -0.48 11.57 1.70
C ILE A 8 -1.82 10.85 1.74
N TYR A 9 -1.94 9.90 2.62
CA TYR A 9 -3.14 9.14 2.76
C TYR A 9 -3.95 9.54 3.99
N GLU A 10 -3.29 10.09 5.01
CA GLU A 10 -4.02 10.55 6.18
C GLU A 10 -3.17 11.48 7.01
N ILE A 11 -3.79 12.53 7.52
CA ILE A 11 -3.17 13.46 8.44
C ILE A 11 -3.64 13.08 9.83
N GLN A 12 -2.74 12.79 10.70
CA GLN A 12 -3.05 12.34 12.03
C GLN A 12 -2.37 13.26 13.04
N GLY A 13 -3.01 14.39 13.31
CA GLY A 13 -2.47 15.35 14.26
C GLY A 13 -1.19 16.01 13.77
N MET A 14 -0.06 15.57 14.32
CA MET A 14 1.25 16.11 13.98
C MET A 14 2.03 15.16 13.04
N LYS A 15 1.37 14.12 12.58
CA LYS A 15 2.02 13.16 11.74
C LYS A 15 1.13 12.83 10.54
N ALA A 16 1.68 12.18 9.56
CA ALA A 16 0.93 11.82 8.36
C ALA A 16 1.34 10.47 7.85
N VAL A 17 0.39 9.72 7.32
CA VAL A 17 0.66 8.44 6.70
C VAL A 17 0.80 8.68 5.20
N VAL A 18 1.93 8.33 4.65
CA VAL A 18 2.20 8.54 3.25
C VAL A 18 2.62 7.24 2.55
N LEU A 19 2.27 7.12 1.27
CA LEU A 19 2.71 6.03 0.40
C LEU A 19 3.95 6.44 -0.27
N THR A 20 5.02 5.82 0.06
CA THR A 20 6.29 6.19 -0.48
C THR A 20 6.43 5.72 -1.93
N SER A 21 7.50 6.15 -2.54
CA SER A 21 7.86 5.73 -3.88
C SER A 21 8.34 4.25 -3.89
N GLU A 22 8.43 3.67 -2.69
CA GLU A 22 8.75 2.28 -2.46
C GLU A 22 7.44 1.49 -2.16
N GLY A 23 6.31 2.20 -2.13
CA GLY A 23 5.01 1.58 -1.91
C GLY A 23 4.71 1.27 -0.45
N GLU A 24 5.42 1.91 0.45
CA GLU A 24 5.25 1.64 1.87
C GLU A 24 4.32 2.67 2.47
N PHE A 25 3.46 2.25 3.40
CA PHE A 25 2.68 3.21 4.17
C PHE A 25 3.53 3.57 5.36
N LEU A 26 3.99 4.76 5.42
CA LEU A 26 4.87 5.16 6.49
C LEU A 26 4.41 6.44 7.09
N ILE A 27 4.55 6.54 8.38
CA ILE A 27 4.17 7.72 9.09
C ILE A 27 5.38 8.65 9.15
N ILE A 28 5.16 9.89 8.82
CA ILE A 28 6.18 10.92 8.84
C ILE A 28 5.68 12.09 9.66
N ARG A 29 6.50 13.13 9.82
CA ARG A 29 6.03 14.35 10.49
C ARG A 29 5.14 15.11 9.53
N ARG A 30 4.15 15.81 10.06
CA ARG A 30 3.27 16.63 9.26
C ARG A 30 4.03 17.88 8.80
N ARG A 31 3.71 18.35 7.63
CA ARG A 31 4.36 19.49 7.03
C ARG A 31 3.33 20.48 6.50
N LYS A 32 3.82 21.60 6.01
CA LYS A 32 3.04 22.67 5.37
C LYS A 32 2.38 22.16 4.10
N ASP A 33 3.09 21.32 3.44
CA ASP A 33 2.81 20.82 2.10
C ASP A 33 1.75 19.70 2.14
N MET A 34 1.05 19.58 3.22
CA MET A 34 0.19 18.46 3.42
C MET A 34 -1.29 18.68 3.29
N LYS A 35 -1.88 17.81 2.53
CA LYS A 35 -3.30 17.66 2.34
C LYS A 35 -3.47 16.21 1.96
N VAL A 36 -4.51 15.56 2.46
CA VAL A 36 -4.76 14.17 2.16
C VAL A 36 -5.03 14.00 0.64
N GLY A 37 -4.20 13.22 0.01
CA GLY A 37 -4.31 12.96 -1.39
C GLY A 37 -3.16 13.55 -2.20
N GLN A 38 -2.46 14.51 -1.63
CA GLN A 38 -1.40 15.20 -2.35
C GLN A 38 -0.05 14.50 -2.30
N GLN A 39 0.78 14.85 -3.27
CA GLN A 39 2.17 14.43 -3.36
C GLN A 39 3.00 15.28 -2.44
N VAL A 40 3.99 14.70 -1.86
CA VAL A 40 4.90 15.42 -1.01
C VAL A 40 6.30 14.81 -1.13
N SER A 41 7.27 15.67 -1.20
CA SER A 41 8.65 15.28 -1.17
C SER A 41 9.19 15.64 0.21
N PHE A 42 9.67 14.67 0.90
CA PHE A 42 10.13 14.85 2.26
C PHE A 42 11.47 14.20 2.44
N GLU A 43 11.97 14.25 3.63
CA GLU A 43 13.23 13.66 3.94
C GLU A 43 13.02 12.29 4.56
N ASN A 44 14.04 11.48 4.53
CA ASN A 44 13.98 10.13 5.09
C ASN A 44 13.97 10.23 6.63
N GLU A 45 14.45 11.38 7.14
CA GLU A 45 14.48 11.66 8.56
C GLU A 45 13.10 12.03 9.10
N ASP A 46 12.19 12.44 8.21
CA ASP A 46 10.81 12.78 8.59
C ASP A 46 10.05 11.55 8.98
N ILE A 47 10.50 10.42 8.51
CA ILE A 47 9.82 9.16 8.72
C ILE A 47 9.99 8.67 10.17
N TYR A 48 8.88 8.22 10.72
CA TYR A 48 8.82 7.61 12.04
C TYR A 48 9.24 6.15 11.92
N ASN A 49 8.54 5.45 11.01
CA ASN A 49 8.66 4.00 10.74
C ASN A 49 8.15 3.14 11.83
N VAL A 50 7.52 2.10 11.43
CA VAL A 50 7.16 1.04 12.30
C VAL A 50 7.69 -0.19 11.64
N ARG A 51 7.16 -0.41 10.41
CA ARG A 51 7.38 -1.59 9.56
C ARG A 51 6.96 -2.90 10.23
N GLY A 52 7.68 -3.27 11.28
CA GLY A 52 7.34 -4.42 12.06
C GLY A 52 7.71 -5.71 11.41
N LYS A 53 7.52 -6.77 12.13
CA LYS A 53 7.76 -8.10 11.66
C LYS A 53 6.65 -8.96 12.21
N MET B 1 -2.30 18.16 -16.78
CA MET B 1 -2.35 16.74 -16.39
C MET B 1 -1.61 16.53 -15.11
N GLU B 2 -2.34 16.46 -14.03
CA GLU B 2 -1.78 16.24 -12.73
C GLU B 2 -2.10 14.86 -12.23
N ASP B 3 -1.32 14.41 -11.32
CA ASP B 3 -1.49 13.11 -10.73
C ASP B 3 -1.57 13.32 -9.25
N ILE B 4 -2.75 13.60 -8.79
CA ILE B 4 -3.02 13.84 -7.38
C ILE B 4 -4.25 13.00 -7.01
N GLU B 5 -4.39 12.64 -5.76
CA GLU B 5 -5.51 11.85 -5.28
C GLU B 5 -6.48 12.77 -4.57
N ALA B 6 -7.71 12.39 -4.56
CA ALA B 6 -8.73 13.15 -3.87
C ALA B 6 -8.91 12.59 -2.45
N ARG B 7 -8.94 13.48 -1.45
CA ARG B 7 -9.13 13.10 -0.03
C ARG B 7 -10.43 12.32 0.15
N GLU B 8 -11.47 12.78 -0.50
CA GLU B 8 -12.78 12.18 -0.43
C GLU B 8 -12.77 10.73 -0.93
N ASP B 9 -11.91 10.46 -1.91
CA ASP B 9 -11.75 9.10 -2.43
C ASP B 9 -10.84 8.27 -1.57
N ILE B 10 -9.87 8.92 -0.92
CA ILE B 10 -8.98 8.24 0.04
C ILE B 10 -9.84 7.70 1.19
N GLU B 11 -10.74 8.54 1.66
CA GLU B 11 -11.61 8.19 2.76
C GLU B 11 -12.69 7.18 2.36
N GLU B 12 -12.96 7.07 1.04
CA GLU B 12 -13.86 6.03 0.57
C GLU B 12 -13.17 4.70 0.49
N LEU B 13 -11.88 4.73 0.29
CA LEU B 13 -11.06 3.53 0.36
C LEU B 13 -10.98 3.11 1.83
N LYS B 14 -10.81 4.11 2.69
CA LYS B 14 -10.74 3.93 4.13
C LYS B 14 -12.00 3.26 4.67
N LYS B 15 -13.18 3.71 4.22
CA LYS B 15 -14.45 3.12 4.69
C LYS B 15 -14.59 1.66 4.24
N LYS B 16 -14.01 1.34 3.11
CA LYS B 16 -14.01 -0.02 2.64
C LYS B 16 -13.07 -0.86 3.54
N LEU B 17 -11.90 -0.29 3.86
CA LEU B 17 -10.96 -0.90 4.82
C LEU B 17 -11.61 -1.07 6.19
N GLN B 18 -12.51 -0.15 6.54
CA GLN B 18 -13.25 -0.18 7.81
C GLN B 18 -14.14 -1.42 7.89
N GLU B 19 -14.62 -1.89 6.73
CA GLU B 19 -15.43 -3.12 6.66
C GLU B 19 -14.55 -4.34 6.95
N PHE B 20 -13.32 -4.26 6.50
CA PHE B 20 -12.34 -5.31 6.74
C PHE B 20 -11.78 -5.25 8.16
N GLY B 21 -11.88 -4.08 8.76
CA GLY B 21 -11.40 -3.84 10.11
C GLY B 21 -9.97 -3.33 10.08
N ILE B 22 -9.64 -2.63 9.04
CA ILE B 22 -8.29 -2.18 8.79
C ILE B 22 -8.24 -0.65 8.71
N THR B 23 -7.27 -0.07 9.34
CA THR B 23 -7.00 1.34 9.25
C THR B 23 -5.71 1.54 8.46
N PHE B 24 -5.29 2.78 8.26
CA PHE B 24 -4.04 3.05 7.59
C PHE B 24 -2.88 2.77 8.55
N LEU B 25 -3.17 2.84 9.85
CA LEU B 25 -2.19 2.51 10.89
C LEU B 25 -1.86 1.03 10.87
N ASP B 26 -2.91 0.23 10.63
CA ASP B 26 -2.79 -1.25 10.49
C ASP B 26 -1.85 -1.60 9.37
N LEU B 27 -1.86 -0.78 8.35
CA LEU B 27 -1.07 -0.99 7.17
C LEU B 27 0.39 -0.72 7.44
N VAL B 28 0.66 0.31 8.25
CA VAL B 28 2.03 0.69 8.64
C VAL B 28 2.67 -0.44 9.49
N LEU B 29 1.82 -1.12 10.25
CA LEU B 29 2.22 -2.25 11.08
C LEU B 29 2.50 -3.50 10.22
N ASN B 30 2.01 -3.50 8.99
CA ASN B 30 2.15 -4.65 8.07
C ASN B 30 3.03 -4.30 6.88
N VAL B 31 3.83 -3.27 7.01
CA VAL B 31 4.69 -2.82 5.91
C VAL B 31 5.89 -3.77 5.72
N PRO B 32 6.16 -4.14 4.43
CA PRO B 32 7.33 -4.90 4.02
C PRO B 32 8.60 -4.33 4.60
N LYS B 33 9.47 -5.22 4.96
CA LYS B 33 10.59 -4.92 5.79
C LYS B 33 11.78 -4.40 4.98
N HIS B 34 11.85 -4.82 3.75
CA HIS B 34 12.91 -4.40 2.83
C HIS B 34 12.38 -4.47 1.39
N ARG B 35 13.15 -3.96 0.42
CA ARG B 35 12.72 -3.84 -1.00
C ARG B 35 12.25 -5.15 -1.64
N ASP B 36 12.92 -6.26 -1.29
CA ASP B 36 12.52 -7.62 -1.77
C ASP B 36 11.10 -7.89 -1.38
N SER B 37 10.81 -7.62 -0.12
CA SER B 37 9.53 -7.83 0.48
C SER B 37 8.49 -6.89 -0.14
N ARG B 38 8.89 -5.64 -0.44
CA ARG B 38 7.99 -4.61 -0.98
C ARG B 38 7.44 -5.01 -2.33
N GLN B 39 8.34 -5.25 -3.29
CA GLN B 39 7.95 -5.63 -4.65
C GLN B 39 7.16 -6.94 -4.66
N LEU B 40 7.53 -7.83 -3.77
CA LEU B 40 6.87 -9.11 -3.60
C LEU B 40 5.41 -8.92 -3.07
N CYS B 41 5.25 -8.22 -1.95
CA CYS B 41 3.92 -8.08 -1.33
C CYS B 41 2.95 -7.26 -2.18
N ILE B 42 3.46 -6.25 -2.87
CA ILE B 42 2.62 -5.43 -3.73
C ILE B 42 2.19 -6.22 -4.97
N ARG B 43 3.08 -7.10 -5.51
CA ARG B 43 2.70 -7.90 -6.70
C ARG B 43 1.67 -8.96 -6.31
N LEU B 44 1.66 -9.35 -5.02
CA LEU B 44 0.69 -10.31 -4.50
C LEU B 44 -0.67 -9.68 -4.55
N ALA B 45 -0.74 -8.46 -4.04
CA ALA B 45 -1.96 -7.68 -4.02
C ALA B 45 -2.40 -7.32 -5.42
N LYS B 46 -1.44 -7.15 -6.30
CA LYS B 46 -1.66 -6.81 -7.68
C LYS B 46 -2.39 -7.96 -8.37
N MET B 47 -1.85 -9.17 -8.29
CA MET B 47 -2.49 -10.35 -8.93
C MET B 47 -3.81 -10.71 -8.23
N LEU B 48 -3.91 -10.36 -6.95
CA LEU B 48 -5.11 -10.54 -6.14
C LEU B 48 -6.24 -9.64 -6.66
N ALA B 49 -5.87 -8.46 -7.13
CA ALA B 49 -6.82 -7.52 -7.67
C ALA B 49 -7.12 -7.85 -9.14
N GLU B 50 -6.11 -8.30 -9.88
CA GLU B 50 -6.24 -8.62 -11.31
C GLU B 50 -7.17 -9.82 -11.53
N ASP B 51 -7.16 -10.74 -10.60
CA ASP B 51 -7.99 -11.92 -10.72
C ASP B 51 -9.30 -11.69 -10.03
N GLU B 52 -10.37 -11.99 -10.73
CA GLU B 52 -11.71 -11.75 -10.23
C GLU B 52 -12.07 -12.63 -9.06
N GLN B 53 -11.77 -13.92 -9.14
CA GLN B 53 -12.14 -14.85 -8.08
C GLN B 53 -11.38 -14.54 -6.81
N MET B 54 -10.12 -14.17 -6.98
CA MET B 54 -9.27 -13.81 -5.86
C MET B 54 -9.77 -12.55 -5.17
N TYR B 55 -10.07 -11.53 -5.97
CA TYR B 55 -10.59 -10.25 -5.48
C TYR B 55 -11.96 -10.44 -4.81
N ASN B 56 -12.78 -11.28 -5.38
CA ASN B 56 -14.11 -11.55 -4.83
C ASN B 56 -14.03 -12.33 -3.54
N ALA B 57 -13.10 -13.28 -3.46
CA ALA B 57 -12.90 -14.07 -2.24
C ALA B 57 -12.33 -13.17 -1.14
N LEU B 58 -11.50 -12.22 -1.54
CA LEU B 58 -10.94 -11.20 -0.67
C LEU B 58 -12.09 -10.38 -0.03
N MET B 59 -13.04 -9.99 -0.85
CA MET B 59 -14.22 -9.23 -0.40
C MET B 59 -15.18 -10.05 0.45
N LYS B 60 -15.24 -11.36 0.22
CA LYS B 60 -16.14 -12.25 0.95
C LYS B 60 -15.60 -12.64 2.31
N ASN B 61 -14.33 -13.01 2.36
CA ASN B 61 -13.71 -13.50 3.60
C ASN B 61 -13.24 -12.35 4.46
N LYS B 62 -13.17 -11.13 3.86
CA LYS B 62 -12.65 -9.91 4.51
C LYS B 62 -11.18 -10.08 4.86
N ASN B 63 -10.58 -11.01 4.16
CA ASN B 63 -9.21 -11.43 4.32
C ASN B 63 -8.77 -11.97 3.02
N ILE B 64 -7.49 -12.22 2.91
CA ILE B 64 -6.90 -12.72 1.70
C ILE B 64 -7.26 -14.20 1.51
N PRO B 65 -7.64 -14.63 0.28
CA PRO B 65 -7.74 -16.04 -0.05
C PRO B 65 -6.30 -16.60 -0.12
N ARG B 66 -5.84 -17.05 1.03
CA ARG B 66 -4.45 -17.41 1.25
C ARG B 66 -3.98 -18.57 0.39
N ASN B 67 -4.77 -19.62 0.31
CA ASN B 67 -4.40 -20.80 -0.49
C ASN B 67 -4.39 -20.50 -1.98
N GLU B 68 -5.30 -19.65 -2.42
CA GLU B 68 -5.40 -19.24 -3.81
C GLU B 68 -4.20 -18.35 -4.20
N LEU B 69 -3.89 -17.38 -3.34
CA LEU B 69 -2.77 -16.48 -3.56
C LEU B 69 -1.46 -17.23 -3.54
N LYS B 70 -1.34 -18.14 -2.59
CA LYS B 70 -0.14 -18.91 -2.39
C LYS B 70 0.17 -19.80 -3.59
N LYS B 71 -0.86 -20.42 -4.18
CA LYS B 71 -0.63 -21.28 -5.33
C LYS B 71 -0.33 -20.49 -6.60
N LYS B 72 -0.90 -19.29 -6.77
CA LYS B 72 -0.56 -18.48 -7.94
C LYS B 72 0.81 -17.81 -7.80
N ALA B 73 1.01 -17.11 -6.71
CA ALA B 73 2.21 -16.32 -6.51
C ALA B 73 3.44 -17.16 -6.18
N LYS B 74 3.20 -18.39 -5.68
CA LYS B 74 4.26 -19.34 -5.28
C LYS B 74 5.01 -18.81 -4.05
N VAL B 75 4.27 -18.31 -3.10
CA VAL B 75 4.84 -17.67 -1.93
C VAL B 75 4.69 -18.50 -0.66
N HIS B 76 5.21 -17.97 0.42
CA HIS B 76 5.19 -18.61 1.71
C HIS B 76 3.99 -18.16 2.51
N GLY B 77 3.60 -18.99 3.46
CA GLY B 77 2.45 -18.70 4.30
C GLY B 77 2.69 -17.53 5.23
N ARG B 78 3.92 -17.43 5.72
CA ARG B 78 4.34 -16.33 6.58
C ARG B 78 4.30 -15.01 5.88
N THR B 79 4.61 -15.00 4.61
CA THR B 79 4.63 -13.77 3.88
C THR B 79 3.22 -13.18 3.80
N ILE B 80 2.25 -14.05 3.51
CA ILE B 80 0.86 -13.69 3.43
C ILE B 80 0.32 -13.28 4.82
N GLY B 81 0.75 -14.01 5.85
CA GLY B 81 0.29 -13.77 7.21
C GLY B 81 0.88 -12.52 7.87
N ASN B 82 2.11 -12.15 7.52
CA ASN B 82 2.74 -10.96 8.13
C ASN B 82 2.19 -9.68 7.59
N ASN B 83 2.07 -9.61 6.28
CA ASN B 83 1.72 -8.37 5.60
C ASN B 83 0.28 -8.45 5.09
N ARG B 84 -0.52 -9.26 5.78
CA ARG B 84 -1.92 -9.56 5.40
C ARG B 84 -2.80 -8.33 5.14
N LYS B 85 -2.84 -7.39 6.08
CA LYS B 85 -3.71 -6.21 5.95
C LYS B 85 -3.19 -5.28 4.87
N TYR B 86 -1.88 -5.29 4.71
CA TYR B 86 -1.18 -4.49 3.72
C TYR B 86 -1.56 -4.96 2.31
N ILE B 87 -1.48 -6.27 2.09
CA ILE B 87 -1.81 -6.89 0.79
C ILE B 87 -3.29 -6.62 0.43
N ILE B 88 -4.16 -6.64 1.44
CA ILE B 88 -5.57 -6.32 1.26
C ILE B 88 -5.73 -4.87 0.76
N ALA B 89 -5.01 -3.95 1.41
CA ALA B 89 -5.06 -2.53 1.08
C ALA B 89 -4.71 -2.24 -0.37
N LEU B 90 -3.57 -2.80 -0.87
CA LEU B 90 -3.16 -2.50 -2.25
C LEU B 90 -4.16 -3.07 -3.24
N CYS B 91 -4.69 -4.26 -2.94
CA CYS B 91 -5.68 -4.93 -3.80
C CYS B 91 -6.89 -4.02 -4.01
N LEU B 92 -7.34 -3.41 -2.93
CA LEU B 92 -8.43 -2.46 -2.97
C LEU B 92 -8.03 -1.24 -3.79
N ILE B 93 -6.81 -0.72 -3.58
CA ILE B 93 -6.27 0.45 -4.32
C ILE B 93 -6.29 0.21 -5.85
N PHE B 94 -5.88 -1.00 -6.29
CA PHE B 94 -5.84 -1.33 -7.73
C PHE B 94 -7.23 -1.35 -8.34
N ARG B 95 -8.23 -1.60 -7.53
CA ARG B 95 -9.61 -1.61 -8.01
C ARG B 95 -10.38 -0.36 -7.58
N SER B 96 -9.70 0.56 -6.98
CA SER B 96 -10.32 1.79 -6.54
C SER B 96 -9.89 2.98 -7.39
N ASN B 97 -10.58 4.09 -7.16
CA ASN B 97 -10.40 5.38 -7.86
C ASN B 97 -9.08 6.10 -7.48
N LEU B 98 -8.27 5.44 -6.68
CA LEU B 98 -7.02 5.99 -6.27
C LEU B 98 -5.97 5.57 -7.26
N ASN B 99 -5.89 6.34 -8.32
CA ASN B 99 -5.09 6.03 -9.46
C ASN B 99 -3.64 6.46 -9.33
N LEU B 100 -3.36 7.43 -8.49
CA LEU B 100 -1.98 7.87 -8.30
C LEU B 100 -1.23 6.87 -7.45
N SER B 101 -1.85 6.43 -6.38
CA SER B 101 -1.26 5.45 -5.52
C SER B 101 -1.18 4.11 -6.23
N LYS B 102 -2.20 3.83 -7.05
CA LYS B 102 -2.23 2.66 -7.94
C LYS B 102 -0.98 2.69 -8.85
N ARG B 103 -0.73 3.86 -9.46
CA ARG B 103 0.40 4.07 -10.38
C ARG B 103 1.74 3.82 -9.67
N TYR B 104 1.86 4.29 -8.42
CA TYR B 104 3.04 4.09 -7.58
C TYR B 104 3.30 2.60 -7.32
N LEU B 105 2.25 1.89 -7.06
CA LEU B 105 2.34 0.48 -6.75
C LEU B 105 2.60 -0.36 -8.01
N GLU B 106 1.94 0.01 -9.12
CA GLU B 106 2.08 -0.72 -10.38
C GLU B 106 3.46 -0.53 -11.01
N TYR B 107 4.01 0.70 -10.96
CA TYR B 107 5.32 0.94 -11.58
C TYR B 107 6.41 0.23 -10.78
N TYR B 108 6.23 0.16 -9.47
CA TYR B 108 7.20 -0.41 -8.58
C TYR B 108 7.27 -1.94 -8.73
N THR B 109 6.16 -2.55 -9.07
CA THR B 109 6.12 -3.99 -9.22
C THR B 109 6.47 -4.46 -10.62
N MET B 110 6.55 -3.53 -11.57
CA MET B 110 6.99 -3.89 -12.92
C MET B 110 8.51 -3.75 -13.02
N LEU B 111 9.12 -3.29 -11.93
CA LEU B 111 10.57 -3.10 -11.83
C LEU B 111 11.26 -4.36 -11.31
N GLU B 112 10.57 -5.51 -11.36
CA GLU B 112 11.14 -6.74 -10.84
C GLU B 112 12.26 -7.27 -11.72
N HIS B 113 13.43 -7.38 -11.14
CA HIS B 113 14.56 -7.96 -11.82
C HIS B 113 14.51 -9.46 -11.58
N HIS B 114 13.60 -10.07 -12.26
CA HIS B 114 13.30 -11.47 -12.12
C HIS B 114 13.85 -12.18 -13.35
N HIS B 115 13.69 -13.50 -13.45
CA HIS B 115 14.23 -14.26 -14.57
C HIS B 115 13.53 -13.91 -15.89
N HIS B 116 14.18 -14.24 -16.93
CA HIS B 116 13.67 -14.17 -18.26
C HIS B 116 13.88 -15.56 -18.84
N HIS B 117 13.46 -15.79 -20.04
CA HIS B 117 13.74 -17.06 -20.67
C HIS B 117 14.80 -16.86 -21.70
N HIS B 118 15.46 -17.91 -22.05
CA HIS B 118 16.41 -17.85 -23.12
C HIS B 118 15.70 -18.30 -24.37
N SER A 1 18.67 13.65 4.24
CA SER A 1 19.57 13.89 3.15
C SER A 1 19.25 12.97 1.96
N MET A 2 18.00 12.48 1.91
CA MET A 2 17.54 11.60 0.85
C MET A 2 16.05 11.76 0.73
N ASN A 3 15.62 12.47 -0.28
CA ASN A 3 14.21 12.72 -0.47
C ASN A 3 13.51 11.56 -1.09
N ARG A 4 12.40 11.26 -0.51
CA ARG A 4 11.53 10.22 -0.94
C ARG A 4 10.21 10.86 -1.20
N LEU A 5 9.59 10.48 -2.26
CA LEU A 5 8.32 11.06 -2.62
C LEU A 5 7.23 10.15 -2.17
N GLY A 6 6.03 10.64 -2.15
CA GLY A 6 4.94 9.84 -1.76
C GLY A 6 3.65 10.57 -1.82
N ILE A 7 2.61 9.93 -1.31
CA ILE A 7 1.26 10.44 -1.39
C ILE A 7 0.63 10.37 0.00
N ILE A 8 -0.05 11.42 0.39
CA ILE A 8 -0.62 11.55 1.72
C ILE A 8 -1.94 10.79 1.81
N TYR A 9 -2.00 9.82 2.69
CA TYR A 9 -3.18 9.02 2.88
C TYR A 9 -3.97 9.39 4.13
N GLU A 10 -3.31 9.90 5.17
CA GLU A 10 -4.02 10.29 6.37
C GLU A 10 -3.21 11.26 7.20
N ILE A 11 -3.86 12.25 7.76
CA ILE A 11 -3.22 13.19 8.67
C ILE A 11 -3.66 12.83 10.07
N GLN A 12 -2.71 12.61 10.95
CA GLN A 12 -3.03 12.23 12.32
C GLN A 12 -2.34 13.20 13.26
N GLY A 13 -2.93 14.36 13.44
CA GLY A 13 -2.37 15.36 14.31
C GLY A 13 -1.16 16.05 13.70
N MET A 14 0.00 15.78 14.26
CA MET A 14 1.25 16.41 13.81
C MET A 14 2.08 15.47 12.95
N LYS A 15 1.48 14.39 12.53
CA LYS A 15 2.15 13.42 11.72
C LYS A 15 1.22 12.97 10.61
N ALA A 16 1.74 12.33 9.60
CA ALA A 16 0.95 11.91 8.48
C ALA A 16 1.36 10.53 8.01
N VAL A 17 0.38 9.75 7.61
CA VAL A 17 0.60 8.45 7.05
C VAL A 17 0.66 8.64 5.54
N VAL A 18 1.80 8.41 4.99
CA VAL A 18 2.01 8.62 3.58
C VAL A 18 2.53 7.35 2.93
N LEU A 19 2.36 7.28 1.64
CA LEU A 19 2.98 6.26 0.83
C LEU A 19 4.34 6.76 0.46
N THR A 20 5.25 5.90 0.25
CA THR A 20 6.52 6.30 -0.26
C THR A 20 6.54 5.99 -1.75
N SER A 21 7.65 6.26 -2.38
CA SER A 21 7.88 5.95 -3.75
C SER A 21 8.09 4.45 -3.97
N GLU A 22 8.16 3.72 -2.86
CA GLU A 22 8.32 2.30 -2.86
C GLU A 22 7.04 1.61 -2.35
N GLY A 23 5.98 2.39 -2.18
CA GLY A 23 4.68 1.86 -1.81
C GLY A 23 4.54 1.45 -0.35
N GLU A 24 5.33 2.07 0.51
CA GLU A 24 5.27 1.78 1.93
C GLU A 24 4.35 2.77 2.59
N PHE A 25 3.62 2.33 3.59
CA PHE A 25 2.86 3.28 4.38
C PHE A 25 3.70 3.64 5.58
N LEU A 26 4.15 4.86 5.63
CA LEU A 26 5.00 5.30 6.70
C LEU A 26 4.52 6.60 7.27
N ILE A 27 4.78 6.78 8.53
CA ILE A 27 4.40 7.98 9.22
C ILE A 27 5.56 8.96 9.16
N ILE A 28 5.28 10.15 8.70
CA ILE A 28 6.27 11.19 8.64
C ILE A 28 5.78 12.41 9.42
N ARG A 29 6.61 13.42 9.49
CA ARG A 29 6.27 14.69 10.11
C ARG A 29 5.31 15.47 9.23
N ARG A 30 4.33 16.12 9.83
CA ARG A 30 3.37 16.92 9.08
C ARG A 30 4.01 18.20 8.51
N ARG A 31 3.53 18.58 7.34
CA ARG A 31 3.92 19.78 6.64
C ARG A 31 2.68 20.65 6.39
N LYS A 32 2.94 21.87 5.99
CA LYS A 32 1.91 22.89 5.70
C LYS A 32 1.03 22.47 4.52
N ASP A 33 1.66 21.93 3.51
CA ASP A 33 1.01 21.59 2.23
C ASP A 33 0.38 20.20 2.24
N MET A 34 0.18 19.67 3.42
CA MET A 34 -0.38 18.36 3.57
C MET A 34 -1.88 18.33 3.60
N LYS A 35 -2.43 17.57 2.71
CA LYS A 35 -3.82 17.27 2.62
C LYS A 35 -3.90 15.86 2.09
N VAL A 36 -4.83 15.10 2.62
CA VAL A 36 -5.06 13.73 2.19
C VAL A 36 -5.44 13.68 0.71
N GLY A 37 -4.67 12.93 -0.05
CA GLY A 37 -4.87 12.80 -1.46
C GLY A 37 -3.78 13.50 -2.24
N GLN A 38 -3.14 14.46 -1.63
CA GLN A 38 -2.12 15.21 -2.32
C GLN A 38 -0.77 14.55 -2.19
N GLN A 39 0.14 14.89 -3.06
CA GLN A 39 1.46 14.32 -3.03
C GLN A 39 2.40 15.12 -2.19
N VAL A 40 3.42 14.48 -1.71
CA VAL A 40 4.41 15.09 -0.87
C VAL A 40 5.79 14.58 -1.24
N SER A 41 6.77 15.44 -1.17
CA SER A 41 8.13 15.05 -1.36
C SER A 41 8.83 15.37 -0.05
N PHE A 42 9.26 14.36 0.63
CA PHE A 42 9.75 14.50 1.99
C PHE A 42 11.11 13.92 2.15
N GLU A 43 11.66 14.12 3.30
CA GLU A 43 12.94 13.61 3.63
C GLU A 43 12.85 12.30 4.34
N ASN A 44 13.94 11.57 4.31
CA ASN A 44 14.07 10.33 5.06
C ASN A 44 14.20 10.68 6.55
N GLU A 45 14.61 11.92 6.78
CA GLU A 45 14.75 12.50 8.09
C GLU A 45 13.37 12.89 8.67
N ASP A 46 12.33 12.90 7.84
CA ASP A 46 10.96 13.21 8.29
C ASP A 46 10.23 11.95 8.72
N ILE A 47 10.77 10.82 8.30
CA ILE A 47 10.17 9.52 8.58
C ILE A 47 10.35 9.13 10.06
N TYR A 48 9.23 8.79 10.70
CA TYR A 48 9.20 8.30 12.09
C TYR A 48 9.75 6.88 12.13
N ASN A 49 9.49 6.15 11.02
CA ASN A 49 9.91 4.75 10.78
C ASN A 49 9.17 3.79 11.70
N VAL A 50 8.01 4.27 12.14
CA VAL A 50 7.12 3.61 13.10
C VAL A 50 7.83 3.05 14.31
N ARG A 51 8.16 3.94 15.17
CA ARG A 51 8.77 3.59 16.41
C ARG A 51 7.69 3.42 17.43
N GLY A 52 7.54 2.20 17.86
CA GLY A 52 6.47 1.84 18.72
C GLY A 52 5.28 1.48 17.88
N LYS A 53 4.16 2.06 18.18
CA LYS A 53 2.96 1.90 17.41
C LYS A 53 2.30 3.24 17.34
N MET B 1 -5.91 12.72 -15.61
CA MET B 1 -4.84 13.44 -16.28
C MET B 1 -3.93 14.13 -15.27
N GLU B 2 -4.53 14.71 -14.22
CA GLU B 2 -3.76 15.36 -13.15
C GLU B 2 -3.20 14.34 -12.15
N ASP B 3 -2.28 14.78 -11.32
CA ASP B 3 -1.65 13.87 -10.37
C ASP B 3 -1.92 14.25 -8.93
N ILE B 4 -3.18 14.23 -8.57
CA ILE B 4 -3.61 14.43 -7.21
C ILE B 4 -4.71 13.41 -6.98
N GLU B 5 -4.88 12.97 -5.78
CA GLU B 5 -5.95 12.04 -5.48
C GLU B 5 -6.99 12.75 -4.64
N ALA B 6 -8.16 12.23 -4.65
CA ALA B 6 -9.23 12.82 -3.92
C ALA B 6 -9.33 12.23 -2.55
N ARG B 7 -9.40 13.10 -1.53
CA ARG B 7 -9.52 12.68 -0.13
C ARG B 7 -10.77 11.82 0.08
N GLU B 8 -11.85 12.18 -0.58
CA GLU B 8 -13.09 11.43 -0.54
C GLU B 8 -12.91 10.00 -1.07
N ASP B 9 -12.00 9.82 -2.01
CA ASP B 9 -11.69 8.49 -2.54
C ASP B 9 -10.71 7.76 -1.64
N ILE B 10 -9.82 8.51 -0.99
CA ILE B 10 -8.89 7.93 -0.01
C ILE B 10 -9.71 7.37 1.16
N GLU B 11 -10.73 8.12 1.56
CA GLU B 11 -11.60 7.73 2.63
C GLU B 11 -12.62 6.67 2.20
N GLU B 12 -12.81 6.53 0.88
CA GLU B 12 -13.64 5.47 0.30
C GLU B 12 -12.88 4.16 0.48
N LEU B 13 -11.58 4.25 0.28
CA LEU B 13 -10.68 3.15 0.51
C LEU B 13 -10.63 2.82 2.02
N LYS B 14 -10.53 3.88 2.84
CA LYS B 14 -10.49 3.75 4.30
C LYS B 14 -11.74 3.05 4.84
N LYS B 15 -12.93 3.41 4.34
CA LYS B 15 -14.19 2.79 4.80
C LYS B 15 -14.26 1.31 4.40
N LYS B 16 -13.68 0.99 3.25
CA LYS B 16 -13.55 -0.38 2.81
C LYS B 16 -12.65 -1.14 3.77
N LEU B 17 -11.51 -0.54 4.11
CA LEU B 17 -10.58 -1.09 5.11
C LEU B 17 -11.26 -1.32 6.46
N GLN B 18 -12.20 -0.45 6.83
CA GLN B 18 -12.94 -0.58 8.11
C GLN B 18 -13.77 -1.87 8.13
N GLU B 19 -14.25 -2.27 6.96
CA GLU B 19 -15.01 -3.52 6.80
C GLU B 19 -14.12 -4.73 7.06
N PHE B 20 -12.89 -4.64 6.61
CA PHE B 20 -11.90 -5.71 6.80
C PHE B 20 -11.29 -5.65 8.21
N GLY B 21 -11.43 -4.50 8.85
CA GLY B 21 -10.90 -4.27 10.18
C GLY B 21 -9.48 -3.78 10.13
N ILE B 22 -9.20 -2.96 9.14
CA ILE B 22 -7.88 -2.47 8.88
C ILE B 22 -7.88 -0.94 8.91
N THR B 23 -6.85 -0.36 9.47
CA THR B 23 -6.66 1.05 9.44
C THR B 23 -5.39 1.34 8.64
N PHE B 24 -5.10 2.61 8.40
CA PHE B 24 -3.87 2.96 7.70
C PHE B 24 -2.68 2.79 8.64
N LEU B 25 -2.96 2.83 9.94
CA LEU B 25 -1.93 2.67 10.97
C LEU B 25 -1.51 1.18 11.00
N ASP B 26 -2.51 0.28 10.78
CA ASP B 26 -2.26 -1.19 10.67
C ASP B 26 -1.27 -1.49 9.58
N LEU B 27 -1.37 -0.70 8.52
CA LEU B 27 -0.56 -0.85 7.33
C LEU B 27 0.88 -0.46 7.62
N VAL B 28 1.06 0.56 8.44
CA VAL B 28 2.40 1.04 8.83
C VAL B 28 3.13 -0.05 9.66
N LEU B 29 2.36 -0.80 10.41
CA LEU B 29 2.87 -1.89 11.22
C LEU B 29 3.16 -3.15 10.36
N ASN B 30 2.67 -3.15 9.12
CA ASN B 30 2.81 -4.32 8.22
C ASN B 30 3.75 -4.03 7.03
N VAL B 31 4.49 -2.92 7.11
CA VAL B 31 5.41 -2.51 6.02
C VAL B 31 6.54 -3.54 5.81
N PRO B 32 6.80 -3.95 4.53
CA PRO B 32 7.86 -4.90 4.19
C PRO B 32 9.26 -4.45 4.66
N LYS B 33 10.09 -5.44 4.95
CA LYS B 33 11.39 -5.24 5.61
C LYS B 33 12.42 -4.58 4.69
N HIS B 34 12.59 -5.12 3.49
CA HIS B 34 13.57 -4.58 2.55
C HIS B 34 12.95 -4.34 1.19
N ARG B 35 13.66 -3.62 0.31
CA ARG B 35 13.09 -3.18 -0.99
C ARG B 35 12.54 -4.30 -1.90
N ASP B 36 13.18 -5.44 -1.91
CA ASP B 36 12.74 -6.59 -2.71
C ASP B 36 11.41 -7.12 -2.20
N SER B 37 11.31 -7.15 -0.88
CA SER B 37 10.12 -7.59 -0.19
C SER B 37 8.97 -6.59 -0.39
N ARG B 38 9.33 -5.30 -0.61
CA ARG B 38 8.33 -4.26 -0.86
C ARG B 38 7.63 -4.56 -2.16
N GLN B 39 8.41 -4.86 -3.19
CA GLN B 39 7.89 -5.24 -4.49
C GLN B 39 7.07 -6.51 -4.38
N LEU B 40 7.62 -7.49 -3.66
CA LEU B 40 7.01 -8.81 -3.47
C LEU B 40 5.60 -8.69 -2.85
N CYS B 41 5.47 -7.98 -1.75
CA CYS B 41 4.19 -7.86 -1.05
C CYS B 41 3.14 -7.08 -1.86
N ILE B 42 3.57 -6.06 -2.59
CA ILE B 42 2.65 -5.28 -3.42
C ILE B 42 2.26 -6.10 -4.67
N ARG B 43 3.18 -6.95 -5.11
CA ARG B 43 2.98 -7.86 -6.24
C ARG B 43 1.92 -8.91 -5.92
N LEU B 44 1.91 -9.34 -4.65
CA LEU B 44 0.91 -10.28 -4.17
C LEU B 44 -0.46 -9.64 -4.27
N ALA B 45 -0.52 -8.38 -3.86
CA ALA B 45 -1.72 -7.59 -3.88
C ALA B 45 -2.18 -7.30 -5.32
N LYS B 46 -1.22 -7.16 -6.22
CA LYS B 46 -1.49 -6.90 -7.63
C LYS B 46 -2.21 -8.08 -8.25
N MET B 47 -1.64 -9.28 -8.11
CA MET B 47 -2.24 -10.49 -8.67
C MET B 47 -3.55 -10.88 -7.95
N LEU B 48 -3.69 -10.39 -6.72
CA LEU B 48 -4.92 -10.56 -5.95
C LEU B 48 -6.02 -9.66 -6.49
N ALA B 49 -5.67 -8.42 -6.79
CA ALA B 49 -6.62 -7.44 -7.27
C ALA B 49 -7.06 -7.74 -8.68
N GLU B 50 -6.10 -8.02 -9.56
CA GLU B 50 -6.39 -8.21 -10.99
C GLU B 50 -7.21 -9.46 -11.27
N ASP B 51 -7.15 -10.42 -10.38
CA ASP B 51 -7.88 -11.65 -10.55
C ASP B 51 -9.28 -11.44 -10.00
N GLU B 52 -10.30 -11.55 -10.86
CA GLU B 52 -11.68 -11.33 -10.44
C GLU B 52 -12.10 -12.32 -9.39
N GLN B 53 -11.67 -13.54 -9.55
CA GLN B 53 -12.07 -14.63 -8.70
C GLN B 53 -11.53 -14.43 -7.29
N MET B 54 -10.25 -14.13 -7.20
CA MET B 54 -9.62 -13.90 -5.92
C MET B 54 -10.07 -12.60 -5.28
N TYR B 55 -10.24 -11.56 -6.09
CA TYR B 55 -10.71 -10.26 -5.59
C TYR B 55 -12.15 -10.35 -5.06
N ASN B 56 -12.99 -11.13 -5.72
CA ASN B 56 -14.35 -11.33 -5.25
C ASN B 56 -14.36 -12.16 -3.97
N ALA B 57 -13.44 -13.12 -3.86
CA ALA B 57 -13.29 -13.95 -2.66
C ALA B 57 -12.76 -13.11 -1.48
N LEU B 58 -11.87 -12.19 -1.82
CA LEU B 58 -11.31 -11.21 -0.89
C LEU B 58 -12.44 -10.39 -0.22
N MET B 59 -13.39 -9.94 -1.03
CA MET B 59 -14.54 -9.17 -0.54
C MET B 59 -15.51 -10.04 0.28
N LYS B 60 -15.70 -11.29 -0.14
CA LYS B 60 -16.59 -12.24 0.52
C LYS B 60 -16.09 -12.63 1.91
N ASN B 61 -14.83 -12.97 2.02
CA ASN B 61 -14.26 -13.45 3.26
C ASN B 61 -13.83 -12.32 4.17
N LYS B 62 -13.62 -11.12 3.58
CA LYS B 62 -13.04 -9.95 4.28
C LYS B 62 -11.62 -10.26 4.73
N ASN B 63 -11.05 -11.18 4.00
CA ASN B 63 -9.75 -11.73 4.18
C ASN B 63 -9.32 -12.19 2.82
N ILE B 64 -8.06 -12.37 2.65
CA ILE B 64 -7.48 -12.81 1.39
C ILE B 64 -7.82 -14.29 1.20
N PRO B 65 -8.14 -14.73 -0.04
CA PRO B 65 -8.20 -16.16 -0.36
C PRO B 65 -6.75 -16.69 -0.33
N ARG B 66 -6.35 -17.15 0.83
CA ARG B 66 -4.96 -17.45 1.13
C ARG B 66 -4.42 -18.66 0.39
N ASN B 67 -5.22 -19.69 0.29
CA ASN B 67 -4.83 -20.90 -0.46
C ASN B 67 -4.67 -20.59 -1.94
N GLU B 68 -5.48 -19.64 -2.42
CA GLU B 68 -5.46 -19.23 -3.80
C GLU B 68 -4.25 -18.35 -4.09
N LEU B 69 -4.00 -17.39 -3.23
CA LEU B 69 -2.84 -16.51 -3.37
C LEU B 69 -1.53 -17.31 -3.22
N LYS B 70 -1.56 -18.33 -2.36
CA LYS B 70 -0.42 -19.20 -2.14
C LYS B 70 -0.03 -19.96 -3.42
N LYS B 71 -1.03 -20.35 -4.21
CA LYS B 71 -0.73 -21.08 -5.44
C LYS B 71 -0.26 -20.08 -6.53
N LYS B 72 -0.98 -18.95 -6.70
CA LYS B 72 -0.65 -17.98 -7.74
C LYS B 72 0.69 -17.30 -7.50
N ALA B 73 0.91 -16.87 -6.29
CA ALA B 73 2.13 -16.16 -5.95
C ALA B 73 3.27 -17.10 -5.62
N LYS B 74 2.93 -18.31 -5.12
CA LYS B 74 3.92 -19.34 -4.70
C LYS B 74 4.75 -18.90 -3.51
N VAL B 75 4.05 -18.32 -2.55
CA VAL B 75 4.63 -17.82 -1.31
C VAL B 75 4.19 -18.72 -0.16
N HIS B 76 4.57 -18.35 1.05
CA HIS B 76 4.21 -19.13 2.23
C HIS B 76 2.89 -18.64 2.77
N GLY B 77 2.27 -19.45 3.59
CA GLY B 77 1.03 -19.08 4.21
C GLY B 77 1.22 -17.96 5.22
N ARG B 78 2.42 -17.90 5.78
CA ARG B 78 2.74 -16.85 6.72
C ARG B 78 3.08 -15.54 6.00
N THR B 79 3.50 -15.61 4.73
CA THR B 79 3.79 -14.40 3.94
C THR B 79 2.47 -13.62 3.80
N ILE B 80 1.44 -14.39 3.49
CA ILE B 80 0.10 -13.91 3.30
C ILE B 80 -0.49 -13.47 4.66
N GLY B 81 -0.05 -14.13 5.73
CA GLY B 81 -0.57 -13.85 7.06
C GLY B 81 0.07 -12.67 7.77
N ASN B 82 1.37 -12.50 7.61
CA ASN B 82 2.11 -11.42 8.28
C ASN B 82 1.74 -10.07 7.73
N ASN B 83 1.66 -10.00 6.43
CA ASN B 83 1.41 -8.73 5.77
C ASN B 83 0.01 -8.69 5.18
N ARG B 84 -0.88 -9.51 5.74
CA ARG B 84 -2.27 -9.67 5.24
C ARG B 84 -3.04 -8.36 5.08
N LYS B 85 -3.00 -7.52 6.11
CA LYS B 85 -3.77 -6.30 6.11
C LYS B 85 -3.20 -5.29 5.13
N TYR B 86 -1.91 -5.40 4.91
CA TYR B 86 -1.16 -4.56 4.01
C TYR B 86 -1.49 -4.93 2.58
N ILE B 87 -1.45 -6.23 2.28
CA ILE B 87 -1.76 -6.79 0.96
C ILE B 87 -3.19 -6.40 0.52
N ILE B 88 -4.13 -6.46 1.47
CA ILE B 88 -5.52 -6.08 1.20
C ILE B 88 -5.61 -4.60 0.80
N ALA B 89 -4.83 -3.75 1.46
CA ALA B 89 -4.82 -2.33 1.18
C ALA B 89 -4.40 -2.03 -0.24
N LEU B 90 -3.28 -2.61 -0.71
CA LEU B 90 -2.81 -2.33 -2.09
C LEU B 90 -3.77 -2.91 -3.09
N CYS B 91 -4.31 -4.10 -2.79
CA CYS B 91 -5.29 -4.80 -3.64
C CYS B 91 -6.49 -3.89 -3.93
N LEU B 92 -7.00 -3.31 -2.86
CA LEU B 92 -8.08 -2.39 -2.95
C LEU B 92 -7.71 -1.15 -3.74
N ILE B 93 -6.50 -0.61 -3.52
CA ILE B 93 -5.99 0.58 -4.27
C ILE B 93 -6.03 0.35 -5.79
N PHE B 94 -5.65 -0.87 -6.23
CA PHE B 94 -5.64 -1.21 -7.67
C PHE B 94 -7.05 -1.23 -8.26
N ARG B 95 -8.03 -1.47 -7.40
CA ARG B 95 -9.43 -1.48 -7.83
C ARG B 95 -10.17 -0.18 -7.54
N SER B 96 -9.57 0.64 -6.74
CA SER B 96 -10.17 1.88 -6.30
C SER B 96 -9.81 3.03 -7.21
N ASN B 97 -10.47 4.16 -7.00
CA ASN B 97 -10.30 5.40 -7.77
C ASN B 97 -9.00 6.15 -7.43
N LEU B 98 -8.07 5.45 -6.83
CA LEU B 98 -6.81 6.03 -6.47
C LEU B 98 -5.78 5.57 -7.47
N ASN B 99 -5.86 6.17 -8.64
CA ASN B 99 -5.04 5.83 -9.79
C ASN B 99 -3.60 6.31 -9.67
N LEU B 100 -3.36 7.27 -8.81
CA LEU B 100 -2.05 7.84 -8.67
C LEU B 100 -1.19 6.98 -7.74
N SER B 101 -1.73 6.58 -6.60
CA SER B 101 -1.02 5.71 -5.69
C SER B 101 -0.89 4.32 -6.30
N LYS B 102 -1.90 3.95 -7.07
CA LYS B 102 -1.93 2.76 -7.91
C LYS B 102 -0.73 2.78 -8.85
N ARG B 103 -0.52 3.93 -9.55
CA ARG B 103 0.62 4.12 -10.49
C ARG B 103 1.95 3.83 -9.79
N TYR B 104 2.08 4.34 -8.57
CA TYR B 104 3.27 4.14 -7.74
C TYR B 104 3.51 2.68 -7.40
N LEU B 105 2.45 1.96 -7.15
CA LEU B 105 2.54 0.56 -6.80
C LEU B 105 2.81 -0.29 -8.03
N GLU B 106 2.11 0.02 -9.13
CA GLU B 106 2.20 -0.74 -10.38
C GLU B 106 3.57 -0.63 -11.02
N TYR B 107 4.16 0.57 -11.02
CA TYR B 107 5.45 0.74 -11.66
C TYR B 107 6.55 0.13 -10.79
N TYR B 108 6.39 0.22 -9.47
CA TYR B 108 7.39 -0.27 -8.55
C TYR B 108 7.48 -1.79 -8.58
N THR B 109 6.35 -2.43 -8.76
CA THR B 109 6.32 -3.86 -8.80
C THR B 109 6.84 -4.43 -10.12
N MET B 110 6.75 -3.65 -11.20
CA MET B 110 7.25 -4.12 -12.49
C MET B 110 8.75 -3.86 -12.65
N LEU B 111 9.37 -3.23 -11.63
CA LEU B 111 10.80 -2.90 -11.65
C LEU B 111 11.68 -4.13 -11.38
N GLU B 112 11.63 -5.07 -12.28
CA GLU B 112 12.48 -6.23 -12.23
C GLU B 112 13.57 -6.06 -13.23
N HIS B 113 14.75 -6.47 -12.86
CA HIS B 113 15.88 -6.35 -13.74
C HIS B 113 16.19 -7.68 -14.37
N HIS B 114 16.89 -7.65 -15.49
CA HIS B 114 17.28 -8.86 -16.17
C HIS B 114 18.26 -9.63 -15.32
N HIS B 115 18.09 -10.93 -15.25
CA HIS B 115 18.94 -11.76 -14.41
C HIS B 115 20.28 -12.02 -15.07
N HIS B 116 20.30 -11.87 -16.36
CA HIS B 116 21.52 -11.94 -17.13
C HIS B 116 21.59 -10.68 -17.98
N HIS B 117 22.67 -9.95 -17.87
CA HIS B 117 22.81 -8.69 -18.59
C HIS B 117 23.76 -8.85 -19.74
N HIS B 118 23.22 -8.88 -20.92
CA HIS B 118 23.99 -8.96 -22.14
C HIS B 118 23.24 -8.19 -23.19
N SER A 1 18.14 15.71 4.15
CA SER A 1 18.91 15.82 2.94
C SER A 1 18.61 14.67 1.95
N MET A 2 17.77 13.73 2.33
CA MET A 2 17.44 12.60 1.47
C MET A 2 15.95 12.58 1.29
N ASN A 3 15.50 12.95 0.11
CA ASN A 3 14.09 13.02 -0.19
C ASN A 3 13.48 11.74 -0.62
N ARG A 4 12.35 11.50 -0.05
CA ARG A 4 11.49 10.41 -0.33
C ARG A 4 10.24 11.04 -0.88
N LEU A 5 9.76 10.57 -1.98
CA LEU A 5 8.58 11.14 -2.57
C LEU A 5 7.42 10.24 -2.33
N GLY A 6 6.32 10.82 -1.97
CA GLY A 6 5.17 10.05 -1.70
C GLY A 6 3.87 10.81 -1.86
N ILE A 7 2.78 10.13 -1.59
CA ILE A 7 1.42 10.64 -1.67
C ILE A 7 0.80 10.55 -0.28
N ILE A 8 0.08 11.55 0.12
CA ILE A 8 -0.47 11.63 1.47
C ILE A 8 -1.81 10.93 1.54
N TYR A 9 -1.89 9.93 2.38
CA TYR A 9 -3.10 9.16 2.52
C TYR A 9 -3.92 9.53 3.75
N GLU A 10 -3.29 9.95 4.82
CA GLU A 10 -4.06 10.33 6.00
C GLU A 10 -3.26 11.20 6.93
N ILE A 11 -3.90 12.23 7.44
CA ILE A 11 -3.33 13.08 8.44
C ILE A 11 -3.87 12.61 9.78
N GLN A 12 -3.01 12.20 10.65
CA GLN A 12 -3.39 11.71 11.95
C GLN A 12 -2.80 12.63 13.00
N GLY A 13 -3.46 13.75 13.20
CA GLY A 13 -3.02 14.73 14.18
C GLY A 13 -1.70 15.40 13.83
N MET A 14 -0.63 14.96 14.48
CA MET A 14 0.72 15.54 14.30
C MET A 14 1.57 14.73 13.32
N LYS A 15 0.99 13.70 12.77
CA LYS A 15 1.71 12.82 11.89
C LYS A 15 0.85 12.48 10.69
N ALA A 16 1.44 11.91 9.67
CA ALA A 16 0.72 11.58 8.47
C ALA A 16 1.19 10.27 7.88
N VAL A 17 0.27 9.53 7.32
CA VAL A 17 0.59 8.28 6.65
C VAL A 17 0.68 8.57 5.16
N VAL A 18 1.83 8.33 4.59
CA VAL A 18 2.08 8.60 3.19
C VAL A 18 2.51 7.32 2.46
N LEU A 19 2.28 7.30 1.16
CA LEU A 19 2.69 6.20 0.25
C LEU A 19 3.85 6.66 -0.54
N THR A 20 4.99 6.09 -0.31
CA THR A 20 6.17 6.49 -1.01
C THR A 20 6.20 5.97 -2.45
N SER A 21 7.26 6.30 -3.17
CA SER A 21 7.53 5.81 -4.50
C SER A 21 7.92 4.32 -4.44
N GLU A 22 8.11 3.84 -3.22
CA GLU A 22 8.49 2.50 -2.94
C GLU A 22 7.26 1.71 -2.46
N GLY A 23 6.10 2.37 -2.39
CA GLY A 23 4.86 1.71 -1.98
C GLY A 23 4.80 1.41 -0.50
N GLU A 24 5.44 2.24 0.28
CA GLU A 24 5.47 2.06 1.72
C GLU A 24 4.48 3.01 2.34
N PHE A 25 3.69 2.51 3.28
CA PHE A 25 2.88 3.38 4.09
C PHE A 25 3.77 3.78 5.25
N LEU A 26 4.11 5.02 5.30
CA LEU A 26 5.00 5.47 6.34
C LEU A 26 4.42 6.63 7.07
N ILE A 27 4.60 6.63 8.35
CA ILE A 27 4.15 7.71 9.16
C ILE A 27 5.28 8.72 9.21
N ILE A 28 4.99 9.92 8.83
CA ILE A 28 5.95 10.97 8.87
C ILE A 28 5.42 12.13 9.68
N ARG A 29 6.28 13.09 9.93
CA ARG A 29 5.94 14.33 10.63
C ARG A 29 4.96 15.09 9.76
N ARG A 30 3.90 15.62 10.35
CA ARG A 30 2.95 16.43 9.60
C ARG A 30 3.65 17.71 9.18
N ARG A 31 3.43 18.10 7.97
CA ARG A 31 4.09 19.22 7.39
C ARG A 31 3.10 20.24 6.84
N LYS A 32 3.61 21.43 6.61
CA LYS A 32 2.87 22.58 6.06
C LYS A 32 2.22 22.25 4.70
N ASP A 33 2.95 21.52 3.89
CA ASP A 33 2.59 21.20 2.51
C ASP A 33 1.68 19.98 2.40
N MET A 34 1.05 19.61 3.49
CA MET A 34 0.23 18.43 3.54
C MET A 34 -1.26 18.66 3.34
N LYS A 35 -1.81 17.77 2.56
CA LYS A 35 -3.21 17.60 2.29
C LYS A 35 -3.38 16.15 1.88
N VAL A 36 -4.37 15.47 2.40
CA VAL A 36 -4.64 14.10 1.98
C VAL A 36 -5.02 14.09 0.49
N GLY A 37 -4.25 13.35 -0.28
CA GLY A 37 -4.44 13.29 -1.70
C GLY A 37 -3.31 13.96 -2.45
N GLN A 38 -2.64 14.90 -1.81
CA GLN A 38 -1.54 15.59 -2.48
C GLN A 38 -0.26 14.82 -2.33
N GLN A 39 0.68 15.15 -3.17
CA GLN A 39 1.97 14.53 -3.12
C GLN A 39 2.89 15.33 -2.22
N VAL A 40 3.89 14.69 -1.71
CA VAL A 40 4.83 15.32 -0.82
C VAL A 40 6.24 14.77 -1.05
N SER A 41 7.21 15.63 -1.03
CA SER A 41 8.59 15.22 -1.08
C SER A 41 9.18 15.56 0.26
N PHE A 42 9.53 14.57 1.01
CA PHE A 42 9.92 14.74 2.38
C PHE A 42 11.26 14.12 2.65
N GLU A 43 11.75 14.29 3.86
CA GLU A 43 13.05 13.81 4.23
C GLU A 43 12.93 12.47 4.93
N ASN A 44 14.05 11.75 5.05
CA ASN A 44 14.09 10.50 5.86
C ASN A 44 13.91 10.83 7.33
N GLU A 45 14.23 12.07 7.66
CA GLU A 45 14.19 12.64 9.00
C GLU A 45 12.74 12.74 9.44
N ASP A 46 11.86 12.96 8.46
CA ASP A 46 10.43 13.08 8.70
C ASP A 46 9.81 11.74 9.06
N ILE A 47 10.44 10.66 8.64
CA ILE A 47 9.91 9.31 8.83
C ILE A 47 10.00 8.85 10.28
N TYR A 48 8.86 8.47 10.83
CA TYR A 48 8.75 7.93 12.17
C TYR A 48 9.18 6.48 12.15
N ASN A 49 9.68 6.02 13.26
CA ASN A 49 10.03 4.63 13.41
C ASN A 49 8.77 3.85 13.72
N VAL A 50 8.45 2.89 12.89
CA VAL A 50 7.33 2.02 13.15
C VAL A 50 7.80 0.83 14.01
N ARG A 51 9.11 0.63 14.01
CA ARG A 51 9.79 -0.37 14.83
C ARG A 51 9.64 0.01 16.30
N GLY A 52 9.19 -0.95 17.10
CA GLY A 52 9.09 -0.72 18.53
C GLY A 52 10.48 -0.69 19.14
N LYS A 53 11.31 -1.59 18.67
CA LYS A 53 12.69 -1.66 19.06
C LYS A 53 13.53 -1.72 17.80
N MET B 1 -5.02 14.28 -16.85
CA MET B 1 -5.04 13.79 -15.48
C MET B 1 -4.24 14.67 -14.59
N GLU B 2 -4.63 14.75 -13.36
CA GLU B 2 -3.91 15.48 -12.37
C GLU B 2 -3.17 14.52 -11.50
N ASP B 3 -2.15 14.99 -10.87
CA ASP B 3 -1.29 14.16 -10.02
C ASP B 3 -1.61 14.45 -8.58
N ILE B 4 -2.89 14.59 -8.33
CA ILE B 4 -3.40 14.81 -7.02
C ILE B 4 -4.60 13.90 -6.90
N GLU B 5 -4.79 13.36 -5.77
CA GLU B 5 -5.92 12.50 -5.51
C GLU B 5 -6.86 13.25 -4.58
N ALA B 6 -8.09 12.86 -4.54
CA ALA B 6 -9.07 13.52 -3.72
C ALA B 6 -9.16 12.85 -2.36
N ARG B 7 -9.18 13.64 -1.28
CA ARG B 7 -9.28 13.10 0.09
C ARG B 7 -10.52 12.23 0.28
N GLU B 8 -11.61 12.65 -0.33
CA GLU B 8 -12.87 11.92 -0.31
C GLU B 8 -12.74 10.53 -0.92
N ASP B 9 -11.88 10.41 -1.92
CA ASP B 9 -11.63 9.13 -2.56
C ASP B 9 -10.64 8.30 -1.77
N ILE B 10 -9.72 8.98 -1.09
CA ILE B 10 -8.76 8.29 -0.21
C ILE B 10 -9.53 7.69 0.98
N GLU B 11 -10.45 8.46 1.52
CA GLU B 11 -11.27 8.02 2.64
C GLU B 11 -12.34 7.02 2.20
N GLU B 12 -12.61 6.98 0.89
CA GLU B 12 -13.52 5.98 0.32
C GLU B 12 -12.84 4.61 0.46
N LEU B 13 -11.52 4.63 0.35
CA LEU B 13 -10.70 3.46 0.53
C LEU B 13 -10.60 3.12 2.02
N LYS B 14 -10.43 4.15 2.85
CA LYS B 14 -10.35 3.99 4.32
C LYS B 14 -11.60 3.30 4.87
N LYS B 15 -12.78 3.75 4.44
CA LYS B 15 -14.04 3.17 4.90
C LYS B 15 -14.20 1.73 4.41
N LYS B 16 -13.60 1.43 3.26
CA LYS B 16 -13.58 0.07 2.70
C LYS B 16 -12.73 -0.80 3.65
N LEU B 17 -11.55 -0.28 4.01
CA LEU B 17 -10.64 -0.91 4.98
C LEU B 17 -11.31 -1.12 6.33
N GLN B 18 -12.22 -0.23 6.70
CA GLN B 18 -12.93 -0.32 7.98
C GLN B 18 -13.85 -1.54 8.00
N GLU B 19 -14.38 -1.89 6.84
CA GLU B 19 -15.23 -3.06 6.67
C GLU B 19 -14.41 -4.35 6.75
N PHE B 20 -13.13 -4.25 6.45
CA PHE B 20 -12.20 -5.36 6.58
C PHE B 20 -11.62 -5.42 8.01
N GLY B 21 -11.62 -4.29 8.67
CA GLY B 21 -11.05 -4.19 10.01
C GLY B 21 -9.59 -3.79 9.94
N ILE B 22 -9.29 -2.89 9.04
CA ILE B 22 -7.94 -2.45 8.77
C ILE B 22 -7.88 -0.93 8.83
N THR B 23 -6.85 -0.41 9.42
CA THR B 23 -6.60 1.02 9.39
C THR B 23 -5.36 1.28 8.55
N PHE B 24 -5.03 2.54 8.32
CA PHE B 24 -3.79 2.87 7.60
C PHE B 24 -2.60 2.64 8.53
N LEU B 25 -2.85 2.66 9.83
CA LEU B 25 -1.84 2.44 10.86
C LEU B 25 -1.40 0.96 10.78
N ASP B 26 -2.39 0.07 10.60
CA ASP B 26 -2.19 -1.40 10.42
C ASP B 26 -1.27 -1.70 9.29
N LEU B 27 -1.33 -0.87 8.30
CA LEU B 27 -0.57 -1.05 7.09
C LEU B 27 0.87 -0.72 7.32
N VAL B 28 1.11 0.39 8.05
CA VAL B 28 2.48 0.85 8.37
C VAL B 28 3.22 -0.21 9.19
N LEU B 29 2.47 -0.85 10.08
CA LEU B 29 2.98 -1.92 10.95
C LEU B 29 3.36 -3.18 10.14
N ASN B 30 2.90 -3.25 8.90
CA ASN B 30 3.16 -4.41 8.07
C ASN B 30 3.97 -4.00 6.84
N VAL B 31 4.53 -2.82 6.86
CA VAL B 31 5.30 -2.30 5.73
C VAL B 31 6.70 -2.92 5.64
N PRO B 32 7.04 -3.49 4.45
CA PRO B 32 8.37 -3.98 4.14
C PRO B 32 9.40 -2.83 4.10
N LYS B 33 10.56 -3.12 4.63
CA LYS B 33 11.62 -2.12 4.83
C LYS B 33 12.50 -1.98 3.61
N HIS B 34 12.69 -3.06 2.91
CA HIS B 34 13.57 -3.06 1.74
C HIS B 34 12.83 -3.48 0.50
N ARG B 35 13.34 -3.01 -0.65
CA ARG B 35 12.73 -3.20 -1.99
C ARG B 35 12.27 -4.62 -2.30
N ASP B 36 13.05 -5.63 -1.90
CA ASP B 36 12.79 -7.05 -2.21
C ASP B 36 11.43 -7.43 -1.68
N SER B 37 11.27 -7.14 -0.41
CA SER B 37 10.09 -7.44 0.34
C SER B 37 8.89 -6.58 -0.11
N ARG B 38 9.15 -5.31 -0.50
CA ARG B 38 8.08 -4.39 -0.93
C ARG B 38 7.46 -4.87 -2.22
N GLN B 39 8.32 -5.01 -3.22
CA GLN B 39 7.93 -5.36 -4.57
C GLN B 39 7.27 -6.70 -4.65
N LEU B 40 7.69 -7.60 -3.80
CA LEU B 40 7.09 -8.92 -3.69
C LEU B 40 5.63 -8.81 -3.15
N CYS B 41 5.44 -8.12 -2.02
CA CYS B 41 4.14 -8.04 -1.35
C CYS B 41 3.10 -7.23 -2.15
N ILE B 42 3.53 -6.13 -2.76
CA ILE B 42 2.63 -5.29 -3.56
C ILE B 42 2.20 -6.06 -4.84
N ARG B 43 3.10 -6.92 -5.30
CA ARG B 43 2.87 -7.79 -6.45
C ARG B 43 1.80 -8.84 -6.14
N LEU B 44 1.80 -9.31 -4.90
CA LEU B 44 0.82 -10.30 -4.44
C LEU B 44 -0.55 -9.64 -4.42
N ALA B 45 -0.56 -8.40 -3.98
CA ALA B 45 -1.76 -7.60 -3.92
C ALA B 45 -2.27 -7.26 -5.32
N LYS B 46 -1.34 -7.05 -6.24
CA LYS B 46 -1.63 -6.73 -7.63
C LYS B 46 -2.36 -7.90 -8.26
N MET B 47 -1.81 -9.09 -8.11
CA MET B 47 -2.41 -10.28 -8.69
C MET B 47 -3.68 -10.71 -7.94
N LEU B 48 -3.80 -10.30 -6.68
CA LEU B 48 -5.00 -10.53 -5.90
C LEU B 48 -6.14 -9.66 -6.42
N ALA B 49 -5.82 -8.43 -6.80
CA ALA B 49 -6.79 -7.50 -7.34
C ALA B 49 -7.18 -7.89 -8.75
N GLU B 50 -6.19 -8.25 -9.57
CA GLU B 50 -6.40 -8.60 -10.99
C GLU B 50 -7.22 -9.88 -11.17
N ASP B 51 -7.17 -10.78 -10.22
CA ASP B 51 -7.87 -12.05 -10.34
C ASP B 51 -9.23 -11.91 -9.71
N GLU B 52 -10.26 -11.97 -10.53
CA GLU B 52 -11.65 -11.80 -10.10
C GLU B 52 -12.07 -12.82 -9.06
N GLN B 53 -11.67 -14.07 -9.26
CA GLN B 53 -12.06 -15.13 -8.35
C GLN B 53 -11.46 -14.95 -6.97
N MET B 54 -10.21 -14.51 -6.92
CA MET B 54 -9.58 -14.25 -5.63
C MET B 54 -10.04 -12.93 -5.03
N TYR B 55 -10.23 -11.93 -5.88
CA TYR B 55 -10.68 -10.59 -5.44
C TYR B 55 -12.08 -10.66 -4.82
N ASN B 56 -12.94 -11.46 -5.40
CA ASN B 56 -14.28 -11.64 -4.86
C ASN B 56 -14.24 -12.46 -3.57
N ALA B 57 -13.28 -13.39 -3.45
CA ALA B 57 -13.09 -14.16 -2.22
C ALA B 57 -12.59 -13.23 -1.12
N LEU B 58 -11.69 -12.32 -1.51
CA LEU B 58 -11.15 -11.27 -0.67
C LEU B 58 -12.27 -10.39 -0.09
N MET B 59 -13.21 -10.00 -0.94
CA MET B 59 -14.33 -9.15 -0.53
C MET B 59 -15.36 -9.86 0.36
N LYS B 60 -15.65 -11.12 0.05
CA LYS B 60 -16.65 -11.90 0.80
C LYS B 60 -16.16 -12.30 2.18
N ASN B 61 -14.91 -12.66 2.27
CA ASN B 61 -14.37 -13.13 3.55
C ASN B 61 -13.81 -11.98 4.36
N LYS B 62 -13.50 -10.88 3.68
CA LYS B 62 -12.82 -9.69 4.26
C LYS B 62 -11.40 -10.07 4.67
N ASN B 63 -10.92 -11.10 4.01
CA ASN B 63 -9.64 -11.71 4.24
C ASN B 63 -9.16 -12.23 2.92
N ILE B 64 -7.88 -12.48 2.84
CA ILE B 64 -7.26 -12.99 1.63
C ILE B 64 -7.55 -14.49 1.53
N PRO B 65 -7.84 -15.02 0.32
CA PRO B 65 -7.91 -16.46 0.15
C PRO B 65 -6.47 -17.04 0.23
N ARG B 66 -6.09 -17.53 1.42
CA ARG B 66 -4.68 -17.89 1.73
C ARG B 66 -4.15 -19.01 0.85
N ASN B 67 -4.93 -20.06 0.69
CA ASN B 67 -4.49 -21.19 -0.11
C ASN B 67 -4.52 -20.87 -1.59
N GLU B 68 -5.45 -20.04 -1.98
CA GLU B 68 -5.59 -19.68 -3.36
C GLU B 68 -4.47 -18.70 -3.79
N LEU B 69 -4.11 -17.76 -2.92
CA LEU B 69 -3.04 -16.83 -3.23
C LEU B 69 -1.69 -17.54 -3.29
N LYS B 70 -1.46 -18.50 -2.38
CA LYS B 70 -0.20 -19.18 -2.35
C LYS B 70 -0.01 -20.13 -3.56
N LYS B 71 -1.10 -20.54 -4.20
CA LYS B 71 -0.96 -21.40 -5.39
C LYS B 71 -0.73 -20.54 -6.64
N LYS B 72 -1.33 -19.35 -6.68
CA LYS B 72 -1.21 -18.48 -7.84
C LYS B 72 0.04 -17.62 -7.80
N ALA B 73 0.44 -17.22 -6.61
CA ALA B 73 1.63 -16.39 -6.47
C ALA B 73 2.87 -17.22 -6.16
N LYS B 74 2.65 -18.47 -5.69
CA LYS B 74 3.73 -19.41 -5.31
C LYS B 74 4.52 -18.89 -4.11
N VAL B 75 3.81 -18.29 -3.18
CA VAL B 75 4.43 -17.71 -2.01
C VAL B 75 4.12 -18.51 -0.77
N HIS B 76 4.76 -18.14 0.29
CA HIS B 76 4.66 -18.85 1.53
C HIS B 76 3.50 -18.33 2.33
N GLY B 77 2.88 -19.21 3.08
CA GLY B 77 1.72 -18.88 3.89
C GLY B 77 2.03 -17.87 4.97
N ARG B 78 3.28 -17.84 5.46
CA ARG B 78 3.66 -16.86 6.46
C ARG B 78 3.71 -15.45 5.88
N THR B 79 4.03 -15.34 4.58
CA THR B 79 4.09 -14.05 3.92
C THR B 79 2.68 -13.47 3.83
N ILE B 80 1.75 -14.37 3.55
CA ILE B 80 0.34 -14.05 3.45
C ILE B 80 -0.22 -13.65 4.83
N GLY B 81 0.06 -14.45 5.84
CA GLY B 81 -0.48 -14.21 7.18
C GLY B 81 0.16 -13.04 7.92
N ASN B 82 1.43 -12.76 7.65
CA ASN B 82 2.14 -11.67 8.34
C ASN B 82 1.84 -10.32 7.72
N ASN B 83 1.65 -10.29 6.43
CA ASN B 83 1.42 -9.01 5.73
C ASN B 83 0.01 -8.94 5.22
N ARG B 84 -0.87 -9.72 5.83
CA ARG B 84 -2.26 -9.89 5.40
C ARG B 84 -3.04 -8.60 5.17
N LYS B 85 -3.10 -7.72 6.15
CA LYS B 85 -3.87 -6.52 5.95
C LYS B 85 -3.19 -5.49 5.04
N TYR B 86 -1.87 -5.58 4.94
CA TYR B 86 -1.09 -4.75 4.03
C TYR B 86 -1.40 -5.12 2.58
N ILE B 87 -1.36 -6.42 2.28
CA ILE B 87 -1.66 -6.94 0.94
C ILE B 87 -3.09 -6.58 0.51
N ILE B 88 -4.03 -6.62 1.47
CA ILE B 88 -5.42 -6.23 1.19
C ILE B 88 -5.49 -4.76 0.75
N ALA B 89 -4.72 -3.90 1.42
CA ALA B 89 -4.71 -2.48 1.14
C ALA B 89 -4.30 -2.15 -0.28
N LEU B 90 -3.18 -2.72 -0.76
CA LEU B 90 -2.73 -2.43 -2.13
C LEU B 90 -3.72 -2.96 -3.14
N CYS B 91 -4.27 -4.16 -2.85
CA CYS B 91 -5.28 -4.82 -3.68
C CYS B 91 -6.48 -3.89 -3.90
N LEU B 92 -6.93 -3.31 -2.81
CA LEU B 92 -8.02 -2.37 -2.81
C LEU B 92 -7.67 -1.10 -3.57
N ILE B 93 -6.43 -0.61 -3.44
CA ILE B 93 -5.96 0.60 -4.16
C ILE B 93 -6.04 0.39 -5.69
N PHE B 94 -5.69 -0.82 -6.16
CA PHE B 94 -5.73 -1.12 -7.59
C PHE B 94 -7.16 -1.13 -8.12
N ARG B 95 -8.09 -1.46 -7.27
CA ARG B 95 -9.48 -1.50 -7.66
C ARG B 95 -10.21 -0.20 -7.40
N SER B 96 -9.68 0.62 -6.54
CA SER B 96 -10.26 1.89 -6.18
C SER B 96 -9.93 3.01 -7.18
N ASN B 97 -10.59 4.16 -7.00
CA ASN B 97 -10.47 5.37 -7.88
C ASN B 97 -9.10 6.05 -7.78
N LEU B 98 -8.23 5.56 -6.91
CA LEU B 98 -6.96 6.17 -6.67
C LEU B 98 -5.99 5.71 -7.73
N ASN B 99 -5.91 6.48 -8.78
CA ASN B 99 -5.10 6.17 -9.94
C ASN B 99 -3.66 6.59 -9.79
N LEU B 100 -3.39 7.54 -8.91
CA LEU B 100 -2.04 8.04 -8.75
C LEU B 100 -1.26 7.11 -7.86
N SER B 101 -1.86 6.71 -6.76
CA SER B 101 -1.21 5.78 -5.85
C SER B 101 -1.14 4.38 -6.48
N LYS B 102 -2.14 4.05 -7.30
CA LYS B 102 -2.16 2.85 -8.14
C LYS B 102 -0.92 2.83 -9.02
N ARG B 103 -0.66 3.96 -9.72
CA ARG B 103 0.53 4.15 -10.60
C ARG B 103 1.81 3.83 -9.85
N TYR B 104 1.94 4.39 -8.66
CA TYR B 104 3.11 4.22 -7.82
C TYR B 104 3.37 2.75 -7.46
N LEU B 105 2.32 2.04 -7.20
CA LEU B 105 2.43 0.64 -6.86
C LEU B 105 2.69 -0.22 -8.11
N GLU B 106 2.00 0.11 -9.23
CA GLU B 106 2.12 -0.64 -10.48
C GLU B 106 3.50 -0.54 -11.10
N TYR B 107 4.08 0.66 -11.13
CA TYR B 107 5.38 0.83 -11.77
C TYR B 107 6.46 0.16 -10.92
N TYR B 108 6.29 0.20 -9.60
CA TYR B 108 7.30 -0.32 -8.70
C TYR B 108 7.35 -1.85 -8.76
N THR B 109 6.23 -2.48 -9.04
CA THR B 109 6.19 -3.92 -9.11
C THR B 109 6.57 -4.48 -10.48
N MET B 110 6.47 -3.68 -11.54
CA MET B 110 6.88 -4.14 -12.87
C MET B 110 8.40 -4.10 -13.01
N LEU B 111 9.05 -3.37 -12.12
CA LEU B 111 10.49 -3.31 -12.04
C LEU B 111 11.01 -4.62 -11.45
N GLU B 112 10.52 -4.91 -10.23
CA GLU B 112 10.86 -6.08 -9.39
C GLU B 112 12.36 -6.20 -9.08
N HIS B 113 13.11 -6.69 -10.05
CA HIS B 113 14.54 -6.88 -10.00
C HIS B 113 14.91 -7.39 -11.37
N HIS B 114 14.22 -8.43 -11.78
CA HIS B 114 14.32 -8.91 -13.13
C HIS B 114 13.06 -8.49 -13.86
N HIS B 115 13.26 -7.61 -14.80
CA HIS B 115 12.17 -7.02 -15.54
C HIS B 115 11.82 -7.92 -16.74
N HIS B 116 12.67 -8.86 -17.04
CA HIS B 116 12.45 -9.75 -18.17
C HIS B 116 12.24 -11.17 -17.71
N HIS B 117 11.44 -11.89 -18.46
CA HIS B 117 11.19 -13.29 -18.24
C HIS B 117 11.81 -14.06 -19.38
N HIS B 118 12.57 -15.08 -19.06
CA HIS B 118 13.19 -15.90 -20.07
C HIS B 118 12.28 -17.08 -20.36
N SER A 1 18.83 15.42 3.78
CA SER A 1 19.21 15.47 2.39
C SER A 1 18.81 14.18 1.64
N MET A 2 17.84 13.45 2.18
CA MET A 2 17.40 12.21 1.56
C MET A 2 15.90 12.28 1.35
N ASN A 3 15.53 12.65 0.16
CA ASN A 3 14.14 12.82 -0.16
C ASN A 3 13.53 11.57 -0.71
N ARG A 4 12.38 11.30 -0.18
CA ARG A 4 11.54 10.23 -0.59
C ARG A 4 10.22 10.87 -0.85
N LEU A 5 9.60 10.50 -1.91
CA LEU A 5 8.35 11.11 -2.30
C LEU A 5 7.23 10.23 -1.91
N GLY A 6 6.06 10.75 -1.80
CA GLY A 6 4.96 9.93 -1.49
C GLY A 6 3.65 10.61 -1.61
N ILE A 7 2.60 9.89 -1.29
CA ILE A 7 1.23 10.35 -1.44
C ILE A 7 0.56 10.25 -0.07
N ILE A 8 -0.06 11.31 0.34
CA ILE A 8 -0.67 11.42 1.66
C ILE A 8 -2.00 10.67 1.71
N TYR A 9 -2.10 9.75 2.64
CA TYR A 9 -3.29 8.97 2.83
C TYR A 9 -4.11 9.41 4.04
N GLU A 10 -3.47 9.97 5.05
CA GLU A 10 -4.21 10.49 6.20
C GLU A 10 -3.36 11.43 7.04
N ILE A 11 -3.94 12.52 7.48
CA ILE A 11 -3.30 13.43 8.39
C ILE A 11 -3.79 13.08 9.77
N GLN A 12 -2.89 12.86 10.67
CA GLN A 12 -3.25 12.51 12.02
C GLN A 12 -2.58 13.48 12.97
N GLY A 13 -3.17 14.63 13.10
CA GLY A 13 -2.67 15.66 14.00
C GLY A 13 -1.35 16.26 13.52
N MET A 14 -0.27 15.85 14.16
CA MET A 14 1.07 16.39 13.85
C MET A 14 1.88 15.42 12.99
N LYS A 15 1.25 14.36 12.56
CA LYS A 15 1.91 13.37 11.75
C LYS A 15 1.00 12.98 10.60
N ALA A 16 1.53 12.29 9.62
CA ALA A 16 0.75 11.88 8.48
C ALA A 16 1.14 10.52 8.02
N VAL A 17 0.16 9.75 7.60
CA VAL A 17 0.40 8.44 7.05
C VAL A 17 0.46 8.60 5.55
N VAL A 18 1.57 8.28 4.98
CA VAL A 18 1.78 8.49 3.57
C VAL A 18 2.29 7.22 2.91
N LEU A 19 2.15 7.18 1.62
CA LEU A 19 2.81 6.18 0.80
C LEU A 19 4.16 6.71 0.50
N THR A 20 5.09 5.86 0.30
CA THR A 20 6.38 6.29 -0.11
C THR A 20 6.56 5.92 -1.59
N SER A 21 7.68 6.32 -2.14
CA SER A 21 8.10 5.97 -3.48
C SER A 21 8.55 4.49 -3.51
N GLU A 22 8.62 3.93 -2.32
CA GLU A 22 9.00 2.58 -2.05
C GLU A 22 7.71 1.73 -1.85
N GLY A 23 6.54 2.37 -1.98
CA GLY A 23 5.26 1.67 -1.88
C GLY A 23 4.91 1.23 -0.46
N GLU A 24 5.40 1.94 0.50
CA GLU A 24 5.17 1.63 1.89
C GLU A 24 4.16 2.58 2.46
N PHE A 25 3.47 2.17 3.49
CA PHE A 25 2.65 3.09 4.24
C PHE A 25 3.44 3.40 5.48
N LEU A 26 3.86 4.61 5.61
CA LEU A 26 4.68 5.00 6.74
C LEU A 26 4.18 6.31 7.29
N ILE A 27 4.44 6.53 8.54
CA ILE A 27 4.01 7.73 9.19
C ILE A 27 5.19 8.71 9.18
N ILE A 28 4.94 9.93 8.82
CA ILE A 28 5.96 10.95 8.80
C ILE A 28 5.48 12.18 9.59
N ARG A 29 6.34 13.15 9.72
CA ARG A 29 6.02 14.42 10.37
C ARG A 29 5.12 15.23 9.44
N ARG A 30 4.16 15.96 9.98
CA ARG A 30 3.28 16.78 9.18
C ARG A 30 4.08 17.99 8.61
N ARG A 31 3.99 18.17 7.30
CA ARG A 31 4.71 19.22 6.60
C ARG A 31 3.72 20.20 5.94
N LYS A 32 4.28 21.23 5.30
CA LYS A 32 3.53 22.34 4.67
C LYS A 32 2.52 21.89 3.59
N ASP A 33 2.97 21.06 2.70
CA ASP A 33 2.23 20.68 1.48
C ASP A 33 1.20 19.59 1.75
N MET A 34 0.84 19.41 2.99
CA MET A 34 0.01 18.31 3.36
C MET A 34 -1.47 18.54 3.31
N LYS A 35 -2.09 17.69 2.55
CA LYS A 35 -3.52 17.55 2.42
C LYS A 35 -3.70 16.11 1.97
N VAL A 36 -4.71 15.43 2.47
CA VAL A 36 -4.93 14.03 2.12
C VAL A 36 -5.24 13.87 0.63
N GLY A 37 -4.43 13.10 -0.05
CA GLY A 37 -4.57 12.89 -1.45
C GLY A 37 -3.45 13.53 -2.23
N GLN A 38 -2.82 14.54 -1.65
CA GLN A 38 -1.76 15.25 -2.35
C GLN A 38 -0.43 14.55 -2.16
N GLN A 39 0.50 14.88 -2.99
CA GLN A 39 1.81 14.34 -2.90
C GLN A 39 2.72 15.23 -2.11
N VAL A 40 3.74 14.65 -1.55
CA VAL A 40 4.69 15.37 -0.75
C VAL A 40 6.09 14.75 -0.90
N SER A 41 7.07 15.60 -0.98
CA SER A 41 8.44 15.18 -0.99
C SER A 41 9.02 15.44 0.39
N PHE A 42 9.43 14.40 1.04
CA PHE A 42 9.87 14.48 2.42
C PHE A 42 11.23 13.88 2.62
N GLU A 43 11.74 13.99 3.81
CA GLU A 43 13.02 13.47 4.16
C GLU A 43 12.86 12.09 4.79
N ASN A 44 13.94 11.34 4.83
CA ASN A 44 13.98 10.02 5.46
C ASN A 44 13.82 10.19 6.97
N GLU A 45 14.35 11.30 7.49
CA GLU A 45 14.27 11.63 8.91
C GLU A 45 12.84 11.96 9.35
N ASP A 46 11.99 12.36 8.40
CA ASP A 46 10.60 12.66 8.70
C ASP A 46 9.83 11.42 9.03
N ILE A 47 10.34 10.30 8.52
CA ILE A 47 9.70 9.01 8.68
C ILE A 47 9.85 8.49 10.10
N TYR A 48 8.73 8.11 10.66
CA TYR A 48 8.65 7.52 11.96
C TYR A 48 8.91 6.03 11.84
N ASN A 49 8.87 5.34 12.93
CA ASN A 49 9.11 3.91 12.93
C ASN A 49 7.87 3.17 13.28
N VAL A 50 7.84 1.91 12.91
CA VAL A 50 6.75 1.00 13.24
C VAL A 50 6.70 0.77 14.76
N ARG A 51 7.91 0.85 15.37
CA ARG A 51 8.17 0.65 16.80
C ARG A 51 8.16 -0.84 17.11
N GLY A 52 8.32 -1.60 16.06
CA GLY A 52 8.37 -3.01 16.13
C GLY A 52 9.78 -3.46 15.91
N LYS A 53 10.33 -4.15 16.86
CA LYS A 53 11.70 -4.60 16.78
C LYS A 53 11.70 -6.10 16.59
N MET B 1 -7.71 14.81 -13.54
CA MET B 1 -7.08 13.78 -12.70
C MET B 1 -5.88 14.35 -12.00
N GLU B 2 -4.87 14.77 -12.80
CA GLU B 2 -3.61 15.33 -12.32
C GLU B 2 -2.83 14.33 -11.49
N ASP B 3 -1.75 14.76 -10.88
CA ASP B 3 -1.00 13.88 -10.01
C ASP B 3 -1.37 14.16 -8.57
N ILE B 4 -2.66 14.03 -8.30
CA ILE B 4 -3.24 14.23 -6.99
C ILE B 4 -4.39 13.24 -6.87
N GLU B 5 -4.62 12.75 -5.70
CA GLU B 5 -5.72 11.85 -5.39
C GLU B 5 -6.72 12.68 -4.58
N ALA B 6 -7.95 12.30 -4.55
CA ALA B 6 -8.93 13.01 -3.75
C ALA B 6 -9.04 12.37 -2.41
N ARG B 7 -9.19 13.16 -1.36
CA ARG B 7 -9.37 12.65 0.02
C ARG B 7 -10.63 11.80 0.09
N GLU B 8 -11.60 12.23 -0.66
CA GLU B 8 -12.89 11.57 -0.80
C GLU B 8 -12.70 10.14 -1.32
N ASP B 9 -11.77 9.98 -2.26
CA ASP B 9 -11.46 8.67 -2.84
C ASP B 9 -10.58 7.87 -1.90
N ILE B 10 -9.64 8.56 -1.21
CA ILE B 10 -8.76 7.93 -0.21
C ILE B 10 -9.62 7.29 0.89
N GLU B 11 -10.58 8.06 1.35
CA GLU B 11 -11.42 7.61 2.41
C GLU B 11 -12.52 6.64 1.97
N GLU B 12 -12.79 6.57 0.66
CA GLU B 12 -13.71 5.58 0.09
C GLU B 12 -12.99 4.21 0.17
N LEU B 13 -11.69 4.25 -0.05
CA LEU B 13 -10.82 3.10 0.10
C LEU B 13 -10.75 2.73 1.59
N LYS B 14 -10.61 3.74 2.41
CA LYS B 14 -10.54 3.59 3.87
C LYS B 14 -11.81 2.95 4.43
N LYS B 15 -12.98 3.36 3.95
CA LYS B 15 -14.25 2.81 4.46
C LYS B 15 -14.38 1.32 4.11
N LYS B 16 -13.75 0.94 3.00
CA LYS B 16 -13.67 -0.45 2.58
C LYS B 16 -12.81 -1.19 3.63
N LEU B 17 -11.64 -0.61 3.92
CA LEU B 17 -10.70 -1.11 4.95
C LEU B 17 -11.37 -1.16 6.34
N GLN B 18 -12.30 -0.25 6.59
CA GLN B 18 -13.05 -0.19 7.84
C GLN B 18 -13.96 -1.41 7.98
N GLU B 19 -14.39 -1.99 6.86
CA GLU B 19 -15.17 -3.23 6.90
C GLU B 19 -14.28 -4.40 7.33
N PHE B 20 -13.05 -4.39 6.84
CA PHE B 20 -12.06 -5.44 7.12
C PHE B 20 -11.47 -5.32 8.53
N GLY B 21 -11.48 -4.12 9.07
CA GLY B 21 -10.87 -3.87 10.36
C GLY B 21 -9.43 -3.44 10.17
N ILE B 22 -9.24 -2.56 9.22
CA ILE B 22 -7.94 -2.09 8.83
C ILE B 22 -7.93 -0.57 8.81
N THR B 23 -6.99 0.00 9.49
CA THR B 23 -6.77 1.42 9.41
C THR B 23 -5.47 1.64 8.64
N PHE B 24 -5.11 2.87 8.40
CA PHE B 24 -3.87 3.17 7.72
C PHE B 24 -2.67 2.89 8.64
N LEU B 25 -2.92 2.94 9.96
CA LEU B 25 -1.90 2.61 10.97
C LEU B 25 -1.57 1.13 10.92
N ASP B 26 -2.61 0.32 10.68
CA ASP B 26 -2.48 -1.14 10.56
C ASP B 26 -1.60 -1.52 9.39
N LEU B 27 -1.65 -0.69 8.36
CA LEU B 27 -0.89 -0.90 7.15
C LEU B 27 0.58 -0.70 7.40
N VAL B 28 0.89 0.35 8.17
CA VAL B 28 2.27 0.71 8.55
C VAL B 28 2.95 -0.46 9.27
N LEU B 29 2.18 -1.11 10.13
CA LEU B 29 2.65 -2.22 10.94
C LEU B 29 2.84 -3.52 10.11
N ASN B 30 2.36 -3.53 8.88
CA ASN B 30 2.46 -4.70 7.99
C ASN B 30 3.35 -4.41 6.79
N VAL B 31 4.17 -3.37 6.90
CA VAL B 31 5.04 -2.95 5.80
C VAL B 31 6.33 -3.81 5.68
N PRO B 32 6.62 -4.35 4.47
CA PRO B 32 7.88 -5.05 4.14
C PRO B 32 9.08 -4.11 4.31
N LYS B 33 10.20 -4.68 4.70
CA LYS B 33 11.34 -3.87 5.14
C LYS B 33 12.20 -3.34 3.99
N HIS B 34 12.43 -4.15 3.00
CA HIS B 34 13.31 -3.78 1.91
C HIS B 34 12.63 -3.95 0.57
N ARG B 35 13.17 -3.29 -0.47
CA ARG B 35 12.58 -3.20 -1.85
C ARG B 35 12.08 -4.51 -2.37
N ASP B 36 12.92 -5.55 -2.27
CA ASP B 36 12.63 -6.89 -2.81
C ASP B 36 11.29 -7.41 -2.29
N SER B 37 11.17 -7.36 -0.98
CA SER B 37 10.03 -7.85 -0.26
C SER B 37 8.79 -6.98 -0.49
N ARG B 38 9.00 -5.68 -0.71
CA ARG B 38 7.90 -4.74 -0.96
C ARG B 38 7.29 -5.05 -2.31
N GLN B 39 8.17 -5.15 -3.32
CA GLN B 39 7.80 -5.44 -4.70
C GLN B 39 7.05 -6.76 -4.78
N LEU B 40 7.50 -7.72 -4.02
CA LEU B 40 6.89 -9.03 -3.91
C LEU B 40 5.45 -8.92 -3.32
N CYS B 41 5.30 -8.24 -2.19
CA CYS B 41 4.00 -8.15 -1.51
C CYS B 41 2.97 -7.31 -2.27
N ILE B 42 3.43 -6.26 -2.95
CA ILE B 42 2.56 -5.43 -3.78
C ILE B 42 2.13 -6.25 -5.01
N ARG B 43 3.01 -7.13 -5.47
CA ARG B 43 2.74 -8.00 -6.61
C ARG B 43 1.69 -9.07 -6.24
N LEU B 44 1.69 -9.47 -4.98
CA LEU B 44 0.70 -10.43 -4.46
C LEU B 44 -0.65 -9.78 -4.49
N ALA B 45 -0.68 -8.53 -4.06
CA ALA B 45 -1.88 -7.71 -4.04
C ALA B 45 -2.37 -7.44 -5.45
N LYS B 46 -1.44 -7.34 -6.38
CA LYS B 46 -1.73 -7.10 -7.78
C LYS B 46 -2.50 -8.27 -8.38
N MET B 47 -2.01 -9.48 -8.19
CA MET B 47 -2.67 -10.68 -8.74
C MET B 47 -3.95 -11.02 -7.98
N LEU B 48 -4.06 -10.53 -6.75
CA LEU B 48 -5.27 -10.62 -5.93
C LEU B 48 -6.33 -9.64 -6.46
N ALA B 49 -5.88 -8.49 -6.95
CA ALA B 49 -6.76 -7.43 -7.46
C ALA B 49 -7.22 -7.68 -8.88
N GLU B 50 -6.28 -8.03 -9.76
CA GLU B 50 -6.57 -8.22 -11.20
C GLU B 50 -7.47 -9.44 -11.44
N ASP B 51 -7.55 -10.29 -10.46
CA ASP B 51 -8.36 -11.47 -10.54
C ASP B 51 -9.63 -11.22 -9.75
N GLU B 52 -10.75 -11.06 -10.46
CA GLU B 52 -12.06 -10.75 -9.83
C GLU B 52 -12.48 -11.83 -8.86
N GLN B 53 -12.13 -13.06 -9.17
CA GLN B 53 -12.52 -14.21 -8.39
C GLN B 53 -11.88 -14.13 -7.01
N MET B 54 -10.61 -13.76 -6.98
CA MET B 54 -9.89 -13.60 -5.72
C MET B 54 -10.36 -12.38 -4.99
N TYR B 55 -10.59 -11.29 -5.71
CA TYR B 55 -11.02 -10.03 -5.14
C TYR B 55 -12.41 -10.17 -4.48
N ASN B 56 -13.31 -10.89 -5.13
CA ASN B 56 -14.63 -11.19 -4.56
C ASN B 56 -14.52 -12.09 -3.32
N ALA B 57 -13.57 -13.04 -3.34
CA ALA B 57 -13.32 -13.94 -2.20
C ALA B 57 -12.78 -13.13 -1.03
N LEU B 58 -11.91 -12.20 -1.35
CA LEU B 58 -11.32 -11.24 -0.43
C LEU B 58 -12.44 -10.41 0.27
N MET B 59 -13.44 -10.00 -0.50
CA MET B 59 -14.56 -9.23 0.02
C MET B 59 -15.50 -10.07 0.89
N LYS B 60 -15.70 -11.33 0.51
CA LYS B 60 -16.56 -12.24 1.26
C LYS B 60 -15.97 -12.56 2.63
N ASN B 61 -14.72 -12.95 2.63
CA ASN B 61 -14.05 -13.40 3.86
C ASN B 61 -13.61 -12.25 4.72
N LYS B 62 -13.36 -11.09 4.09
CA LYS B 62 -12.75 -9.90 4.75
C LYS B 62 -11.33 -10.24 5.22
N ASN B 63 -10.79 -11.20 4.52
CA ASN B 63 -9.47 -11.76 4.72
C ASN B 63 -9.00 -12.11 3.35
N ILE B 64 -7.73 -12.32 3.20
CA ILE B 64 -7.17 -12.71 1.92
C ILE B 64 -7.56 -14.17 1.65
N PRO B 65 -7.94 -14.53 0.40
CA PRO B 65 -8.05 -15.92 0.02
C PRO B 65 -6.62 -16.50 -0.06
N ARG B 66 -6.09 -16.81 1.10
CA ARG B 66 -4.71 -17.23 1.33
C ARG B 66 -4.37 -18.47 0.57
N ASN B 67 -5.33 -19.36 0.49
CA ASN B 67 -5.22 -20.60 -0.26
C ASN B 67 -4.97 -20.34 -1.74
N GLU B 68 -5.72 -19.41 -2.30
CA GLU B 68 -5.63 -19.11 -3.72
C GLU B 68 -4.39 -18.25 -4.02
N LEU B 69 -3.98 -17.46 -3.04
CA LEU B 69 -2.82 -16.62 -3.22
C LEU B 69 -1.53 -17.44 -3.20
N LYS B 70 -1.44 -18.42 -2.29
CA LYS B 70 -0.25 -19.22 -2.16
C LYS B 70 -0.01 -20.11 -3.40
N LYS B 71 -1.09 -20.54 -4.06
CA LYS B 71 -0.97 -21.35 -5.28
C LYS B 71 -0.68 -20.51 -6.53
N LYS B 72 -1.15 -19.28 -6.57
CA LYS B 72 -0.90 -18.41 -7.72
C LYS B 72 0.45 -17.72 -7.64
N ALA B 73 0.75 -17.18 -6.50
CA ALA B 73 1.97 -16.43 -6.32
C ALA B 73 3.16 -17.32 -6.01
N LYS B 74 2.89 -18.47 -5.39
CA LYS B 74 3.92 -19.40 -4.90
C LYS B 74 4.75 -18.74 -3.81
N VAL B 75 4.09 -18.33 -2.77
CA VAL B 75 4.75 -17.69 -1.66
C VAL B 75 4.62 -18.50 -0.42
N HIS B 76 5.23 -18.02 0.63
CA HIS B 76 5.23 -18.70 1.89
C HIS B 76 4.06 -18.22 2.71
N GLY B 77 3.63 -19.04 3.66
CA GLY B 77 2.50 -18.73 4.49
C GLY B 77 2.76 -17.54 5.39
N ARG B 78 4.03 -17.38 5.80
CA ARG B 78 4.40 -16.28 6.66
C ARG B 78 4.36 -14.95 5.91
N THR B 79 4.58 -14.99 4.61
CA THR B 79 4.60 -13.80 3.81
C THR B 79 3.20 -13.23 3.70
N ILE B 80 2.25 -14.12 3.45
CA ILE B 80 0.86 -13.77 3.34
C ILE B 80 0.34 -13.27 4.70
N GLY B 81 0.77 -13.93 5.77
CA GLY B 81 0.30 -13.59 7.10
C GLY B 81 0.90 -12.31 7.68
N ASN B 82 2.21 -12.10 7.51
CA ASN B 82 2.89 -10.92 8.11
C ASN B 82 2.53 -9.61 7.42
N ASN B 83 2.16 -9.68 6.17
CA ASN B 83 1.85 -8.47 5.42
C ASN B 83 0.38 -8.48 5.03
N ARG B 84 -0.41 -9.30 5.73
CA ARG B 84 -1.81 -9.60 5.39
C ARG B 84 -2.70 -8.39 5.09
N LYS B 85 -2.76 -7.44 6.00
CA LYS B 85 -3.67 -6.34 5.82
C LYS B 85 -3.11 -5.27 4.89
N TYR B 86 -1.78 -5.26 4.78
CA TYR B 86 -1.06 -4.42 3.83
C TYR B 86 -1.41 -4.86 2.41
N ILE B 87 -1.34 -6.17 2.15
CA ILE B 87 -1.67 -6.77 0.84
C ILE B 87 -3.11 -6.43 0.44
N ILE B 88 -4.02 -6.47 1.41
CA ILE B 88 -5.43 -6.11 1.18
C ILE B 88 -5.53 -4.65 0.69
N ALA B 89 -4.75 -3.76 1.33
CA ALA B 89 -4.76 -2.34 0.98
C ALA B 89 -4.36 -2.09 -0.47
N LEU B 90 -3.21 -2.66 -0.92
CA LEU B 90 -2.75 -2.41 -2.31
C LEU B 90 -3.73 -2.97 -3.31
N CYS B 91 -4.26 -4.15 -3.00
CA CYS B 91 -5.25 -4.85 -3.83
C CYS B 91 -6.44 -3.94 -4.12
N LEU B 92 -6.95 -3.36 -3.06
CA LEU B 92 -8.07 -2.47 -3.15
C LEU B 92 -7.73 -1.19 -3.91
N ILE B 93 -6.49 -0.69 -3.75
CA ILE B 93 -6.01 0.51 -4.47
C ILE B 93 -6.08 0.31 -6.00
N PHE B 94 -5.67 -0.88 -6.46
CA PHE B 94 -5.65 -1.21 -7.89
C PHE B 94 -7.06 -1.23 -8.48
N ARG B 95 -8.03 -1.65 -7.69
CA ARG B 95 -9.38 -1.73 -8.18
C ARG B 95 -10.17 -0.43 -7.94
N SER B 96 -9.76 0.34 -6.95
CA SER B 96 -10.42 1.58 -6.56
C SER B 96 -9.90 2.78 -7.36
N ASN B 97 -10.56 3.94 -7.19
CA ASN B 97 -10.28 5.22 -7.91
C ASN B 97 -8.89 5.82 -7.65
N LEU B 98 -8.05 5.13 -6.91
CA LEU B 98 -6.76 5.65 -6.56
C LEU B 98 -5.78 5.28 -7.65
N ASN B 99 -5.78 6.08 -8.69
CA ASN B 99 -5.02 5.84 -9.88
C ASN B 99 -3.57 6.31 -9.79
N LEU B 100 -3.32 7.26 -8.92
CA LEU B 100 -1.98 7.79 -8.76
C LEU B 100 -1.17 6.89 -7.84
N SER B 101 -1.78 6.43 -6.77
CA SER B 101 -1.13 5.52 -5.87
C SER B 101 -0.96 4.15 -6.51
N LYS B 102 -1.92 3.79 -7.37
CA LYS B 102 -1.82 2.63 -8.27
C LYS B 102 -0.52 2.71 -9.07
N ARG B 103 -0.24 3.90 -9.65
CA ARG B 103 0.96 4.15 -10.45
C ARG B 103 2.25 3.95 -9.64
N TYR B 104 2.24 4.39 -8.38
CA TYR B 104 3.38 4.20 -7.48
C TYR B 104 3.65 2.72 -7.25
N LEU B 105 2.60 1.97 -7.11
CA LEU B 105 2.69 0.57 -6.85
C LEU B 105 3.07 -0.21 -8.11
N GLU B 106 2.49 0.17 -9.25
CA GLU B 106 2.76 -0.51 -10.51
C GLU B 106 4.14 -0.26 -11.07
N TYR B 107 4.68 0.97 -10.91
CA TYR B 107 6.01 1.24 -11.43
C TYR B 107 7.03 0.49 -10.60
N TYR B 108 6.76 0.39 -9.31
CA TYR B 108 7.65 -0.23 -8.36
C TYR B 108 7.69 -1.75 -8.58
N THR B 109 6.59 -2.32 -9.01
CA THR B 109 6.52 -3.73 -9.25
C THR B 109 7.02 -4.14 -10.64
N MET B 110 7.02 -3.20 -11.61
CA MET B 110 7.55 -3.52 -12.95
C MET B 110 9.07 -3.44 -12.93
N LEU B 111 9.59 -2.74 -11.90
CA LEU B 111 11.03 -2.66 -11.63
C LEU B 111 11.57 -4.04 -11.28
N GLU B 112 10.68 -4.91 -10.80
CA GLU B 112 11.02 -6.28 -10.53
C GLU B 112 11.09 -6.94 -11.89
N HIS B 113 12.30 -7.08 -12.39
CA HIS B 113 12.51 -7.54 -13.73
C HIS B 113 12.50 -9.04 -13.79
N HIS B 114 11.30 -9.56 -13.83
CA HIS B 114 11.08 -10.98 -13.94
C HIS B 114 10.67 -11.27 -15.38
N HIS B 115 10.35 -10.21 -16.11
CA HIS B 115 9.97 -10.29 -17.49
C HIS B 115 10.59 -9.15 -18.26
N HIS B 116 10.67 -9.31 -19.54
CA HIS B 116 11.12 -8.31 -20.49
C HIS B 116 10.20 -8.43 -21.67
N HIS B 117 10.36 -7.58 -22.65
CA HIS B 117 9.64 -7.78 -23.90
C HIS B 117 10.39 -8.83 -24.72
N HIS B 118 9.97 -10.05 -24.58
CA HIS B 118 10.60 -11.17 -25.21
C HIS B 118 9.52 -12.18 -25.54
N SER A 1 17.58 15.85 1.25
CA SER A 1 18.82 15.10 1.39
C SER A 1 18.57 13.62 1.06
N MET A 2 17.80 12.96 1.91
CA MET A 2 17.44 11.58 1.69
C MET A 2 15.97 11.60 1.49
N ASN A 3 15.58 11.96 0.30
CA ASN A 3 14.20 12.21 0.04
C ASN A 3 13.43 11.02 -0.34
N ARG A 4 12.24 10.98 0.15
CA ARG A 4 11.29 9.96 -0.13
C ARG A 4 10.12 10.68 -0.78
N LEU A 5 9.70 10.23 -1.90
CA LEU A 5 8.58 10.83 -2.57
C LEU A 5 7.40 9.97 -2.37
N GLY A 6 6.25 10.55 -2.27
CA GLY A 6 5.08 9.77 -2.09
C GLY A 6 3.79 10.54 -2.17
N ILE A 7 2.77 9.98 -1.56
CA ILE A 7 1.40 10.48 -1.61
C ILE A 7 0.84 10.50 -0.19
N ILE A 8 0.12 11.53 0.15
CA ILE A 8 -0.45 11.71 1.49
C ILE A 8 -1.78 10.99 1.60
N TYR A 9 -1.88 10.10 2.55
CA TYR A 9 -3.09 9.32 2.74
C TYR A 9 -3.94 9.77 3.91
N GLU A 10 -3.33 10.24 4.99
CA GLU A 10 -4.14 10.66 6.11
C GLU A 10 -3.39 11.62 6.99
N ILE A 11 -4.06 12.66 7.42
CA ILE A 11 -3.48 13.64 8.32
C ILE A 11 -3.96 13.30 9.73
N GLN A 12 -3.03 13.09 10.62
CA GLN A 12 -3.36 12.72 11.98
C GLN A 12 -2.70 13.73 12.92
N GLY A 13 -3.34 14.86 13.11
CA GLY A 13 -2.81 15.88 13.98
C GLY A 13 -1.60 16.56 13.40
N MET A 14 -0.47 16.26 13.97
CA MET A 14 0.79 16.85 13.60
C MET A 14 1.62 15.88 12.75
N LYS A 15 1.05 14.73 12.45
CA LYS A 15 1.75 13.73 11.68
C LYS A 15 0.88 13.31 10.50
N ALA A 16 1.44 12.63 9.56
CA ALA A 16 0.71 12.21 8.39
C ALA A 16 1.14 10.83 7.95
N VAL A 17 0.20 10.06 7.49
CA VAL A 17 0.49 8.75 6.95
C VAL A 17 0.59 8.90 5.44
N VAL A 18 1.73 8.55 4.92
CA VAL A 18 1.99 8.68 3.51
C VAL A 18 2.39 7.36 2.88
N LEU A 19 2.35 7.34 1.60
CA LEU A 19 2.88 6.29 0.76
C LEU A 19 4.14 6.80 0.18
N THR A 20 5.04 5.93 -0.11
CA THR A 20 6.22 6.32 -0.83
C THR A 20 6.08 5.82 -2.27
N SER A 21 7.05 6.13 -3.09
CA SER A 21 7.12 5.63 -4.45
C SER A 21 7.58 4.15 -4.45
N GLU A 22 7.83 3.63 -3.26
CA GLU A 22 8.17 2.26 -3.04
C GLU A 22 6.98 1.53 -2.36
N GLY A 23 5.85 2.25 -2.25
CA GLY A 23 4.58 1.70 -1.79
C GLY A 23 4.49 1.43 -0.30
N GLU A 24 5.31 2.08 0.48
CA GLU A 24 5.34 1.90 1.93
C GLU A 24 4.35 2.85 2.58
N PHE A 25 3.69 2.42 3.63
CA PHE A 25 2.86 3.31 4.41
C PHE A 25 3.68 3.76 5.60
N LEU A 26 4.01 5.01 5.65
CA LEU A 26 4.87 5.51 6.69
C LEU A 26 4.29 6.74 7.31
N ILE A 27 4.45 6.87 8.61
CA ILE A 27 3.99 8.06 9.30
C ILE A 27 5.15 9.03 9.34
N ILE A 28 4.90 10.24 8.96
CA ILE A 28 5.91 11.27 8.93
C ILE A 28 5.38 12.52 9.60
N ARG A 29 6.22 13.52 9.67
CA ARG A 29 5.90 14.80 10.25
C ARG A 29 5.07 15.62 9.26
N ARG A 30 4.00 16.23 9.75
CA ARG A 30 3.13 17.03 8.92
C ARG A 30 3.81 18.34 8.51
N ARG A 31 3.60 18.70 7.28
CA ARG A 31 4.16 19.87 6.67
C ARG A 31 3.04 20.80 6.25
N LYS A 32 3.42 22.02 5.92
CA LYS A 32 2.53 23.10 5.47
C LYS A 32 1.80 22.72 4.18
N ASP A 33 2.54 22.07 3.32
CA ASP A 33 2.11 21.71 1.98
C ASP A 33 1.33 20.39 1.92
N MET A 34 0.82 19.95 3.05
CA MET A 34 0.11 18.70 3.11
C MET A 34 -1.40 18.84 3.00
N LYS A 35 -1.96 17.90 2.27
CA LYS A 35 -3.38 17.69 2.09
C LYS A 35 -3.53 16.23 1.75
N VAL A 36 -4.55 15.59 2.26
CA VAL A 36 -4.84 14.19 1.95
C VAL A 36 -5.16 14.07 0.44
N GLY A 37 -4.37 13.29 -0.24
CA GLY A 37 -4.55 13.08 -1.65
C GLY A 37 -3.43 13.69 -2.48
N GLN A 38 -2.69 14.61 -1.89
CA GLN A 38 -1.62 15.28 -2.62
C GLN A 38 -0.32 14.54 -2.52
N GLN A 39 0.59 14.88 -3.41
CA GLN A 39 1.89 14.29 -3.43
C GLN A 39 2.81 15.06 -2.49
N VAL A 40 3.85 14.43 -2.02
CA VAL A 40 4.78 15.06 -1.11
C VAL A 40 6.19 14.48 -1.30
N SER A 41 7.18 15.34 -1.27
CA SER A 41 8.55 14.92 -1.27
C SER A 41 9.12 15.32 0.07
N PHE A 42 9.44 14.36 0.87
CA PHE A 42 9.87 14.59 2.24
C PHE A 42 11.19 13.93 2.50
N GLU A 43 11.68 14.01 3.70
CA GLU A 43 12.94 13.42 4.06
C GLU A 43 12.72 12.11 4.77
N ASN A 44 13.79 11.37 4.91
CA ASN A 44 13.77 10.11 5.66
C ASN A 44 13.81 10.45 7.16
N GLU A 45 14.18 11.70 7.42
CA GLU A 45 14.23 12.30 8.73
C GLU A 45 12.81 12.51 9.28
N ASP A 46 11.84 12.65 8.39
CA ASP A 46 10.46 12.88 8.78
C ASP A 46 9.78 11.63 9.23
N ILE A 47 10.32 10.50 8.80
CA ILE A 47 9.76 9.19 9.07
C ILE A 47 9.82 8.84 10.56
N TYR A 48 8.64 8.67 11.15
CA TYR A 48 8.47 8.23 12.53
C TYR A 48 8.95 6.81 12.69
N ASN A 49 8.69 6.02 11.62
CA ASN A 49 9.11 4.61 11.49
C ASN A 49 8.25 3.69 12.36
N VAL A 50 7.97 2.51 11.84
CA VAL A 50 7.23 1.49 12.57
C VAL A 50 8.11 0.90 13.68
N ARG A 51 9.44 0.92 13.44
CA ARG A 51 10.44 0.36 14.33
C ARG A 51 10.25 -1.16 14.33
N GLY A 52 10.04 -1.67 13.14
CA GLY A 52 9.89 -3.07 12.90
C GLY A 52 10.90 -3.50 11.89
N LYS A 53 11.98 -2.75 11.84
CA LYS A 53 13.05 -2.93 10.89
C LYS A 53 14.28 -3.46 11.62
N MET B 1 3.77 19.70 -9.94
CA MET B 1 3.62 18.34 -9.41
C MET B 1 2.54 17.62 -10.19
N GLU B 2 1.29 18.11 -10.02
CA GLU B 2 0.08 17.58 -10.65
C GLU B 2 -0.20 16.15 -10.21
N ASP B 3 -1.27 15.57 -10.78
CA ASP B 3 -1.71 14.19 -10.52
C ASP B 3 -2.06 14.04 -9.06
N ILE B 4 -3.29 14.32 -8.73
CA ILE B 4 -3.69 14.35 -7.35
C ILE B 4 -4.81 13.35 -7.15
N GLU B 5 -4.91 12.88 -5.96
CA GLU B 5 -5.95 11.98 -5.52
C GLU B 5 -6.92 12.81 -4.69
N ALA B 6 -8.16 12.42 -4.64
CA ALA B 6 -9.11 13.15 -3.82
C ALA B 6 -9.18 12.52 -2.46
N ARG B 7 -9.34 13.35 -1.43
CA ARG B 7 -9.41 12.88 -0.03
C ARG B 7 -10.56 11.92 0.15
N GLU B 8 -11.65 12.30 -0.46
CA GLU B 8 -12.90 11.58 -0.51
C GLU B 8 -12.69 10.15 -1.00
N ASP B 9 -11.84 10.01 -1.98
CA ASP B 9 -11.49 8.70 -2.55
C ASP B 9 -10.55 7.94 -1.66
N ILE B 10 -9.61 8.65 -1.03
CA ILE B 10 -8.65 8.04 -0.07
C ILE B 10 -9.44 7.45 1.10
N GLU B 11 -10.36 8.24 1.61
CA GLU B 11 -11.15 7.84 2.72
C GLU B 11 -12.18 6.81 2.35
N GLU B 12 -12.59 6.76 1.08
CA GLU B 12 -13.49 5.73 0.58
C GLU B 12 -12.79 4.38 0.72
N LEU B 13 -11.53 4.36 0.33
CA LEU B 13 -10.65 3.20 0.49
C LEU B 13 -10.60 2.80 1.97
N LYS B 14 -10.38 3.80 2.84
CA LYS B 14 -10.36 3.65 4.29
C LYS B 14 -11.67 3.00 4.80
N LYS B 15 -12.81 3.36 4.19
CA LYS B 15 -14.14 2.82 4.59
C LYS B 15 -14.18 1.31 4.33
N LYS B 16 -13.59 0.88 3.22
CA LYS B 16 -13.53 -0.53 2.91
C LYS B 16 -12.58 -1.24 3.86
N LEU B 17 -11.46 -0.59 4.19
CA LEU B 17 -10.50 -1.10 5.18
C LEU B 17 -11.16 -1.26 6.54
N GLN B 18 -12.10 -0.38 6.85
CA GLN B 18 -12.86 -0.43 8.10
C GLN B 18 -13.72 -1.69 8.17
N GLU B 19 -14.18 -2.17 7.00
CA GLU B 19 -14.99 -3.40 6.92
C GLU B 19 -14.10 -4.62 7.20
N PHE B 20 -12.81 -4.51 6.86
CA PHE B 20 -11.83 -5.58 7.11
C PHE B 20 -11.27 -5.47 8.54
N GLY B 21 -11.38 -4.28 9.10
CA GLY B 21 -10.87 -4.00 10.43
C GLY B 21 -9.42 -3.58 10.36
N ILE B 22 -9.13 -2.72 9.39
CA ILE B 22 -7.78 -2.26 9.12
C ILE B 22 -7.77 -0.72 9.01
N THR B 23 -6.78 -0.11 9.61
CA THR B 23 -6.56 1.31 9.46
C THR B 23 -5.30 1.51 8.63
N PHE B 24 -4.93 2.75 8.37
CA PHE B 24 -3.70 3.03 7.65
C PHE B 24 -2.49 2.78 8.59
N LEU B 25 -2.75 2.87 9.90
CA LEU B 25 -1.72 2.62 10.92
C LEU B 25 -1.40 1.14 10.99
N ASP B 26 -2.41 0.32 10.74
CA ASP B 26 -2.25 -1.15 10.69
C ASP B 26 -1.34 -1.56 9.57
N LEU B 27 -1.31 -0.75 8.54
CA LEU B 27 -0.52 -0.97 7.34
C LEU B 27 0.92 -0.59 7.59
N VAL B 28 1.11 0.48 8.39
CA VAL B 28 2.44 0.95 8.79
C VAL B 28 3.16 -0.16 9.58
N LEU B 29 2.38 -0.91 10.35
CA LEU B 29 2.88 -2.01 11.16
C LEU B 29 3.19 -3.26 10.32
N ASN B 30 2.96 -3.19 9.02
CA ASN B 30 3.18 -4.33 8.11
C ASN B 30 4.18 -3.96 7.01
N VAL B 31 4.83 -2.81 7.15
CA VAL B 31 5.74 -2.30 6.13
C VAL B 31 7.01 -3.16 5.96
N PRO B 32 7.24 -3.65 4.70
CA PRO B 32 8.45 -4.38 4.33
C PRO B 32 9.70 -3.52 4.49
N LYS B 33 10.76 -4.16 4.85
CA LYS B 33 12.03 -3.51 5.18
C LYS B 33 12.84 -3.16 3.96
N HIS B 34 12.85 -4.05 3.00
CA HIS B 34 13.67 -3.84 1.82
C HIS B 34 12.87 -3.97 0.53
N ARG B 35 13.50 -3.52 -0.56
CA ARG B 35 12.91 -3.40 -1.92
C ARG B 35 12.21 -4.67 -2.39
N ASP B 36 12.89 -5.82 -2.27
CA ASP B 36 12.35 -7.14 -2.71
C ASP B 36 11.03 -7.44 -2.06
N SER B 37 11.00 -7.27 -0.76
CA SER B 37 9.84 -7.56 0.04
C SER B 37 8.69 -6.62 -0.29
N ARG B 38 9.01 -5.36 -0.59
CA ARG B 38 8.00 -4.36 -0.95
C ARG B 38 7.34 -4.76 -2.24
N GLN B 39 8.17 -5.03 -3.25
CA GLN B 39 7.69 -5.41 -4.56
C GLN B 39 6.89 -6.69 -4.51
N LEU B 40 7.39 -7.64 -3.74
CA LEU B 40 6.77 -8.94 -3.54
C LEU B 40 5.35 -8.79 -2.95
N CYS B 41 5.22 -8.07 -1.83
CA CYS B 41 3.93 -7.92 -1.14
C CYS B 41 2.91 -7.15 -1.98
N ILE B 42 3.39 -6.11 -2.67
CA ILE B 42 2.52 -5.31 -3.51
C ILE B 42 2.13 -6.11 -4.78
N ARG B 43 3.02 -7.01 -5.21
CA ARG B 43 2.77 -7.88 -6.36
C ARG B 43 1.72 -8.93 -6.03
N LEU B 44 1.72 -9.39 -4.78
CA LEU B 44 0.72 -10.34 -4.30
C LEU B 44 -0.63 -9.67 -4.33
N ALA B 45 -0.64 -8.43 -3.89
CA ALA B 45 -1.82 -7.59 -3.88
C ALA B 45 -2.27 -7.25 -5.30
N LYS B 46 -1.30 -7.13 -6.20
CA LYS B 46 -1.53 -6.80 -7.59
C LYS B 46 -2.30 -7.92 -8.28
N MET B 47 -1.84 -9.15 -8.14
CA MET B 47 -2.52 -10.28 -8.77
C MET B 47 -3.84 -10.60 -8.06
N LEU B 48 -3.90 -10.28 -6.76
CA LEU B 48 -5.10 -10.43 -5.95
C LEU B 48 -6.17 -9.44 -6.43
N ALA B 49 -5.72 -8.31 -6.91
CA ALA B 49 -6.58 -7.26 -7.42
C ALA B 49 -7.01 -7.53 -8.85
N GLU B 50 -6.06 -7.89 -9.71
CA GLU B 50 -6.34 -8.11 -11.15
C GLU B 50 -7.26 -9.29 -11.37
N ASP B 51 -7.18 -10.27 -10.52
CA ASP B 51 -7.94 -11.47 -10.67
C ASP B 51 -9.31 -11.26 -10.05
N GLU B 52 -10.33 -11.38 -10.87
CA GLU B 52 -11.71 -11.11 -10.46
C GLU B 52 -12.22 -12.11 -9.44
N GLN B 53 -11.75 -13.33 -9.52
CA GLN B 53 -12.15 -14.37 -8.62
C GLN B 53 -11.50 -14.13 -7.25
N MET B 54 -10.22 -13.80 -7.27
CA MET B 54 -9.46 -13.56 -6.05
C MET B 54 -9.91 -12.29 -5.33
N TYR B 55 -10.16 -11.23 -6.09
CA TYR B 55 -10.61 -9.95 -5.51
C TYR B 55 -11.99 -10.10 -4.87
N ASN B 56 -12.86 -10.89 -5.48
CA ASN B 56 -14.18 -11.13 -4.92
C ASN B 56 -14.11 -12.06 -3.72
N ALA B 57 -13.16 -12.99 -3.73
CA ALA B 57 -12.93 -13.90 -2.60
C ALA B 57 -12.44 -13.08 -1.41
N LEU B 58 -11.56 -12.13 -1.72
CA LEU B 58 -11.00 -11.18 -0.79
C LEU B 58 -12.11 -10.34 -0.14
N MET B 59 -12.99 -9.81 -0.96
CA MET B 59 -14.12 -9.01 -0.49
C MET B 59 -15.16 -9.80 0.30
N LYS B 60 -15.56 -10.95 -0.19
CA LYS B 60 -16.61 -11.76 0.44
C LYS B 60 -16.21 -12.23 1.84
N ASN B 61 -15.01 -12.74 1.96
CA ASN B 61 -14.56 -13.29 3.24
C ASN B 61 -13.97 -12.21 4.13
N LYS B 62 -13.64 -11.05 3.51
CA LYS B 62 -12.93 -9.94 4.16
C LYS B 62 -11.55 -10.40 4.64
N ASN B 63 -11.02 -11.35 3.92
CA ASN B 63 -9.76 -11.98 4.19
C ASN B 63 -9.19 -12.38 2.87
N ILE B 64 -7.89 -12.54 2.85
CA ILE B 64 -7.19 -12.94 1.64
C ILE B 64 -7.45 -14.42 1.39
N PRO B 65 -7.78 -14.82 0.14
CA PRO B 65 -7.85 -16.21 -0.23
C PRO B 65 -6.40 -16.78 -0.23
N ARG B 66 -6.01 -17.30 0.92
CA ARG B 66 -4.64 -17.71 1.21
C ARG B 66 -4.21 -18.89 0.40
N ASN B 67 -5.07 -19.88 0.27
CA ASN B 67 -4.74 -21.10 -0.50
C ASN B 67 -4.61 -20.79 -1.98
N GLU B 68 -5.39 -19.82 -2.42
CA GLU B 68 -5.38 -19.37 -3.79
C GLU B 68 -4.08 -18.58 -4.09
N LEU B 69 -3.80 -17.59 -3.24
CA LEU B 69 -2.61 -16.74 -3.41
C LEU B 69 -1.32 -17.55 -3.27
N LYS B 70 -1.33 -18.51 -2.36
CA LYS B 70 -0.18 -19.38 -2.13
C LYS B 70 0.19 -20.19 -3.38
N LYS B 71 -0.81 -20.71 -4.08
CA LYS B 71 -0.50 -21.52 -5.24
C LYS B 71 -0.26 -20.69 -6.50
N LYS B 72 -0.89 -19.53 -6.58
CA LYS B 72 -0.77 -18.69 -7.78
C LYS B 72 0.51 -17.84 -7.74
N ALA B 73 0.79 -17.24 -6.61
CA ALA B 73 1.97 -16.39 -6.46
C ALA B 73 3.20 -17.19 -6.10
N LYS B 74 2.98 -18.48 -5.75
CA LYS B 74 4.04 -19.44 -5.38
C LYS B 74 4.75 -18.97 -4.10
N VAL B 75 3.97 -18.39 -3.20
CA VAL B 75 4.48 -17.83 -1.97
C VAL B 75 4.09 -18.65 -0.77
N HIS B 76 4.63 -18.29 0.35
CA HIS B 76 4.44 -19.00 1.58
C HIS B 76 3.29 -18.40 2.36
N GLY B 77 2.58 -19.26 3.06
CA GLY B 77 1.44 -18.87 3.87
C GLY B 77 1.83 -17.99 5.04
N ARG B 78 3.10 -18.10 5.47
CA ARG B 78 3.66 -17.25 6.53
C ARG B 78 3.58 -15.81 6.06
N THR B 79 4.12 -15.55 4.87
CA THR B 79 4.19 -14.22 4.28
C THR B 79 2.78 -13.63 4.12
N ILE B 80 1.85 -14.48 3.70
CA ILE B 80 0.45 -14.11 3.53
C ILE B 80 -0.18 -13.72 4.88
N GLY B 81 0.10 -14.52 5.91
CA GLY B 81 -0.47 -14.28 7.22
C GLY B 81 0.20 -13.13 7.98
N ASN B 82 1.46 -12.89 7.66
CA ASN B 82 2.25 -11.85 8.34
C ASN B 82 1.92 -10.46 7.83
N ASN B 83 1.84 -10.30 6.52
CA ASN B 83 1.63 -8.97 5.93
C ASN B 83 0.25 -8.87 5.34
N ARG B 84 -0.67 -9.63 5.91
CA ARG B 84 -2.06 -9.78 5.44
C ARG B 84 -2.78 -8.44 5.23
N LYS B 85 -2.68 -7.52 6.18
CA LYS B 85 -3.40 -6.25 6.12
C LYS B 85 -2.84 -5.36 5.01
N TYR B 86 -1.54 -5.45 4.85
CA TYR B 86 -0.80 -4.67 3.88
C TYR B 86 -1.19 -5.12 2.48
N ILE B 87 -1.19 -6.44 2.27
CA ILE B 87 -1.55 -7.04 0.97
C ILE B 87 -3.00 -6.65 0.59
N ILE B 88 -3.89 -6.63 1.58
CA ILE B 88 -5.28 -6.22 1.38
C ILE B 88 -5.36 -4.77 0.89
N ALA B 89 -4.61 -3.89 1.57
CA ALA B 89 -4.59 -2.46 1.28
C ALA B 89 -4.27 -2.15 -0.18
N LEU B 90 -3.15 -2.69 -0.71
CA LEU B 90 -2.75 -2.37 -2.09
C LEU B 90 -3.73 -2.95 -3.09
N CYS B 91 -4.24 -4.16 -2.79
CA CYS B 91 -5.22 -4.85 -3.64
C CYS B 91 -6.44 -3.97 -3.87
N LEU B 92 -6.91 -3.39 -2.78
CA LEU B 92 -8.03 -2.49 -2.83
C LEU B 92 -7.69 -1.26 -3.63
N ILE B 93 -6.51 -0.66 -3.40
CA ILE B 93 -6.04 0.55 -4.12
C ILE B 93 -6.13 0.37 -5.66
N PHE B 94 -5.67 -0.79 -6.14
CA PHE B 94 -5.68 -1.09 -7.58
C PHE B 94 -7.09 -1.11 -8.16
N ARG B 95 -8.04 -1.57 -7.38
CA ARG B 95 -9.42 -1.69 -7.87
C ARG B 95 -10.30 -0.55 -7.36
N SER B 96 -9.67 0.41 -6.74
CA SER B 96 -10.33 1.59 -6.24
C SER B 96 -9.95 2.80 -7.08
N ASN B 97 -10.63 3.91 -6.82
CA ASN B 97 -10.47 5.17 -7.56
C ASN B 97 -9.13 5.89 -7.32
N LEU B 98 -8.16 5.20 -6.75
CA LEU B 98 -6.89 5.80 -6.43
C LEU B 98 -5.88 5.53 -7.52
N ASN B 99 -6.14 6.13 -8.68
CA ASN B 99 -5.34 6.04 -9.89
C ASN B 99 -3.86 6.40 -9.70
N LEU B 100 -3.57 7.43 -8.92
CA LEU B 100 -2.18 7.85 -8.74
C LEU B 100 -1.42 6.88 -7.84
N SER B 101 -2.06 6.46 -6.77
CA SER B 101 -1.47 5.52 -5.84
C SER B 101 -1.25 4.18 -6.53
N LYS B 102 -2.23 3.80 -7.32
CA LYS B 102 -2.23 2.63 -8.18
C LYS B 102 -0.99 2.67 -9.07
N ARG B 103 -0.85 3.78 -9.81
CA ARG B 103 0.27 4.08 -10.72
C ARG B 103 1.64 3.91 -10.03
N TYR B 104 1.74 4.40 -8.79
CA TYR B 104 2.97 4.29 -8.00
C TYR B 104 3.28 2.86 -7.58
N LEU B 105 2.25 2.12 -7.26
CA LEU B 105 2.39 0.74 -6.87
C LEU B 105 2.69 -0.13 -8.10
N GLU B 106 1.96 0.11 -9.19
CA GLU B 106 2.08 -0.66 -10.43
C GLU B 106 3.46 -0.53 -11.06
N TYR B 107 4.02 0.69 -11.06
CA TYR B 107 5.30 0.87 -11.71
C TYR B 107 6.41 0.22 -10.88
N TYR B 108 6.26 0.29 -9.56
CA TYR B 108 7.24 -0.26 -8.65
C TYR B 108 7.25 -1.80 -8.71
N THR B 109 6.10 -2.38 -8.96
CA THR B 109 6.00 -3.80 -9.06
C THR B 109 6.40 -4.33 -10.43
N MET B 110 6.21 -3.52 -11.49
CA MET B 110 6.61 -3.95 -12.84
C MET B 110 8.13 -3.88 -13.00
N LEU B 111 8.79 -3.21 -12.04
CA LEU B 111 10.26 -3.15 -11.98
C LEU B 111 10.81 -4.54 -11.67
N GLU B 112 10.00 -5.38 -11.03
CA GLU B 112 10.37 -6.72 -10.79
C GLU B 112 9.89 -7.54 -11.98
N HIS B 113 10.76 -7.71 -12.92
CA HIS B 113 10.48 -8.44 -14.11
C HIS B 113 11.74 -9.15 -14.53
N HIS B 114 11.61 -10.38 -14.90
CA HIS B 114 12.76 -11.17 -15.23
C HIS B 114 12.83 -11.39 -16.71
N HIS B 115 13.98 -11.10 -17.25
CA HIS B 115 14.25 -11.22 -18.65
C HIS B 115 15.60 -11.91 -18.73
N HIS B 116 15.66 -13.05 -19.40
CA HIS B 116 16.89 -13.86 -19.46
C HIS B 116 18.02 -13.13 -20.18
N HIS B 117 17.68 -12.22 -21.07
CA HIS B 117 18.70 -11.35 -21.62
C HIS B 117 18.76 -10.11 -20.76
N HIS B 118 19.63 -10.15 -19.78
CA HIS B 118 19.83 -9.08 -18.80
C HIS B 118 20.96 -9.55 -17.89
N SER A 1 18.48 16.81 2.26
CA SER A 1 18.21 16.12 1.03
C SER A 1 18.59 14.64 1.07
N MET A 2 17.64 13.86 1.45
CA MET A 2 17.66 12.41 1.47
C MET A 2 16.21 12.05 1.23
N ASN A 3 15.64 12.86 0.35
CA ASN A 3 14.22 12.94 0.09
C ASN A 3 13.59 11.69 -0.43
N ARG A 4 12.44 11.45 0.10
CA ARG A 4 11.57 10.37 -0.26
C ARG A 4 10.28 11.02 -0.66
N LEU A 5 9.74 10.59 -1.73
CA LEU A 5 8.49 11.10 -2.22
C LEU A 5 7.40 10.13 -1.92
N GLY A 6 6.19 10.59 -1.95
CA GLY A 6 5.09 9.73 -1.72
C GLY A 6 3.77 10.43 -1.81
N ILE A 7 2.72 9.78 -1.34
CA ILE A 7 1.34 10.28 -1.42
C ILE A 7 0.74 10.25 -0.03
N ILE A 8 0.10 11.32 0.36
CA ILE A 8 -0.49 11.44 1.69
C ILE A 8 -1.83 10.73 1.75
N TYR A 9 -1.95 9.79 2.67
CA TYR A 9 -3.16 9.03 2.83
C TYR A 9 -4.01 9.46 4.00
N GLU A 10 -3.40 9.94 5.08
CA GLU A 10 -4.21 10.42 6.19
C GLU A 10 -3.41 11.36 7.06
N ILE A 11 -4.08 12.35 7.59
CA ILE A 11 -3.49 13.30 8.52
C ILE A 11 -4.00 12.93 9.91
N GLN A 12 -3.09 12.75 10.83
CA GLN A 12 -3.42 12.36 12.17
C GLN A 12 -2.74 13.30 13.17
N GLY A 13 -3.34 14.45 13.40
CA GLY A 13 -2.80 15.41 14.34
C GLY A 13 -1.47 16.02 13.89
N MET A 14 -0.38 15.55 14.48
CA MET A 14 0.95 16.06 14.18
C MET A 14 1.72 15.09 13.29
N LYS A 15 1.05 14.07 12.81
CA LYS A 15 1.67 13.08 11.98
C LYS A 15 0.81 12.76 10.79
N ALA A 16 1.37 12.11 9.83
CA ALA A 16 0.67 11.76 8.62
C ALA A 16 1.09 10.41 8.16
N VAL A 17 0.14 9.66 7.63
CA VAL A 17 0.44 8.38 7.06
C VAL A 17 0.54 8.56 5.57
N VAL A 18 1.68 8.27 5.03
CA VAL A 18 1.94 8.47 3.63
C VAL A 18 2.44 7.20 2.97
N LEU A 19 2.34 7.19 1.67
CA LEU A 19 2.97 6.20 0.83
C LEU A 19 4.31 6.73 0.47
N THR A 20 5.24 5.89 0.22
CA THR A 20 6.51 6.31 -0.27
C THR A 20 6.61 5.93 -1.75
N SER A 21 7.73 6.23 -2.35
CA SER A 21 8.03 5.84 -3.71
C SER A 21 8.43 4.35 -3.74
N GLU A 22 8.47 3.77 -2.55
CA GLU A 22 8.78 2.39 -2.32
C GLU A 22 7.48 1.61 -2.06
N GLY A 23 6.38 2.32 -1.90
CA GLY A 23 5.10 1.69 -1.63
C GLY A 23 4.93 1.38 -0.15
N GLU A 24 5.64 2.08 0.70
CA GLU A 24 5.53 1.88 2.14
C GLU A 24 4.49 2.81 2.68
N PHE A 25 3.75 2.36 3.63
CA PHE A 25 2.91 3.25 4.38
C PHE A 25 3.71 3.61 5.61
N LEU A 26 4.09 4.83 5.73
CA LEU A 26 4.90 5.25 6.83
C LEU A 26 4.29 6.45 7.49
N ILE A 27 4.50 6.56 8.77
CA ILE A 27 4.04 7.69 9.52
C ILE A 27 5.18 8.69 9.53
N ILE A 28 4.92 9.87 9.07
CA ILE A 28 5.92 10.90 9.06
C ILE A 28 5.43 12.14 9.82
N ARG A 29 6.32 13.09 9.98
CA ARG A 29 6.05 14.37 10.63
C ARG A 29 5.11 15.18 9.74
N ARG A 30 4.01 15.70 10.31
CA ARG A 30 3.07 16.48 9.51
C ARG A 30 3.70 17.81 9.13
N ARG A 31 3.57 18.15 7.89
CA ARG A 31 4.13 19.33 7.35
C ARG A 31 3.05 20.28 6.83
N LYS A 32 3.45 21.51 6.61
CA LYS A 32 2.65 22.61 6.10
C LYS A 32 2.02 22.28 4.74
N ASP A 33 2.78 21.58 3.93
CA ASP A 33 2.43 21.23 2.56
C ASP A 33 1.57 19.96 2.47
N MET A 34 0.98 19.56 3.56
CA MET A 34 0.22 18.34 3.59
C MET A 34 -1.27 18.52 3.44
N LYS A 35 -1.82 17.64 2.63
CA LYS A 35 -3.23 17.48 2.38
C LYS A 35 -3.42 16.04 1.95
N VAL A 36 -4.46 15.39 2.42
CA VAL A 36 -4.74 14.01 2.07
C VAL A 36 -5.05 13.90 0.57
N GLY A 37 -4.27 13.11 -0.12
CA GLY A 37 -4.43 12.93 -1.54
C GLY A 37 -3.28 13.53 -2.33
N GLN A 38 -2.63 14.52 -1.77
CA GLN A 38 -1.51 15.18 -2.45
C GLN A 38 -0.23 14.42 -2.27
N GLN A 39 0.73 14.71 -3.11
CA GLN A 39 2.00 14.10 -3.01
C GLN A 39 2.89 14.93 -2.12
N VAL A 40 3.81 14.30 -1.48
CA VAL A 40 4.71 14.94 -0.57
C VAL A 40 6.14 14.50 -0.84
N SER A 41 7.05 15.43 -0.75
CA SER A 41 8.44 15.12 -0.85
C SER A 41 9.05 15.52 0.50
N PHE A 42 9.47 14.54 1.23
CA PHE A 42 9.92 14.74 2.58
C PHE A 42 11.29 14.17 2.79
N GLU A 43 11.84 14.39 3.95
CA GLU A 43 13.15 13.89 4.29
C GLU A 43 13.06 12.52 4.90
N ASN A 44 14.17 11.84 4.90
CA ASN A 44 14.28 10.51 5.53
C ASN A 44 14.11 10.64 7.04
N GLU A 45 14.47 11.82 7.53
CA GLU A 45 14.38 12.16 8.93
C GLU A 45 12.90 12.39 9.34
N ASP A 46 12.01 12.57 8.36
CA ASP A 46 10.60 12.83 8.66
C ASP A 46 9.86 11.60 9.14
N ILE A 47 10.41 10.44 8.86
CA ILE A 47 9.81 9.16 9.22
C ILE A 47 9.83 8.97 10.74
N TYR A 48 8.73 8.49 11.29
CA TYR A 48 8.64 8.12 12.68
C TYR A 48 9.35 6.79 12.89
N ASN A 49 8.61 5.70 12.68
CA ASN A 49 9.13 4.34 12.86
C ASN A 49 8.01 3.35 12.65
N VAL A 50 8.35 2.17 12.20
CA VAL A 50 7.46 1.03 12.26
C VAL A 50 7.80 0.33 13.55
N ARG A 51 9.04 -0.20 13.58
CA ARG A 51 9.66 -0.82 14.75
C ARG A 51 8.99 -2.11 15.19
N GLY A 52 9.79 -3.13 15.29
CA GLY A 52 9.29 -4.44 15.58
C GLY A 52 8.74 -5.07 14.34
N LYS A 53 7.84 -6.02 14.55
CA LYS A 53 7.12 -6.73 13.50
C LYS A 53 8.08 -7.54 12.62
N MET B 1 -2.56 10.84 -15.93
CA MET B 1 -3.60 11.57 -15.21
C MET B 1 -2.91 12.67 -14.41
N GLU B 2 -3.59 13.26 -13.44
CA GLU B 2 -2.99 14.29 -12.61
C GLU B 2 -2.18 13.67 -11.49
N ASP B 3 -1.55 14.48 -10.70
CA ASP B 3 -0.66 13.98 -9.66
C ASP B 3 -1.25 14.14 -8.28
N ILE B 4 -2.56 14.24 -8.19
CA ILE B 4 -3.23 14.34 -6.89
C ILE B 4 -4.42 13.40 -6.88
N GLU B 5 -4.69 12.88 -5.72
CA GLU B 5 -5.80 12.00 -5.44
C GLU B 5 -6.80 12.80 -4.62
N ALA B 6 -8.03 12.44 -4.65
CA ALA B 6 -9.02 13.16 -3.89
C ALA B 6 -9.12 12.58 -2.51
N ARG B 7 -9.27 13.45 -1.52
CA ARG B 7 -9.36 13.04 -0.11
C ARG B 7 -10.56 12.14 0.11
N GLU B 8 -11.64 12.50 -0.52
CA GLU B 8 -12.87 11.73 -0.47
C GLU B 8 -12.73 10.36 -1.14
N ASP B 9 -11.88 10.26 -2.14
CA ASP B 9 -11.62 8.95 -2.78
C ASP B 9 -10.71 8.11 -1.89
N ILE B 10 -9.77 8.78 -1.19
CA ILE B 10 -8.92 8.12 -0.18
C ILE B 10 -9.83 7.56 0.92
N GLU B 11 -10.79 8.39 1.33
CA GLU B 11 -11.78 8.05 2.35
C GLU B 11 -12.73 6.93 1.89
N GLU B 12 -12.97 6.79 0.59
CA GLU B 12 -13.78 5.70 0.11
C GLU B 12 -13.02 4.41 0.29
N LEU B 13 -11.76 4.44 -0.09
CA LEU B 13 -10.85 3.32 0.08
C LEU B 13 -10.77 2.95 1.56
N LYS B 14 -10.69 3.97 2.40
CA LYS B 14 -10.63 3.84 3.83
C LYS B 14 -11.84 3.12 4.40
N LYS B 15 -13.07 3.49 3.95
CA LYS B 15 -14.29 2.85 4.50
C LYS B 15 -14.37 1.38 4.12
N LYS B 16 -13.80 1.05 2.96
CA LYS B 16 -13.65 -0.33 2.55
C LYS B 16 -12.68 -1.04 3.51
N LEU B 17 -11.52 -0.42 3.79
CA LEU B 17 -10.53 -0.93 4.77
C LEU B 17 -11.12 -1.08 6.16
N GLN B 18 -12.01 -0.16 6.54
CA GLN B 18 -12.67 -0.19 7.83
C GLN B 18 -13.54 -1.45 7.96
N GLU B 19 -14.13 -1.89 6.84
CA GLU B 19 -14.94 -3.11 6.79
C GLU B 19 -14.07 -4.34 7.09
N PHE B 20 -12.84 -4.28 6.61
CA PHE B 20 -11.86 -5.34 6.78
C PHE B 20 -11.18 -5.27 8.16
N GLY B 21 -11.33 -4.14 8.82
CA GLY B 21 -10.72 -3.95 10.14
C GLY B 21 -9.29 -3.51 9.99
N ILE B 22 -9.06 -2.66 9.04
CA ILE B 22 -7.75 -2.20 8.71
C ILE B 22 -7.72 -0.68 8.81
N THR B 23 -6.69 -0.17 9.42
CA THR B 23 -6.46 1.24 9.43
C THR B 23 -5.21 1.50 8.61
N PHE B 24 -4.93 2.74 8.33
CA PHE B 24 -3.71 3.10 7.63
C PHE B 24 -2.48 2.87 8.54
N LEU B 25 -2.72 2.82 9.86
CA LEU B 25 -1.67 2.55 10.86
C LEU B 25 -1.30 1.08 10.86
N ASP B 26 -2.31 0.23 10.60
CA ASP B 26 -2.10 -1.22 10.46
C ASP B 26 -1.21 -1.49 9.28
N LEU B 27 -1.43 -0.72 8.23
CA LEU B 27 -0.69 -0.83 6.99
C LEU B 27 0.76 -0.54 7.21
N VAL B 28 1.04 0.46 8.06
CA VAL B 28 2.40 0.87 8.44
C VAL B 28 3.16 -0.32 9.05
N LEU B 29 2.50 -1.06 9.90
CA LEU B 29 3.08 -2.21 10.56
C LEU B 29 3.21 -3.41 9.63
N ASN B 30 2.41 -3.44 8.59
CA ASN B 30 2.46 -4.54 7.62
C ASN B 30 3.37 -4.20 6.45
N VAL B 31 4.15 -3.15 6.58
CA VAL B 31 5.07 -2.71 5.54
C VAL B 31 6.32 -3.60 5.46
N PRO B 32 6.58 -4.17 4.25
CA PRO B 32 7.79 -4.91 3.96
C PRO B 32 9.04 -4.04 4.09
N LYS B 33 10.11 -4.67 4.50
CA LYS B 33 11.32 -3.99 4.95
C LYS B 33 12.13 -3.34 3.81
N HIS B 34 12.25 -3.99 2.66
CA HIS B 34 13.09 -3.47 1.57
C HIS B 34 12.50 -3.75 0.19
N ARG B 35 13.27 -3.34 -0.87
CA ARG B 35 12.90 -3.42 -2.32
C ARG B 35 12.21 -4.73 -2.68
N ASP B 36 12.92 -5.82 -2.47
CA ASP B 36 12.53 -7.17 -2.82
C ASP B 36 11.23 -7.56 -2.19
N SER B 37 11.17 -7.33 -0.90
CA SER B 37 10.04 -7.64 -0.07
C SER B 37 8.78 -6.87 -0.53
N ARG B 38 8.95 -5.58 -0.82
CA ARG B 38 7.84 -4.72 -1.21
C ARG B 38 7.32 -5.04 -2.57
N GLN B 39 8.22 -5.26 -3.52
CA GLN B 39 7.82 -5.57 -4.90
C GLN B 39 7.04 -6.87 -4.96
N LEU B 40 7.51 -7.83 -4.19
CA LEU B 40 6.89 -9.14 -4.08
C LEU B 40 5.47 -9.02 -3.48
N CYS B 41 5.35 -8.32 -2.35
CA CYS B 41 4.05 -8.20 -1.66
C CYS B 41 3.02 -7.35 -2.44
N ILE B 42 3.48 -6.30 -3.12
CA ILE B 42 2.59 -5.49 -3.95
C ILE B 42 2.16 -6.30 -5.19
N ARG B 43 3.06 -7.15 -5.67
CA ARG B 43 2.78 -8.03 -6.81
C ARG B 43 1.72 -9.07 -6.42
N LEU B 44 1.77 -9.52 -5.16
CA LEU B 44 0.78 -10.47 -4.62
C LEU B 44 -0.59 -9.81 -4.60
N ALA B 45 -0.60 -8.56 -4.17
CA ALA B 45 -1.81 -7.76 -4.10
C ALA B 45 -2.34 -7.43 -5.50
N LYS B 46 -1.41 -7.28 -6.43
CA LYS B 46 -1.72 -6.98 -7.81
C LYS B 46 -2.49 -8.12 -8.42
N MET B 47 -1.96 -9.33 -8.30
CA MET B 47 -2.62 -10.51 -8.86
C MET B 47 -3.92 -10.84 -8.11
N LEU B 48 -3.96 -10.46 -6.82
CA LEU B 48 -5.16 -10.61 -5.99
C LEU B 48 -6.29 -9.69 -6.49
N ALA B 49 -5.92 -8.52 -7.02
CA ALA B 49 -6.88 -7.58 -7.55
C ALA B 49 -7.23 -7.91 -9.00
N GLU B 50 -6.23 -8.28 -9.79
CA GLU B 50 -6.41 -8.57 -11.21
C GLU B 50 -7.24 -9.81 -11.43
N ASP B 51 -7.15 -10.77 -10.55
CA ASP B 51 -7.94 -11.98 -10.63
C ASP B 51 -9.24 -11.72 -9.90
N GLU B 52 -10.33 -11.67 -10.65
CA GLU B 52 -11.64 -11.33 -10.13
C GLU B 52 -12.09 -12.28 -9.05
N GLN B 53 -11.83 -13.56 -9.24
CA GLN B 53 -12.25 -14.57 -8.30
C GLN B 53 -11.54 -14.39 -6.96
N MET B 54 -10.26 -14.07 -7.03
CA MET B 54 -9.46 -13.82 -5.83
C MET B 54 -9.94 -12.56 -5.12
N TYR B 55 -10.17 -11.50 -5.90
CA TYR B 55 -10.66 -10.19 -5.42
C TYR B 55 -12.03 -10.33 -4.74
N ASN B 56 -12.90 -11.14 -5.33
CA ASN B 56 -14.22 -11.39 -4.77
C ASN B 56 -14.13 -12.15 -3.46
N ALA B 57 -13.25 -13.17 -3.41
CA ALA B 57 -13.05 -13.97 -2.19
C ALA B 57 -12.46 -13.11 -1.07
N LEU B 58 -11.60 -12.19 -1.46
CA LEU B 58 -10.98 -11.20 -0.60
C LEU B 58 -12.10 -10.35 0.06
N MET B 59 -13.00 -9.84 -0.75
CA MET B 59 -14.14 -9.05 -0.29
C MET B 59 -15.11 -9.84 0.59
N LYS B 60 -15.43 -11.05 0.17
CA LYS B 60 -16.40 -11.90 0.85
C LYS B 60 -15.96 -12.33 2.25
N ASN B 61 -14.69 -12.62 2.41
CA ASN B 61 -14.19 -13.09 3.70
C ASN B 61 -13.68 -11.97 4.57
N LYS B 62 -13.36 -10.82 3.92
CA LYS B 62 -12.76 -9.64 4.57
C LYS B 62 -11.34 -9.95 5.04
N ASN B 63 -10.76 -10.89 4.35
CA ASN B 63 -9.42 -11.40 4.56
C ASN B 63 -8.96 -11.91 3.24
N ILE B 64 -7.67 -12.10 3.11
CA ILE B 64 -7.07 -12.63 1.89
C ILE B 64 -7.45 -14.09 1.77
N PRO B 65 -7.86 -14.57 0.58
CA PRO B 65 -7.99 -16.00 0.34
C PRO B 65 -6.56 -16.59 0.33
N ARG B 66 -6.12 -17.04 1.50
CA ARG B 66 -4.74 -17.43 1.74
C ARG B 66 -4.31 -18.59 0.90
N ASN B 67 -5.14 -19.62 0.85
CA ASN B 67 -4.83 -20.85 0.08
C ASN B 67 -4.82 -20.58 -1.41
N GLU B 68 -5.59 -19.59 -1.80
CA GLU B 68 -5.67 -19.18 -3.18
C GLU B 68 -4.38 -18.49 -3.60
N LEU B 69 -3.98 -17.47 -2.82
CA LEU B 69 -2.78 -16.69 -3.10
C LEU B 69 -1.53 -17.56 -2.95
N LYS B 70 -1.55 -18.45 -1.99
CA LYS B 70 -0.47 -19.38 -1.71
C LYS B 70 -0.19 -20.29 -2.91
N LYS B 71 -1.22 -20.82 -3.56
CA LYS B 71 -0.98 -21.70 -4.70
C LYS B 71 -0.74 -20.92 -6.01
N LYS B 72 -1.41 -19.79 -6.19
CA LYS B 72 -1.27 -19.00 -7.42
C LYS B 72 0.01 -18.19 -7.48
N ALA B 73 0.43 -17.65 -6.36
CA ALA B 73 1.65 -16.85 -6.32
C ALA B 73 2.85 -17.69 -5.91
N LYS B 74 2.57 -18.93 -5.47
CA LYS B 74 3.59 -19.92 -5.04
C LYS B 74 4.39 -19.41 -3.82
N VAL B 75 3.72 -18.70 -2.94
CA VAL B 75 4.36 -18.14 -1.77
C VAL B 75 3.94 -18.87 -0.52
N HIS B 76 4.57 -18.54 0.57
CA HIS B 76 4.29 -19.19 1.84
C HIS B 76 3.26 -18.40 2.62
N GLY B 77 2.58 -19.10 3.50
CA GLY B 77 1.54 -18.50 4.34
C GLY B 77 2.10 -17.48 5.32
N ARG B 78 3.39 -17.54 5.59
CA ARG B 78 4.03 -16.60 6.49
C ARG B 78 4.11 -15.21 5.86
N THR B 79 4.35 -15.16 4.54
CA THR B 79 4.42 -13.91 3.81
C THR B 79 3.02 -13.27 3.80
N ILE B 80 2.03 -14.12 3.51
CA ILE B 80 0.64 -13.73 3.44
C ILE B 80 0.14 -13.25 4.82
N GLY B 81 0.51 -13.96 5.87
CA GLY B 81 0.09 -13.63 7.21
C GLY B 81 0.78 -12.41 7.80
N ASN B 82 2.00 -12.13 7.36
CA ASN B 82 2.73 -10.99 7.89
C ASN B 82 2.28 -9.69 7.33
N ASN B 83 2.14 -9.64 6.05
CA ASN B 83 1.83 -8.38 5.39
C ASN B 83 0.41 -8.42 4.87
N ARG B 84 -0.44 -9.12 5.62
CA ARG B 84 -1.83 -9.39 5.27
C ARG B 84 -2.67 -8.15 4.98
N LYS B 85 -2.67 -7.18 5.87
CA LYS B 85 -3.49 -5.99 5.70
C LYS B 85 -2.92 -5.10 4.61
N TYR B 86 -1.61 -5.17 4.44
CA TYR B 86 -0.89 -4.43 3.42
C TYR B 86 -1.32 -4.93 2.05
N ILE B 87 -1.27 -6.25 1.87
CA ILE B 87 -1.67 -6.91 0.61
C ILE B 87 -3.15 -6.59 0.28
N ILE B 88 -4.01 -6.58 1.30
CA ILE B 88 -5.42 -6.22 1.11
C ILE B 88 -5.55 -4.77 0.62
N ALA B 89 -4.78 -3.88 1.25
CA ALA B 89 -4.80 -2.46 0.92
C ALA B 89 -4.45 -2.19 -0.52
N LEU B 90 -3.33 -2.76 -1.02
CA LEU B 90 -2.92 -2.49 -2.41
C LEU B 90 -3.94 -3.05 -3.38
N CYS B 91 -4.46 -4.26 -3.06
CA CYS B 91 -5.47 -4.94 -3.87
C CYS B 91 -6.67 -4.02 -4.10
N LEU B 92 -7.14 -3.44 -3.02
CA LEU B 92 -8.23 -2.50 -3.07
C LEU B 92 -7.85 -1.27 -3.86
N ILE B 93 -6.64 -0.73 -3.65
CA ILE B 93 -6.15 0.46 -4.38
C ILE B 93 -6.20 0.27 -5.91
N PHE B 94 -5.86 -0.94 -6.38
CA PHE B 94 -5.85 -1.24 -7.82
C PHE B 94 -7.26 -1.23 -8.40
N ARG B 95 -8.24 -1.59 -7.60
CA ARG B 95 -9.62 -1.59 -8.08
C ARG B 95 -10.42 -0.37 -7.61
N SER B 96 -9.77 0.52 -6.94
CA SER B 96 -10.40 1.73 -6.45
C SER B 96 -9.99 2.93 -7.28
N ASN B 97 -10.67 4.06 -7.05
CA ASN B 97 -10.46 5.36 -7.77
C ASN B 97 -9.11 6.03 -7.46
N LEU B 98 -8.16 5.28 -6.97
CA LEU B 98 -6.88 5.84 -6.61
C LEU B 98 -5.85 5.43 -7.62
N ASN B 99 -5.98 5.98 -8.83
CA ASN B 99 -5.10 5.69 -9.96
C ASN B 99 -3.67 6.21 -9.79
N LEU B 100 -3.46 7.19 -8.93
CA LEU B 100 -2.10 7.72 -8.73
C LEU B 100 -1.35 6.84 -7.75
N SER B 101 -2.03 6.43 -6.70
CA SER B 101 -1.47 5.53 -5.71
C SER B 101 -1.23 4.17 -6.38
N LYS B 102 -2.18 3.79 -7.22
CA LYS B 102 -2.12 2.61 -8.08
C LYS B 102 -0.87 2.69 -8.94
N ARG B 103 -0.63 3.86 -9.54
CA ARG B 103 0.54 4.12 -10.40
C ARG B 103 1.85 3.92 -9.62
N TYR B 104 1.88 4.39 -8.38
CA TYR B 104 3.04 4.21 -7.50
C TYR B 104 3.32 2.74 -7.21
N LEU B 105 2.28 1.99 -7.08
CA LEU B 105 2.39 0.57 -6.81
C LEU B 105 2.72 -0.24 -8.08
N GLU B 106 2.07 0.11 -9.19
CA GLU B 106 2.27 -0.58 -10.47
C GLU B 106 3.66 -0.27 -11.04
N TYR B 107 4.15 0.98 -10.86
CA TYR B 107 5.47 1.33 -11.36
C TYR B 107 6.55 0.63 -10.54
N TYR B 108 6.28 0.48 -9.25
CA TYR B 108 7.23 -0.11 -8.34
C TYR B 108 7.39 -1.62 -8.60
N THR B 109 6.32 -2.25 -9.04
CA THR B 109 6.36 -3.67 -9.32
C THR B 109 6.93 -3.97 -10.71
N MET B 110 7.00 -2.96 -11.56
CA MET B 110 7.61 -3.12 -12.88
C MET B 110 9.09 -2.75 -12.84
N LEU B 111 9.57 -2.30 -11.65
CA LEU B 111 10.97 -1.89 -11.44
C LEU B 111 11.93 -3.10 -11.37
N GLU B 112 11.93 -3.85 -12.42
CA GLU B 112 12.79 -4.94 -12.62
C GLU B 112 13.10 -4.91 -14.09
N HIS B 113 14.15 -4.22 -14.43
CA HIS B 113 14.58 -4.07 -15.79
C HIS B 113 16.09 -3.93 -15.85
N HIS B 114 16.69 -4.93 -16.41
CA HIS B 114 18.13 -4.99 -16.57
C HIS B 114 18.52 -4.38 -17.88
N HIS B 115 19.77 -4.05 -18.02
CA HIS B 115 20.27 -3.35 -19.19
C HIS B 115 20.58 -4.35 -20.30
N HIS B 116 19.56 -4.61 -21.12
CA HIS B 116 19.64 -5.58 -22.21
C HIS B 116 20.60 -5.16 -23.29
N HIS B 117 20.63 -3.88 -23.64
CA HIS B 117 21.65 -3.41 -24.56
C HIS B 117 22.91 -3.10 -23.78
N HIS B 118 23.78 -4.07 -23.72
CA HIS B 118 24.97 -3.97 -22.96
C HIS B 118 26.13 -3.93 -23.92
N SER A 1 21.09 15.47 2.41
CA SER A 1 19.78 15.02 2.79
C SER A 1 19.32 13.90 1.84
N MET A 2 18.12 13.38 2.03
CA MET A 2 17.64 12.27 1.23
C MET A 2 16.12 12.30 1.21
N ASN A 3 15.59 12.74 0.09
CA ASN A 3 14.15 12.81 -0.09
C ASN A 3 13.60 11.52 -0.60
N ARG A 4 12.46 11.21 -0.09
CA ARG A 4 11.65 10.11 -0.52
C ARG A 4 10.33 10.73 -0.88
N LEU A 5 9.77 10.31 -1.95
CA LEU A 5 8.53 10.89 -2.41
C LEU A 5 7.40 9.99 -2.04
N GLY A 6 6.21 10.52 -2.04
CA GLY A 6 5.08 9.71 -1.75
C GLY A 6 3.78 10.45 -1.81
N ILE A 7 2.72 9.78 -1.36
CA ILE A 7 1.35 10.30 -1.44
C ILE A 7 0.73 10.24 -0.04
N ILE A 8 0.08 11.31 0.36
CA ILE A 8 -0.51 11.45 1.70
C ILE A 8 -1.85 10.73 1.78
N TYR A 9 -1.98 9.84 2.74
CA TYR A 9 -3.21 9.07 2.92
C TYR A 9 -4.01 9.50 4.14
N GLU A 10 -3.38 10.06 5.15
CA GLU A 10 -4.12 10.54 6.31
C GLU A 10 -3.30 11.52 7.13
N ILE A 11 -3.95 12.56 7.62
CA ILE A 11 -3.34 13.50 8.54
C ILE A 11 -3.80 13.10 9.93
N GLN A 12 -2.87 12.85 10.80
CA GLN A 12 -3.17 12.44 12.15
C GLN A 12 -2.55 13.42 13.12
N GLY A 13 -3.20 14.53 13.33
CA GLY A 13 -2.70 15.54 14.24
C GLY A 13 -1.48 16.26 13.70
N MET A 14 -0.32 15.93 14.23
CA MET A 14 0.93 16.56 13.80
C MET A 14 1.76 15.60 12.98
N LYS A 15 1.19 14.46 12.65
CA LYS A 15 1.86 13.46 11.86
C LYS A 15 0.99 13.06 10.67
N ALA A 16 1.55 12.41 9.69
CA ALA A 16 0.80 12.02 8.53
C ALA A 16 1.23 10.66 8.04
N VAL A 17 0.28 9.87 7.57
CA VAL A 17 0.57 8.57 6.99
C VAL A 17 0.69 8.76 5.50
N VAL A 18 1.84 8.45 4.97
CA VAL A 18 2.11 8.64 3.57
C VAL A 18 2.62 7.34 2.94
N LEU A 19 2.47 7.26 1.66
CA LEU A 19 3.07 6.22 0.85
C LEU A 19 4.43 6.70 0.48
N THR A 20 5.32 5.80 0.26
CA THR A 20 6.60 6.18 -0.22
C THR A 20 6.70 5.82 -1.69
N SER A 21 7.84 6.11 -2.27
CA SER A 21 8.19 5.76 -3.62
C SER A 21 8.44 4.25 -3.74
N GLU A 22 8.45 3.61 -2.59
CA GLU A 22 8.68 2.21 -2.42
C GLU A 22 7.40 1.51 -1.93
N GLY A 23 6.28 2.25 -1.95
CA GLY A 23 4.97 1.69 -1.65
C GLY A 23 4.67 1.45 -0.17
N GLU A 24 5.54 1.90 0.70
CA GLU A 24 5.35 1.68 2.13
C GLU A 24 4.41 2.71 2.70
N PHE A 25 3.61 2.33 3.64
CA PHE A 25 2.83 3.28 4.38
C PHE A 25 3.66 3.61 5.61
N LEU A 26 4.12 4.81 5.69
CA LEU A 26 4.95 5.26 6.78
C LEU A 26 4.39 6.53 7.36
N ILE A 27 4.59 6.73 8.62
CA ILE A 27 4.15 7.91 9.28
C ILE A 27 5.30 8.91 9.31
N ILE A 28 5.04 10.12 8.88
CA ILE A 28 6.05 11.16 8.90
C ILE A 28 5.52 12.39 9.61
N ARG A 29 6.37 13.38 9.74
CA ARG A 29 6.02 14.66 10.32
C ARG A 29 5.13 15.46 9.36
N ARG A 30 4.01 15.96 9.85
CA ARG A 30 3.08 16.75 9.06
C ARG A 30 3.71 18.08 8.64
N ARG A 31 3.58 18.37 7.38
CA ARG A 31 4.11 19.56 6.77
C ARG A 31 2.99 20.53 6.43
N LYS A 32 3.41 21.68 5.97
CA LYS A 32 2.56 22.81 5.61
C LYS A 32 1.76 22.49 4.35
N ASP A 33 2.44 21.91 3.41
CA ASP A 33 1.95 21.62 2.08
C ASP A 33 1.20 20.28 2.00
N MET A 34 0.75 19.80 3.15
CA MET A 34 0.06 18.54 3.21
C MET A 34 -1.45 18.66 3.16
N LYS A 35 -2.03 17.71 2.47
CA LYS A 35 -3.45 17.49 2.35
C LYS A 35 -3.60 16.02 2.01
N VAL A 36 -4.61 15.37 2.55
CA VAL A 36 -4.89 13.97 2.24
C VAL A 36 -5.23 13.84 0.76
N GLY A 37 -4.42 13.08 0.04
CA GLY A 37 -4.61 12.90 -1.36
C GLY A 37 -3.48 13.53 -2.17
N GLN A 38 -2.78 14.48 -1.60
CA GLN A 38 -1.70 15.16 -2.29
C GLN A 38 -0.40 14.41 -2.19
N GLN A 39 0.51 14.75 -3.06
CA GLN A 39 1.79 14.14 -3.07
C GLN A 39 2.77 15.02 -2.35
N VAL A 40 3.81 14.42 -1.83
CA VAL A 40 4.78 15.13 -1.05
C VAL A 40 6.18 14.52 -1.25
N SER A 41 7.18 15.38 -1.28
CA SER A 41 8.55 14.97 -1.31
C SER A 41 9.14 15.33 0.05
N PHE A 42 9.47 14.34 0.82
CA PHE A 42 9.87 14.54 2.21
C PHE A 42 11.19 13.92 2.49
N GLU A 43 11.77 14.28 3.60
CA GLU A 43 13.02 13.74 4.01
C GLU A 43 12.83 12.42 4.68
N ASN A 44 13.88 11.63 4.64
CA ASN A 44 13.92 10.34 5.30
C ASN A 44 14.06 10.59 6.83
N GLU A 45 14.50 11.80 7.13
CA GLU A 45 14.65 12.34 8.47
C GLU A 45 13.27 12.60 9.12
N ASP A 46 12.23 12.78 8.30
CA ASP A 46 10.88 13.07 8.81
C ASP A 46 10.11 11.83 9.17
N ILE A 47 10.65 10.69 8.80
CA ILE A 47 10.01 9.41 8.99
C ILE A 47 10.09 8.91 10.43
N TYR A 48 8.95 8.49 10.92
CA TYR A 48 8.81 7.85 12.20
C TYR A 48 9.04 6.39 11.97
N ASN A 49 9.90 5.80 12.72
CA ASN A 49 10.17 4.40 12.51
C ASN A 49 9.28 3.56 13.39
N VAL A 50 8.38 2.85 12.75
CA VAL A 50 7.46 1.98 13.44
C VAL A 50 8.24 0.75 13.97
N ARG A 51 9.24 0.34 13.17
CA ARG A 51 10.12 -0.79 13.41
C ARG A 51 9.42 -2.12 13.24
N GLY A 52 10.07 -2.98 12.54
CA GLY A 52 9.51 -4.27 12.23
C GLY A 52 10.42 -5.37 12.66
N LYS A 53 10.15 -5.90 13.82
CA LYS A 53 10.96 -6.95 14.39
C LYS A 53 10.45 -8.32 13.95
N MET B 1 -2.57 14.15 -16.85
CA MET B 1 -3.74 14.01 -15.99
C MET B 1 -3.44 14.69 -14.69
N GLU B 2 -4.36 14.63 -13.76
CA GLU B 2 -4.11 15.19 -12.45
C GLU B 2 -3.20 14.27 -11.67
N ASP B 3 -2.41 14.86 -10.86
CA ASP B 3 -1.42 14.14 -10.06
C ASP B 3 -1.75 14.30 -8.60
N ILE B 4 -3.02 14.27 -8.31
CA ILE B 4 -3.51 14.39 -6.96
C ILE B 4 -4.68 13.42 -6.81
N GLU B 5 -4.88 12.95 -5.63
CA GLU B 5 -5.98 12.08 -5.28
C GLU B 5 -6.94 12.90 -4.44
N ALA B 6 -8.19 12.52 -4.40
CA ALA B 6 -9.15 13.22 -3.59
C ALA B 6 -9.23 12.56 -2.24
N ARG B 7 -9.35 13.38 -1.18
CA ARG B 7 -9.43 12.88 0.19
C ARG B 7 -10.65 11.98 0.36
N GLU B 8 -11.70 12.41 -0.28
CA GLU B 8 -12.98 11.75 -0.38
C GLU B 8 -12.77 10.29 -0.81
N ASP B 9 -12.04 10.15 -1.90
CA ASP B 9 -11.72 8.85 -2.50
C ASP B 9 -10.76 8.04 -1.64
N ILE B 10 -9.84 8.72 -0.95
CA ILE B 10 -8.91 8.06 -0.01
C ILE B 10 -9.72 7.46 1.13
N GLU B 11 -10.73 8.17 1.57
CA GLU B 11 -11.52 7.73 2.66
C GLU B 11 -12.60 6.72 2.26
N GLU B 12 -12.93 6.66 0.97
CA GLU B 12 -13.75 5.58 0.44
C GLU B 12 -12.97 4.28 0.52
N LEU B 13 -11.66 4.40 0.32
CA LEU B 13 -10.77 3.29 0.47
C LEU B 13 -10.68 2.93 1.97
N LYS B 14 -10.56 3.96 2.81
CA LYS B 14 -10.50 3.79 4.29
C LYS B 14 -11.70 3.01 4.83
N LYS B 15 -12.91 3.41 4.46
CA LYS B 15 -14.13 2.76 4.95
C LYS B 15 -14.24 1.32 4.48
N LYS B 16 -13.64 1.04 3.33
CA LYS B 16 -13.57 -0.29 2.81
C LYS B 16 -12.59 -1.10 3.67
N LEU B 17 -11.43 -0.52 3.98
CA LEU B 17 -10.45 -1.11 4.91
C LEU B 17 -11.07 -1.36 6.28
N GLN B 18 -11.95 -0.46 6.72
CA GLN B 18 -12.66 -0.59 8.00
C GLN B 18 -13.54 -1.85 8.03
N GLU B 19 -14.06 -2.24 6.86
CA GLU B 19 -14.87 -3.45 6.72
C GLU B 19 -14.03 -4.69 6.93
N PHE B 20 -12.79 -4.59 6.54
CA PHE B 20 -11.81 -5.66 6.71
C PHE B 20 -11.16 -5.61 8.11
N GLY B 21 -11.36 -4.49 8.79
CA GLY B 21 -10.78 -4.29 10.11
C GLY B 21 -9.34 -3.84 10.00
N ILE B 22 -9.12 -2.88 9.12
CA ILE B 22 -7.80 -2.38 8.82
C ILE B 22 -7.82 -0.85 8.83
N THR B 23 -6.89 -0.25 9.53
CA THR B 23 -6.70 1.18 9.49
C THR B 23 -5.45 1.46 8.66
N PHE B 24 -5.12 2.72 8.46
CA PHE B 24 -3.88 3.07 7.78
C PHE B 24 -2.68 2.78 8.69
N LEU B 25 -2.94 2.72 10.00
CA LEU B 25 -1.93 2.40 11.00
C LEU B 25 -1.63 0.91 11.00
N ASP B 26 -2.66 0.09 10.72
CA ASP B 26 -2.51 -1.37 10.56
C ASP B 26 -1.61 -1.68 9.39
N LEU B 27 -1.71 -0.83 8.37
CA LEU B 27 -0.91 -0.93 7.17
C LEU B 27 0.53 -0.70 7.48
N VAL B 28 0.81 0.33 8.28
CA VAL B 28 2.16 0.71 8.72
C VAL B 28 2.82 -0.48 9.47
N LEU B 29 2.03 -1.12 10.33
CA LEU B 29 2.48 -2.29 11.08
C LEU B 29 2.74 -3.51 10.16
N ASN B 30 2.03 -3.59 9.06
CA ASN B 30 2.15 -4.72 8.11
C ASN B 30 3.05 -4.39 6.92
N VAL B 31 3.75 -3.26 6.99
CA VAL B 31 4.67 -2.86 5.93
C VAL B 31 5.88 -3.82 5.81
N PRO B 32 6.16 -4.34 4.58
CA PRO B 32 7.32 -5.20 4.31
C PRO B 32 8.62 -4.49 4.62
N LYS B 33 9.52 -5.25 5.15
CA LYS B 33 10.73 -4.76 5.73
C LYS B 33 11.81 -4.32 4.73
N HIS B 34 11.99 -5.07 3.66
CA HIS B 34 13.04 -4.73 2.69
C HIS B 34 12.54 -4.68 1.24
N ARG B 35 13.42 -4.16 0.34
CA ARG B 35 13.13 -3.87 -1.11
C ARG B 35 12.34 -4.99 -1.80
N ASP B 36 12.86 -6.21 -1.73
CA ASP B 36 12.27 -7.39 -2.38
C ASP B 36 10.86 -7.63 -1.91
N SER B 37 10.72 -7.69 -0.61
CA SER B 37 9.48 -7.97 0.06
C SER B 37 8.41 -6.93 -0.23
N ARG B 38 8.82 -5.67 -0.33
CA ARG B 38 7.91 -4.56 -0.63
C ARG B 38 7.29 -4.77 -2.00
N GLN B 39 8.13 -5.09 -2.98
CA GLN B 39 7.68 -5.33 -4.34
C GLN B 39 6.84 -6.57 -4.40
N LEU B 40 7.29 -7.61 -3.73
CA LEU B 40 6.65 -8.91 -3.69
C LEU B 40 5.22 -8.80 -3.14
N CYS B 41 5.04 -8.11 -2.03
CA CYS B 41 3.72 -8.00 -1.40
C CYS B 41 2.74 -7.14 -2.21
N ILE B 42 3.25 -6.08 -2.85
CA ILE B 42 2.40 -5.25 -3.72
C ILE B 42 2.03 -6.05 -4.99
N ARG B 43 2.96 -6.90 -5.41
CA ARG B 43 2.79 -7.79 -6.56
C ARG B 43 1.74 -8.86 -6.25
N LEU B 44 1.70 -9.31 -5.01
CA LEU B 44 0.69 -10.27 -4.56
C LEU B 44 -0.65 -9.63 -4.59
N ALA B 45 -0.71 -8.40 -4.13
CA ALA B 45 -1.91 -7.59 -4.13
C ALA B 45 -2.37 -7.29 -5.55
N LYS B 46 -1.40 -7.11 -6.43
CA LYS B 46 -1.64 -6.83 -7.83
C LYS B 46 -2.34 -8.01 -8.47
N MET B 47 -1.79 -9.21 -8.31
CA MET B 47 -2.38 -10.41 -8.91
C MET B 47 -3.67 -10.83 -8.19
N LEU B 48 -3.81 -10.39 -6.93
CA LEU B 48 -5.02 -10.61 -6.14
C LEU B 48 -6.17 -9.75 -6.70
N ALA B 49 -5.83 -8.57 -7.22
CA ALA B 49 -6.79 -7.67 -7.80
C ALA B 49 -7.06 -7.99 -9.28
N GLU B 50 -6.00 -8.45 -9.98
CA GLU B 50 -6.10 -8.82 -11.41
C GLU B 50 -6.94 -10.07 -11.63
N ASP B 51 -7.06 -10.87 -10.60
CA ASP B 51 -7.82 -12.08 -10.67
C ASP B 51 -9.14 -11.82 -9.98
N GLU B 52 -10.22 -11.85 -10.75
CA GLU B 52 -11.56 -11.50 -10.24
C GLU B 52 -12.04 -12.49 -9.20
N GLN B 53 -11.63 -13.73 -9.35
CA GLN B 53 -12.05 -14.80 -8.47
C GLN B 53 -11.46 -14.57 -7.10
N MET B 54 -10.18 -14.23 -7.09
CA MET B 54 -9.45 -13.93 -5.87
C MET B 54 -9.91 -12.63 -5.24
N TYR B 55 -10.09 -11.60 -6.07
CA TYR B 55 -10.54 -10.27 -5.60
C TYR B 55 -11.90 -10.36 -4.92
N ASN B 56 -12.80 -11.12 -5.52
CA ASN B 56 -14.12 -11.32 -4.92
C ASN B 56 -14.05 -12.15 -3.65
N ALA B 57 -13.16 -13.15 -3.61
CA ALA B 57 -12.97 -13.98 -2.40
C ALA B 57 -12.40 -13.13 -1.26
N LEU B 58 -11.52 -12.21 -1.64
CA LEU B 58 -10.91 -11.25 -0.75
C LEU B 58 -12.01 -10.39 -0.08
N MET B 59 -12.91 -9.85 -0.89
CA MET B 59 -14.03 -9.04 -0.41
C MET B 59 -15.01 -9.81 0.47
N LYS B 60 -15.36 -11.02 0.04
CA LYS B 60 -16.35 -11.84 0.72
C LYS B 60 -15.85 -12.34 2.07
N ASN B 61 -14.59 -12.69 2.17
CA ASN B 61 -14.05 -13.26 3.40
C ASN B 61 -13.46 -12.23 4.32
N LYS B 62 -13.28 -11.00 3.81
CA LYS B 62 -12.67 -9.88 4.56
C LYS B 62 -11.22 -10.20 4.96
N ASN B 63 -10.64 -11.06 4.17
CA ASN B 63 -9.32 -11.60 4.36
C ASN B 63 -8.83 -12.02 3.02
N ILE B 64 -7.56 -12.25 2.92
CA ILE B 64 -6.97 -12.73 1.71
C ILE B 64 -7.33 -14.21 1.59
N PRO B 65 -7.76 -14.68 0.40
CA PRO B 65 -7.92 -16.10 0.16
C PRO B 65 -6.50 -16.73 0.18
N ARG B 66 -6.14 -17.26 1.34
CA ARG B 66 -4.77 -17.68 1.63
C ARG B 66 -4.30 -18.80 0.76
N ASN B 67 -5.10 -19.84 0.63
CA ASN B 67 -4.73 -21.00 -0.19
C ASN B 67 -4.71 -20.65 -1.66
N GLU B 68 -5.57 -19.72 -2.04
CA GLU B 68 -5.69 -19.28 -3.41
C GLU B 68 -4.46 -18.45 -3.82
N LEU B 69 -4.02 -17.54 -2.94
CA LEU B 69 -2.84 -16.71 -3.21
C LEU B 69 -1.58 -17.56 -3.14
N LYS B 70 -1.56 -18.50 -2.23
CA LYS B 70 -0.44 -19.40 -2.03
C LYS B 70 -0.21 -20.30 -3.26
N LYS B 71 -1.29 -20.69 -3.93
CA LYS B 71 -1.19 -21.57 -5.10
C LYS B 71 -0.89 -20.76 -6.39
N LYS B 72 -1.50 -19.60 -6.55
CA LYS B 72 -1.32 -18.79 -7.75
C LYS B 72 -0.04 -17.98 -7.74
N ALA B 73 0.28 -17.37 -6.62
CA ALA B 73 1.49 -16.56 -6.50
C ALA B 73 2.69 -17.44 -6.23
N LYS B 74 2.43 -18.61 -5.60
CA LYS B 74 3.47 -19.61 -5.22
C LYS B 74 4.35 -19.07 -4.09
N VAL B 75 3.72 -18.40 -3.15
CA VAL B 75 4.41 -17.78 -2.03
C VAL B 75 4.13 -18.54 -0.74
N HIS B 76 4.68 -18.04 0.33
CA HIS B 76 4.55 -18.65 1.63
C HIS B 76 3.37 -18.06 2.36
N GLY B 77 2.70 -18.88 3.16
CA GLY B 77 1.56 -18.41 3.93
C GLY B 77 1.97 -17.44 5.01
N ARG B 78 3.24 -17.50 5.42
CA ARG B 78 3.80 -16.59 6.40
C ARG B 78 3.73 -15.15 5.89
N THR B 79 4.03 -14.96 4.60
CA THR B 79 4.01 -13.66 3.95
C THR B 79 2.59 -13.14 3.89
N ILE B 80 1.68 -14.05 3.56
CA ILE B 80 0.26 -13.79 3.48
C ILE B 80 -0.27 -13.36 4.86
N GLY B 81 0.32 -13.90 5.92
CA GLY B 81 -0.07 -13.54 7.27
C GLY B 81 0.61 -12.29 7.83
N ASN B 82 1.92 -12.14 7.60
CA ASN B 82 2.69 -11.02 8.18
C ASN B 82 2.31 -9.69 7.59
N ASN B 83 2.20 -9.65 6.30
CA ASN B 83 1.96 -8.40 5.60
C ASN B 83 0.54 -8.41 5.04
N ARG B 84 -0.34 -9.15 5.73
CA ARG B 84 -1.74 -9.40 5.32
C ARG B 84 -2.56 -8.14 5.02
N LYS B 85 -2.58 -7.19 5.94
CA LYS B 85 -3.42 -6.02 5.79
C LYS B 85 -2.88 -5.09 4.75
N TYR B 86 -1.57 -5.15 4.57
CA TYR B 86 -0.88 -4.39 3.58
C TYR B 86 -1.29 -4.88 2.19
N ILE B 87 -1.19 -6.21 1.98
CA ILE B 87 -1.56 -6.85 0.71
C ILE B 87 -3.04 -6.56 0.35
N ILE B 88 -3.91 -6.56 1.36
CA ILE B 88 -5.33 -6.23 1.17
C ILE B 88 -5.47 -4.78 0.65
N ALA B 89 -4.75 -3.86 1.29
CA ALA B 89 -4.80 -2.44 0.96
C ALA B 89 -4.47 -2.16 -0.50
N LEU B 90 -3.33 -2.69 -1.00
CA LEU B 90 -2.93 -2.40 -2.38
C LEU B 90 -3.90 -3.00 -3.38
N CYS B 91 -4.40 -4.21 -3.07
CA CYS B 91 -5.38 -4.91 -3.92
C CYS B 91 -6.61 -4.02 -4.13
N LEU B 92 -7.07 -3.45 -3.03
CA LEU B 92 -8.16 -2.52 -3.05
C LEU B 92 -7.82 -1.32 -3.89
N ILE B 93 -6.63 -0.74 -3.69
CA ILE B 93 -6.14 0.45 -4.45
C ILE B 93 -6.15 0.19 -5.98
N PHE B 94 -5.75 -1.01 -6.42
CA PHE B 94 -5.71 -1.35 -7.85
C PHE B 94 -7.08 -1.39 -8.48
N ARG B 95 -8.10 -1.63 -7.67
CA ARG B 95 -9.47 -1.63 -8.19
C ARG B 95 -10.30 -0.44 -7.70
N SER B 96 -9.67 0.41 -6.96
CA SER B 96 -10.31 1.59 -6.45
C SER B 96 -9.98 2.82 -7.28
N ASN B 97 -10.70 3.88 -6.96
CA ASN B 97 -10.65 5.22 -7.58
C ASN B 97 -9.25 5.90 -7.50
N LEU B 98 -8.31 5.29 -6.82
CA LEU B 98 -7.02 5.88 -6.61
C LEU B 98 -6.08 5.46 -7.74
N ASN B 99 -6.06 6.25 -8.80
CA ASN B 99 -5.29 5.94 -9.99
C ASN B 99 -3.85 6.40 -9.85
N LEU B 100 -3.62 7.40 -9.03
CA LEU B 100 -2.29 7.94 -8.82
C LEU B 100 -1.52 7.05 -7.87
N SER B 101 -2.21 6.57 -6.85
CA SER B 101 -1.61 5.66 -5.92
C SER B 101 -1.35 4.32 -6.62
N LYS B 102 -2.26 3.95 -7.52
CA LYS B 102 -2.14 2.76 -8.38
C LYS B 102 -0.86 2.88 -9.24
N ARG B 103 -0.65 4.08 -9.79
CA ARG B 103 0.52 4.44 -10.63
C ARG B 103 1.84 4.16 -9.90
N TYR B 104 1.88 4.53 -8.61
CA TYR B 104 3.04 4.32 -7.75
C TYR B 104 3.29 2.84 -7.47
N LEU B 105 2.24 2.11 -7.32
CA LEU B 105 2.33 0.71 -7.00
C LEU B 105 2.71 -0.13 -8.24
N GLU B 106 2.11 0.18 -9.39
CA GLU B 106 2.36 -0.54 -10.63
C GLU B 106 3.80 -0.35 -11.13
N TYR B 107 4.33 0.88 -11.02
CA TYR B 107 5.67 1.13 -11.52
C TYR B 107 6.71 0.46 -10.60
N TYR B 108 6.43 0.46 -9.30
CA TYR B 108 7.36 -0.06 -8.31
C TYR B 108 7.49 -1.58 -8.43
N THR B 109 6.43 -2.25 -8.77
CA THR B 109 6.45 -3.67 -8.87
C THR B 109 7.06 -4.18 -10.16
N MET B 110 7.10 -3.35 -11.20
CA MET B 110 7.76 -3.75 -12.45
C MET B 110 9.29 -3.59 -12.36
N LEU B 111 9.75 -3.00 -11.25
CA LEU B 111 11.19 -2.83 -10.95
C LEU B 111 11.70 -4.11 -10.24
N GLU B 112 11.32 -5.25 -10.81
CA GLU B 112 11.48 -6.64 -10.29
C GLU B 112 12.91 -7.12 -9.94
N HIS B 113 13.91 -6.23 -9.89
CA HIS B 113 15.38 -6.59 -9.73
C HIS B 113 15.89 -7.15 -11.04
N HIS B 114 15.13 -8.06 -11.59
CA HIS B 114 15.24 -8.47 -12.96
C HIS B 114 14.65 -7.29 -13.70
N HIS B 115 15.51 -6.39 -14.18
CA HIS B 115 15.03 -5.13 -14.80
C HIS B 115 14.22 -5.44 -16.01
N HIS B 116 14.67 -6.39 -16.75
CA HIS B 116 13.93 -6.97 -17.80
C HIS B 116 13.64 -8.36 -17.33
N HIS B 117 12.37 -8.64 -16.99
CA HIS B 117 11.98 -9.96 -16.46
C HIS B 117 12.39 -11.10 -17.37
N HIS B 118 13.30 -11.86 -16.87
CA HIS B 118 13.91 -12.95 -17.54
C HIS B 118 14.53 -13.75 -16.45
N SER A 1 18.43 16.69 1.89
CA SER A 1 18.34 16.67 0.45
C SER A 1 17.94 15.28 -0.07
N MET A 2 17.61 14.35 0.83
CA MET A 2 17.17 13.04 0.40
C MET A 2 15.67 13.06 0.35
N ASN A 3 15.15 13.42 -0.79
CA ASN A 3 13.74 13.57 -0.93
C ASN A 3 13.07 12.33 -1.37
N ARG A 4 12.11 11.99 -0.61
CA ARG A 4 11.26 10.90 -0.85
C ARG A 4 9.92 11.47 -1.06
N LEU A 5 9.28 11.05 -2.09
CA LEU A 5 7.97 11.56 -2.40
C LEU A 5 6.95 10.58 -1.94
N GLY A 6 5.84 11.09 -1.51
CA GLY A 6 4.80 10.25 -1.04
C GLY A 6 3.44 10.85 -1.20
N ILE A 7 2.47 9.98 -1.31
CA ILE A 7 1.07 10.36 -1.48
C ILE A 7 0.40 10.25 -0.11
N ILE A 8 -0.15 11.35 0.33
CA ILE A 8 -0.73 11.47 1.67
C ILE A 8 -2.07 10.77 1.75
N TYR A 9 -2.17 9.84 2.66
CA TYR A 9 -3.37 9.09 2.87
C TYR A 9 -4.16 9.52 4.09
N GLU A 10 -3.51 10.05 5.11
CA GLU A 10 -4.24 10.50 6.28
C GLU A 10 -3.38 11.40 7.14
N ILE A 11 -3.95 12.49 7.60
CA ILE A 11 -3.27 13.38 8.52
C ILE A 11 -3.69 12.95 9.92
N GLN A 12 -2.74 12.73 10.77
CA GLN A 12 -3.00 12.30 12.11
C GLN A 12 -2.26 13.24 13.06
N GLY A 13 -2.82 14.39 13.30
CA GLY A 13 -2.20 15.37 14.17
C GLY A 13 -0.95 15.98 13.57
N MET A 14 0.17 15.76 14.22
CA MET A 14 1.47 16.33 13.80
C MET A 14 2.17 15.45 12.77
N LYS A 15 1.50 14.41 12.36
CA LYS A 15 2.11 13.45 11.49
C LYS A 15 1.13 13.05 10.39
N ALA A 16 1.62 12.40 9.37
CA ALA A 16 0.80 11.97 8.27
C ALA A 16 1.24 10.61 7.77
N VAL A 17 0.29 9.82 7.33
CA VAL A 17 0.57 8.52 6.74
C VAL A 17 0.66 8.73 5.23
N VAL A 18 1.79 8.41 4.66
CA VAL A 18 2.01 8.60 3.23
C VAL A 18 2.46 7.29 2.55
N LEU A 19 2.17 7.18 1.28
CA LEU A 19 2.68 6.10 0.43
C LEU A 19 3.90 6.59 -0.24
N THR A 20 5.00 6.02 0.10
CA THR A 20 6.25 6.48 -0.44
C THR A 20 6.38 6.07 -1.91
N SER A 21 7.38 6.59 -2.57
CA SER A 21 7.69 6.27 -3.95
C SER A 21 8.21 4.80 -4.09
N GLU A 22 8.37 4.14 -2.94
CA GLU A 22 8.78 2.78 -2.84
C GLU A 22 7.63 1.89 -2.30
N GLY A 23 6.41 2.46 -2.25
CA GLY A 23 5.21 1.70 -1.91
C GLY A 23 5.05 1.31 -0.45
N GLU A 24 5.56 2.13 0.44
CA GLU A 24 5.46 1.85 1.86
C GLU A 24 4.53 2.84 2.50
N PHE A 25 3.70 2.41 3.45
CA PHE A 25 2.90 3.34 4.21
C PHE A 25 3.76 3.78 5.39
N LEU A 26 4.14 5.01 5.41
CA LEU A 26 5.01 5.48 6.45
C LEU A 26 4.50 6.75 7.04
N ILE A 27 4.68 6.88 8.32
CA ILE A 27 4.27 8.05 9.02
C ILE A 27 5.41 9.04 9.01
N ILE A 28 5.15 10.23 8.57
CA ILE A 28 6.14 11.28 8.52
C ILE A 28 5.63 12.50 9.25
N ARG A 29 6.49 13.49 9.37
CA ARG A 29 6.16 14.79 9.97
C ARG A 29 5.19 15.52 9.06
N ARG A 30 4.18 16.17 9.64
CA ARG A 30 3.26 16.96 8.85
C ARG A 30 3.98 18.19 8.32
N ARG A 31 4.00 18.31 7.02
CA ARG A 31 4.72 19.37 6.37
C ARG A 31 3.77 20.34 5.67
N LYS A 32 4.38 21.37 5.12
CA LYS A 32 3.75 22.52 4.45
C LYS A 32 2.67 22.19 3.42
N ASP A 33 2.96 21.28 2.55
CA ASP A 33 2.11 21.00 1.37
C ASP A 33 1.11 19.89 1.62
N MET A 34 0.84 19.60 2.86
CA MET A 34 0.00 18.47 3.18
C MET A 34 -1.51 18.68 3.09
N LYS A 35 -2.12 17.73 2.41
CA LYS A 35 -3.54 17.54 2.28
C LYS A 35 -3.70 16.07 2.00
N VAL A 36 -4.72 15.44 2.53
CA VAL A 36 -4.99 14.05 2.23
C VAL A 36 -5.35 13.92 0.73
N GLY A 37 -4.52 13.19 0.00
CA GLY A 37 -4.70 13.04 -1.41
C GLY A 37 -3.57 13.66 -2.20
N GLN A 38 -2.87 14.63 -1.62
CA GLN A 38 -1.77 15.30 -2.31
C GLN A 38 -0.46 14.58 -2.17
N GLN A 39 0.45 14.91 -3.05
CA GLN A 39 1.76 14.40 -2.99
C GLN A 39 2.69 15.40 -2.32
N VAL A 40 3.54 14.89 -1.49
CA VAL A 40 4.47 15.69 -0.75
C VAL A 40 5.89 15.16 -0.96
N SER A 41 6.83 16.07 -1.11
CA SER A 41 8.21 15.71 -1.22
C SER A 41 8.86 16.02 0.14
N PHE A 42 9.31 14.99 0.81
CA PHE A 42 9.84 15.12 2.16
C PHE A 42 11.22 14.51 2.25
N GLU A 43 11.81 14.57 3.40
CA GLU A 43 13.10 14.01 3.66
C GLU A 43 12.93 12.63 4.26
N ASN A 44 14.00 11.88 4.30
CA ASN A 44 13.97 10.56 4.95
C ASN A 44 14.02 10.78 6.47
N GLU A 45 14.46 11.97 6.82
CA GLU A 45 14.51 12.50 8.17
C GLU A 45 13.07 12.69 8.72
N ASP A 46 12.11 12.95 7.82
CA ASP A 46 10.72 13.22 8.22
C ASP A 46 10.01 11.98 8.69
N ILE A 47 10.52 10.84 8.29
CA ILE A 47 9.92 9.55 8.60
C ILE A 47 10.06 9.22 10.10
N TYR A 48 8.97 8.76 10.66
CA TYR A 48 8.88 8.33 12.04
C TYR A 48 9.32 6.88 12.17
N ASN A 49 9.31 6.39 13.37
CA ASN A 49 9.65 5.02 13.63
C ASN A 49 8.39 4.24 13.81
N VAL A 50 8.24 3.16 13.05
CA VAL A 50 7.08 2.31 13.20
C VAL A 50 7.27 1.41 14.42
N ARG A 51 8.50 1.18 14.76
CA ARG A 51 8.83 0.50 15.96
C ARG A 51 9.01 1.55 17.02
N GLY A 52 7.92 1.79 17.72
CA GLY A 52 7.88 2.84 18.68
C GLY A 52 8.37 2.40 20.01
N LYS A 53 7.45 2.05 20.87
CA LYS A 53 7.78 1.63 22.21
C LYS A 53 7.51 0.14 22.28
N MET B 1 -0.56 20.11 -15.24
CA MET B 1 -1.10 18.76 -15.15
C MET B 1 -0.54 18.12 -13.92
N GLU B 2 -1.34 18.09 -12.89
CA GLU B 2 -0.91 17.60 -11.62
C GLU B 2 -1.36 16.19 -11.42
N ASP B 3 -0.98 15.64 -10.32
CA ASP B 3 -1.33 14.30 -9.96
C ASP B 3 -1.77 14.32 -8.53
N ILE B 4 -3.04 14.51 -8.32
CA ILE B 4 -3.59 14.58 -6.98
C ILE B 4 -4.77 13.64 -6.86
N GLU B 5 -4.91 13.05 -5.71
CA GLU B 5 -5.98 12.15 -5.38
C GLU B 5 -6.98 12.88 -4.51
N ALA B 6 -8.19 12.41 -4.47
CA ALA B 6 -9.20 13.06 -3.66
C ALA B 6 -9.24 12.43 -2.30
N ARG B 7 -9.38 13.24 -1.27
CA ARG B 7 -9.46 12.78 0.12
C ARG B 7 -10.68 11.89 0.29
N GLU B 8 -11.72 12.27 -0.39
CA GLU B 8 -12.99 11.58 -0.46
C GLU B 8 -12.78 10.13 -0.92
N ASP B 9 -11.92 9.99 -1.90
CA ASP B 9 -11.58 8.68 -2.47
C ASP B 9 -10.60 7.92 -1.61
N ILE B 10 -9.67 8.66 -0.97
CA ILE B 10 -8.70 8.04 -0.04
C ILE B 10 -9.47 7.41 1.12
N GLU B 11 -10.41 8.17 1.63
CA GLU B 11 -11.18 7.73 2.74
C GLU B 11 -12.24 6.70 2.35
N GLU B 12 -12.59 6.63 1.05
CA GLU B 12 -13.46 5.57 0.56
C GLU B 12 -12.71 4.25 0.71
N LEU B 13 -11.45 4.30 0.35
CA LEU B 13 -10.55 3.18 0.48
C LEU B 13 -10.39 2.82 1.95
N LYS B 14 -10.26 3.81 2.80
CA LYS B 14 -10.13 3.61 4.23
C LYS B 14 -11.38 2.95 4.83
N LYS B 15 -12.57 3.39 4.40
CA LYS B 15 -13.82 2.82 4.92
C LYS B 15 -14.06 1.42 4.36
N LYS B 16 -13.48 1.16 3.20
CA LYS B 16 -13.47 -0.16 2.57
C LYS B 16 -12.65 -1.09 3.50
N LEU B 17 -11.45 -0.59 3.89
CA LEU B 17 -10.56 -1.27 4.83
C LEU B 17 -11.21 -1.44 6.20
N GLN B 18 -12.09 -0.53 6.57
CA GLN B 18 -12.81 -0.60 7.85
C GLN B 18 -13.70 -1.83 7.91
N GLU B 19 -14.25 -2.19 6.75
CA GLU B 19 -15.08 -3.37 6.63
C GLU B 19 -14.24 -4.65 6.75
N PHE B 20 -12.99 -4.56 6.33
CA PHE B 20 -12.02 -5.67 6.50
C PHE B 20 -11.43 -5.69 7.92
N GLY B 21 -11.49 -4.56 8.60
CA GLY B 21 -10.95 -4.44 9.95
C GLY B 21 -9.51 -3.97 9.94
N ILE B 22 -9.21 -3.08 9.01
CA ILE B 22 -7.86 -2.59 8.81
C ILE B 22 -7.85 -1.05 8.79
N THR B 23 -6.88 -0.43 9.44
CA THR B 23 -6.69 1.01 9.40
C THR B 23 -5.40 1.30 8.66
N PHE B 24 -5.07 2.56 8.44
CA PHE B 24 -3.82 2.92 7.81
C PHE B 24 -2.65 2.66 8.75
N LEU B 25 -2.91 2.71 10.06
CA LEU B 25 -1.89 2.42 11.07
C LEU B 25 -1.53 0.95 11.05
N ASP B 26 -2.53 0.10 10.78
CA ASP B 26 -2.32 -1.35 10.64
C ASP B 26 -1.36 -1.63 9.53
N LEU B 27 -1.42 -0.80 8.52
CA LEU B 27 -0.61 -0.95 7.35
C LEU B 27 0.82 -0.55 7.63
N VAL B 28 0.99 0.54 8.37
CA VAL B 28 2.33 1.03 8.73
C VAL B 28 3.09 -0.04 9.54
N LEU B 29 2.37 -0.72 10.42
CA LEU B 29 2.93 -1.76 11.28
C LEU B 29 3.23 -3.06 10.49
N ASN B 30 2.77 -3.14 9.24
CA ASN B 30 2.99 -4.32 8.39
C ASN B 30 3.83 -3.99 7.18
N VAL B 31 4.47 -2.83 7.21
CA VAL B 31 5.34 -2.38 6.13
C VAL B 31 6.59 -3.26 6.00
N PRO B 32 6.89 -3.73 4.76
CA PRO B 32 8.09 -4.50 4.46
C PRO B 32 9.37 -3.73 4.82
N LYS B 33 10.44 -4.46 5.02
CA LYS B 33 11.66 -3.86 5.56
C LYS B 33 12.61 -3.34 4.51
N HIS B 34 12.61 -3.97 3.39
CA HIS B 34 13.54 -3.62 2.31
C HIS B 34 12.89 -3.84 0.95
N ARG B 35 13.56 -3.39 -0.11
CA ARG B 35 13.05 -3.38 -1.50
C ARG B 35 12.45 -4.71 -1.96
N ASP B 36 13.18 -5.80 -1.79
CA ASP B 36 12.72 -7.17 -2.20
C ASP B 36 11.43 -7.52 -1.54
N SER B 37 11.33 -7.17 -0.27
CA SER B 37 10.19 -7.46 0.57
C SER B 37 8.98 -6.66 0.09
N ARG B 38 9.23 -5.39 -0.27
CA ARG B 38 8.18 -4.47 -0.74
C ARG B 38 7.58 -4.96 -2.01
N GLN B 39 8.45 -5.12 -3.02
CA GLN B 39 8.05 -5.51 -4.36
C GLN B 39 7.28 -6.80 -4.37
N LEU B 40 7.72 -7.76 -3.57
CA LEU B 40 7.05 -9.05 -3.43
C LEU B 40 5.63 -8.89 -2.86
N CYS B 41 5.50 -8.25 -1.70
CA CYS B 41 4.20 -8.10 -1.02
C CYS B 41 3.19 -7.27 -1.85
N ILE B 42 3.67 -6.21 -2.48
CA ILE B 42 2.82 -5.37 -3.32
C ILE B 42 2.43 -6.12 -4.61
N ARG B 43 3.32 -7.00 -5.06
CA ARG B 43 3.07 -7.78 -6.28
C ARG B 43 2.04 -8.87 -6.01
N LEU B 44 2.04 -9.39 -4.78
CA LEU B 44 1.03 -10.38 -4.37
C LEU B 44 -0.33 -9.73 -4.39
N ALA B 45 -0.36 -8.51 -3.87
CA ALA B 45 -1.55 -7.68 -3.83
C ALA B 45 -2.01 -7.33 -5.24
N LYS B 46 -1.04 -7.14 -6.13
CA LYS B 46 -1.28 -6.80 -7.50
C LYS B 46 -2.04 -7.92 -8.18
N MET B 47 -1.49 -9.13 -8.12
CA MET B 47 -2.11 -10.29 -8.79
C MET B 47 -3.40 -10.76 -8.11
N LEU B 48 -3.53 -10.41 -6.84
CA LEU B 48 -4.76 -10.63 -6.05
C LEU B 48 -5.88 -9.72 -6.59
N ALA B 49 -5.49 -8.52 -7.02
CA ALA B 49 -6.40 -7.55 -7.58
C ALA B 49 -6.70 -7.88 -9.03
N GLU B 50 -5.69 -8.40 -9.74
CA GLU B 50 -5.81 -8.73 -11.16
C GLU B 50 -6.80 -9.83 -11.40
N ASP B 51 -6.91 -10.70 -10.44
CA ASP B 51 -7.78 -11.85 -10.55
C ASP B 51 -9.11 -11.56 -9.90
N GLU B 52 -10.17 -11.61 -10.70
CA GLU B 52 -11.54 -11.33 -10.24
C GLU B 52 -11.97 -12.26 -9.12
N GLN B 53 -11.62 -13.54 -9.24
CA GLN B 53 -12.07 -14.53 -8.28
C GLN B 53 -11.43 -14.27 -6.93
N MET B 54 -10.17 -13.91 -6.96
CA MET B 54 -9.40 -13.64 -5.76
C MET B 54 -9.82 -12.32 -5.10
N TYR B 55 -10.01 -11.29 -5.92
CA TYR B 55 -10.42 -9.96 -5.46
C TYR B 55 -11.83 -10.00 -4.85
N ASN B 56 -12.73 -10.71 -5.50
CA ASN B 56 -14.09 -10.91 -4.98
C ASN B 56 -14.06 -11.69 -3.68
N ALA B 57 -13.14 -12.65 -3.58
CA ALA B 57 -12.99 -13.45 -2.37
C ALA B 57 -12.52 -12.61 -1.18
N LEU B 58 -11.75 -11.55 -1.45
CA LEU B 58 -11.42 -10.56 -0.42
C LEU B 58 -12.67 -10.00 0.20
N MET B 59 -13.57 -9.53 -0.62
CA MET B 59 -14.82 -8.92 -0.13
C MET B 59 -15.72 -9.93 0.57
N LYS B 60 -15.69 -11.16 0.08
CA LYS B 60 -16.46 -12.25 0.64
C LYS B 60 -15.96 -12.68 2.03
N ASN B 61 -14.69 -12.99 2.13
CA ASN B 61 -14.11 -13.53 3.37
C ASN B 61 -13.74 -12.43 4.34
N LYS B 62 -13.50 -11.22 3.80
CA LYS B 62 -12.96 -10.04 4.54
C LYS B 62 -11.53 -10.30 4.98
N ASN B 63 -10.93 -11.26 4.31
CA ASN B 63 -9.59 -11.74 4.51
C ASN B 63 -9.09 -12.08 3.14
N ILE B 64 -7.81 -12.35 3.01
CA ILE B 64 -7.24 -12.78 1.74
C ILE B 64 -7.58 -14.25 1.56
N PRO B 65 -8.03 -14.66 0.35
CA PRO B 65 -8.16 -16.08 0.02
C PRO B 65 -6.75 -16.71 0.04
N ARG B 66 -6.43 -17.37 1.13
CA ARG B 66 -5.07 -17.83 1.41
C ARG B 66 -4.66 -18.94 0.48
N ASN B 67 -5.56 -19.86 0.23
CA ASN B 67 -5.25 -21.03 -0.59
C ASN B 67 -5.11 -20.61 -2.04
N GLU B 68 -5.89 -19.61 -2.42
CA GLU B 68 -5.94 -19.11 -3.76
C GLU B 68 -4.68 -18.28 -4.09
N LEU B 69 -4.24 -17.45 -3.13
CA LEU B 69 -3.02 -16.66 -3.31
C LEU B 69 -1.79 -17.57 -3.30
N LYS B 70 -1.84 -18.61 -2.48
CA LYS B 70 -0.77 -19.59 -2.36
C LYS B 70 -0.55 -20.33 -3.69
N LYS B 71 -1.63 -20.75 -4.33
CA LYS B 71 -1.53 -21.51 -5.58
C LYS B 71 -1.17 -20.62 -6.79
N LYS B 72 -1.70 -19.41 -6.84
CA LYS B 72 -1.46 -18.53 -7.99
C LYS B 72 -0.15 -17.75 -7.92
N ALA B 73 0.20 -17.28 -6.75
CA ALA B 73 1.44 -16.50 -6.59
C ALA B 73 2.63 -17.38 -6.27
N LYS B 74 2.35 -18.65 -5.94
CA LYS B 74 3.37 -19.66 -5.56
C LYS B 74 4.12 -19.22 -4.31
N VAL B 75 3.40 -18.69 -3.35
CA VAL B 75 3.98 -18.20 -2.13
C VAL B 75 3.63 -19.08 -0.97
N HIS B 76 4.20 -18.78 0.17
CA HIS B 76 4.04 -19.56 1.36
C HIS B 76 2.90 -19.01 2.20
N GLY B 77 2.27 -19.90 2.96
CA GLY B 77 1.11 -19.58 3.75
C GLY B 77 1.36 -18.51 4.79
N ARG B 78 2.51 -18.56 5.46
CA ARG B 78 2.78 -17.60 6.51
C ARG B 78 2.98 -16.18 5.93
N THR B 79 3.53 -16.10 4.72
CA THR B 79 3.78 -14.81 4.05
C THR B 79 2.46 -14.07 3.82
N ILE B 80 1.45 -14.86 3.45
CA ILE B 80 0.11 -14.39 3.20
C ILE B 80 -0.52 -13.84 4.50
N GLY B 81 -0.36 -14.59 5.59
CA GLY B 81 -0.96 -14.21 6.85
C GLY B 81 -0.21 -13.12 7.60
N ASN B 82 1.10 -13.05 7.44
CA ASN B 82 1.93 -12.03 8.14
C ASN B 82 1.66 -10.65 7.63
N ASN B 83 1.47 -10.52 6.33
CA ASN B 83 1.31 -9.21 5.74
C ASN B 83 -0.09 -9.07 5.16
N ARG B 84 -1.03 -9.87 5.67
CA ARG B 84 -2.41 -9.92 5.12
C ARG B 84 -3.10 -8.57 5.06
N LYS B 85 -3.03 -7.82 6.14
CA LYS B 85 -3.72 -6.54 6.21
C LYS B 85 -3.11 -5.53 5.25
N TYR B 86 -1.82 -5.67 5.02
CA TYR B 86 -1.07 -4.79 4.15
C TYR B 86 -1.35 -5.13 2.70
N ILE B 87 -1.30 -6.42 2.38
CA ILE B 87 -1.55 -6.93 1.02
C ILE B 87 -2.98 -6.57 0.56
N ILE B 88 -3.96 -6.65 1.47
CA ILE B 88 -5.34 -6.27 1.18
C ILE B 88 -5.40 -4.79 0.77
N ALA B 89 -4.66 -3.95 1.49
CA ALA B 89 -4.63 -2.52 1.23
C ALA B 89 -4.16 -2.19 -0.18
N LEU B 90 -3.01 -2.74 -0.61
CA LEU B 90 -2.50 -2.44 -1.96
C LEU B 90 -3.44 -2.97 -3.02
N CYS B 91 -3.98 -4.17 -2.79
CA CYS B 91 -4.90 -4.83 -3.70
C CYS B 91 -6.13 -3.97 -3.96
N LEU B 92 -6.68 -3.44 -2.90
CA LEU B 92 -7.81 -2.56 -2.97
C LEU B 92 -7.46 -1.29 -3.70
N ILE B 93 -6.26 -0.74 -3.47
CA ILE B 93 -5.77 0.47 -4.17
C ILE B 93 -5.79 0.27 -5.71
N PHE B 94 -5.38 -0.93 -6.17
CA PHE B 94 -5.34 -1.25 -7.60
C PHE B 94 -6.71 -1.21 -8.25
N ARG B 95 -7.75 -1.61 -7.52
CA ARG B 95 -9.08 -1.63 -8.11
C ARG B 95 -9.97 -0.48 -7.65
N SER B 96 -9.50 0.29 -6.71
CA SER B 96 -10.23 1.44 -6.22
C SER B 96 -9.84 2.69 -7.00
N ASN B 97 -10.55 3.77 -6.77
CA ASN B 97 -10.39 5.08 -7.46
C ASN B 97 -9.09 5.81 -7.04
N LEU B 98 -8.02 5.08 -6.80
CA LEU B 98 -6.79 5.65 -6.33
C LEU B 98 -5.69 5.30 -7.30
N ASN B 99 -5.95 5.63 -8.55
CA ASN B 99 -5.12 5.34 -9.71
C ASN B 99 -3.71 5.97 -9.65
N LEU B 100 -3.51 6.99 -8.83
CA LEU B 100 -2.19 7.60 -8.70
C LEU B 100 -1.33 6.77 -7.77
N SER B 101 -1.89 6.39 -6.64
CA SER B 101 -1.20 5.56 -5.67
C SER B 101 -1.00 4.16 -6.26
N LYS B 102 -1.98 3.78 -7.03
CA LYS B 102 -2.02 2.57 -7.80
C LYS B 102 -0.88 2.56 -8.82
N ARG B 103 -0.63 3.73 -9.44
CA ARG B 103 0.45 3.91 -10.42
C ARG B 103 1.80 3.78 -9.73
N TYR B 104 1.87 4.31 -8.52
CA TYR B 104 3.05 4.21 -7.68
C TYR B 104 3.40 2.76 -7.37
N LEU B 105 2.39 2.00 -7.06
CA LEU B 105 2.55 0.61 -6.75
C LEU B 105 2.85 -0.22 -8.01
N GLU B 106 2.18 0.11 -9.13
CA GLU B 106 2.41 -0.61 -10.39
C GLU B 106 3.81 -0.39 -10.95
N TYR B 107 4.31 0.85 -10.89
CA TYR B 107 5.61 1.13 -11.43
C TYR B 107 6.70 0.52 -10.55
N TYR B 108 6.46 0.51 -9.24
CA TYR B 108 7.45 0.01 -8.30
C TYR B 108 7.58 -1.51 -8.40
N THR B 109 6.50 -2.19 -8.69
CA THR B 109 6.54 -3.63 -8.80
C THR B 109 7.17 -4.10 -10.12
N MET B 110 7.13 -3.24 -11.15
CA MET B 110 7.73 -3.62 -12.43
C MET B 110 9.23 -3.33 -12.45
N LEU B 111 9.74 -2.73 -11.36
CA LEU B 111 11.18 -2.41 -11.20
C LEU B 111 12.00 -3.65 -10.84
N GLU B 112 11.87 -4.66 -11.66
CA GLU B 112 12.57 -5.89 -11.51
C GLU B 112 13.10 -6.28 -12.87
N HIS B 113 14.10 -7.11 -12.90
CA HIS B 113 14.63 -7.60 -14.15
C HIS B 113 14.29 -9.08 -14.37
N HIS B 114 12.99 -9.35 -14.26
CA HIS B 114 12.38 -10.67 -14.49
C HIS B 114 10.84 -10.50 -14.48
N HIS B 115 10.42 -9.29 -14.76
CA HIS B 115 9.01 -8.92 -14.65
C HIS B 115 8.57 -8.41 -16.02
N HIS B 116 7.31 -8.56 -16.34
CA HIS B 116 6.80 -8.11 -17.63
C HIS B 116 6.76 -6.60 -17.75
N HIS B 117 7.66 -6.09 -18.54
CA HIS B 117 7.71 -4.67 -18.85
C HIS B 117 6.94 -4.47 -20.13
N HIS B 118 6.08 -3.51 -20.14
CA HIS B 118 5.25 -3.25 -21.29
C HIS B 118 5.11 -1.77 -21.48
N SER A 1 17.03 17.11 1.21
CA SER A 1 18.37 16.59 1.20
C SER A 1 18.36 15.12 0.79
N MET A 2 17.56 14.31 1.46
CA MET A 2 17.39 12.91 1.06
C MET A 2 15.91 12.73 0.95
N ASN A 3 15.39 13.13 -0.18
CA ASN A 3 13.98 13.14 -0.38
C ASN A 3 13.41 11.92 -0.99
N ARG A 4 12.42 11.43 -0.36
CA ARG A 4 11.62 10.35 -0.81
C ARG A 4 10.27 10.94 -1.06
N LEU A 5 9.65 10.54 -2.12
CA LEU A 5 8.38 11.12 -2.48
C LEU A 5 7.27 10.20 -2.11
N GLY A 6 6.08 10.70 -2.10
CA GLY A 6 4.97 9.87 -1.82
C GLY A 6 3.66 10.60 -1.85
N ILE A 7 2.62 9.94 -1.38
CA ILE A 7 1.25 10.44 -1.44
C ILE A 7 0.66 10.40 -0.03
N ILE A 8 0.01 11.47 0.34
CA ILE A 8 -0.58 11.63 1.67
C ILE A 8 -1.91 10.91 1.75
N TYR A 9 -2.02 9.97 2.66
CA TYR A 9 -3.22 9.22 2.84
C TYR A 9 -4.04 9.68 4.03
N GLU A 10 -3.39 10.12 5.10
CA GLU A 10 -4.15 10.55 6.26
C GLU A 10 -3.34 11.45 7.16
N ILE A 11 -3.98 12.49 7.65
CA ILE A 11 -3.37 13.41 8.58
C ILE A 11 -3.86 13.01 9.97
N GLN A 12 -2.95 12.62 10.83
CA GLN A 12 -3.30 12.16 12.18
C GLN A 12 -2.57 13.03 13.19
N GLY A 13 -3.10 14.19 13.45
CA GLY A 13 -2.46 15.09 14.36
C GLY A 13 -1.29 15.74 13.71
N MET A 14 -0.16 15.65 14.36
CA MET A 14 1.06 16.31 13.90
C MET A 14 1.89 15.37 12.99
N LYS A 15 1.28 14.30 12.56
CA LYS A 15 1.93 13.34 11.70
C LYS A 15 0.99 12.94 10.58
N ALA A 16 1.52 12.31 9.58
CA ALA A 16 0.74 11.91 8.42
C ALA A 16 1.17 10.56 7.93
N VAL A 17 0.23 9.76 7.51
CA VAL A 17 0.51 8.48 6.93
C VAL A 17 0.60 8.68 5.44
N VAL A 18 1.75 8.37 4.88
CA VAL A 18 1.97 8.58 3.48
C VAL A 18 2.49 7.31 2.81
N LEU A 19 2.38 7.29 1.51
CA LEU A 19 3.00 6.28 0.68
C LEU A 19 4.37 6.78 0.35
N THR A 20 5.26 5.90 0.12
CA THR A 20 6.55 6.29 -0.34
C THR A 20 6.64 5.98 -1.83
N SER A 21 7.77 6.32 -2.40
CA SER A 21 8.10 6.03 -3.76
C SER A 21 8.43 4.52 -3.93
N GLU A 22 8.53 3.83 -2.79
CA GLU A 22 8.79 2.42 -2.72
C GLU A 22 7.48 1.66 -2.40
N GLY A 23 6.37 2.41 -2.35
CA GLY A 23 5.05 1.82 -2.13
C GLY A 23 4.79 1.39 -0.68
N GLU A 24 5.51 2.01 0.24
CA GLU A 24 5.39 1.69 1.67
C GLU A 24 4.40 2.67 2.30
N PHE A 25 3.69 2.24 3.31
CA PHE A 25 2.92 3.18 4.10
C PHE A 25 3.74 3.54 5.31
N LEU A 26 4.15 4.76 5.39
CA LEU A 26 4.99 5.19 6.48
C LEU A 26 4.45 6.45 7.07
N ILE A 27 4.57 6.58 8.35
CA ILE A 27 4.12 7.75 9.03
C ILE A 27 5.25 8.73 9.05
N ILE A 28 5.01 9.93 8.64
CA ILE A 28 6.01 10.97 8.67
C ILE A 28 5.45 12.16 9.42
N ARG A 29 6.27 13.17 9.57
CA ARG A 29 5.88 14.44 10.15
C ARG A 29 4.86 15.10 9.27
N ARG A 30 3.84 15.69 9.86
CA ARG A 30 2.92 16.47 9.09
C ARG A 30 3.61 17.77 8.71
N ARG A 31 3.51 18.12 7.47
CA ARG A 31 4.13 19.29 6.94
C ARG A 31 3.08 20.26 6.45
N LYS A 32 3.52 21.46 6.14
CA LYS A 32 2.70 22.57 5.65
C LYS A 32 1.85 22.22 4.43
N ASP A 33 2.48 21.62 3.44
CA ASP A 33 1.89 21.40 2.11
C ASP A 33 1.00 20.15 2.09
N MET A 34 0.59 19.70 3.24
CA MET A 34 -0.14 18.47 3.35
C MET A 34 -1.63 18.62 3.30
N LYS A 35 -2.20 17.77 2.48
CA LYS A 35 -3.61 17.58 2.34
C LYS A 35 -3.78 16.15 1.90
N VAL A 36 -4.76 15.47 2.46
CA VAL A 36 -5.06 14.09 2.11
C VAL A 36 -5.34 13.96 0.60
N GLY A 37 -4.49 13.21 -0.07
CA GLY A 37 -4.61 13.03 -1.49
C GLY A 37 -3.43 13.60 -2.25
N GLN A 38 -2.82 14.64 -1.71
CA GLN A 38 -1.70 15.32 -2.37
C GLN A 38 -0.39 14.57 -2.21
N GLN A 39 0.57 14.90 -3.04
CA GLN A 39 1.87 14.31 -2.97
C GLN A 39 2.78 15.16 -2.11
N VAL A 40 3.79 14.54 -1.59
CA VAL A 40 4.75 15.19 -0.73
C VAL A 40 6.15 14.63 -0.99
N SER A 41 7.15 15.48 -0.91
CA SER A 41 8.53 15.06 -0.99
C SER A 41 9.17 15.34 0.36
N PHE A 42 9.55 14.30 1.04
CA PHE A 42 9.97 14.38 2.43
C PHE A 42 11.33 13.78 2.63
N GLU A 43 11.90 14.00 3.78
CA GLU A 43 13.22 13.52 4.13
C GLU A 43 13.10 12.18 4.84
N ASN A 44 14.24 11.48 5.00
CA ASN A 44 14.27 10.26 5.85
C ASN A 44 14.01 10.66 7.29
N GLU A 45 14.43 11.91 7.60
CA GLU A 45 14.24 12.52 8.92
C GLU A 45 12.77 12.61 9.29
N ASP A 46 11.92 12.81 8.29
CA ASP A 46 10.49 13.00 8.53
C ASP A 46 9.81 11.70 8.91
N ILE A 47 10.40 10.59 8.50
CA ILE A 47 9.84 9.27 8.72
C ILE A 47 9.89 8.88 10.21
N TYR A 48 8.76 8.45 10.72
CA TYR A 48 8.61 7.97 12.07
C TYR A 48 8.73 6.45 12.07
N ASN A 49 8.89 5.90 13.24
CA ASN A 49 8.88 4.47 13.42
C ASN A 49 7.52 4.10 13.96
N VAL A 50 6.95 3.03 13.49
CA VAL A 50 5.65 2.61 13.99
C VAL A 50 5.85 1.75 15.24
N ARG A 51 7.04 1.13 15.30
CA ARG A 51 7.50 0.29 16.41
C ARG A 51 6.70 -1.02 16.52
N GLY A 52 5.49 -0.94 17.05
CA GLY A 52 4.67 -2.13 17.20
C GLY A 52 5.15 -2.98 18.35
N LYS A 53 5.54 -4.19 18.05
CA LYS A 53 6.03 -5.11 19.05
C LYS A 53 7.41 -5.55 18.62
N MET B 1 -7.87 15.97 -12.76
CA MET B 1 -7.58 15.24 -11.52
C MET B 1 -6.14 15.44 -11.14
N GLU B 2 -5.27 15.58 -12.18
CA GLU B 2 -3.85 15.85 -12.05
C GLU B 2 -3.13 14.70 -11.35
N ASP B 3 -1.92 14.91 -10.91
CA ASP B 3 -1.19 13.90 -10.16
C ASP B 3 -1.40 14.12 -8.69
N ILE B 4 -2.67 14.07 -8.32
CA ILE B 4 -3.14 14.25 -6.98
C ILE B 4 -4.32 13.30 -6.85
N GLU B 5 -4.52 12.79 -5.71
CA GLU B 5 -5.61 11.90 -5.43
C GLU B 5 -6.70 12.68 -4.73
N ALA B 6 -7.88 12.19 -4.78
CA ALA B 6 -8.96 12.85 -4.14
C ALA B 6 -9.14 12.31 -2.76
N ARG B 7 -9.28 13.21 -1.79
CA ARG B 7 -9.49 12.85 -0.39
C ARG B 7 -10.71 11.98 -0.23
N GLU B 8 -11.76 12.31 -0.97
CA GLU B 8 -13.01 11.57 -0.95
C GLU B 8 -12.79 10.12 -1.34
N ASP B 9 -11.93 9.91 -2.32
CA ASP B 9 -11.59 8.57 -2.80
C ASP B 9 -10.66 7.86 -1.82
N ILE B 10 -9.72 8.60 -1.19
CA ILE B 10 -8.82 8.04 -0.15
C ILE B 10 -9.67 7.51 1.01
N GLU B 11 -10.64 8.30 1.41
CA GLU B 11 -11.49 7.95 2.51
C GLU B 11 -12.50 6.87 2.16
N GLU B 12 -12.83 6.73 0.86
CA GLU B 12 -13.67 5.61 0.44
C GLU B 12 -12.88 4.31 0.47
N LEU B 13 -11.60 4.42 0.25
CA LEU B 13 -10.70 3.30 0.40
C LEU B 13 -10.62 2.94 1.90
N LYS B 14 -10.47 3.97 2.74
CA LYS B 14 -10.38 3.83 4.18
C LYS B 14 -11.62 3.14 4.76
N LYS B 15 -12.82 3.57 4.35
CA LYS B 15 -14.08 2.98 4.85
C LYS B 15 -14.22 1.51 4.44
N LYS B 16 -13.64 1.16 3.30
CA LYS B 16 -13.57 -0.23 2.89
C LYS B 16 -12.61 -0.99 3.76
N LEU B 17 -11.46 -0.39 4.05
CA LEU B 17 -10.48 -0.96 4.99
C LEU B 17 -11.11 -1.16 6.36
N GLN B 18 -12.00 -0.26 6.75
CA GLN B 18 -12.72 -0.36 8.03
C GLN B 18 -13.58 -1.61 8.09
N GLU B 19 -14.15 -2.00 6.95
CA GLU B 19 -14.95 -3.21 6.85
C GLU B 19 -14.08 -4.46 6.94
N PHE B 20 -12.83 -4.35 6.54
CA PHE B 20 -11.88 -5.45 6.68
C PHE B 20 -11.22 -5.44 8.06
N GLY B 21 -11.33 -4.30 8.75
CA GLY B 21 -10.73 -4.13 10.06
C GLY B 21 -9.29 -3.68 9.94
N ILE B 22 -9.05 -2.80 9.02
CA ILE B 22 -7.72 -2.34 8.71
C ILE B 22 -7.67 -0.82 8.82
N THR B 23 -6.69 -0.33 9.49
CA THR B 23 -6.44 1.08 9.51
C THR B 23 -5.22 1.34 8.66
N PHE B 24 -4.86 2.59 8.49
CA PHE B 24 -3.64 2.91 7.79
C PHE B 24 -2.43 2.60 8.71
N LEU B 25 -2.69 2.57 10.02
CA LEU B 25 -1.67 2.22 11.03
C LEU B 25 -1.33 0.74 10.92
N ASP B 26 -2.37 -0.08 10.65
CA ASP B 26 -2.22 -1.53 10.40
C ASP B 26 -1.29 -1.78 9.25
N LEU B 27 -1.37 -0.91 8.28
CA LEU B 27 -0.57 -1.00 7.08
C LEU B 27 0.87 -0.74 7.40
N VAL B 28 1.13 0.30 8.22
CA VAL B 28 2.49 0.67 8.60
C VAL B 28 3.15 -0.47 9.42
N LEU B 29 2.32 -1.13 10.23
CA LEU B 29 2.72 -2.30 11.02
C LEU B 29 3.09 -3.51 10.12
N ASN B 30 2.50 -3.55 8.94
CA ASN B 30 2.70 -4.69 8.01
C ASN B 30 3.62 -4.31 6.86
N VAL B 31 4.30 -3.16 6.96
CA VAL B 31 5.18 -2.69 5.89
C VAL B 31 6.43 -3.57 5.69
N PRO B 32 6.66 -4.03 4.43
CA PRO B 32 7.86 -4.75 4.04
C PRO B 32 9.09 -3.86 4.19
N LYS B 33 10.12 -4.41 4.75
CA LYS B 33 11.28 -3.67 5.21
C LYS B 33 12.19 -3.21 4.07
N HIS B 34 12.51 -4.10 3.17
CA HIS B 34 13.43 -3.79 2.07
C HIS B 34 12.75 -3.97 0.72
N ARG B 35 13.35 -3.38 -0.34
CA ARG B 35 12.79 -3.33 -1.70
C ARG B 35 12.24 -4.64 -2.26
N ASP B 36 12.99 -5.74 -2.09
CA ASP B 36 12.57 -7.09 -2.59
C ASP B 36 11.22 -7.46 -2.04
N SER B 37 11.11 -7.35 -0.74
CA SER B 37 9.93 -7.68 0.00
C SER B 37 8.77 -6.75 -0.37
N ARG B 38 9.08 -5.46 -0.60
CA ARG B 38 8.06 -4.45 -0.93
C ARG B 38 7.40 -4.80 -2.25
N GLN B 39 8.24 -5.14 -3.24
CA GLN B 39 7.76 -5.48 -4.57
C GLN B 39 6.94 -6.73 -4.52
N LEU B 40 7.43 -7.70 -3.76
CA LEU B 40 6.79 -8.99 -3.57
C LEU B 40 5.36 -8.82 -2.99
N CYS B 41 5.24 -8.08 -1.89
CA CYS B 41 3.94 -7.89 -1.20
C CYS B 41 2.92 -7.14 -2.05
N ILE B 42 3.37 -6.10 -2.74
CA ILE B 42 2.50 -5.33 -3.60
C ILE B 42 2.11 -6.16 -4.84
N ARG B 43 3.02 -7.03 -5.27
CA ARG B 43 2.81 -7.91 -6.41
C ARG B 43 1.76 -8.98 -6.08
N LEU B 44 1.73 -9.40 -4.83
CA LEU B 44 0.73 -10.37 -4.36
C LEU B 44 -0.63 -9.74 -4.44
N ALA B 45 -0.70 -8.51 -3.95
CA ALA B 45 -1.92 -7.72 -3.96
C ALA B 45 -2.34 -7.38 -5.37
N LYS B 46 -1.35 -7.23 -6.25
CA LYS B 46 -1.55 -6.90 -7.64
C LYS B 46 -2.26 -8.05 -8.33
N MET B 47 -1.73 -9.26 -8.21
CA MET B 47 -2.35 -10.43 -8.87
C MET B 47 -3.66 -10.83 -8.17
N LEU B 48 -3.79 -10.45 -6.90
CA LEU B 48 -5.02 -10.64 -6.12
C LEU B 48 -6.12 -9.73 -6.65
N ALA B 49 -5.74 -8.54 -7.11
CA ALA B 49 -6.68 -7.59 -7.68
C ALA B 49 -6.96 -7.90 -9.14
N GLU B 50 -5.92 -8.35 -9.87
CA GLU B 50 -6.06 -8.69 -11.31
C GLU B 50 -6.99 -9.87 -11.50
N ASP B 51 -6.99 -10.78 -10.54
CA ASP B 51 -7.88 -11.90 -10.59
C ASP B 51 -9.10 -11.51 -9.82
N GLU B 52 -10.16 -11.19 -10.52
CA GLU B 52 -11.40 -10.70 -9.89
C GLU B 52 -12.08 -11.77 -9.07
N GLN B 53 -11.77 -13.01 -9.33
CA GLN B 53 -12.35 -14.10 -8.59
C GLN B 53 -11.73 -14.11 -7.19
N MET B 54 -10.40 -13.97 -7.15
CA MET B 54 -9.67 -13.87 -5.89
C MET B 54 -10.05 -12.60 -5.15
N TYR B 55 -10.20 -11.51 -5.90
CA TYR B 55 -10.62 -10.21 -5.37
C TYR B 55 -12.00 -10.30 -4.69
N ASN B 56 -12.90 -11.07 -5.28
CA ASN B 56 -14.21 -11.28 -4.68
C ASN B 56 -14.16 -12.17 -3.45
N ALA B 57 -13.22 -13.12 -3.42
CA ALA B 57 -13.00 -13.99 -2.24
C ALA B 57 -12.46 -13.13 -1.09
N LEU B 58 -11.58 -12.22 -1.48
CA LEU B 58 -10.99 -11.22 -0.60
C LEU B 58 -12.11 -10.36 0.04
N MET B 59 -13.00 -9.83 -0.79
CA MET B 59 -14.15 -9.02 -0.36
C MET B 59 -15.12 -9.78 0.54
N LYS B 60 -15.50 -10.99 0.13
CA LYS B 60 -16.47 -11.79 0.85
C LYS B 60 -16.03 -12.19 2.23
N ASN B 61 -14.80 -12.63 2.37
CA ASN B 61 -14.32 -13.14 3.64
C ASN B 61 -13.73 -12.05 4.49
N LYS B 62 -13.41 -10.90 3.86
CA LYS B 62 -12.72 -9.76 4.51
C LYS B 62 -11.31 -10.16 4.93
N ASN B 63 -10.82 -11.16 4.25
CA ASN B 63 -9.52 -11.77 4.46
C ASN B 63 -9.01 -12.18 3.13
N ILE B 64 -7.74 -12.45 3.07
CA ILE B 64 -7.10 -12.85 1.85
C ILE B 64 -7.35 -14.34 1.64
N PRO B 65 -7.73 -14.78 0.42
CA PRO B 65 -7.78 -16.18 0.09
C PRO B 65 -6.32 -16.73 0.06
N ARG B 66 -5.85 -17.23 1.20
CA ARG B 66 -4.44 -17.61 1.35
C ARG B 66 -4.08 -18.80 0.51
N ASN B 67 -4.95 -19.80 0.48
CA ASN B 67 -4.69 -21.04 -0.26
C ASN B 67 -4.58 -20.77 -1.75
N GLU B 68 -5.41 -19.87 -2.22
CA GLU B 68 -5.44 -19.49 -3.62
C GLU B 68 -4.21 -18.63 -3.96
N LEU B 69 -3.87 -17.69 -3.08
CA LEU B 69 -2.76 -16.79 -3.30
C LEU B 69 -1.42 -17.51 -3.22
N LYS B 70 -1.27 -18.44 -2.29
CA LYS B 70 -0.03 -19.13 -2.10
C LYS B 70 0.27 -20.08 -3.28
N LYS B 71 -0.77 -20.59 -3.94
CA LYS B 71 -0.53 -21.45 -5.09
C LYS B 71 -0.42 -20.64 -6.40
N LYS B 72 -1.01 -19.45 -6.43
CA LYS B 72 -0.98 -18.65 -7.65
C LYS B 72 0.28 -17.77 -7.70
N ALA B 73 0.66 -17.21 -6.57
CA ALA B 73 1.83 -16.37 -6.49
C ALA B 73 3.08 -17.19 -6.13
N LYS B 74 2.85 -18.40 -5.61
CA LYS B 74 3.91 -19.31 -5.12
C LYS B 74 4.66 -18.69 -3.95
N VAL B 75 3.93 -18.28 -2.95
CA VAL B 75 4.50 -17.69 -1.76
C VAL B 75 4.12 -18.49 -0.55
N HIS B 76 4.63 -18.13 0.57
CA HIS B 76 4.40 -18.88 1.79
C HIS B 76 3.20 -18.34 2.52
N GLY B 77 2.53 -19.21 3.27
CA GLY B 77 1.37 -18.82 4.06
C GLY B 77 1.73 -17.80 5.12
N ARG B 78 2.96 -17.92 5.64
CA ARG B 78 3.54 -16.97 6.60
C ARG B 78 3.57 -15.59 6.03
N THR B 79 4.04 -15.48 4.79
CA THR B 79 4.22 -14.23 4.12
C THR B 79 2.87 -13.49 3.97
N ILE B 80 1.86 -14.26 3.60
CA ILE B 80 0.51 -13.75 3.40
C ILE B 80 -0.09 -13.32 4.74
N GLY B 81 0.12 -14.14 5.76
CA GLY B 81 -0.44 -13.88 7.07
C GLY B 81 0.25 -12.75 7.82
N ASN B 82 1.52 -12.52 7.56
CA ASN B 82 2.28 -11.46 8.26
C ASN B 82 2.00 -10.11 7.69
N ASN B 83 1.70 -10.06 6.43
CA ASN B 83 1.48 -8.80 5.74
C ASN B 83 0.04 -8.72 5.24
N ARG B 84 -0.82 -9.48 5.92
CA ARG B 84 -2.25 -9.61 5.58
C ARG B 84 -3.01 -8.28 5.43
N LYS B 85 -2.82 -7.37 6.37
CA LYS B 85 -3.55 -6.09 6.34
C LYS B 85 -3.09 -5.24 5.17
N TYR B 86 -1.83 -5.39 4.85
CA TYR B 86 -1.16 -4.60 3.86
C TYR B 86 -1.58 -5.05 2.46
N ILE B 87 -1.50 -6.36 2.22
CA ILE B 87 -1.85 -6.96 0.92
C ILE B 87 -3.30 -6.62 0.51
N ILE B 88 -4.21 -6.62 1.49
CA ILE B 88 -5.60 -6.27 1.24
C ILE B 88 -5.72 -4.82 0.73
N ALA B 89 -4.99 -3.92 1.39
CA ALA B 89 -5.03 -2.50 1.08
C ALA B 89 -4.62 -2.19 -0.36
N LEU B 90 -3.48 -2.76 -0.82
CA LEU B 90 -3.02 -2.46 -2.20
C LEU B 90 -3.99 -3.03 -3.23
N CYS B 91 -4.55 -4.21 -2.93
CA CYS B 91 -5.50 -4.89 -3.79
C CYS B 91 -6.73 -3.99 -4.04
N LEU B 92 -7.21 -3.38 -2.98
CA LEU B 92 -8.30 -2.44 -3.06
C LEU B 92 -7.93 -1.23 -3.89
N ILE B 93 -6.69 -0.72 -3.72
CA ILE B 93 -6.20 0.46 -4.47
C ILE B 93 -6.23 0.20 -5.99
N PHE B 94 -5.83 -1.02 -6.42
CA PHE B 94 -5.80 -1.36 -7.85
C PHE B 94 -7.19 -1.35 -8.47
N ARG B 95 -8.19 -1.66 -7.67
CA ARG B 95 -9.57 -1.65 -8.16
C ARG B 95 -10.33 -0.39 -7.74
N SER B 96 -9.68 0.50 -7.06
CA SER B 96 -10.28 1.71 -6.60
C SER B 96 -9.83 2.90 -7.47
N ASN B 97 -10.46 4.05 -7.24
CA ASN B 97 -10.27 5.28 -8.04
C ASN B 97 -8.96 6.00 -7.76
N LEU B 98 -8.14 5.41 -6.91
CA LEU B 98 -6.86 5.97 -6.60
C LEU B 98 -5.89 5.56 -7.68
N ASN B 99 -5.86 6.33 -8.76
CA ASN B 99 -5.05 6.02 -9.91
C ASN B 99 -3.62 6.44 -9.76
N LEU B 100 -3.38 7.42 -8.94
CA LEU B 100 -2.02 7.91 -8.74
C LEU B 100 -1.28 6.97 -7.80
N SER B 101 -1.95 6.51 -6.76
CA SER B 101 -1.39 5.58 -5.82
C SER B 101 -1.23 4.24 -6.49
N LYS B 102 -2.17 3.92 -7.38
CA LYS B 102 -2.13 2.72 -8.23
C LYS B 102 -0.87 2.77 -9.09
N ARG B 103 -0.58 3.95 -9.65
CA ARG B 103 0.61 4.18 -10.47
C ARG B 103 1.89 3.93 -9.67
N TYR B 104 1.93 4.44 -8.43
CA TYR B 104 3.05 4.22 -7.52
C TYR B 104 3.30 2.74 -7.27
N LEU B 105 2.25 2.00 -7.14
CA LEU B 105 2.33 0.59 -6.88
C LEU B 105 2.70 -0.19 -8.16
N GLU B 106 2.08 0.16 -9.29
CA GLU B 106 2.31 -0.53 -10.55
C GLU B 106 3.69 -0.28 -11.13
N TYR B 107 4.19 0.95 -11.01
CA TYR B 107 5.51 1.26 -11.55
C TYR B 107 6.58 0.62 -10.68
N TYR B 108 6.30 0.49 -9.40
CA TYR B 108 7.26 -0.08 -8.48
C TYR B 108 7.35 -1.61 -8.65
N THR B 109 6.25 -2.24 -9.00
CA THR B 109 6.24 -3.68 -9.16
C THR B 109 6.74 -4.12 -10.54
N MET B 110 6.88 -3.16 -11.45
CA MET B 110 7.42 -3.45 -12.78
C MET B 110 8.95 -3.21 -12.75
N LEU B 111 9.46 -2.72 -11.61
CA LEU B 111 10.88 -2.38 -11.45
C LEU B 111 11.72 -3.62 -11.19
N GLU B 112 11.80 -4.46 -12.16
CA GLU B 112 12.61 -5.62 -12.06
C GLU B 112 13.78 -5.44 -12.98
N HIS B 113 14.79 -6.26 -12.82
CA HIS B 113 16.00 -6.13 -13.62
C HIS B 113 15.71 -6.58 -15.06
N HIS B 114 14.75 -7.50 -15.20
CA HIS B 114 14.28 -7.99 -16.49
C HIS B 114 13.49 -6.92 -17.26
N HIS B 115 12.87 -6.01 -16.54
CA HIS B 115 12.05 -4.97 -17.16
C HIS B 115 12.69 -3.61 -16.95
N HIS B 116 13.56 -3.26 -17.85
CA HIS B 116 14.26 -1.99 -17.81
C HIS B 116 14.17 -1.35 -19.21
N HIS B 117 14.40 -2.18 -20.21
CA HIS B 117 14.33 -1.80 -21.62
C HIS B 117 12.86 -1.77 -22.03
N HIS B 118 12.45 -0.73 -22.70
CA HIS B 118 11.09 -0.64 -23.20
C HIS B 118 11.04 -0.37 -24.70
N SER A 1 17.50 16.77 0.48
CA SER A 1 18.63 16.13 -0.15
C SER A 1 18.23 14.78 -0.72
N MET A 2 18.19 13.72 0.10
CA MET A 2 17.68 12.45 -0.38
C MET A 2 16.20 12.49 -0.16
N ASN A 3 15.51 12.99 -1.14
CA ASN A 3 14.12 13.22 -1.00
C ASN A 3 13.29 12.07 -1.38
N ARG A 4 12.41 11.77 -0.52
CA ARG A 4 11.52 10.70 -0.69
C ARG A 4 10.18 11.30 -0.95
N LEU A 5 9.64 10.93 -2.04
CA LEU A 5 8.37 11.45 -2.50
C LEU A 5 7.28 10.50 -2.18
N GLY A 6 6.11 10.99 -1.99
CA GLY A 6 5.03 10.15 -1.71
C GLY A 6 3.71 10.81 -1.84
N ILE A 7 2.69 10.15 -1.35
CA ILE A 7 1.30 10.58 -1.46
C ILE A 7 0.66 10.50 -0.09
N ILE A 8 0.02 11.55 0.33
CA ILE A 8 -0.60 11.62 1.64
C ILE A 8 -1.90 10.84 1.65
N TYR A 9 -1.97 9.86 2.51
CA TYR A 9 -3.14 9.04 2.60
C TYR A 9 -4.04 9.42 3.76
N GLU A 10 -3.48 9.85 4.88
CA GLU A 10 -4.32 10.27 6.00
C GLU A 10 -3.48 11.05 7.01
N ILE A 11 -4.03 12.11 7.54
CA ILE A 11 -3.33 12.93 8.51
C ILE A 11 -3.72 12.45 9.90
N GLN A 12 -2.73 12.24 10.75
CA GLN A 12 -2.96 11.80 12.09
C GLN A 12 -2.41 12.86 13.05
N GLY A 13 -3.17 13.93 13.25
CA GLY A 13 -2.75 14.99 14.15
C GLY A 13 -1.56 15.81 13.63
N MET A 14 -0.39 15.60 14.24
CA MET A 14 0.82 16.34 13.89
C MET A 14 1.71 15.51 12.96
N LYS A 15 1.23 14.38 12.54
CA LYS A 15 1.98 13.49 11.70
C LYS A 15 1.08 13.01 10.57
N ALA A 16 1.64 12.45 9.55
CA ALA A 16 0.86 12.01 8.41
C ALA A 16 1.30 10.65 7.95
N VAL A 17 0.35 9.87 7.50
CA VAL A 17 0.60 8.57 6.93
C VAL A 17 0.64 8.76 5.42
N VAL A 18 1.78 8.52 4.85
CA VAL A 18 1.98 8.73 3.45
C VAL A 18 2.53 7.48 2.78
N LEU A 19 2.35 7.41 1.49
CA LEU A 19 3.01 6.41 0.65
C LEU A 19 4.34 6.96 0.29
N THR A 20 5.29 6.13 0.05
CA THR A 20 6.55 6.57 -0.43
C THR A 20 6.71 6.15 -1.89
N SER A 21 7.83 6.51 -2.47
CA SER A 21 8.22 6.14 -3.79
C SER A 21 8.67 4.65 -3.82
N GLU A 22 8.84 4.11 -2.62
CA GLU A 22 9.21 2.73 -2.40
C GLU A 22 7.94 1.90 -2.11
N GLY A 23 6.76 2.55 -2.13
CA GLY A 23 5.49 1.85 -1.94
C GLY A 23 5.21 1.45 -0.49
N GLU A 24 5.75 2.23 0.43
CA GLU A 24 5.61 1.98 1.85
C GLU A 24 4.58 2.94 2.42
N PHE A 25 3.90 2.55 3.46
CA PHE A 25 3.09 3.48 4.21
C PHE A 25 3.90 3.91 5.41
N LEU A 26 4.31 5.13 5.46
CA LEU A 26 5.14 5.60 6.53
C LEU A 26 4.60 6.86 7.12
N ILE A 27 4.90 7.07 8.38
CA ILE A 27 4.46 8.23 9.07
C ILE A 27 5.58 9.27 9.04
N ILE A 28 5.24 10.47 8.67
CA ILE A 28 6.19 11.57 8.63
C ILE A 28 5.64 12.76 9.42
N ARG A 29 6.45 13.81 9.63
CA ARG A 29 5.93 15.02 10.32
C ARG A 29 5.01 15.77 9.40
N ARG A 30 3.96 16.34 9.96
CA ARG A 30 3.02 17.11 9.18
C ARG A 30 3.65 18.41 8.71
N ARG A 31 3.45 18.70 7.47
CA ARG A 31 3.95 19.88 6.82
C ARG A 31 2.82 20.80 6.42
N LYS A 32 3.22 21.97 5.98
CA LYS A 32 2.33 23.05 5.53
C LYS A 32 1.47 22.60 4.33
N ASP A 33 2.07 21.85 3.44
CA ASP A 33 1.46 21.42 2.18
C ASP A 33 0.72 20.09 2.31
N MET A 34 0.42 19.70 3.53
CA MET A 34 -0.25 18.44 3.74
C MET A 34 -1.74 18.51 3.71
N LYS A 35 -2.27 17.75 2.80
CA LYS A 35 -3.67 17.63 2.56
C LYS A 35 -3.84 16.21 2.06
N VAL A 36 -4.79 15.47 2.61
CA VAL A 36 -5.03 14.07 2.24
C VAL A 36 -5.34 13.95 0.75
N GLY A 37 -4.51 13.22 0.05
CA GLY A 37 -4.67 13.02 -1.36
C GLY A 37 -3.56 13.67 -2.15
N GLN A 38 -2.96 14.71 -1.61
CA GLN A 38 -1.91 15.43 -2.30
C GLN A 38 -0.57 14.72 -2.15
N GLN A 39 0.34 15.00 -3.05
CA GLN A 39 1.66 14.43 -2.99
C GLN A 39 2.55 15.31 -2.15
N VAL A 40 3.58 14.73 -1.62
CA VAL A 40 4.51 15.43 -0.79
C VAL A 40 5.94 14.94 -1.08
N SER A 41 6.88 15.84 -1.14
CA SER A 41 8.27 15.51 -1.30
C SER A 41 8.99 15.89 -0.01
N PHE A 42 9.45 14.91 0.70
CA PHE A 42 9.96 15.12 2.05
C PHE A 42 11.36 14.56 2.19
N GLU A 43 11.93 14.74 3.35
CA GLU A 43 13.26 14.30 3.66
C GLU A 43 13.20 12.95 4.34
N ASN A 44 14.35 12.35 4.56
CA ASN A 44 14.41 11.05 5.21
C ASN A 44 14.19 11.22 6.72
N GLU A 45 14.57 12.41 7.23
CA GLU A 45 14.40 12.77 8.63
C GLU A 45 12.93 12.89 9.01
N ASP A 46 12.09 13.18 8.02
CA ASP A 46 10.66 13.35 8.25
C ASP A 46 9.99 12.08 8.69
N ILE A 47 10.54 10.97 8.27
CA ILE A 47 10.01 9.65 8.56
C ILE A 47 10.20 9.27 10.04
N TYR A 48 9.15 8.75 10.62
CA TYR A 48 9.12 8.24 11.98
C TYR A 48 9.65 6.82 11.98
N ASN A 49 10.05 6.36 13.13
CA ASN A 49 10.60 4.99 13.27
C ASN A 49 9.47 4.00 13.53
N VAL A 50 8.24 4.56 13.58
CA VAL A 50 6.98 3.87 13.88
C VAL A 50 7.07 2.89 15.06
N ARG A 51 7.19 3.47 16.19
CA ARG A 51 7.35 2.76 17.42
C ARG A 51 6.30 3.25 18.38
N GLY A 52 6.26 2.68 19.56
CA GLY A 52 5.36 3.13 20.59
C GLY A 52 6.09 4.09 21.50
N LYS A 53 6.66 5.09 20.90
CA LYS A 53 7.46 6.08 21.56
C LYS A 53 7.33 7.35 20.75
N MET B 1 -1.33 21.48 -12.92
CA MET B 1 -1.71 20.97 -11.61
C MET B 1 -2.32 19.60 -11.79
N GLU B 2 -1.56 18.58 -11.52
CA GLU B 2 -1.96 17.23 -11.78
C GLU B 2 -1.32 16.29 -10.79
N ASP B 3 -1.73 15.03 -10.85
CA ASP B 3 -1.27 13.97 -9.97
C ASP B 3 -1.68 14.22 -8.53
N ILE B 4 -2.96 14.12 -8.29
CA ILE B 4 -3.50 14.32 -6.96
C ILE B 4 -4.60 13.29 -6.79
N GLU B 5 -4.74 12.80 -5.61
CA GLU B 5 -5.77 11.85 -5.27
C GLU B 5 -6.84 12.61 -4.52
N ALA B 6 -8.05 12.15 -4.56
CA ALA B 6 -9.13 12.81 -3.86
C ALA B 6 -9.30 12.20 -2.48
N ARG B 7 -9.40 13.05 -1.44
CA ARG B 7 -9.58 12.59 -0.04
C ARG B 7 -10.83 11.77 0.11
N GLU B 8 -11.89 12.21 -0.54
CA GLU B 8 -13.16 11.52 -0.54
C GLU B 8 -13.04 10.08 -1.05
N ASP B 9 -12.19 9.88 -2.04
CA ASP B 9 -11.92 8.56 -2.61
C ASP B 9 -10.93 7.78 -1.74
N ILE B 10 -9.98 8.50 -1.11
CA ILE B 10 -9.01 7.88 -0.16
C ILE B 10 -9.81 7.26 0.99
N GLU B 11 -10.76 8.02 1.50
CA GLU B 11 -11.54 7.59 2.60
C GLU B 11 -12.55 6.51 2.24
N GLU B 12 -12.89 6.37 0.96
CA GLU B 12 -13.71 5.24 0.53
C GLU B 12 -12.91 3.97 0.58
N LEU B 13 -11.65 4.08 0.23
CA LEU B 13 -10.70 2.99 0.34
C LEU B 13 -10.55 2.62 1.83
N LYS B 14 -10.36 3.66 2.65
CA LYS B 14 -10.20 3.53 4.10
C LYS B 14 -11.40 2.85 4.76
N LYS B 15 -12.62 3.21 4.36
CA LYS B 15 -13.82 2.60 4.95
C LYS B 15 -13.98 1.14 4.57
N LYS B 16 -13.47 0.78 3.40
CA LYS B 16 -13.40 -0.63 3.03
C LYS B 16 -12.43 -1.35 3.93
N LEU B 17 -11.26 -0.73 4.16
CA LEU B 17 -10.26 -1.25 5.10
C LEU B 17 -10.85 -1.40 6.51
N GLN B 18 -11.77 -0.50 6.87
CA GLN B 18 -12.45 -0.55 8.17
C GLN B 18 -13.29 -1.82 8.29
N GLU B 19 -13.90 -2.24 7.18
CA GLU B 19 -14.72 -3.47 7.12
C GLU B 19 -13.82 -4.70 7.36
N PHE B 20 -12.61 -4.64 6.84
CA PHE B 20 -11.61 -5.71 7.03
C PHE B 20 -10.97 -5.64 8.44
N GLY B 21 -11.03 -4.45 9.04
CA GLY B 21 -10.45 -4.20 10.36
C GLY B 21 -9.03 -3.69 10.27
N ILE B 22 -8.79 -2.82 9.31
CA ILE B 22 -7.47 -2.29 9.01
C ILE B 22 -7.53 -0.76 8.91
N THR B 23 -6.58 -0.07 9.51
CA THR B 23 -6.42 1.36 9.31
C THR B 23 -5.15 1.58 8.52
N PHE B 24 -4.87 2.82 8.16
CA PHE B 24 -3.62 3.14 7.52
C PHE B 24 -2.45 3.03 8.51
N LEU B 25 -2.76 3.15 9.82
CA LEU B 25 -1.76 2.99 10.89
C LEU B 25 -1.35 1.52 10.98
N ASP B 26 -2.33 0.64 10.80
CA ASP B 26 -2.12 -0.81 10.79
C ASP B 26 -1.18 -1.21 9.66
N LEU B 27 -1.25 -0.47 8.57
CA LEU B 27 -0.44 -0.72 7.41
C LEU B 27 1.00 -0.37 7.67
N VAL B 28 1.23 0.74 8.38
CA VAL B 28 2.59 1.21 8.70
C VAL B 28 3.32 0.16 9.56
N LEU B 29 2.55 -0.50 10.42
CA LEU B 29 3.05 -1.56 11.30
C LEU B 29 3.40 -2.84 10.52
N ASN B 30 2.97 -2.93 9.27
CA ASN B 30 3.21 -4.12 8.43
C ASN B 30 3.99 -3.78 7.18
N VAL B 31 4.65 -2.63 7.22
CA VAL B 31 5.45 -2.16 6.09
C VAL B 31 6.76 -2.97 5.93
N PRO B 32 6.99 -3.49 4.71
CA PRO B 32 8.22 -4.17 4.36
C PRO B 32 9.41 -3.19 4.40
N LYS B 33 10.47 -3.63 4.99
CA LYS B 33 11.63 -2.80 5.28
C LYS B 33 12.48 -2.51 4.07
N HIS B 34 12.66 -3.49 3.24
CA HIS B 34 13.52 -3.35 2.09
C HIS B 34 12.80 -3.66 0.80
N ARG B 35 13.36 -3.18 -0.29
CA ARG B 35 12.80 -3.21 -1.67
C ARG B 35 12.22 -4.57 -2.07
N ASP B 36 12.93 -5.66 -1.79
CA ASP B 36 12.49 -7.00 -2.20
C ASP B 36 11.19 -7.37 -1.58
N SER B 37 11.12 -7.16 -0.29
CA SER B 37 9.97 -7.46 0.51
C SER B 37 8.77 -6.57 0.09
N ARG B 38 9.07 -5.33 -0.29
CA ARG B 38 8.06 -4.36 -0.72
C ARG B 38 7.44 -4.81 -2.03
N GLN B 39 8.31 -5.05 -3.03
CA GLN B 39 7.90 -5.48 -4.36
C GLN B 39 7.09 -6.76 -4.29
N LEU B 40 7.53 -7.66 -3.43
CA LEU B 40 6.87 -8.93 -3.19
C LEU B 40 5.42 -8.72 -2.67
N CYS B 41 5.26 -8.00 -1.58
CA CYS B 41 3.93 -7.79 -0.97
C CYS B 41 2.97 -7.05 -1.89
N ILE B 42 3.49 -6.04 -2.58
CA ILE B 42 2.68 -5.23 -3.49
C ILE B 42 2.28 -6.05 -4.74
N ARG B 43 3.17 -6.93 -5.22
CA ARG B 43 2.87 -7.72 -6.42
C ARG B 43 1.85 -8.82 -6.11
N LEU B 44 1.83 -9.28 -4.85
CA LEU B 44 0.86 -10.29 -4.42
C LEU B 44 -0.51 -9.67 -4.46
N ALA B 45 -0.56 -8.46 -3.94
CA ALA B 45 -1.76 -7.66 -3.90
C ALA B 45 -2.21 -7.30 -5.30
N LYS B 46 -1.24 -7.05 -6.17
CA LYS B 46 -1.47 -6.70 -7.55
C LYS B 46 -2.18 -7.83 -8.26
N MET B 47 -1.61 -9.02 -8.18
CA MET B 47 -2.16 -10.19 -8.87
C MET B 47 -3.45 -10.69 -8.20
N LEU B 48 -3.61 -10.36 -6.92
CA LEU B 48 -4.83 -10.66 -6.18
C LEU B 48 -5.96 -9.78 -6.70
N ALA B 49 -5.60 -8.55 -7.03
CA ALA B 49 -6.53 -7.59 -7.59
C ALA B 49 -6.80 -7.90 -9.05
N GLU B 50 -5.78 -8.39 -9.77
CA GLU B 50 -5.89 -8.71 -11.21
C GLU B 50 -6.90 -9.83 -11.45
N ASP B 51 -7.01 -10.73 -10.51
CA ASP B 51 -7.93 -11.85 -10.65
C ASP B 51 -9.23 -11.49 -9.97
N GLU B 52 -10.27 -11.34 -10.78
CA GLU B 52 -11.61 -10.95 -10.31
C GLU B 52 -12.18 -11.89 -9.28
N GLN B 53 -11.91 -13.16 -9.45
CA GLN B 53 -12.49 -14.17 -8.63
C GLN B 53 -11.83 -14.24 -7.27
N MET B 54 -10.51 -14.01 -7.24
CA MET B 54 -9.80 -13.97 -5.97
C MET B 54 -10.08 -12.68 -5.25
N TYR B 55 -10.23 -11.59 -6.01
CA TYR B 55 -10.58 -10.27 -5.44
C TYR B 55 -11.97 -10.30 -4.80
N ASN B 56 -12.89 -10.99 -5.45
CA ASN B 56 -14.23 -11.13 -4.91
C ASN B 56 -14.27 -12.07 -3.72
N ALA B 57 -13.36 -13.03 -3.68
CA ALA B 57 -13.24 -13.93 -2.52
C ALA B 57 -12.68 -13.14 -1.34
N LEU B 58 -11.74 -12.27 -1.65
CA LEU B 58 -11.13 -11.33 -0.71
C LEU B 58 -12.23 -10.47 -0.05
N MET B 59 -13.13 -9.92 -0.88
CA MET B 59 -14.26 -9.12 -0.39
C MET B 59 -15.26 -9.94 0.42
N LYS B 60 -15.65 -11.10 -0.09
CA LYS B 60 -16.63 -11.95 0.56
C LYS B 60 -16.15 -12.52 1.89
N ASN B 61 -14.87 -12.88 1.96
CA ASN B 61 -14.33 -13.49 3.16
C ASN B 61 -13.83 -12.47 4.14
N LYS B 62 -13.54 -11.25 3.62
CA LYS B 62 -12.91 -10.14 4.40
C LYS B 62 -11.51 -10.53 4.84
N ASN B 63 -10.95 -11.42 4.06
CA ASN B 63 -9.66 -12.02 4.25
C ASN B 63 -9.19 -12.40 2.88
N ILE B 64 -7.90 -12.58 2.75
CA ILE B 64 -7.31 -13.01 1.50
C ILE B 64 -7.70 -14.47 1.27
N PRO B 65 -8.02 -14.89 0.02
CA PRO B 65 -8.22 -16.29 -0.26
C PRO B 65 -6.83 -16.98 -0.20
N ARG B 66 -6.57 -17.57 0.94
CA ARG B 66 -5.26 -18.03 1.34
C ARG B 66 -4.69 -19.13 0.48
N ASN B 67 -5.53 -20.01 0.01
CA ASN B 67 -5.05 -21.08 -0.86
C ASN B 67 -4.91 -20.62 -2.29
N GLU B 68 -5.73 -19.66 -2.66
CA GLU B 68 -5.68 -19.05 -3.99
C GLU B 68 -4.43 -18.28 -4.21
N LEU B 69 -4.15 -17.37 -3.31
CA LEU B 69 -2.93 -16.56 -3.40
C LEU B 69 -1.69 -17.46 -3.27
N LYS B 70 -1.82 -18.53 -2.52
CA LYS B 70 -0.76 -19.51 -2.33
C LYS B 70 -0.46 -20.25 -3.66
N LYS B 71 -1.49 -20.59 -4.43
CA LYS B 71 -1.30 -21.29 -5.71
C LYS B 71 -0.99 -20.30 -6.86
N LYS B 72 -1.68 -19.17 -6.88
CA LYS B 72 -1.56 -18.20 -7.96
C LYS B 72 -0.25 -17.40 -7.85
N ALA B 73 0.13 -17.02 -6.64
CA ALA B 73 1.36 -16.26 -6.45
C ALA B 73 2.54 -17.14 -6.10
N LYS B 74 2.27 -18.42 -5.79
CA LYS B 74 3.29 -19.42 -5.40
C LYS B 74 4.03 -18.99 -4.13
N VAL B 75 3.32 -18.41 -3.19
CA VAL B 75 3.91 -17.90 -1.97
C VAL B 75 3.54 -18.76 -0.79
N HIS B 76 4.10 -18.44 0.34
CA HIS B 76 3.95 -19.23 1.53
C HIS B 76 2.77 -18.76 2.34
N GLY B 77 2.22 -19.68 3.12
CA GLY B 77 1.06 -19.40 3.93
C GLY B 77 1.33 -18.38 5.02
N ARG B 78 2.56 -18.37 5.54
CA ARG B 78 2.90 -17.41 6.59
C ARG B 78 2.96 -15.99 6.04
N THR B 79 3.28 -15.84 4.76
CA THR B 79 3.35 -14.54 4.15
C THR B 79 1.93 -13.96 4.04
N ILE B 80 1.01 -14.84 3.69
CA ILE B 80 -0.39 -14.52 3.55
C ILE B 80 -1.02 -14.20 4.93
N GLY B 81 -0.54 -14.88 5.96
CA GLY B 81 -1.04 -14.67 7.31
C GLY B 81 -0.40 -13.50 8.06
N ASN B 82 0.89 -13.28 7.88
CA ASN B 82 1.62 -12.22 8.63
C ASN B 82 1.57 -10.88 7.95
N ASN B 83 1.40 -10.87 6.66
CA ASN B 83 1.44 -9.62 5.87
C ASN B 83 0.06 -9.33 5.29
N ARG B 84 -0.93 -10.02 5.85
CA ARG B 84 -2.31 -10.06 5.36
C ARG B 84 -2.95 -8.70 5.13
N LYS B 85 -2.92 -7.84 6.14
CA LYS B 85 -3.65 -6.57 6.07
C LYS B 85 -3.00 -5.59 5.12
N TYR B 86 -1.71 -5.76 4.87
CA TYR B 86 -0.98 -4.89 4.02
C TYR B 86 -1.29 -5.25 2.58
N ILE B 87 -1.27 -6.56 2.29
CA ILE B 87 -1.60 -7.10 0.95
C ILE B 87 -3.03 -6.70 0.56
N ILE B 88 -3.96 -6.76 1.51
CA ILE B 88 -5.34 -6.37 1.29
C ILE B 88 -5.45 -4.90 0.85
N ALA B 89 -4.69 -4.04 1.52
CA ALA B 89 -4.72 -2.61 1.26
C ALA B 89 -4.30 -2.28 -0.17
N LEU B 90 -3.16 -2.84 -0.65
CA LEU B 90 -2.70 -2.53 -2.01
C LEU B 90 -3.67 -3.08 -3.05
N CYS B 91 -4.20 -4.28 -2.78
CA CYS B 91 -5.15 -4.97 -3.67
C CYS B 91 -6.36 -4.08 -3.96
N LEU B 92 -6.90 -3.49 -2.91
CA LEU B 92 -8.01 -2.59 -3.01
C LEU B 92 -7.65 -1.34 -3.80
N ILE B 93 -6.42 -0.85 -3.63
CA ILE B 93 -5.94 0.35 -4.35
C ILE B 93 -5.98 0.12 -5.88
N PHE B 94 -5.62 -1.09 -6.33
CA PHE B 94 -5.61 -1.42 -7.76
C PHE B 94 -7.02 -1.45 -8.35
N ARG B 95 -8.00 -1.72 -7.52
CA ARG B 95 -9.39 -1.70 -7.99
C ARG B 95 -10.14 -0.42 -7.62
N SER B 96 -9.47 0.47 -6.94
CA SER B 96 -10.07 1.73 -6.51
C SER B 96 -9.67 2.88 -7.44
N ASN B 97 -10.31 4.05 -7.22
CA ASN B 97 -10.09 5.28 -8.05
C ASN B 97 -8.80 5.99 -7.71
N LEU B 98 -8.00 5.39 -6.88
CA LEU B 98 -6.76 5.97 -6.50
C LEU B 98 -5.71 5.53 -7.49
N ASN B 99 -5.68 6.25 -8.58
CA ASN B 99 -4.88 5.93 -9.73
C ASN B 99 -3.44 6.42 -9.63
N LEU B 100 -3.20 7.38 -8.77
CA LEU B 100 -1.86 7.91 -8.61
C LEU B 100 -1.06 6.99 -7.70
N SER B 101 -1.68 6.56 -6.63
CA SER B 101 -1.06 5.63 -5.72
C SER B 101 -0.97 4.25 -6.36
N LYS B 102 -1.94 3.95 -7.23
CA LYS B 102 -1.93 2.74 -8.04
C LYS B 102 -0.70 2.73 -8.93
N ARG B 103 -0.40 3.90 -9.53
CA ARG B 103 0.73 4.08 -10.42
C ARG B 103 2.05 3.83 -9.68
N TYR B 104 2.11 4.33 -8.46
CA TYR B 104 3.26 4.15 -7.57
C TYR B 104 3.51 2.68 -7.26
N LEU B 105 2.46 1.95 -7.09
CA LEU B 105 2.56 0.54 -6.74
C LEU B 105 2.89 -0.31 -7.97
N GLU B 106 2.26 0.00 -9.11
CA GLU B 106 2.51 -0.73 -10.34
C GLU B 106 3.90 -0.51 -10.88
N TYR B 107 4.41 0.73 -10.78
CA TYR B 107 5.73 1.03 -11.33
C TYR B 107 6.81 0.35 -10.48
N TYR B 108 6.55 0.24 -9.19
CA TYR B 108 7.52 -0.32 -8.28
C TYR B 108 7.63 -1.85 -8.44
N THR B 109 6.54 -2.48 -8.82
CA THR B 109 6.53 -3.92 -8.99
C THR B 109 6.94 -4.34 -10.41
N MET B 110 6.94 -3.38 -11.33
CA MET B 110 7.30 -3.64 -12.72
C MET B 110 8.77 -3.43 -12.94
N LEU B 111 9.49 -3.05 -11.88
CA LEU B 111 10.92 -2.74 -11.91
C LEU B 111 11.84 -3.96 -12.19
N GLU B 112 11.24 -5.07 -12.60
CA GLU B 112 11.97 -6.22 -13.09
C GLU B 112 11.84 -6.27 -14.64
N HIS B 113 11.40 -5.11 -15.19
CA HIS B 113 11.27 -4.82 -16.65
C HIS B 113 10.01 -5.48 -17.27
N HIS B 114 8.99 -5.69 -16.47
CA HIS B 114 7.74 -6.29 -16.97
C HIS B 114 6.55 -5.93 -16.08
N HIS B 115 5.41 -5.61 -16.69
CA HIS B 115 4.21 -5.21 -15.94
C HIS B 115 2.97 -5.86 -16.50
N HIS B 116 2.14 -6.37 -15.64
CA HIS B 116 0.90 -6.98 -16.06
C HIS B 116 -0.14 -5.88 -16.23
N HIS B 117 -0.29 -5.43 -17.44
CA HIS B 117 -1.21 -4.37 -17.80
C HIS B 117 -2.34 -4.92 -18.65
N HIS B 118 -3.55 -4.53 -18.38
CA HIS B 118 -4.63 -4.92 -19.24
C HIS B 118 -5.23 -3.65 -19.82
N SER A 1 18.57 16.08 3.20
CA SER A 1 18.97 16.13 1.82
C SER A 1 18.76 14.76 1.13
N MET A 2 17.81 14.00 1.62
CA MET A 2 17.48 12.72 1.05
C MET A 2 15.98 12.71 0.96
N ASN A 3 15.50 13.18 -0.16
CA ASN A 3 14.09 13.32 -0.34
C ASN A 3 13.46 12.12 -0.96
N ARG A 4 12.38 11.74 -0.36
CA ARG A 4 11.54 10.67 -0.80
C ARG A 4 10.19 11.28 -1.07
N LEU A 5 9.57 10.84 -2.10
CA LEU A 5 8.28 11.39 -2.45
C LEU A 5 7.21 10.43 -2.05
N GLY A 6 5.99 10.88 -2.10
CA GLY A 6 4.90 10.04 -1.79
C GLY A 6 3.58 10.72 -1.87
N ILE A 7 2.57 10.10 -1.30
CA ILE A 7 1.18 10.58 -1.36
C ILE A 7 0.60 10.56 0.05
N ILE A 8 -0.06 11.62 0.43
CA ILE A 8 -0.62 11.78 1.76
C ILE A 8 -1.95 11.07 1.89
N TYR A 9 -2.04 10.16 2.83
CA TYR A 9 -3.24 9.40 3.06
C TYR A 9 -4.04 9.85 4.27
N GLU A 10 -3.37 10.31 5.32
CA GLU A 10 -4.10 10.73 6.50
C GLU A 10 -3.26 11.65 7.35
N ILE A 11 -3.88 12.70 7.85
CA ILE A 11 -3.23 13.63 8.75
C ILE A 11 -3.67 13.31 10.16
N GLN A 12 -2.73 13.03 11.02
CA GLN A 12 -3.04 12.65 12.37
C GLN A 12 -2.29 13.56 13.33
N GLY A 13 -2.83 14.73 13.60
CA GLY A 13 -2.22 15.63 14.56
C GLY A 13 -0.96 16.29 14.05
N MET A 14 0.19 15.79 14.51
CA MET A 14 1.50 16.33 14.15
C MET A 14 2.23 15.38 13.19
N LYS A 15 1.55 14.35 12.76
CA LYS A 15 2.15 13.36 11.90
C LYS A 15 1.21 13.05 10.75
N ALA A 16 1.71 12.38 9.76
CA ALA A 16 0.92 12.05 8.60
C ALA A 16 1.29 10.68 8.11
N VAL A 17 0.31 9.95 7.65
CA VAL A 17 0.54 8.65 7.08
C VAL A 17 0.62 8.86 5.58
N VAL A 18 1.75 8.56 5.02
CA VAL A 18 1.97 8.77 3.62
C VAL A 18 2.47 7.50 2.95
N LEU A 19 2.33 7.46 1.66
CA LEU A 19 2.95 6.46 0.83
C LEU A 19 4.29 6.98 0.45
N THR A 20 5.22 6.13 0.22
CA THR A 20 6.47 6.56 -0.28
C THR A 20 6.55 6.23 -1.77
N SER A 21 7.65 6.58 -2.37
CA SER A 21 7.93 6.28 -3.75
C SER A 21 8.29 4.80 -3.94
N GLU A 22 8.39 4.09 -2.83
CA GLU A 22 8.64 2.68 -2.85
C GLU A 22 7.42 1.90 -2.33
N GLY A 23 6.28 2.60 -2.26
CA GLY A 23 4.99 1.98 -1.95
C GLY A 23 4.78 1.63 -0.48
N GLU A 24 5.55 2.22 0.39
CA GLU A 24 5.46 1.95 1.82
C GLU A 24 4.49 2.92 2.45
N PHE A 25 3.75 2.47 3.44
CA PHE A 25 2.94 3.38 4.22
C PHE A 25 3.76 3.75 5.43
N LEU A 26 4.15 4.98 5.54
CA LEU A 26 4.99 5.41 6.63
C LEU A 26 4.48 6.66 7.26
N ILE A 27 4.74 6.79 8.53
CA ILE A 27 4.34 7.95 9.28
C ILE A 27 5.48 8.94 9.26
N ILE A 28 5.22 10.12 8.80
CA ILE A 28 6.21 11.16 8.77
C ILE A 28 5.72 12.37 9.52
N ARG A 29 6.55 13.37 9.61
CA ARG A 29 6.24 14.64 10.22
C ARG A 29 5.22 15.37 9.36
N ARG A 30 4.22 15.97 9.99
CA ARG A 30 3.25 16.76 9.27
C ARG A 30 3.90 18.05 8.79
N ARG A 31 3.68 18.38 7.55
CA ARG A 31 4.22 19.56 6.96
C ARG A 31 3.13 20.55 6.66
N LYS A 32 3.53 21.80 6.54
CA LYS A 32 2.65 22.93 6.20
C LYS A 32 1.85 22.67 4.91
N ASP A 33 2.53 22.13 3.93
CA ASP A 33 2.01 21.92 2.57
C ASP A 33 1.21 20.62 2.41
N MET A 34 0.75 20.06 3.51
CA MET A 34 0.04 18.80 3.46
C MET A 34 -1.46 18.93 3.36
N LYS A 35 -2.00 18.05 2.56
CA LYS A 35 -3.42 17.84 2.42
C LYS A 35 -3.59 16.42 1.93
N VAL A 36 -4.54 15.70 2.48
CA VAL A 36 -4.80 14.33 2.11
C VAL A 36 -5.16 14.21 0.62
N GLY A 37 -4.40 13.40 -0.08
CA GLY A 37 -4.59 13.20 -1.49
C GLY A 37 -3.48 13.80 -2.31
N GLN A 38 -2.75 14.74 -1.74
CA GLN A 38 -1.70 15.42 -2.47
C GLN A 38 -0.39 14.68 -2.35
N GLN A 39 0.53 15.00 -3.25
CA GLN A 39 1.83 14.40 -3.26
C GLN A 39 2.77 15.24 -2.45
N VAL A 40 3.61 14.60 -1.71
CA VAL A 40 4.52 15.26 -0.82
C VAL A 40 5.95 14.81 -1.11
N SER A 41 6.87 15.73 -1.03
CA SER A 41 8.26 15.42 -1.14
C SER A 41 8.88 15.75 0.22
N PHE A 42 9.31 14.74 0.90
CA PHE A 42 9.76 14.85 2.27
C PHE A 42 11.14 14.27 2.43
N GLU A 43 11.67 14.38 3.60
CA GLU A 43 12.95 13.83 3.92
C GLU A 43 12.80 12.46 4.50
N ASN A 44 13.87 11.74 4.50
CA ASN A 44 13.90 10.41 5.11
C ASN A 44 13.99 10.58 6.63
N GLU A 45 14.46 11.77 7.01
CA GLU A 45 14.58 12.21 8.39
C GLU A 45 13.18 12.43 9.00
N ASP A 46 12.19 12.67 8.12
CA ASP A 46 10.82 12.94 8.55
C ASP A 46 10.10 11.67 8.98
N ILE A 47 10.63 10.54 8.56
CA ILE A 47 10.04 9.23 8.85
C ILE A 47 10.21 8.86 10.34
N TYR A 48 9.11 8.46 10.96
CA TYR A 48 9.03 8.06 12.37
C TYR A 48 9.54 6.63 12.59
N ASN A 49 9.06 5.71 11.74
CA ASN A 49 9.35 4.24 11.80
C ASN A 49 8.64 3.53 12.95
N VAL A 50 7.99 2.43 12.63
CA VAL A 50 7.21 1.62 13.59
C VAL A 50 8.03 0.47 14.15
N ARG A 51 9.33 0.67 14.15
CA ARG A 51 10.32 -0.29 14.62
C ARG A 51 10.16 -0.57 16.13
N GLY A 52 9.53 0.36 16.83
CA GLY A 52 9.27 0.20 18.23
C GLY A 52 10.18 1.07 19.01
N LYS A 53 11.41 0.71 19.00
CA LYS A 53 12.44 1.50 19.56
C LYS A 53 13.55 1.55 18.53
N MET B 1 -1.87 20.59 -10.53
CA MET B 1 -3.08 20.33 -11.31
C MET B 1 -3.27 18.82 -11.50
N GLU B 2 -2.35 18.21 -12.19
CA GLU B 2 -2.41 16.82 -12.54
C GLU B 2 -1.81 15.95 -11.48
N ASP B 3 -2.28 14.73 -11.46
CA ASP B 3 -1.86 13.67 -10.54
C ASP B 3 -2.01 14.06 -9.09
N ILE B 4 -3.23 14.05 -8.65
CA ILE B 4 -3.58 14.30 -7.27
C ILE B 4 -4.71 13.36 -6.98
N GLU B 5 -4.80 12.89 -5.79
CA GLU B 5 -5.86 12.03 -5.37
C GLU B 5 -6.84 12.89 -4.61
N ALA B 6 -8.08 12.53 -4.59
CA ALA B 6 -9.05 13.26 -3.85
C ALA B 6 -9.20 12.67 -2.47
N ARG B 7 -9.28 13.52 -1.45
CA ARG B 7 -9.42 13.07 -0.05
C ARG B 7 -10.67 12.22 0.13
N GLU B 8 -11.75 12.59 -0.56
CA GLU B 8 -13.00 11.82 -0.57
C GLU B 8 -12.78 10.37 -1.02
N ASP B 9 -11.84 10.18 -1.94
CA ASP B 9 -11.52 8.86 -2.48
C ASP B 9 -10.59 8.12 -1.55
N ILE B 10 -9.65 8.85 -0.95
CA ILE B 10 -8.69 8.29 0.02
C ILE B 10 -9.45 7.72 1.22
N GLU B 11 -10.39 8.50 1.73
CA GLU B 11 -11.15 8.10 2.86
C GLU B 11 -12.17 7.04 2.52
N GLU B 12 -12.62 6.98 1.27
CA GLU B 12 -13.51 5.92 0.81
C GLU B 12 -12.76 4.59 0.85
N LEU B 13 -11.49 4.65 0.50
CA LEU B 13 -10.58 3.51 0.62
C LEU B 13 -10.44 3.11 2.07
N LYS B 14 -10.33 4.10 2.96
CA LYS B 14 -10.27 3.89 4.40
C LYS B 14 -11.53 3.17 4.87
N LYS B 15 -12.69 3.55 4.32
CA LYS B 15 -13.99 2.94 4.61
C LYS B 15 -13.98 1.46 4.24
N LYS B 16 -13.38 1.17 3.09
CA LYS B 16 -13.26 -0.18 2.59
C LYS B 16 -12.34 -0.98 3.51
N LEU B 17 -11.27 -0.34 3.97
CA LEU B 17 -10.37 -0.93 4.96
C LEU B 17 -11.10 -1.20 6.27
N GLN B 18 -12.09 -0.38 6.61
CA GLN B 18 -12.89 -0.55 7.83
C GLN B 18 -13.78 -1.79 7.73
N GLU B 19 -14.13 -2.16 6.50
CA GLU B 19 -14.91 -3.37 6.22
C GLU B 19 -14.05 -4.60 6.52
N PHE B 20 -12.76 -4.45 6.30
CA PHE B 20 -11.78 -5.50 6.56
C PHE B 20 -11.18 -5.38 7.98
N GLY B 21 -11.49 -4.29 8.66
CA GLY B 21 -11.02 -4.02 10.02
C GLY B 21 -9.56 -3.61 10.04
N ILE B 22 -9.19 -2.78 9.10
CA ILE B 22 -7.81 -2.34 8.92
C ILE B 22 -7.77 -0.81 8.86
N THR B 23 -6.74 -0.22 9.43
CA THR B 23 -6.53 1.20 9.33
C THR B 23 -5.27 1.45 8.53
N PHE B 24 -4.92 2.71 8.31
CA PHE B 24 -3.70 3.03 7.60
C PHE B 24 -2.48 2.76 8.48
N LEU B 25 -2.69 2.83 9.81
CA LEU B 25 -1.62 2.57 10.77
C LEU B 25 -1.28 1.09 10.86
N ASP B 26 -2.29 0.25 10.56
CA ASP B 26 -2.12 -1.21 10.48
C ASP B 26 -1.16 -1.56 9.37
N LEU B 27 -1.27 -0.79 8.30
CA LEU B 27 -0.49 -0.99 7.10
C LEU B 27 0.95 -0.66 7.32
N VAL B 28 1.19 0.40 8.11
CA VAL B 28 2.54 0.85 8.44
C VAL B 28 3.31 -0.25 9.20
N LEU B 29 2.59 -0.94 10.07
CA LEU B 29 3.12 -2.05 10.85
C LEU B 29 3.49 -3.23 9.95
N ASN B 30 2.81 -3.36 8.84
CA ASN B 30 3.02 -4.48 7.91
C ASN B 30 4.02 -4.12 6.81
N VAL B 31 4.60 -2.92 6.88
CA VAL B 31 5.51 -2.42 5.85
C VAL B 31 6.82 -3.22 5.74
N PRO B 32 7.05 -3.82 4.54
CA PRO B 32 8.27 -4.56 4.21
C PRO B 32 9.50 -3.64 4.25
N LYS B 33 10.61 -4.20 4.70
CA LYS B 33 11.83 -3.42 4.91
C LYS B 33 12.55 -3.05 3.62
N HIS B 34 12.79 -4.02 2.76
CA HIS B 34 13.57 -3.77 1.55
C HIS B 34 12.79 -4.05 0.29
N ARG B 35 13.40 -3.71 -0.87
CA ARG B 35 12.73 -3.79 -2.20
C ARG B 35 12.11 -5.11 -2.51
N ASP B 36 12.85 -6.19 -2.30
CA ASP B 36 12.35 -7.55 -2.59
C ASP B 36 11.05 -7.79 -1.87
N SER B 37 11.08 -7.53 -0.59
CA SER B 37 9.98 -7.71 0.31
C SER B 37 8.76 -6.84 -0.12
N ARG B 38 9.03 -5.57 -0.47
CA ARG B 38 7.98 -4.62 -0.87
C ARG B 38 7.33 -5.04 -2.16
N GLN B 39 8.16 -5.21 -3.19
CA GLN B 39 7.70 -5.55 -4.54
C GLN B 39 6.90 -6.82 -4.52
N LEU B 40 7.39 -7.81 -3.78
CA LEU B 40 6.73 -9.10 -3.63
C LEU B 40 5.31 -8.95 -3.03
N CYS B 41 5.20 -8.24 -1.90
CA CYS B 41 3.91 -8.09 -1.21
C CYS B 41 2.90 -7.25 -2.04
N ILE B 42 3.39 -6.21 -2.71
CA ILE B 42 2.54 -5.38 -3.56
C ILE B 42 2.13 -6.18 -4.82
N ARG B 43 3.02 -7.06 -5.26
CA ARG B 43 2.80 -7.95 -6.41
C ARG B 43 1.70 -8.98 -6.09
N LEU B 44 1.69 -9.45 -4.85
CA LEU B 44 0.68 -10.39 -4.38
C LEU B 44 -0.67 -9.72 -4.42
N ALA B 45 -0.68 -8.48 -3.98
CA ALA B 45 -1.85 -7.65 -3.97
C ALA B 45 -2.30 -7.31 -5.39
N LYS B 46 -1.33 -7.11 -6.27
CA LYS B 46 -1.58 -6.80 -7.67
C LYS B 46 -2.28 -7.96 -8.33
N MET B 47 -1.73 -9.16 -8.20
CA MET B 47 -2.34 -10.33 -8.83
C MET B 47 -3.66 -10.71 -8.14
N LEU B 48 -3.79 -10.35 -6.85
CA LEU B 48 -5.02 -10.56 -6.09
C LEU B 48 -6.12 -9.66 -6.63
N ALA B 49 -5.75 -8.45 -7.00
CA ALA B 49 -6.68 -7.48 -7.52
C ALA B 49 -7.04 -7.77 -8.96
N GLU B 50 -6.06 -8.18 -9.75
CA GLU B 50 -6.27 -8.44 -11.19
C GLU B 50 -7.04 -9.73 -11.44
N ASP B 51 -6.89 -10.70 -10.54
CA ASP B 51 -7.55 -11.99 -10.68
C ASP B 51 -8.95 -11.84 -10.11
N GLU B 52 -9.95 -11.89 -10.97
CA GLU B 52 -11.34 -11.71 -10.56
C GLU B 52 -11.82 -12.75 -9.58
N GLN B 53 -11.25 -13.93 -9.65
CA GLN B 53 -11.66 -15.02 -8.80
C GLN B 53 -11.17 -14.79 -7.39
N MET B 54 -9.93 -14.36 -7.26
CA MET B 54 -9.36 -14.11 -5.97
C MET B 54 -9.82 -12.79 -5.37
N TYR B 55 -9.98 -11.77 -6.22
CA TYR B 55 -10.47 -10.45 -5.78
C TYR B 55 -11.87 -10.55 -5.21
N ASN B 56 -12.71 -11.34 -5.86
CA ASN B 56 -14.07 -11.53 -5.38
C ASN B 56 -14.08 -12.34 -4.09
N ALA B 57 -13.16 -13.31 -3.97
CA ALA B 57 -13.05 -14.14 -2.75
C ALA B 57 -12.55 -13.29 -1.59
N LEU B 58 -11.67 -12.35 -1.91
CA LEU B 58 -11.14 -11.36 -0.98
C LEU B 58 -12.29 -10.53 -0.37
N MET B 59 -13.19 -10.07 -1.22
CA MET B 59 -14.34 -9.27 -0.79
C MET B 59 -15.37 -10.10 -0.01
N LYS B 60 -15.60 -11.35 -0.46
CA LYS B 60 -16.55 -12.25 0.19
C LYS B 60 -16.13 -12.61 1.61
N ASN B 61 -14.90 -13.05 1.75
CA ASN B 61 -14.42 -13.57 3.03
C ASN B 61 -13.94 -12.47 3.97
N LYS B 62 -13.63 -11.29 3.41
CA LYS B 62 -13.05 -10.15 4.16
C LYS B 62 -11.64 -10.46 4.63
N ASN B 63 -11.02 -11.37 3.92
CA ASN B 63 -9.67 -11.81 4.12
C ASN B 63 -9.20 -12.27 2.79
N ILE B 64 -7.91 -12.38 2.64
CA ILE B 64 -7.28 -12.88 1.43
C ILE B 64 -7.62 -14.37 1.29
N PRO B 65 -7.91 -14.87 0.07
CA PRO B 65 -8.05 -16.30 -0.14
C PRO B 65 -6.65 -16.93 -0.03
N ARG B 66 -6.31 -17.37 1.18
CA ARG B 66 -4.96 -17.78 1.57
C ARG B 66 -4.41 -18.92 0.77
N ASN B 67 -5.14 -20.01 0.71
CA ASN B 67 -4.69 -21.21 0.00
C ASN B 67 -4.66 -21.00 -1.49
N GLU B 68 -5.48 -20.08 -1.93
CA GLU B 68 -5.62 -19.71 -3.31
C GLU B 68 -4.41 -18.87 -3.75
N LEU B 69 -4.09 -17.84 -2.98
CA LEU B 69 -2.95 -16.97 -3.25
C LEU B 69 -1.65 -17.76 -3.09
N LYS B 70 -1.65 -18.69 -2.15
CA LYS B 70 -0.51 -19.56 -1.88
C LYS B 70 -0.15 -20.40 -3.12
N LYS B 71 -1.14 -20.94 -3.81
CA LYS B 71 -0.88 -21.77 -4.96
C LYS B 71 -0.61 -20.94 -6.24
N LYS B 72 -1.27 -19.79 -6.37
CA LYS B 72 -1.09 -18.94 -7.55
C LYS B 72 0.17 -18.10 -7.47
N ALA B 73 0.34 -17.37 -6.38
CA ALA B 73 1.51 -16.50 -6.20
C ALA B 73 2.74 -17.32 -5.87
N LYS B 74 2.50 -18.54 -5.34
CA LYS B 74 3.53 -19.53 -5.00
C LYS B 74 4.41 -19.03 -3.86
N VAL B 75 3.75 -18.43 -2.87
CA VAL B 75 4.39 -17.86 -1.70
C VAL B 75 4.09 -18.70 -0.48
N HIS B 76 4.62 -18.31 0.64
CA HIS B 76 4.43 -19.04 1.88
C HIS B 76 3.26 -18.49 2.65
N GLY B 77 2.67 -19.35 3.47
CA GLY B 77 1.53 -18.99 4.29
C GLY B 77 1.87 -17.95 5.35
N ARG B 78 3.15 -17.88 5.72
CA ARG B 78 3.61 -16.89 6.69
C ARG B 78 3.49 -15.46 6.14
N THR B 79 3.80 -15.28 4.86
CA THR B 79 3.71 -13.98 4.19
C THR B 79 2.23 -13.56 4.12
N ILE B 80 1.39 -14.52 3.77
CA ILE B 80 -0.04 -14.30 3.64
C ILE B 80 -0.67 -13.96 5.01
N GLY B 81 -0.15 -14.54 6.07
CA GLY B 81 -0.67 -14.30 7.39
C GLY B 81 -0.13 -13.05 8.08
N ASN B 82 1.11 -12.70 7.83
CA ASN B 82 1.71 -11.54 8.50
C ASN B 82 1.50 -10.25 7.76
N ASN B 83 1.56 -10.31 6.46
CA ASN B 83 1.50 -9.11 5.64
C ASN B 83 0.12 -8.93 5.04
N ARG B 84 -0.85 -9.64 5.62
CA ARG B 84 -2.21 -9.71 5.09
C ARG B 84 -2.90 -8.35 4.96
N LYS B 85 -2.75 -7.49 5.97
CA LYS B 85 -3.41 -6.20 5.98
C LYS B 85 -2.86 -5.29 4.89
N TYR B 86 -1.56 -5.39 4.71
CA TYR B 86 -0.83 -4.62 3.71
C TYR B 86 -1.27 -5.06 2.32
N ILE B 87 -1.26 -6.38 2.08
CA ILE B 87 -1.65 -6.97 0.79
C ILE B 87 -3.11 -6.60 0.44
N ILE B 88 -4.01 -6.64 1.44
CA ILE B 88 -5.41 -6.24 1.23
C ILE B 88 -5.49 -4.78 0.78
N ALA B 89 -4.74 -3.90 1.44
CA ALA B 89 -4.73 -2.48 1.14
C ALA B 89 -4.36 -2.19 -0.30
N LEU B 90 -3.25 -2.78 -0.80
CA LEU B 90 -2.84 -2.48 -2.18
C LEU B 90 -3.83 -3.06 -3.17
N CYS B 91 -4.34 -4.26 -2.87
CA CYS B 91 -5.33 -4.95 -3.73
C CYS B 91 -6.55 -4.05 -3.96
N LEU B 92 -7.02 -3.49 -2.86
CA LEU B 92 -8.11 -2.54 -2.88
C LEU B 92 -7.76 -1.35 -3.73
N ILE B 93 -6.58 -0.76 -3.53
CA ILE B 93 -6.08 0.40 -4.29
C ILE B 93 -6.08 0.13 -5.82
N PHE B 94 -5.66 -1.09 -6.23
CA PHE B 94 -5.57 -1.45 -7.66
C PHE B 94 -6.93 -1.46 -8.34
N ARG B 95 -7.96 -1.67 -7.58
CA ARG B 95 -9.32 -1.63 -8.12
C ARG B 95 -10.14 -0.43 -7.63
N SER B 96 -9.53 0.45 -6.90
CA SER B 96 -10.24 1.58 -6.32
C SER B 96 -9.91 2.91 -6.99
N ASN B 97 -10.69 3.91 -6.60
CA ASN B 97 -10.70 5.32 -7.07
C ASN B 97 -9.35 6.10 -6.92
N LEU B 98 -8.30 5.40 -6.60
CA LEU B 98 -7.03 6.02 -6.34
C LEU B 98 -6.12 5.68 -7.46
N ASN B 99 -6.03 6.56 -8.43
CA ASN B 99 -5.31 6.31 -9.65
C ASN B 99 -3.83 6.55 -9.50
N LEU B 100 -3.48 7.54 -8.72
CA LEU B 100 -2.10 7.93 -8.56
C LEU B 100 -1.36 6.97 -7.62
N SER B 101 -2.03 6.56 -6.56
CA SER B 101 -1.49 5.62 -5.61
C SER B 101 -1.29 4.27 -6.29
N LYS B 102 -2.27 3.92 -7.10
CA LYS B 102 -2.28 2.70 -7.86
C LYS B 102 -1.12 2.73 -8.87
N ARG B 103 -0.87 3.90 -9.46
CA ARG B 103 0.27 4.09 -10.38
C ARG B 103 1.60 3.88 -9.67
N TYR B 104 1.73 4.45 -8.47
CA TYR B 104 2.94 4.28 -7.64
C TYR B 104 3.23 2.82 -7.37
N LEU B 105 2.20 2.09 -7.05
CA LEU B 105 2.31 0.68 -6.76
C LEU B 105 2.58 -0.12 -8.03
N GLU B 106 1.92 0.25 -9.14
CA GLU B 106 2.13 -0.43 -10.42
C GLU B 106 3.52 -0.23 -10.94
N TYR B 107 4.05 0.99 -10.84
CA TYR B 107 5.33 1.25 -11.40
C TYR B 107 6.43 0.56 -10.59
N TYR B 108 6.23 0.47 -9.28
CA TYR B 108 7.20 -0.13 -8.40
C TYR B 108 7.24 -1.66 -8.59
N THR B 109 6.11 -2.25 -8.94
CA THR B 109 6.06 -3.66 -9.18
C THR B 109 6.47 -4.00 -10.61
N MET B 110 6.27 -3.06 -11.56
CA MET B 110 6.68 -3.29 -12.97
C MET B 110 8.20 -3.20 -13.12
N LEU B 111 8.87 -2.72 -12.07
CA LEU B 111 10.33 -2.72 -12.02
C LEU B 111 10.85 -4.17 -11.97
N GLU B 112 9.97 -5.07 -11.55
CA GLU B 112 10.22 -6.49 -11.54
C GLU B 112 9.41 -7.11 -12.70
N HIS B 113 8.16 -6.62 -12.83
CA HIS B 113 7.09 -7.11 -13.73
C HIS B 113 6.61 -8.46 -13.21
N HIS B 114 7.40 -9.45 -13.53
CA HIS B 114 7.21 -10.84 -13.25
C HIS B 114 8.29 -11.46 -14.10
N HIS B 115 9.51 -11.49 -13.56
CA HIS B 115 10.76 -11.84 -14.29
C HIS B 115 10.72 -13.12 -15.16
N HIS B 116 9.98 -14.14 -14.74
CA HIS B 116 9.90 -15.40 -15.51
C HIS B 116 9.06 -15.20 -16.78
N HIS B 117 8.23 -14.20 -16.76
CA HIS B 117 7.42 -13.82 -17.89
C HIS B 117 8.29 -12.93 -18.75
N HIS B 118 8.48 -13.31 -19.97
CA HIS B 118 9.27 -12.54 -20.86
C HIS B 118 8.35 -11.75 -21.76
N SER A 1 17.38 18.01 2.54
CA SER A 1 17.55 17.93 1.11
C SER A 1 17.48 16.48 0.60
N MET A 2 17.37 15.50 1.50
CA MET A 2 17.31 14.10 1.10
C MET A 2 15.85 13.70 1.07
N ASN A 3 15.22 14.04 -0.03
CA ASN A 3 13.80 13.90 -0.14
C ASN A 3 13.34 12.61 -0.72
N ARG A 4 12.30 12.11 -0.13
CA ARG A 4 11.58 10.97 -0.56
C ARG A 4 10.21 11.47 -0.91
N LEU A 5 9.66 10.99 -1.97
CA LEU A 5 8.36 11.44 -2.42
C LEU A 5 7.32 10.42 -2.05
N GLY A 6 6.10 10.87 -1.95
CA GLY A 6 5.04 9.98 -1.63
C GLY A 6 3.69 10.63 -1.74
N ILE A 7 2.68 9.95 -1.23
CA ILE A 7 1.28 10.38 -1.33
C ILE A 7 0.66 10.37 0.08
N ILE A 8 -0.03 11.42 0.43
CA ILE A 8 -0.62 11.58 1.75
C ILE A 8 -1.94 10.84 1.84
N TYR A 9 -2.02 9.91 2.77
CA TYR A 9 -3.21 9.12 2.97
C TYR A 9 -4.05 9.54 4.16
N GLU A 10 -3.44 10.02 5.22
CA GLU A 10 -4.21 10.43 6.39
C GLU A 10 -3.41 11.33 7.29
N ILE A 11 -4.05 12.37 7.78
CA ILE A 11 -3.44 13.32 8.70
C ILE A 11 -3.88 12.91 10.10
N GLN A 12 -2.94 12.62 10.95
CA GLN A 12 -3.24 12.18 12.29
C GLN A 12 -2.55 13.12 13.30
N GLY A 13 -3.20 14.21 13.65
CA GLY A 13 -2.61 15.15 14.59
C GLY A 13 -1.49 15.94 13.95
N MET A 14 -0.28 15.75 14.43
CA MET A 14 0.90 16.43 13.90
C MET A 14 1.71 15.47 13.01
N LYS A 15 1.12 14.35 12.68
CA LYS A 15 1.79 13.36 11.87
C LYS A 15 0.91 12.97 10.70
N ALA A 16 1.46 12.31 9.74
CA ALA A 16 0.73 11.89 8.57
C ALA A 16 1.18 10.53 8.12
N VAL A 17 0.26 9.74 7.66
CA VAL A 17 0.56 8.45 7.08
C VAL A 17 0.64 8.64 5.59
N VAL A 18 1.78 8.36 5.03
CA VAL A 18 2.02 8.57 3.63
C VAL A 18 2.54 7.30 2.97
N LEU A 19 2.40 7.26 1.68
CA LEU A 19 3.05 6.28 0.84
C LEU A 19 4.38 6.82 0.48
N THR A 20 5.31 5.97 0.25
CA THR A 20 6.58 6.39 -0.23
C THR A 20 6.66 6.05 -1.70
N SER A 21 7.75 6.42 -2.34
CA SER A 21 8.00 6.10 -3.72
C SER A 21 8.34 4.59 -3.86
N GLU A 22 8.58 3.97 -2.72
CA GLU A 22 8.91 2.58 -2.61
C GLU A 22 7.70 1.76 -2.10
N GLY A 23 6.52 2.39 -2.11
CA GLY A 23 5.27 1.70 -1.78
C GLY A 23 5.10 1.36 -0.30
N GLU A 24 5.78 2.07 0.56
CA GLU A 24 5.67 1.83 1.98
C GLU A 24 4.70 2.82 2.58
N PHE A 25 3.88 2.36 3.49
CA PHE A 25 3.06 3.25 4.28
C PHE A 25 3.90 3.60 5.49
N LEU A 26 4.29 4.83 5.61
CA LEU A 26 5.12 5.25 6.71
C LEU A 26 4.57 6.51 7.33
N ILE A 27 4.79 6.67 8.62
CA ILE A 27 4.30 7.84 9.33
C ILE A 27 5.41 8.87 9.34
N ILE A 28 5.07 10.08 8.99
CA ILE A 28 6.01 11.19 8.97
C ILE A 28 5.41 12.37 9.71
N ARG A 29 6.16 13.44 9.82
CA ARG A 29 5.70 14.66 10.45
C ARG A 29 4.82 15.42 9.47
N ARG A 30 3.75 16.01 9.98
CA ARG A 30 2.82 16.77 9.16
C ARG A 30 3.45 18.09 8.74
N ARG A 31 3.29 18.42 7.48
CA ARG A 31 3.77 19.65 6.91
C ARG A 31 2.60 20.57 6.56
N LYS A 32 2.95 21.80 6.26
CA LYS A 32 2.04 22.88 5.85
C LYS A 32 1.26 22.49 4.60
N ASP A 33 1.98 21.99 3.64
CA ASP A 33 1.48 21.65 2.31
C ASP A 33 0.79 20.28 2.25
N MET A 34 0.41 19.77 3.39
CA MET A 34 -0.24 18.49 3.46
C MET A 34 -1.75 18.58 3.41
N LYS A 35 -2.30 17.71 2.61
CA LYS A 35 -3.71 17.48 2.46
C LYS A 35 -3.84 16.05 1.98
N VAL A 36 -4.82 15.33 2.48
CA VAL A 36 -5.04 13.94 2.11
C VAL A 36 -5.34 13.82 0.60
N GLY A 37 -4.53 13.03 -0.08
CA GLY A 37 -4.66 12.82 -1.50
C GLY A 37 -3.53 13.47 -2.29
N GLN A 38 -2.88 14.42 -1.69
CA GLN A 38 -1.81 15.14 -2.37
C GLN A 38 -0.48 14.44 -2.25
N GLN A 39 0.45 14.82 -3.11
CA GLN A 39 1.78 14.27 -3.07
C GLN A 39 2.63 15.12 -2.17
N VAL A 40 3.64 14.54 -1.61
CA VAL A 40 4.50 15.25 -0.70
C VAL A 40 5.96 14.85 -0.92
N SER A 41 6.83 15.82 -0.82
CA SER A 41 8.24 15.60 -0.84
C SER A 41 8.75 15.87 0.58
N PHE A 42 9.20 14.85 1.21
CA PHE A 42 9.60 14.92 2.60
C PHE A 42 10.98 14.41 2.77
N GLU A 43 11.53 14.63 3.91
CA GLU A 43 12.86 14.20 4.22
C GLU A 43 12.79 12.78 4.74
N ASN A 44 13.89 12.08 4.66
CA ASN A 44 13.99 10.70 5.17
C ASN A 44 13.91 10.75 6.71
N GLU A 45 14.30 11.90 7.24
CA GLU A 45 14.32 12.21 8.65
C GLU A 45 12.92 12.57 9.17
N ASP A 46 11.95 12.76 8.28
CA ASP A 46 10.57 13.05 8.68
C ASP A 46 9.88 11.81 9.15
N ILE A 47 10.41 10.68 8.73
CA ILE A 47 9.82 9.39 9.00
C ILE A 47 10.04 8.98 10.47
N TYR A 48 8.94 8.60 11.09
CA TYR A 48 8.89 8.13 12.48
C TYR A 48 9.37 6.70 12.56
N ASN A 49 9.15 6.00 11.47
CA ASN A 49 9.53 4.58 11.24
C ASN A 49 8.57 3.60 11.88
N VAL A 50 8.23 3.86 13.18
CA VAL A 50 7.40 3.06 14.13
C VAL A 50 7.99 1.68 14.41
N ARG A 51 8.17 0.93 13.33
CA ARG A 51 8.84 -0.36 13.28
C ARG A 51 8.27 -1.41 14.28
N GLY A 52 9.12 -2.36 14.54
CA GLY A 52 8.93 -3.48 15.42
C GLY A 52 10.25 -4.17 15.34
N LYS A 53 10.67 -4.27 14.09
CA LYS A 53 11.99 -4.60 13.61
C LYS A 53 11.85 -4.71 12.10
N MET B 1 -4.24 20.75 -12.64
CA MET B 1 -3.04 20.10 -12.10
C MET B 1 -3.31 18.62 -11.91
N GLU B 2 -2.58 17.78 -12.62
CA GLU B 2 -2.78 16.36 -12.55
C GLU B 2 -1.88 15.72 -11.50
N ASP B 3 -2.20 14.48 -11.19
CA ASP B 3 -1.49 13.62 -10.27
C ASP B 3 -1.73 13.97 -8.85
N ILE B 4 -2.96 14.18 -8.54
CA ILE B 4 -3.38 14.36 -7.20
C ILE B 4 -4.54 13.42 -7.03
N GLU B 5 -4.65 12.87 -5.90
CA GLU B 5 -5.68 11.94 -5.59
C GLU B 5 -6.72 12.68 -4.82
N ALA B 6 -7.94 12.30 -4.94
CA ALA B 6 -8.99 12.98 -4.23
C ALA B 6 -9.12 12.41 -2.87
N ARG B 7 -9.29 13.28 -1.87
CA ARG B 7 -9.46 12.85 -0.49
C ARG B 7 -10.70 11.97 -0.37
N GLU B 8 -11.72 12.35 -1.11
CA GLU B 8 -13.00 11.62 -1.21
C GLU B 8 -12.75 10.15 -1.58
N ASP B 9 -11.79 9.93 -2.47
CA ASP B 9 -11.44 8.62 -2.96
C ASP B 9 -10.47 7.90 -2.01
N ILE B 10 -9.64 8.66 -1.29
CA ILE B 10 -8.75 8.08 -0.26
C ILE B 10 -9.62 7.49 0.85
N GLU B 11 -10.66 8.23 1.19
CA GLU B 11 -11.56 7.84 2.24
C GLU B 11 -12.52 6.73 1.77
N GLU B 12 -12.65 6.58 0.46
CA GLU B 12 -13.43 5.49 -0.14
C GLU B 12 -12.63 4.19 0.11
N LEU B 13 -11.33 4.30 -0.01
CA LEU B 13 -10.43 3.22 0.30
C LEU B 13 -10.47 2.92 1.81
N LYS B 14 -10.37 3.99 2.59
CA LYS B 14 -10.36 3.98 4.06
C LYS B 14 -11.60 3.26 4.62
N LYS B 15 -12.80 3.61 4.10
CA LYS B 15 -14.08 2.99 4.56
C LYS B 15 -14.11 1.48 4.28
N LYS B 16 -13.52 1.07 3.16
CA LYS B 16 -13.39 -0.35 2.84
C LYS B 16 -12.47 -1.03 3.85
N LEU B 17 -11.33 -0.39 4.14
CA LEU B 17 -10.37 -0.90 5.15
C LEU B 17 -11.00 -1.05 6.52
N GLN B 18 -11.95 -0.17 6.84
CA GLN B 18 -12.65 -0.21 8.13
C GLN B 18 -13.47 -1.49 8.26
N GLU B 19 -14.01 -1.96 7.13
CA GLU B 19 -14.79 -3.20 7.08
C GLU B 19 -13.90 -4.41 7.35
N PHE B 20 -12.66 -4.33 6.88
CA PHE B 20 -11.69 -5.42 7.07
C PHE B 20 -11.03 -5.33 8.45
N GLY B 21 -11.17 -4.17 9.08
CA GLY B 21 -10.57 -3.93 10.38
C GLY B 21 -9.14 -3.51 10.22
N ILE B 22 -8.93 -2.60 9.30
CA ILE B 22 -7.63 -2.12 8.95
C ILE B 22 -7.61 -0.60 8.96
N THR B 23 -6.61 -0.05 9.57
CA THR B 23 -6.38 1.37 9.51
C THR B 23 -5.13 1.59 8.68
N PHE B 24 -4.84 2.83 8.38
CA PHE B 24 -3.61 3.18 7.68
C PHE B 24 -2.40 2.99 8.61
N LEU B 25 -2.67 3.01 9.92
CA LEU B 25 -1.66 2.81 10.95
C LEU B 25 -1.25 1.32 10.93
N ASP B 26 -2.27 0.44 10.79
CA ASP B 26 -2.08 -1.03 10.67
C ASP B 26 -1.19 -1.36 9.51
N LEU B 27 -1.35 -0.60 8.44
CA LEU B 27 -0.61 -0.79 7.22
C LEU B 27 0.85 -0.57 7.42
N VAL B 28 1.20 0.46 8.19
CA VAL B 28 2.61 0.79 8.48
C VAL B 28 3.29 -0.37 9.24
N LEU B 29 2.53 -0.99 10.14
CA LEU B 29 2.99 -2.13 10.93
C LEU B 29 3.18 -3.39 10.06
N ASN B 30 2.56 -3.39 8.90
CA ASN B 30 2.60 -4.52 7.98
C ASN B 30 3.51 -4.23 6.78
N VAL B 31 4.28 -3.14 6.84
CA VAL B 31 5.16 -2.77 5.74
C VAL B 31 6.47 -3.61 5.72
N PRO B 32 6.78 -4.26 4.56
CA PRO B 32 8.04 -4.99 4.34
C PRO B 32 9.26 -4.08 4.46
N LYS B 33 10.37 -4.67 4.87
CA LYS B 33 11.57 -3.93 5.23
C LYS B 33 12.37 -3.56 4.01
N HIS B 34 12.63 -4.55 3.19
CA HIS B 34 13.49 -4.36 2.05
C HIS B 34 12.75 -4.50 0.75
N ARG B 35 13.33 -3.91 -0.29
CA ARG B 35 12.73 -3.76 -1.63
C ARG B 35 12.13 -5.05 -2.20
N ASP B 36 12.88 -6.15 -2.08
CA ASP B 36 12.45 -7.48 -2.61
C ASP B 36 11.11 -7.88 -2.06
N SER B 37 11.00 -7.78 -0.75
CA SER B 37 9.81 -8.15 -0.03
C SER B 37 8.64 -7.21 -0.33
N ARG B 38 8.94 -5.90 -0.49
CA ARG B 38 7.91 -4.89 -0.79
C ARG B 38 7.27 -5.22 -2.10
N GLN B 39 8.12 -5.37 -3.12
CA GLN B 39 7.70 -5.65 -4.48
C GLN B 39 6.94 -6.94 -4.57
N LEU B 40 7.39 -7.94 -3.83
CA LEU B 40 6.77 -9.24 -3.78
C LEU B 40 5.34 -9.12 -3.21
N CYS B 41 5.19 -8.45 -2.08
CA CYS B 41 3.89 -8.33 -1.39
C CYS B 41 2.90 -7.45 -2.14
N ILE B 42 3.37 -6.38 -2.78
CA ILE B 42 2.51 -5.53 -3.60
C ILE B 42 2.08 -6.30 -4.85
N ARG B 43 2.97 -7.15 -5.35
CA ARG B 43 2.71 -8.00 -6.50
C ARG B 43 1.66 -9.07 -6.15
N LEU B 44 1.66 -9.52 -4.90
CA LEU B 44 0.66 -10.48 -4.41
C LEU B 44 -0.69 -9.82 -4.43
N ALA B 45 -0.73 -8.59 -3.95
CA ALA B 45 -1.92 -7.76 -3.91
C ALA B 45 -2.39 -7.42 -5.31
N LYS B 46 -1.43 -7.29 -6.22
CA LYS B 46 -1.68 -6.97 -7.61
C LYS B 46 -2.42 -8.12 -8.27
N MET B 47 -1.92 -9.35 -8.12
CA MET B 47 -2.57 -10.51 -8.75
C MET B 47 -3.89 -10.86 -8.03
N LEU B 48 -3.99 -10.47 -6.76
CA LEU B 48 -5.20 -10.63 -5.95
C LEU B 48 -6.28 -9.68 -6.47
N ALA B 49 -5.87 -8.50 -6.91
CA ALA B 49 -6.78 -7.51 -7.44
C ALA B 49 -7.13 -7.81 -8.88
N GLU B 50 -6.14 -8.23 -9.67
CA GLU B 50 -6.34 -8.51 -11.11
C GLU B 50 -7.30 -9.65 -11.34
N ASP B 51 -7.33 -10.59 -10.45
CA ASP B 51 -8.19 -11.73 -10.59
C ASP B 51 -9.51 -11.45 -9.93
N GLU B 52 -10.59 -11.45 -10.71
CA GLU B 52 -11.94 -11.20 -10.19
C GLU B 52 -12.34 -12.21 -9.13
N GLN B 53 -12.03 -13.47 -9.36
CA GLN B 53 -12.42 -14.55 -8.46
C GLN B 53 -11.74 -14.41 -7.11
N MET B 54 -10.47 -14.02 -7.13
CA MET B 54 -9.71 -13.80 -5.92
C MET B 54 -10.18 -12.57 -5.18
N TYR B 55 -10.46 -11.50 -5.92
CA TYR B 55 -10.91 -10.24 -5.34
C TYR B 55 -12.30 -10.38 -4.70
N ASN B 56 -13.16 -11.16 -5.35
CA ASN B 56 -14.49 -11.48 -4.81
C ASN B 56 -14.40 -12.29 -3.51
N ALA B 57 -13.41 -13.20 -3.45
CA ALA B 57 -13.17 -14.01 -2.24
C ALA B 57 -12.67 -13.12 -1.12
N LEU B 58 -11.81 -12.19 -1.48
CA LEU B 58 -11.24 -11.19 -0.60
C LEU B 58 -12.36 -10.32 0.04
N MET B 59 -13.25 -9.81 -0.79
CA MET B 59 -14.37 -8.97 -0.32
C MET B 59 -15.40 -9.71 0.54
N LYS B 60 -15.83 -10.89 0.11
CA LYS B 60 -16.84 -11.63 0.83
C LYS B 60 -16.35 -12.19 2.15
N ASN B 61 -15.14 -12.68 2.19
CA ASN B 61 -14.63 -13.30 3.40
C ASN B 61 -13.94 -12.30 4.31
N LYS B 62 -13.64 -11.11 3.75
CA LYS B 62 -12.94 -10.01 4.47
C LYS B 62 -11.52 -10.43 4.86
N ASN B 63 -11.02 -11.38 4.15
CA ASN B 63 -9.75 -11.99 4.38
C ASN B 63 -9.18 -12.37 3.05
N ILE B 64 -7.88 -12.55 3.00
CA ILE B 64 -7.20 -12.93 1.79
C ILE B 64 -7.45 -14.43 1.56
N PRO B 65 -7.87 -14.84 0.34
CA PRO B 65 -7.95 -16.25 -0.01
C PRO B 65 -6.51 -16.83 -0.06
N ARG B 66 -6.05 -17.34 1.07
CA ARG B 66 -4.66 -17.74 1.27
C ARG B 66 -4.18 -18.81 0.34
N ASN B 67 -4.92 -19.90 0.25
CA ASN B 67 -4.47 -21.04 -0.60
C ASN B 67 -4.48 -20.66 -2.06
N GLU B 68 -5.41 -19.78 -2.43
CA GLU B 68 -5.57 -19.30 -3.79
C GLU B 68 -4.33 -18.48 -4.18
N LEU B 69 -3.98 -17.53 -3.32
CA LEU B 69 -2.84 -16.67 -3.54
C LEU B 69 -1.54 -17.47 -3.47
N LYS B 70 -1.50 -18.41 -2.56
CA LYS B 70 -0.34 -19.26 -2.31
C LYS B 70 -0.04 -20.15 -3.54
N LYS B 71 -1.07 -20.66 -4.20
CA LYS B 71 -0.86 -21.52 -5.37
C LYS B 71 -0.59 -20.69 -6.65
N LYS B 72 -1.19 -19.51 -6.76
CA LYS B 72 -0.97 -18.66 -7.94
C LYS B 72 0.35 -17.88 -7.87
N ALA B 73 0.70 -17.37 -6.70
CA ALA B 73 1.89 -16.56 -6.53
C ALA B 73 3.13 -17.43 -6.27
N LYS B 74 2.90 -18.61 -5.66
CA LYS B 74 3.97 -19.55 -5.23
C LYS B 74 4.78 -18.98 -4.07
N VAL B 75 4.07 -18.51 -3.07
CA VAL B 75 4.66 -17.90 -1.90
C VAL B 75 4.34 -18.72 -0.66
N HIS B 76 4.80 -18.24 0.47
CA HIS B 76 4.61 -18.93 1.73
C HIS B 76 3.37 -18.43 2.44
N GLY B 77 2.82 -19.27 3.29
CA GLY B 77 1.66 -18.90 4.08
C GLY B 77 1.99 -17.82 5.09
N ARG B 78 3.25 -17.82 5.55
CA ARG B 78 3.78 -16.77 6.43
C ARG B 78 3.73 -15.44 5.77
N THR B 79 4.12 -15.39 4.50
CA THR B 79 4.20 -14.14 3.76
C THR B 79 2.80 -13.47 3.68
N ILE B 80 1.81 -14.31 3.47
CA ILE B 80 0.43 -13.89 3.36
C ILE B 80 -0.11 -13.43 4.74
N GLY B 81 0.20 -14.18 5.80
CA GLY B 81 -0.31 -13.86 7.13
C GLY B 81 0.47 -12.78 7.88
N ASN B 82 1.72 -12.59 7.53
CA ASN B 82 2.57 -11.58 8.20
C ASN B 82 2.26 -10.18 7.70
N ASN B 83 2.00 -10.07 6.41
CA ASN B 83 1.76 -8.77 5.79
C ASN B 83 0.32 -8.70 5.31
N ARG B 84 -0.53 -9.46 6.00
CA ARG B 84 -1.97 -9.62 5.67
C ARG B 84 -2.73 -8.31 5.40
N LYS B 85 -2.63 -7.34 6.30
CA LYS B 85 -3.38 -6.09 6.12
C LYS B 85 -2.80 -5.23 5.00
N TYR B 86 -1.52 -5.37 4.77
CA TYR B 86 -0.82 -4.62 3.74
C TYR B 86 -1.25 -5.11 2.37
N ILE B 87 -1.24 -6.43 2.19
CA ILE B 87 -1.64 -7.07 0.92
C ILE B 87 -3.11 -6.70 0.55
N ILE B 88 -3.97 -6.62 1.56
CA ILE B 88 -5.36 -6.23 1.34
C ILE B 88 -5.44 -4.77 0.84
N ALA B 89 -4.65 -3.89 1.45
CA ALA B 89 -4.65 -2.47 1.13
C ALA B 89 -4.31 -2.19 -0.33
N LEU B 90 -3.19 -2.76 -0.82
CA LEU B 90 -2.76 -2.47 -2.21
C LEU B 90 -3.77 -3.02 -3.21
N CYS B 91 -4.34 -4.18 -2.88
CA CYS B 91 -5.33 -4.86 -3.72
C CYS B 91 -6.54 -3.94 -3.97
N LEU B 92 -6.99 -3.30 -2.90
CA LEU B 92 -8.09 -2.37 -2.97
C LEU B 92 -7.72 -1.12 -3.79
N ILE B 93 -6.47 -0.67 -3.69
CA ILE B 93 -5.96 0.50 -4.43
C ILE B 93 -6.00 0.25 -5.96
N PHE B 94 -5.74 -0.98 -6.38
CA PHE B 94 -5.76 -1.33 -7.80
C PHE B 94 -7.18 -1.32 -8.34
N ARG B 95 -8.14 -1.62 -7.51
CA ARG B 95 -9.53 -1.61 -7.94
C ARG B 95 -10.25 -0.29 -7.69
N SER B 96 -9.77 0.46 -6.73
CA SER B 96 -10.39 1.72 -6.37
C SER B 96 -9.83 2.85 -7.24
N ASN B 97 -10.45 4.01 -7.13
CA ASN B 97 -10.23 5.17 -8.00
C ASN B 97 -8.95 5.96 -7.66
N LEU B 98 -8.02 5.31 -7.01
CA LEU B 98 -6.74 5.89 -6.72
C LEU B 98 -5.81 5.57 -7.87
N ASN B 99 -5.66 6.52 -8.76
CA ASN B 99 -4.90 6.35 -9.99
C ASN B 99 -3.42 6.58 -9.77
N LEU B 100 -3.10 7.53 -8.96
CA LEU B 100 -1.73 7.92 -8.70
C LEU B 100 -1.08 6.93 -7.77
N SER B 101 -1.83 6.48 -6.78
CA SER B 101 -1.33 5.50 -5.85
C SER B 101 -1.19 4.14 -6.57
N LYS B 102 -2.09 3.91 -7.54
CA LYS B 102 -2.04 2.72 -8.40
C LYS B 102 -0.73 2.74 -9.19
N ARG B 103 -0.41 3.93 -9.75
CA ARG B 103 0.81 4.18 -10.54
C ARG B 103 2.07 3.79 -9.77
N TYR B 104 2.16 4.28 -8.53
CA TYR B 104 3.29 4.02 -7.65
C TYR B 104 3.48 2.54 -7.39
N LEU B 105 2.40 1.84 -7.20
CA LEU B 105 2.45 0.44 -6.89
C LEU B 105 2.73 -0.40 -8.15
N GLU B 106 2.14 -0.02 -9.28
CA GLU B 106 2.31 -0.75 -10.54
C GLU B 106 3.70 -0.63 -11.12
N TYR B 107 4.32 0.56 -11.00
CA TYR B 107 5.66 0.72 -11.56
C TYR B 107 6.66 0.00 -10.65
N TYR B 108 6.35 -0.07 -9.37
CA TYR B 108 7.23 -0.68 -8.41
C TYR B 108 7.18 -2.20 -8.53
N THR B 109 6.03 -2.72 -8.96
CA THR B 109 5.89 -4.15 -9.11
C THR B 109 6.33 -4.66 -10.46
N MET B 110 6.52 -3.76 -11.43
CA MET B 110 7.05 -4.18 -12.72
C MET B 110 8.58 -4.31 -12.65
N LEU B 111 9.12 -3.90 -11.49
CA LEU B 111 10.53 -4.02 -11.19
C LEU B 111 10.80 -5.43 -10.68
N GLU B 112 9.72 -6.17 -10.41
CA GLU B 112 9.78 -7.53 -9.96
C GLU B 112 9.26 -8.36 -11.11
N HIS B 113 10.10 -9.24 -11.69
CA HIS B 113 9.75 -10.00 -12.90
C HIS B 113 9.49 -9.00 -14.05
N HIS B 114 8.57 -9.32 -14.99
CA HIS B 114 8.16 -8.44 -16.10
C HIS B 114 9.25 -8.36 -17.19
N HIS B 115 10.36 -7.71 -16.89
CA HIS B 115 11.45 -7.63 -17.84
C HIS B 115 12.76 -7.97 -17.15
N HIS B 116 12.99 -9.23 -17.00
CA HIS B 116 14.24 -9.70 -16.44
C HIS B 116 15.17 -10.08 -17.57
N HIS B 117 16.18 -9.29 -17.76
CA HIS B 117 17.17 -9.54 -18.76
C HIS B 117 18.30 -10.30 -18.12
N HIS B 118 18.75 -11.33 -18.77
CA HIS B 118 19.92 -12.01 -18.32
C HIS B 118 21.05 -11.51 -19.19
N SER A 1 20.60 13.57 4.61
CA SER A 1 19.24 13.80 4.22
C SER A 1 18.94 12.99 2.97
N MET A 2 17.75 12.43 2.90
CA MET A 2 17.31 11.59 1.81
C MET A 2 15.87 11.82 1.53
N ASN A 3 15.57 12.32 0.37
CA ASN A 3 14.21 12.61 0.01
C ASN A 3 13.55 11.46 -0.68
N ARG A 4 12.39 11.15 -0.19
CA ARG A 4 11.56 10.11 -0.69
C ARG A 4 10.27 10.80 -1.08
N LEU A 5 9.72 10.44 -2.18
CA LEU A 5 8.49 11.07 -2.62
C LEU A 5 7.35 10.15 -2.38
N GLY A 6 6.19 10.69 -2.18
CA GLY A 6 5.06 9.87 -1.97
C GLY A 6 3.77 10.62 -1.97
N ILE A 7 2.73 9.94 -1.54
CA ILE A 7 1.37 10.46 -1.59
C ILE A 7 0.77 10.40 -0.20
N ILE A 8 0.15 11.48 0.21
CA ILE A 8 -0.44 11.59 1.55
C ILE A 8 -1.78 10.85 1.60
N TYR A 9 -1.89 9.94 2.53
CA TYR A 9 -3.10 9.15 2.68
C TYR A 9 -3.93 9.54 3.88
N GLU A 10 -3.30 10.02 4.94
CA GLU A 10 -4.09 10.43 6.10
C GLU A 10 -3.30 11.35 7.00
N ILE A 11 -3.95 12.39 7.45
CA ILE A 11 -3.38 13.31 8.41
C ILE A 11 -3.92 12.92 9.77
N GLN A 12 -3.05 12.49 10.62
CA GLN A 12 -3.44 12.06 11.94
C GLN A 12 -2.82 13.01 12.95
N GLY A 13 -3.44 14.15 13.14
CA GLY A 13 -2.91 15.12 14.08
C GLY A 13 -1.67 15.81 13.53
N MET A 14 -0.52 15.53 14.10
CA MET A 14 0.75 16.15 13.70
C MET A 14 1.63 15.11 12.95
N LYS A 15 1.01 14.07 12.50
CA LYS A 15 1.71 13.05 11.77
C LYS A 15 0.86 12.68 10.57
N ALA A 16 1.45 12.09 9.59
CA ALA A 16 0.74 11.74 8.38
C ALA A 16 1.19 10.41 7.86
N VAL A 17 0.26 9.63 7.37
CA VAL A 17 0.55 8.37 6.75
C VAL A 17 0.68 8.64 5.27
N VAL A 18 1.83 8.39 4.72
CA VAL A 18 2.10 8.63 3.34
C VAL A 18 2.61 7.36 2.67
N LEU A 19 2.52 7.33 1.38
CA LEU A 19 3.12 6.29 0.57
C LEU A 19 4.50 6.74 0.22
N THR A 20 5.40 5.83 0.04
CA THR A 20 6.68 6.16 -0.47
C THR A 20 6.71 5.89 -1.96
N SER A 21 7.82 6.19 -2.58
CA SER A 21 8.03 5.95 -3.98
C SER A 21 8.33 4.46 -4.22
N GLU A 22 8.41 3.73 -3.12
CA GLU A 22 8.67 2.33 -3.08
C GLU A 22 7.41 1.60 -2.58
N GLY A 23 6.29 2.35 -2.50
CA GLY A 23 4.97 1.79 -2.24
C GLY A 23 4.64 1.45 -0.79
N GLU A 24 5.42 1.92 0.15
CA GLU A 24 5.22 1.62 1.57
C GLU A 24 4.35 2.68 2.22
N PHE A 25 3.58 2.31 3.23
CA PHE A 25 2.82 3.27 4.01
C PHE A 25 3.65 3.63 5.23
N LEU A 26 4.08 4.84 5.33
CA LEU A 26 4.91 5.25 6.46
C LEU A 26 4.38 6.51 7.09
N ILE A 27 4.48 6.58 8.40
CA ILE A 27 4.06 7.75 9.14
C ILE A 27 5.23 8.72 9.20
N ILE A 28 5.00 9.92 8.79
CA ILE A 28 6.01 10.95 8.82
C ILE A 28 5.51 12.17 9.59
N ARG A 29 6.37 13.14 9.75
CA ARG A 29 6.06 14.41 10.39
C ARG A 29 5.07 15.17 9.51
N ARG A 30 4.01 15.72 10.08
CA ARG A 30 3.08 16.51 9.29
C ARG A 30 3.73 17.79 8.87
N ARG A 31 3.58 18.11 7.64
CA ARG A 31 4.15 19.29 7.06
C ARG A 31 3.06 20.29 6.74
N LYS A 32 3.48 21.50 6.47
CA LYS A 32 2.62 22.62 6.15
C LYS A 32 1.84 22.38 4.84
N ASP A 33 2.52 21.80 3.88
CA ASP A 33 2.01 21.59 2.52
C ASP A 33 1.16 20.31 2.38
N MET A 34 0.71 19.79 3.50
CA MET A 34 -0.02 18.55 3.50
C MET A 34 -1.52 18.68 3.41
N LYS A 35 -2.08 17.79 2.62
CA LYS A 35 -3.49 17.57 2.42
C LYS A 35 -3.61 16.13 1.98
N VAL A 36 -4.62 15.43 2.46
CA VAL A 36 -4.85 14.04 2.09
C VAL A 36 -5.12 13.92 0.58
N GLY A 37 -4.29 13.17 -0.09
CA GLY A 37 -4.41 12.98 -1.51
C GLY A 37 -3.28 13.63 -2.29
N GLN A 38 -2.67 14.64 -1.71
CA GLN A 38 -1.59 15.36 -2.39
C GLN A 38 -0.28 14.64 -2.27
N GLN A 39 0.63 14.98 -3.15
CA GLN A 39 1.93 14.42 -3.11
C GLN A 39 2.88 15.25 -2.30
N VAL A 40 3.87 14.62 -1.74
CA VAL A 40 4.82 15.25 -0.89
C VAL A 40 6.21 14.63 -1.12
N SER A 41 7.22 15.46 -1.05
CA SER A 41 8.59 14.99 -1.11
C SER A 41 9.17 15.24 0.26
N PHE A 42 9.47 14.19 0.96
CA PHE A 42 9.82 14.26 2.36
C PHE A 42 11.16 13.60 2.63
N GLU A 43 11.59 13.70 3.84
CA GLU A 43 12.83 13.12 4.29
C GLU A 43 12.61 11.75 4.84
N ASN A 44 13.64 10.95 4.81
CA ASN A 44 13.63 9.63 5.42
C ASN A 44 13.71 9.83 6.95
N GLU A 45 14.21 11.00 7.33
CA GLU A 45 14.29 11.42 8.71
C GLU A 45 12.92 11.84 9.25
N ASP A 46 11.98 12.17 8.34
CA ASP A 46 10.62 12.55 8.74
C ASP A 46 9.84 11.35 9.24
N ILE A 47 10.30 10.16 8.85
CA ILE A 47 9.66 8.89 9.18
C ILE A 47 9.71 8.58 10.68
N TYR A 48 8.54 8.34 11.22
CA TYR A 48 8.30 8.01 12.63
C TYR A 48 8.70 6.59 12.97
N ASN A 49 8.76 6.33 14.25
CA ASN A 49 9.06 5.01 14.78
C ASN A 49 7.75 4.39 15.17
N VAL A 50 7.30 3.45 14.40
CA VAL A 50 6.04 2.80 14.70
C VAL A 50 6.27 1.28 14.79
N ARG A 51 7.54 0.90 14.69
CA ARG A 51 7.99 -0.49 14.74
C ARG A 51 7.49 -1.15 16.04
N GLY A 52 7.70 -0.46 17.13
CA GLY A 52 7.22 -0.91 18.40
C GLY A 52 7.45 0.13 19.44
N LYS A 53 7.01 1.32 19.15
CA LYS A 53 7.21 2.44 20.04
C LYS A 53 6.04 2.48 21.01
N MET B 1 -4.07 11.79 -14.65
CA MET B 1 -4.51 13.11 -15.09
C MET B 1 -3.94 14.16 -14.17
N GLU B 2 -4.38 14.17 -12.93
CA GLU B 2 -3.85 15.04 -11.94
C GLU B 2 -2.84 14.28 -11.15
N ASP B 3 -1.96 14.97 -10.52
CA ASP B 3 -0.95 14.34 -9.69
C ASP B 3 -1.31 14.51 -8.24
N ILE B 4 -2.61 14.47 -8.00
CA ILE B 4 -3.21 14.55 -6.69
C ILE B 4 -4.42 13.61 -6.72
N GLU B 5 -4.68 13.04 -5.62
CA GLU B 5 -5.81 12.14 -5.38
C GLU B 5 -6.83 12.92 -4.58
N ALA B 6 -8.04 12.48 -4.56
CA ALA B 6 -9.06 13.16 -3.80
C ALA B 6 -9.17 12.56 -2.41
N ARG B 7 -9.25 13.43 -1.39
CA ARG B 7 -9.37 12.98 0.01
C ARG B 7 -10.61 12.13 0.21
N GLU B 8 -11.69 12.52 -0.44
CA GLU B 8 -12.96 11.81 -0.37
C GLU B 8 -12.80 10.35 -0.85
N ASP B 9 -12.00 10.17 -1.89
CA ASP B 9 -11.73 8.84 -2.45
C ASP B 9 -10.79 8.05 -1.56
N ILE B 10 -9.81 8.74 -0.96
CA ILE B 10 -8.84 8.10 -0.04
C ILE B 10 -9.59 7.53 1.18
N GLU B 11 -10.49 8.33 1.74
CA GLU B 11 -11.24 7.91 2.89
C GLU B 11 -12.33 6.88 2.54
N GLU B 12 -12.69 6.79 1.26
CA GLU B 12 -13.59 5.74 0.83
C GLU B 12 -12.86 4.42 0.65
N LEU B 13 -11.58 4.51 0.41
CA LEU B 13 -10.75 3.34 0.43
C LEU B 13 -10.68 2.87 1.89
N LYS B 14 -10.52 3.83 2.78
CA LYS B 14 -10.48 3.59 4.22
C LYS B 14 -11.78 2.97 4.75
N LYS B 15 -12.95 3.45 4.29
CA LYS B 15 -14.25 2.89 4.75
C LYS B 15 -14.36 1.40 4.36
N LYS B 16 -13.75 1.06 3.22
CA LYS B 16 -13.75 -0.30 2.74
C LYS B 16 -12.85 -1.13 3.65
N LEU B 17 -11.67 -0.57 3.97
CA LEU B 17 -10.73 -1.19 4.92
C LEU B 17 -11.37 -1.34 6.30
N GLN B 18 -12.24 -0.41 6.67
CA GLN B 18 -12.96 -0.46 7.95
C GLN B 18 -13.86 -1.68 8.06
N GLU B 19 -14.39 -2.12 6.90
CA GLU B 19 -15.22 -3.33 6.85
C GLU B 19 -14.36 -4.54 7.19
N PHE B 20 -13.14 -4.52 6.69
CA PHE B 20 -12.15 -5.58 6.97
C PHE B 20 -11.59 -5.47 8.39
N GLY B 21 -11.62 -4.25 8.91
CA GLY B 21 -11.07 -3.97 10.22
C GLY B 21 -9.63 -3.55 10.11
N ILE B 22 -9.34 -2.72 9.13
CA ILE B 22 -7.99 -2.25 8.83
C ILE B 22 -8.01 -0.71 8.72
N THR B 23 -7.02 -0.08 9.31
CA THR B 23 -6.84 1.36 9.17
C THR B 23 -5.57 1.59 8.36
N PHE B 24 -5.26 2.84 8.06
CA PHE B 24 -4.01 3.17 7.39
C PHE B 24 -2.82 2.96 8.34
N LEU B 25 -3.13 3.01 9.64
CA LEU B 25 -2.14 2.82 10.70
C LEU B 25 -1.73 1.32 10.69
N ASP B 26 -2.72 0.45 10.46
CA ASP B 26 -2.53 -1.03 10.38
C ASP B 26 -1.61 -1.40 9.24
N LEU B 27 -1.63 -0.58 8.21
CA LEU B 27 -0.86 -0.82 7.01
C LEU B 27 0.59 -0.58 7.27
N VAL B 28 0.88 0.47 8.04
CA VAL B 28 2.25 0.84 8.39
C VAL B 28 2.91 -0.27 9.23
N LEU B 29 2.09 -0.92 10.05
CA LEU B 29 2.53 -2.02 10.91
C LEU B 29 2.80 -3.32 10.09
N ASN B 30 2.37 -3.33 8.84
CA ASN B 30 2.53 -4.50 7.95
C ASN B 30 3.42 -4.16 6.76
N VAL B 31 4.17 -3.09 6.89
CA VAL B 31 5.07 -2.63 5.86
C VAL B 31 6.30 -3.54 5.73
N PRO B 32 6.67 -3.87 4.45
CA PRO B 32 7.87 -4.61 4.11
C PRO B 32 9.13 -4.03 4.77
N LYS B 33 10.08 -4.86 5.01
CA LYS B 33 11.25 -4.46 5.76
C LYS B 33 12.39 -4.01 4.86
N HIS B 34 12.45 -4.57 3.68
CA HIS B 34 13.53 -4.24 2.75
C HIS B 34 13.06 -4.31 1.29
N ARG B 35 13.95 -3.88 0.37
CA ARG B 35 13.71 -3.77 -1.11
C ARG B 35 12.96 -4.98 -1.70
N ASP B 36 13.46 -6.17 -1.42
CA ASP B 36 12.92 -7.45 -1.93
C ASP B 36 11.49 -7.65 -1.49
N SER B 37 11.23 -7.31 -0.25
CA SER B 37 9.96 -7.49 0.37
C SER B 37 8.93 -6.52 -0.22
N ARG B 38 9.38 -5.28 -0.49
CA ARG B 38 8.51 -4.20 -0.99
C ARG B 38 7.80 -4.59 -2.28
N GLN B 39 8.58 -4.97 -3.29
CA GLN B 39 8.00 -5.40 -4.56
C GLN B 39 7.18 -6.65 -4.42
N LEU B 40 7.66 -7.58 -3.61
CA LEU B 40 6.99 -8.87 -3.42
C LEU B 40 5.59 -8.70 -2.81
N CYS B 41 5.49 -7.95 -1.71
CA CYS B 41 4.20 -7.75 -1.02
C CYS B 41 3.17 -7.02 -1.89
N ILE B 42 3.63 -6.03 -2.66
CA ILE B 42 2.72 -5.30 -3.54
C ILE B 42 2.36 -6.16 -4.77
N ARG B 43 3.28 -7.03 -5.17
CA ARG B 43 3.09 -7.97 -6.30
C ARG B 43 1.96 -8.96 -5.96
N LEU B 44 1.93 -9.37 -4.68
CA LEU B 44 0.90 -10.28 -4.17
C LEU B 44 -0.46 -9.61 -4.29
N ALA B 45 -0.51 -8.38 -3.82
CA ALA B 45 -1.70 -7.54 -3.82
C ALA B 45 -2.16 -7.24 -5.23
N LYS B 46 -1.19 -7.07 -6.13
CA LYS B 46 -1.45 -6.75 -7.51
C LYS B 46 -2.19 -7.89 -8.17
N MET B 47 -1.68 -9.12 -8.05
CA MET B 47 -2.33 -10.26 -8.70
C MET B 47 -3.63 -10.67 -7.99
N LEU B 48 -3.73 -10.33 -6.71
CA LEU B 48 -4.95 -10.53 -5.91
C LEU B 48 -6.07 -9.63 -6.45
N ALA B 49 -5.68 -8.47 -6.95
CA ALA B 49 -6.61 -7.54 -7.55
C ALA B 49 -6.89 -7.93 -9.01
N GLU B 50 -5.87 -8.44 -9.71
CA GLU B 50 -5.99 -8.84 -11.13
C GLU B 50 -6.98 -9.98 -11.29
N ASP B 51 -7.04 -10.85 -10.31
CA ASP B 51 -7.90 -12.01 -10.38
C ASP B 51 -9.23 -11.67 -9.74
N GLU B 52 -10.27 -11.67 -10.55
CA GLU B 52 -11.63 -11.33 -10.11
C GLU B 52 -12.13 -12.26 -9.01
N GLN B 53 -11.83 -13.54 -9.12
CA GLN B 53 -12.31 -14.51 -8.15
C GLN B 53 -11.63 -14.31 -6.82
N MET B 54 -10.33 -14.08 -6.85
CA MET B 54 -9.58 -13.83 -5.63
C MET B 54 -10.00 -12.53 -4.98
N TYR B 55 -10.24 -11.49 -5.79
CA TYR B 55 -10.64 -10.18 -5.28
C TYR B 55 -12.03 -10.27 -4.60
N ASN B 56 -12.93 -11.01 -5.22
CA ASN B 56 -14.24 -11.22 -4.64
C ASN B 56 -14.19 -12.11 -3.40
N ALA B 57 -13.27 -13.10 -3.39
CA ALA B 57 -13.07 -13.97 -2.23
C ALA B 57 -12.54 -13.15 -1.06
N LEU B 58 -11.64 -12.23 -1.39
CA LEU B 58 -11.06 -11.27 -0.46
C LEU B 58 -12.17 -10.45 0.23
N MET B 59 -13.13 -9.98 -0.55
CA MET B 59 -14.25 -9.19 -0.05
C MET B 59 -15.20 -10.00 0.84
N LYS B 60 -15.52 -11.20 0.41
CA LYS B 60 -16.46 -12.07 1.12
C LYS B 60 -15.89 -12.64 2.40
N ASN B 61 -14.61 -12.91 2.41
CA ASN B 61 -13.97 -13.50 3.58
C ASN B 61 -13.46 -12.47 4.53
N LYS B 62 -13.26 -11.23 4.03
CA LYS B 62 -12.65 -10.10 4.79
C LYS B 62 -11.20 -10.42 5.14
N ASN B 63 -10.69 -11.34 4.38
CA ASN B 63 -9.39 -11.90 4.51
C ASN B 63 -8.96 -12.31 3.15
N ILE B 64 -7.68 -12.44 2.97
CA ILE B 64 -7.12 -12.84 1.70
C ILE B 64 -7.38 -14.32 1.50
N PRO B 65 -7.81 -14.76 0.28
CA PRO B 65 -7.87 -16.17 -0.05
C PRO B 65 -6.42 -16.73 -0.04
N ARG B 66 -6.05 -17.32 1.08
CA ARG B 66 -4.67 -17.68 1.37
C ARG B 66 -4.13 -18.73 0.43
N ASN B 67 -4.84 -19.81 0.26
CA ASN B 67 -4.36 -20.93 -0.56
C ASN B 67 -4.26 -20.58 -2.02
N GLU B 68 -5.10 -19.66 -2.45
CA GLU B 68 -5.07 -19.15 -3.81
C GLU B 68 -3.87 -18.28 -4.06
N LEU B 69 -3.64 -17.34 -3.18
CA LEU B 69 -2.48 -16.46 -3.27
C LEU B 69 -1.18 -17.27 -3.12
N LYS B 70 -1.24 -18.26 -2.27
CA LYS B 70 -0.16 -19.18 -2.00
C LYS B 70 0.24 -19.96 -3.28
N LYS B 71 -0.75 -20.35 -4.09
CA LYS B 71 -0.47 -21.11 -5.30
C LYS B 71 -0.08 -20.18 -6.47
N LYS B 72 -0.83 -19.08 -6.64
CA LYS B 72 -0.60 -18.17 -7.77
C LYS B 72 0.65 -17.30 -7.60
N ALA B 73 0.87 -16.80 -6.41
CA ALA B 73 1.98 -15.91 -6.15
C ALA B 73 3.22 -16.66 -5.71
N LYS B 74 3.08 -17.99 -5.56
CA LYS B 74 4.18 -18.93 -5.20
C LYS B 74 4.76 -18.63 -3.81
N VAL B 75 3.94 -18.09 -2.96
CA VAL B 75 4.35 -17.70 -1.62
C VAL B 75 3.74 -18.60 -0.58
N HIS B 76 4.23 -18.50 0.62
CA HIS B 76 3.77 -19.33 1.71
C HIS B 76 2.69 -18.62 2.52
N GLY B 77 1.97 -19.38 3.35
CA GLY B 77 0.87 -18.85 4.15
C GLY B 77 1.31 -17.79 5.14
N ARG B 78 2.53 -17.92 5.65
CA ARG B 78 3.07 -16.93 6.57
C ARG B 78 3.42 -15.63 5.90
N THR B 79 3.72 -15.65 4.63
CA THR B 79 4.04 -14.44 3.92
C THR B 79 2.76 -13.61 3.81
N ILE B 80 1.69 -14.33 3.55
CA ILE B 80 0.36 -13.81 3.43
C ILE B 80 -0.09 -13.25 4.79
N GLY B 81 0.17 -14.00 5.86
CA GLY B 81 -0.23 -13.60 7.20
C GLY B 81 0.58 -12.45 7.81
N ASN B 82 1.86 -12.36 7.48
CA ASN B 82 2.72 -11.29 8.05
C ASN B 82 2.54 -9.95 7.36
N ASN B 83 1.94 -9.96 6.18
CA ASN B 83 1.74 -8.70 5.44
C ASN B 83 0.27 -8.55 5.04
N ARG B 84 -0.60 -9.34 5.68
CA ARG B 84 -2.03 -9.47 5.31
C ARG B 84 -2.80 -8.17 5.13
N LYS B 85 -2.71 -7.26 6.09
CA LYS B 85 -3.52 -6.04 6.03
C LYS B 85 -3.00 -5.10 4.96
N TYR B 86 -1.70 -5.17 4.75
CA TYR B 86 -1.01 -4.37 3.77
C TYR B 86 -1.40 -4.83 2.36
N ILE B 87 -1.35 -6.15 2.14
CA ILE B 87 -1.72 -6.77 0.85
C ILE B 87 -3.17 -6.41 0.46
N ILE B 88 -4.06 -6.42 1.45
CA ILE B 88 -5.47 -6.06 1.23
C ILE B 88 -5.59 -4.62 0.75
N ALA B 89 -4.82 -3.73 1.37
CA ALA B 89 -4.84 -2.30 1.03
C ALA B 89 -4.50 -2.02 -0.43
N LEU B 90 -3.35 -2.56 -0.91
CA LEU B 90 -2.93 -2.26 -2.31
C LEU B 90 -3.91 -2.87 -3.29
N CYS B 91 -4.40 -4.07 -2.96
CA CYS B 91 -5.35 -4.80 -3.79
C CYS B 91 -6.60 -3.94 -4.06
N LEU B 92 -7.10 -3.33 -3.00
CA LEU B 92 -8.24 -2.45 -3.10
C LEU B 92 -7.92 -1.21 -3.91
N ILE B 93 -6.69 -0.68 -3.78
CA ILE B 93 -6.24 0.51 -4.54
C ILE B 93 -6.28 0.24 -6.06
N PHE B 94 -5.86 -0.96 -6.49
CA PHE B 94 -5.83 -1.31 -7.93
C PHE B 94 -7.24 -1.39 -8.50
N ARG B 95 -8.20 -1.69 -7.66
CA ARG B 95 -9.58 -1.74 -8.09
C ARG B 95 -10.36 -0.52 -7.62
N SER B 96 -9.66 0.47 -7.12
CA SER B 96 -10.29 1.69 -6.63
C SER B 96 -9.98 2.84 -7.56
N ASN B 97 -10.62 3.95 -7.30
CA ASN B 97 -10.58 5.19 -8.10
C ASN B 97 -9.26 5.95 -7.93
N LEU B 98 -8.38 5.45 -7.07
CA LEU B 98 -7.12 6.10 -6.79
C LEU B 98 -6.09 5.69 -7.83
N ASN B 99 -6.00 6.46 -8.89
CA ASN B 99 -5.14 6.15 -10.02
C ASN B 99 -3.72 6.60 -9.80
N LEU B 100 -3.49 7.60 -8.97
CA LEU B 100 -2.15 8.10 -8.76
C LEU B 100 -1.40 7.16 -7.82
N SER B 101 -2.09 6.68 -6.82
CA SER B 101 -1.53 5.73 -5.89
C SER B 101 -1.35 4.40 -6.61
N LYS B 102 -2.31 4.06 -7.48
CA LYS B 102 -2.26 2.86 -8.33
C LYS B 102 -1.01 2.93 -9.22
N ARG B 103 -0.78 4.11 -9.78
CA ARG B 103 0.38 4.43 -10.64
C ARG B 103 1.71 4.11 -9.94
N TYR B 104 1.81 4.53 -8.68
CA TYR B 104 3.00 4.26 -7.86
C TYR B 104 3.22 2.79 -7.63
N LEU B 105 2.17 2.09 -7.35
CA LEU B 105 2.24 0.66 -7.05
C LEU B 105 2.49 -0.17 -8.30
N GLU B 106 1.83 0.21 -9.39
CA GLU B 106 1.95 -0.49 -10.65
C GLU B 106 3.32 -0.33 -11.28
N TYR B 107 3.87 0.91 -11.27
CA TYR B 107 5.18 1.12 -11.89
C TYR B 107 6.25 0.38 -11.09
N TYR B 108 6.09 0.41 -9.76
CA TYR B 108 7.03 -0.17 -8.86
C TYR B 108 7.10 -1.69 -9.00
N THR B 109 5.97 -2.31 -9.22
CA THR B 109 5.95 -3.73 -9.34
C THR B 109 6.18 -4.24 -10.77
N MET B 110 5.88 -3.41 -11.80
CA MET B 110 6.08 -3.82 -13.20
C MET B 110 7.55 -4.00 -13.51
N LEU B 111 8.39 -3.36 -12.69
CA LEU B 111 9.85 -3.48 -12.77
C LEU B 111 10.27 -4.95 -12.70
N GLU B 112 9.48 -5.76 -11.98
CA GLU B 112 9.71 -7.17 -11.96
C GLU B 112 8.64 -7.96 -12.70
N HIS B 113 7.36 -7.56 -12.64
CA HIS B 113 6.32 -8.31 -13.40
C HIS B 113 6.14 -7.81 -14.84
N HIS B 114 7.23 -7.71 -15.54
CA HIS B 114 7.32 -7.35 -16.94
C HIS B 114 8.71 -7.73 -17.38
N HIS B 115 8.82 -8.64 -18.32
CA HIS B 115 10.13 -9.12 -18.74
C HIS B 115 10.34 -8.90 -20.22
N HIS B 116 9.61 -9.60 -21.04
CA HIS B 116 9.74 -9.48 -22.47
C HIS B 116 8.42 -9.86 -23.13
N HIS B 117 7.73 -8.88 -23.61
CA HIS B 117 6.43 -9.06 -24.19
C HIS B 117 6.53 -9.14 -25.71
N HIS B 118 5.69 -9.95 -26.31
CA HIS B 118 5.58 -10.06 -27.75
C HIS B 118 4.74 -8.92 -28.27
#